data_3KO1
#
_entry.id   3KO1
#
_cell.length_a   223.674
_cell.length_b   283.042
_cell.length_c   160.750
_cell.angle_alpha   90.00
_cell.angle_beta   133.90
_cell.angle_gamma   90.00
#
_symmetry.space_group_name_H-M   'C 1 2 1'
#
loop_
_entity.id
_entity.type
_entity.pdbx_description
1 polymer Chaperonin
2 non-polymer "ADENOSINE-5'-DIPHOSPHATE"
#
_entity_poly.entity_id   1
_entity_poly.type   'polypeptide(L)'
_entity_poly.pdbx_seq_one_letter_code
;MASTATVATTPEGIPVIILKEGSSRTYGKEAVRANIAAVKAVEEALKSTYGPRGMDKMLVDSLGDITITNDGATILDKMD
LQHPAAKLLVQIAKGQDEETADGTKTAVIFSGELVKKAEDLLYKDVHPTIIISGYKKAEEVALQTIQELAQTVSINDTDL
LRKIAMTSLSSKAVAGAREYIADIVVKAVTQVAELRGDKWYVDLDNIQIVKKAGGSINDTQLVYGIVVDKEVVHPGMPKR
LENAKIALIDASLEVEKPELDAEIRINDPTQMQKFLDEEENLIKEKVDKILATGANVIICQKGIDEVAQSYLAKKGVLAV
RRAKKSDLEKLARATGGRVVSNIDEISEQDLGYASLIEERKVGEDKMVFVEGAKNPKSISILIRGGLERLVDETERALRD
ALGTVADVIKDGRAIAGGGAVEIEIAKKLRKYAPQVGGKEQLAVEAYANALESLVSILIENAGFDPIDLLMKLRSTHENE
NNKWYGIDLYAGQPVDMWQKGVIEPALVKMNAIKAATEAATLVLRIDDVVSAGKKSGGESKTPGGANKPSEED
;
_entity_poly.pdbx_strand_id   A,B,C,D,E,F,G,H,I
#
loop_
_chem_comp.id
_chem_comp.type
_chem_comp.name
_chem_comp.formula
ADP non-polymer ADENOSINE-5'-DIPHOSPHATE 'C10 H15 N5 O10 P2'
#
# COMPACT_ATOMS: atom_id res chain seq x y z
N GLY A 28 7.99 25.91 48.66
CA GLY A 28 7.10 26.98 49.05
C GLY A 28 5.66 26.72 48.65
N LYS A 29 4.83 27.76 48.71
CA LYS A 29 3.40 27.64 48.34
C LYS A 29 3.14 26.82 47.05
N GLU A 30 4.08 26.91 46.11
CA GLU A 30 3.98 26.23 44.82
C GLU A 30 3.20 24.91 44.83
N ALA A 31 3.86 23.84 45.27
CA ALA A 31 3.27 22.51 45.33
C ALA A 31 2.49 22.26 46.61
N VAL A 32 3.01 22.73 47.74
CA VAL A 32 2.32 22.51 49.00
C VAL A 32 0.82 22.75 48.88
N ARG A 33 0.42 23.65 48.01
CA ARG A 33 -1.00 23.89 47.86
C ARG A 33 -1.63 22.63 47.30
N ALA A 34 -1.01 22.07 46.27
CA ALA A 34 -1.50 20.85 45.61
C ALA A 34 -1.79 19.70 46.56
N ASN A 35 -0.77 19.29 47.32
CA ASN A 35 -0.92 18.19 48.26
C ASN A 35 -2.13 18.45 49.14
N ILE A 36 -2.15 19.61 49.79
CA ILE A 36 -3.28 20.00 50.62
C ILE A 36 -4.55 19.78 49.82
N ALA A 37 -4.63 20.43 48.67
CA ALA A 37 -5.76 20.30 47.77
C ALA A 37 -6.21 18.84 47.72
N ALA A 38 -5.30 17.97 47.28
CA ALA A 38 -5.59 16.54 47.20
C ALA A 38 -6.17 15.97 48.48
N VAL A 39 -5.53 16.27 49.61
CA VAL A 39 -6.02 15.78 50.91
C VAL A 39 -7.46 16.26 51.13
N LYS A 40 -7.67 17.57 51.10
CA LYS A 40 -9.03 18.11 51.28
C LYS A 40 -9.95 17.32 50.39
N ALA A 41 -9.49 17.01 49.18
CA ALA A 41 -10.26 16.25 48.19
C ALA A 41 -10.74 14.91 48.77
N VAL A 42 -9.82 14.14 49.33
CA VAL A 42 -10.17 12.85 49.91
C VAL A 42 -11.23 13.04 50.99
N GLU A 43 -11.09 14.09 51.80
CA GLU A 43 -12.07 14.36 52.84
C GLU A 43 -13.44 14.49 52.18
N GLU A 44 -13.52 15.33 51.15
CA GLU A 44 -14.77 15.56 50.43
C GLU A 44 -15.40 14.30 49.88
N ALA A 45 -14.70 13.19 49.98
CA ALA A 45 -15.23 11.94 49.48
C ALA A 45 -15.94 11.11 50.54
N LEU A 46 -15.59 11.32 51.81
CA LEU A 46 -16.24 10.57 52.87
C LEU A 46 -17.08 11.46 53.79
N LYS A 47 -16.70 12.73 53.92
CA LYS A 47 -17.42 13.64 54.80
C LYS A 47 -18.90 13.29 54.99
N SER A 48 -19.63 13.16 53.89
CA SER A 48 -21.06 12.85 53.95
C SER A 48 -21.42 11.44 54.41
N THR A 49 -20.44 10.67 54.85
CA THR A 49 -20.71 9.30 55.28
C THR A 49 -20.24 9.09 56.70
N TYR A 50 -19.67 10.13 57.30
CA TYR A 50 -19.18 10.03 58.66
C TYR A 50 -20.40 9.85 59.54
N GLY A 51 -20.18 9.69 60.84
CA GLY A 51 -21.32 9.52 61.72
C GLY A 51 -22.07 8.22 61.54
N PRO A 52 -22.94 7.87 62.49
CA PRO A 52 -23.69 6.63 62.42
C PRO A 52 -24.93 6.77 61.55
N ARG A 53 -25.30 7.99 61.17
CA ARG A 53 -26.46 8.14 60.31
C ARG A 53 -26.05 8.91 59.05
N GLY A 54 -24.85 8.59 58.57
CA GLY A 54 -24.29 9.22 57.40
C GLY A 54 -24.91 8.77 56.09
N MET A 55 -24.34 9.24 54.98
CA MET A 55 -24.85 8.90 53.65
C MET A 55 -24.13 7.68 53.12
N ASP A 56 -24.58 7.25 51.94
CA ASP A 56 -24.01 6.12 51.25
C ASP A 56 -23.57 6.50 49.86
N LYS A 57 -22.46 5.91 49.46
CA LYS A 57 -21.83 6.10 48.14
C LYS A 57 -22.11 4.83 47.30
N MET A 58 -22.31 5.01 46.00
CA MET A 58 -22.59 3.86 45.13
C MET A 58 -21.41 3.51 44.25
N LEU A 59 -21.18 2.21 44.07
CA LEU A 59 -20.06 1.74 43.25
C LEU A 59 -20.44 0.69 42.21
N VAL A 60 -20.29 1.05 40.94
CA VAL A 60 -20.61 0.12 39.86
C VAL A 60 -19.38 -0.42 39.18
N ASP A 61 -19.14 -1.71 39.41
CA ASP A 61 -18.01 -2.41 38.82
C ASP A 61 -18.12 -2.27 37.32
N SER A 62 -16.98 -2.35 36.63
CA SER A 62 -16.95 -2.26 35.17
C SER A 62 -17.73 -3.45 34.59
N LEU A 63 -17.77 -4.55 35.34
CA LEU A 63 -18.47 -5.77 34.92
C LEU A 63 -19.97 -5.48 34.79
N GLY A 64 -20.46 -4.49 35.54
CA GLY A 64 -21.86 -4.13 35.50
C GLY A 64 -22.54 -4.18 36.86
N ASP A 65 -21.97 -4.97 37.77
CA ASP A 65 -22.49 -5.14 39.13
C ASP A 65 -22.29 -3.91 40.02
N ILE A 66 -23.34 -3.54 40.76
CA ILE A 66 -23.33 -2.38 41.64
C ILE A 66 -23.29 -2.74 43.14
N THR A 67 -22.51 -1.97 43.90
CA THR A 67 -22.37 -2.14 45.34
C THR A 67 -22.36 -0.76 45.99
N ILE A 68 -23.35 -0.47 46.82
CA ILE A 68 -23.47 0.81 47.51
C ILE A 68 -23.06 0.65 48.96
N THR A 69 -22.19 1.51 49.46
CA THR A 69 -21.75 1.38 50.83
C THR A 69 -21.23 2.67 51.45
N ASN A 70 -20.84 2.59 52.72
CA ASN A 70 -20.30 3.71 53.46
C ASN A 70 -19.15 3.18 54.31
N ASP A 71 -18.52 2.11 53.84
CA ASP A 71 -17.39 1.57 54.56
C ASP A 71 -16.19 2.25 53.96
N GLY A 72 -15.43 2.95 54.79
CA GLY A 72 -14.27 3.66 54.33
C GLY A 72 -13.29 2.86 53.48
N ALA A 73 -12.79 1.76 54.01
CA ALA A 73 -11.84 0.94 53.26
C ALA A 73 -12.35 0.84 51.82
N THR A 74 -13.54 0.25 51.66
CA THR A 74 -14.15 0.06 50.35
C THR A 74 -14.26 1.32 49.49
N ILE A 75 -14.62 2.45 50.11
CA ILE A 75 -14.77 3.72 49.40
C ILE A 75 -13.42 4.20 48.87
N LEU A 76 -12.34 3.69 49.46
CA LEU A 76 -11.02 4.08 49.00
C LEU A 76 -10.40 2.96 48.14
N ASP A 77 -10.66 1.71 48.46
CA ASP A 77 -10.10 0.65 47.65
C ASP A 77 -10.72 0.69 46.27
N LYS A 78 -12.04 0.75 46.24
CA LYS A 78 -12.78 0.76 44.98
C LYS A 78 -12.68 2.10 44.28
N MET A 79 -12.13 3.11 44.94
CA MET A 79 -12.01 4.42 44.33
C MET A 79 -10.56 4.76 44.09
N ASP A 80 -10.11 4.64 42.85
CA ASP A 80 -8.71 4.92 42.58
C ASP A 80 -8.37 6.38 42.58
N LEU A 81 -7.39 6.73 43.40
CA LEU A 81 -6.91 8.09 43.50
C LEU A 81 -5.53 8.02 42.90
N GLN A 82 -5.09 9.13 42.33
CA GLN A 82 -3.79 9.13 41.72
C GLN A 82 -2.82 10.03 42.45
N HIS A 83 -3.16 11.30 42.68
CA HIS A 83 -2.22 12.20 43.34
C HIS A 83 -1.49 11.51 44.49
N PRO A 84 -0.14 11.64 44.53
CA PRO A 84 0.71 11.01 45.56
C PRO A 84 0.30 11.30 46.98
N ALA A 85 0.07 12.57 47.29
CA ALA A 85 -0.34 12.96 48.63
C ALA A 85 -1.46 12.02 49.09
N ALA A 86 -2.52 11.94 48.28
CA ALA A 86 -3.66 11.09 48.57
C ALA A 86 -3.28 9.64 48.87
N LYS A 87 -2.54 8.99 48.00
CA LYS A 87 -2.15 7.60 48.24
C LYS A 87 -1.40 7.53 49.57
N LEU A 88 -0.70 8.62 49.87
CA LEU A 88 0.09 8.75 51.09
C LEU A 88 -0.79 8.88 52.32
N LEU A 89 -1.90 9.63 52.19
CA LEU A 89 -2.85 9.80 53.28
C LEU A 89 -3.49 8.44 53.57
N VAL A 90 -4.14 7.85 52.56
CA VAL A 90 -4.80 6.56 52.70
C VAL A 90 -3.88 5.46 53.17
N GLN A 91 -2.61 5.53 52.79
CA GLN A 91 -1.64 4.51 53.21
C GLN A 91 -1.53 4.53 54.72
N ILE A 92 -1.55 5.73 55.27
CA ILE A 92 -1.46 5.90 56.71
C ILE A 92 -2.79 5.57 57.34
N ALA A 93 -3.87 5.96 56.68
CA ALA A 93 -5.20 5.72 57.20
C ALA A 93 -5.58 4.23 57.23
N LYS A 94 -5.65 3.57 56.07
CA LYS A 94 -6.00 2.14 56.02
C LYS A 94 -5.03 1.34 56.87
N GLY A 95 -3.76 1.36 56.47
CA GLY A 95 -2.75 0.64 57.21
C GLY A 95 -2.52 1.41 58.49
N GLN A 96 -3.59 1.63 59.24
CA GLN A 96 -3.51 2.37 60.49
C GLN A 96 -2.64 1.59 61.46
N ASP A 97 -2.96 1.71 62.74
CA ASP A 97 -2.21 1.07 63.80
C ASP A 97 -2.83 -0.23 64.39
N GLU A 98 -3.98 -0.69 63.89
CA GLU A 98 -4.56 -1.91 64.43
C GLU A 98 -5.53 -2.77 63.60
N GLU A 99 -6.27 -3.63 64.28
CA GLU A 99 -7.24 -4.55 63.67
C GLU A 99 -8.33 -3.85 62.87
N THR A 100 -9.49 -3.69 63.51
CA THR A 100 -10.66 -3.03 62.94
C THR A 100 -10.38 -1.93 61.93
N ALA A 101 -11.25 -1.83 60.93
CA ALA A 101 -11.13 -0.81 59.89
C ALA A 101 -11.71 0.50 60.38
N ASP A 102 -12.37 0.47 61.54
CA ASP A 102 -12.99 1.68 62.10
C ASP A 102 -12.01 2.79 62.42
N GLY A 103 -12.50 4.01 62.35
CA GLY A 103 -11.67 5.14 62.67
C GLY A 103 -10.76 5.52 61.53
N THR A 104 -10.62 4.66 60.53
CA THR A 104 -9.76 5.03 59.39
C THR A 104 -10.53 6.16 58.73
N LYS A 105 -11.85 6.05 58.76
CA LYS A 105 -12.66 7.08 58.19
C LYS A 105 -12.43 8.38 58.99
N THR A 106 -12.26 8.26 60.30
CA THR A 106 -12.00 9.44 61.13
C THR A 106 -10.59 9.92 60.78
N ALA A 107 -9.62 9.04 60.99
CA ALA A 107 -8.23 9.37 60.73
C ALA A 107 -8.09 10.27 59.50
N VAL A 108 -8.76 9.91 58.40
CA VAL A 108 -8.65 10.73 57.21
C VAL A 108 -9.42 12.06 57.31
N ILE A 109 -10.70 12.04 57.67
CA ILE A 109 -11.46 13.30 57.80
C ILE A 109 -10.73 14.30 58.69
N PHE A 110 -10.45 13.90 59.93
CA PHE A 110 -9.76 14.74 60.90
C PHE A 110 -8.44 15.19 60.27
N SER A 111 -7.83 14.26 59.53
CA SER A 111 -6.56 14.52 58.88
C SER A 111 -6.70 15.72 57.98
N GLY A 112 -7.63 15.63 57.05
CA GLY A 112 -7.85 16.73 56.14
C GLY A 112 -8.32 17.99 56.83
N GLU A 113 -8.99 17.86 57.96
CA GLU A 113 -9.45 19.07 58.62
C GLU A 113 -8.30 19.86 59.20
N LEU A 114 -7.29 19.16 59.71
CA LEU A 114 -6.10 19.81 60.27
C LEU A 114 -5.43 20.55 59.13
N VAL A 115 -5.39 19.89 57.98
CA VAL A 115 -4.79 20.48 56.79
C VAL A 115 -5.54 21.76 56.45
N LYS A 116 -6.86 21.69 56.41
CA LYS A 116 -7.63 22.89 56.11
C LYS A 116 -7.27 23.97 57.08
N LYS A 117 -7.59 23.74 58.37
CA LYS A 117 -7.34 24.74 59.40
C LYS A 117 -5.88 25.17 59.47
N ALA A 118 -4.96 24.34 58.96
CA ALA A 118 -3.52 24.66 58.94
C ALA A 118 -3.25 25.58 57.77
N GLU A 119 -4.04 25.43 56.73
CA GLU A 119 -3.88 26.26 55.57
C GLU A 119 -4.08 27.70 55.96
N ASP A 120 -5.05 27.95 56.82
CA ASP A 120 -5.33 29.31 57.27
C ASP A 120 -4.16 29.93 57.99
N LEU A 121 -3.30 29.08 58.56
CA LEU A 121 -2.13 29.55 59.29
C LEU A 121 -1.07 30.01 58.30
N LEU A 122 -0.91 29.26 57.21
CA LEU A 122 0.07 29.61 56.19
C LEU A 122 -0.37 30.96 55.59
N TYR A 123 -1.67 31.17 55.50
CA TYR A 123 -2.18 32.41 54.93
C TYR A 123 -1.66 33.55 55.79
N LYS A 124 -1.63 33.32 57.09
CA LYS A 124 -1.15 34.31 58.04
C LYS A 124 0.38 34.34 58.04
N ASP A 125 0.97 33.58 57.15
CA ASP A 125 2.42 33.57 57.03
C ASP A 125 3.18 33.03 58.26
N VAL A 126 2.89 31.79 58.67
CA VAL A 126 3.58 31.16 59.80
C VAL A 126 4.27 29.92 59.21
N HIS A 127 5.61 29.89 59.22
CA HIS A 127 6.33 28.74 58.66
C HIS A 127 5.68 27.42 59.03
N PRO A 128 5.52 26.52 58.05
CA PRO A 128 4.90 25.23 58.32
C PRO A 128 5.63 24.42 59.39
N THR A 129 6.93 24.69 59.57
CA THR A 129 7.70 23.95 60.57
C THR A 129 7.11 24.22 61.94
N ILE A 130 6.55 25.41 62.11
CA ILE A 130 5.96 25.81 63.37
C ILE A 130 4.59 25.13 63.56
N ILE A 131 3.75 25.16 62.53
CA ILE A 131 2.44 24.52 62.59
C ILE A 131 2.61 23.03 62.96
N ILE A 132 3.76 22.46 62.59
CA ILE A 132 4.07 21.07 62.87
C ILE A 132 4.26 20.84 64.36
N SER A 133 5.17 21.62 64.95
CA SER A 133 5.46 21.55 66.36
C SER A 133 4.18 21.83 67.12
N GLY A 134 3.45 22.83 66.63
CA GLY A 134 2.20 23.18 67.27
C GLY A 134 1.34 21.95 67.38
N TYR A 135 1.09 21.30 66.24
CA TYR A 135 0.28 20.11 66.20
C TYR A 135 0.82 18.96 67.05
N LYS A 136 2.14 18.75 67.03
CA LYS A 136 2.74 17.69 67.83
C LYS A 136 2.37 17.87 69.28
N LYS A 137 2.74 19.00 69.86
CA LYS A 137 2.44 19.29 71.25
C LYS A 137 0.96 19.15 71.56
N ALA A 138 0.11 19.55 70.60
CA ALA A 138 -1.34 19.46 70.77
C ALA A 138 -1.73 18.00 70.76
N GLU A 139 -1.10 17.23 69.88
CA GLU A 139 -1.38 15.81 69.80
C GLU A 139 -1.08 15.17 71.15
N GLU A 140 0.10 15.44 71.70
CA GLU A 140 0.48 14.89 72.99
C GLU A 140 -0.67 14.96 73.95
N VAL A 141 -1.02 16.19 74.30
CA VAL A 141 -2.12 16.47 75.22
C VAL A 141 -3.42 15.84 74.80
N ALA A 142 -3.79 16.09 73.56
CA ALA A 142 -5.02 15.57 73.03
C ALA A 142 -5.05 14.08 73.34
N LEU A 143 -3.89 13.46 73.25
CA LEU A 143 -3.78 12.02 73.48
C LEU A 143 -3.94 11.61 74.95
N GLN A 144 -3.05 12.05 75.84
CA GLN A 144 -3.13 11.68 77.25
C GLN A 144 -4.49 12.06 77.85
N THR A 145 -5.15 13.05 77.25
CA THR A 145 -6.45 13.50 77.74
C THR A 145 -7.48 12.40 77.59
N ILE A 146 -7.15 11.40 76.79
CA ILE A 146 -8.05 10.26 76.59
C ILE A 146 -7.66 9.21 77.63
N GLN A 147 -6.35 9.06 77.86
CA GLN A 147 -5.87 8.09 78.84
C GLN A 147 -6.41 8.45 80.21
N GLU A 148 -5.98 9.59 80.73
CA GLU A 148 -6.42 10.05 82.03
C GLU A 148 -7.88 10.48 81.98
N LEU A 149 -8.70 9.66 81.35
CA LEU A 149 -10.11 9.98 81.21
C LEU A 149 -10.89 8.72 80.79
N ALA A 150 -10.20 7.80 80.12
CA ALA A 150 -10.80 6.55 79.66
C ALA A 150 -11.23 5.72 80.84
N GLN A 151 -12.22 4.86 80.62
CA GLN A 151 -12.66 4.02 81.72
C GLN A 151 -12.24 2.56 81.50
N THR A 152 -11.87 1.90 82.60
CA THR A 152 -11.40 0.51 82.61
C THR A 152 -12.48 -0.52 82.32
N VAL A 153 -12.36 -1.18 81.19
CA VAL A 153 -13.32 -2.21 80.80
C VAL A 153 -12.68 -3.60 80.86
N SER A 154 -13.37 -4.55 81.49
CA SER A 154 -12.85 -5.90 81.62
C SER A 154 -13.79 -6.91 80.95
N ILE A 155 -13.19 -7.88 80.25
CA ILE A 155 -13.93 -8.93 79.51
C ILE A 155 -14.96 -9.69 80.33
N ASN A 156 -14.92 -9.50 81.65
CA ASN A 156 -15.87 -10.15 82.55
C ASN A 156 -17.22 -9.52 82.26
N ASP A 157 -17.24 -8.18 82.26
CA ASP A 157 -18.48 -7.47 82.00
C ASP A 157 -18.96 -7.72 80.58
N THR A 158 -19.79 -8.74 80.45
CA THR A 158 -20.34 -9.13 79.16
C THR A 158 -21.49 -8.22 78.71
N ASP A 159 -22.14 -7.57 79.66
CA ASP A 159 -23.28 -6.70 79.34
C ASP A 159 -22.85 -5.38 78.69
N LEU A 160 -21.55 -5.10 78.73
CA LEU A 160 -20.98 -3.88 78.16
C LEU A 160 -20.62 -4.03 76.70
N LEU A 161 -19.91 -5.11 76.39
CA LEU A 161 -19.51 -5.37 75.01
C LEU A 161 -20.75 -5.52 74.15
N ARG A 162 -21.86 -5.91 74.77
CA ARG A 162 -23.12 -6.06 74.06
C ARG A 162 -23.41 -4.71 73.37
N LYS A 163 -22.98 -3.61 74.00
CA LYS A 163 -23.19 -2.28 73.45
C LYS A 163 -22.08 -1.94 72.47
N ILE A 164 -20.83 -1.87 72.96
CA ILE A 164 -19.67 -1.55 72.12
C ILE A 164 -19.77 -2.20 70.75
N ALA A 165 -20.40 -3.37 70.67
CA ALA A 165 -20.56 -4.08 69.41
C ALA A 165 -21.53 -3.31 68.51
N MET A 166 -22.67 -2.94 69.05
CA MET A 166 -23.65 -2.21 68.28
C MET A 166 -23.11 -0.83 67.87
N THR A 167 -22.39 -0.19 68.79
CA THR A 167 -21.82 1.13 68.53
C THR A 167 -20.93 1.09 67.27
N SER A 168 -20.63 -0.12 66.79
CA SER A 168 -19.80 -0.30 65.60
C SER A 168 -20.58 -0.78 64.38
N LEU A 169 -21.33 -1.87 64.55
CA LEU A 169 -22.11 -2.40 63.45
C LEU A 169 -23.39 -1.60 63.15
N SER A 170 -24.01 -1.00 64.16
CA SER A 170 -25.24 -0.24 63.91
C SER A 170 -24.99 0.87 62.87
N SER A 171 -23.72 1.21 62.70
CA SER A 171 -23.27 2.24 61.76
C SER A 171 -23.50 1.88 60.28
N LYS A 172 -23.39 0.59 59.94
CA LYS A 172 -23.56 0.14 58.55
C LYS A 172 -25.00 0.03 58.07
N ALA A 173 -25.14 -0.25 56.78
CA ALA A 173 -26.44 -0.37 56.14
C ALA A 173 -27.37 -1.23 56.96
N VAL A 174 -27.04 -2.52 57.12
CA VAL A 174 -27.85 -3.48 57.89
C VAL A 174 -28.09 -3.17 59.36
N ALA A 175 -29.19 -2.45 59.64
CA ALA A 175 -29.55 -2.04 61.01
C ALA A 175 -30.82 -2.74 61.53
N GLY A 176 -31.34 -3.70 60.77
CA GLY A 176 -32.50 -4.43 61.24
C GLY A 176 -31.97 -5.35 62.32
N ALA A 177 -32.79 -5.62 63.34
CA ALA A 177 -32.42 -6.50 64.46
C ALA A 177 -30.91 -6.79 64.62
N ARG A 178 -30.14 -5.75 64.94
CA ARG A 178 -28.70 -5.83 65.13
C ARG A 178 -28.31 -6.48 66.46
N GLU A 179 -29.19 -6.37 67.45
CA GLU A 179 -28.97 -6.97 68.76
C GLU A 179 -28.60 -8.44 68.56
N TYR A 180 -29.27 -9.07 67.59
CA TYR A 180 -29.07 -10.47 67.23
C TYR A 180 -27.61 -10.68 66.85
N ILE A 181 -27.11 -9.88 65.89
CA ILE A 181 -25.72 -9.95 65.41
C ILE A 181 -24.74 -9.47 66.46
N ALA A 182 -25.12 -8.39 67.12
CA ALA A 182 -24.32 -7.77 68.17
C ALA A 182 -23.98 -8.80 69.22
N ASP A 183 -25.02 -9.44 69.75
CA ASP A 183 -24.85 -10.44 70.77
C ASP A 183 -23.87 -11.52 70.33
N ILE A 184 -24.09 -12.03 69.11
CA ILE A 184 -23.24 -13.08 68.54
C ILE A 184 -21.77 -12.69 68.60
N VAL A 185 -21.48 -11.52 68.01
CA VAL A 185 -20.14 -10.96 67.95
C VAL A 185 -19.40 -11.03 69.30
N VAL A 186 -20.12 -10.73 70.38
CA VAL A 186 -19.55 -10.76 71.73
C VAL A 186 -19.13 -12.17 72.11
N LYS A 187 -20.06 -13.11 72.01
CA LYS A 187 -19.76 -14.50 72.34
C LYS A 187 -18.60 -15.02 71.48
N ALA A 188 -18.64 -14.69 70.18
CA ALA A 188 -17.62 -15.13 69.23
C ALA A 188 -16.17 -14.79 69.59
N VAL A 189 -15.98 -13.60 70.14
CA VAL A 189 -14.64 -13.15 70.52
C VAL A 189 -14.23 -13.72 71.87
N THR A 190 -15.07 -13.53 72.88
CA THR A 190 -14.77 -14.04 74.22
C THR A 190 -14.42 -15.52 74.09
N GLN A 191 -14.92 -16.16 73.03
CA GLN A 191 -14.68 -17.58 72.79
C GLN A 191 -13.23 -17.85 72.41
N VAL A 192 -12.64 -16.97 71.60
CA VAL A 192 -11.26 -17.17 71.14
C VAL A 192 -10.19 -16.54 72.04
N ALA A 193 -10.57 -15.52 72.79
CA ALA A 193 -9.65 -14.83 73.69
C ALA A 193 -8.79 -15.80 74.50
N GLU A 194 -7.61 -15.34 74.92
CA GLU A 194 -6.68 -16.13 75.74
C GLU A 194 -5.90 -15.22 76.67
N LEU A 195 -5.15 -15.81 77.60
CA LEU A 195 -4.35 -15.03 78.54
C LEU A 195 -2.90 -15.48 78.57
N ARG A 196 -2.19 -15.38 77.44
CA ARG A 196 -0.78 -15.77 77.32
C ARG A 196 0.14 -14.91 78.20
N GLY A 197 0.16 -15.23 79.48
CA GLY A 197 0.98 -14.48 80.44
C GLY A 197 0.32 -13.17 80.80
N ASP A 198 -0.83 -13.24 81.49
CA ASP A 198 -1.62 -12.07 81.93
C ASP A 198 -1.73 -10.96 80.86
N LYS A 199 -1.46 -11.33 79.61
CA LYS A 199 -1.51 -10.41 78.48
C LYS A 199 -2.36 -11.04 77.35
N TRP A 200 -3.66 -10.73 77.34
CA TRP A 200 -4.59 -11.27 76.35
C TRP A 200 -4.09 -11.24 74.92
N TYR A 201 -4.59 -12.17 74.09
CA TYR A 201 -4.21 -12.23 72.69
C TYR A 201 -5.34 -12.90 71.89
N VAL A 202 -6.16 -12.09 71.23
CA VAL A 202 -7.28 -12.60 70.43
C VAL A 202 -6.82 -12.71 68.98
N ASP A 203 -6.82 -13.92 68.44
CA ASP A 203 -6.41 -14.14 67.07
C ASP A 203 -7.67 -14.36 66.25
N LEU A 204 -8.05 -13.36 65.46
CA LEU A 204 -9.26 -13.42 64.63
C LEU A 204 -9.33 -14.64 63.70
N ASP A 205 -8.17 -15.10 63.24
CA ASP A 205 -8.13 -16.24 62.33
C ASP A 205 -8.86 -17.48 62.88
N ASN A 206 -9.04 -17.52 64.20
CA ASN A 206 -9.73 -18.63 64.85
C ASN A 206 -11.23 -18.56 64.66
N ILE A 207 -11.67 -17.72 63.73
CA ILE A 207 -13.09 -17.56 63.42
C ILE A 207 -13.29 -17.55 61.91
N GLN A 208 -14.12 -18.46 61.41
CA GLN A 208 -14.38 -18.51 59.98
C GLN A 208 -15.72 -17.84 59.71
N ILE A 209 -15.83 -17.24 58.53
CA ILE A 209 -17.04 -16.54 58.12
C ILE A 209 -17.48 -17.01 56.73
N VAL A 210 -18.60 -17.74 56.69
CA VAL A 210 -19.15 -18.25 55.44
C VAL A 210 -20.53 -17.65 55.19
N LYS A 211 -20.83 -17.36 53.92
CA LYS A 211 -22.12 -16.76 53.58
C LYS A 211 -22.81 -17.30 52.33
N LYS A 212 -24.12 -17.51 52.45
CA LYS A 212 -24.97 -17.98 51.33
C LYS A 212 -26.38 -17.40 51.45
N ALA A 213 -26.86 -16.80 50.35
CA ALA A 213 -28.18 -16.18 50.28
C ALA A 213 -29.26 -16.99 51.01
N GLY A 214 -30.46 -16.44 51.10
CA GLY A 214 -31.54 -17.17 51.76
C GLY A 214 -32.18 -16.43 52.92
N GLY A 215 -33.51 -16.40 52.93
CA GLY A 215 -34.25 -15.72 53.98
C GLY A 215 -33.65 -14.39 54.40
N SER A 216 -33.93 -13.98 55.64
CA SER A 216 -33.42 -12.72 56.17
C SER A 216 -32.10 -12.93 56.91
N ILE A 217 -31.58 -11.86 57.51
CA ILE A 217 -30.32 -11.96 58.25
C ILE A 217 -30.51 -12.66 59.60
N ASN A 218 -31.75 -12.69 60.08
CA ASN A 218 -32.07 -13.34 61.36
C ASN A 218 -31.84 -14.84 61.23
N ASP A 219 -31.75 -15.32 60.00
CA ASP A 219 -31.53 -16.74 59.70
C ASP A 219 -30.04 -17.10 59.71
N THR A 220 -29.22 -16.21 60.28
CA THR A 220 -27.77 -16.43 60.36
C THR A 220 -27.47 -16.96 61.76
N GLN A 221 -26.45 -17.79 61.89
CA GLN A 221 -26.10 -18.31 63.21
C GLN A 221 -24.61 -18.66 63.28
N LEU A 222 -24.12 -18.84 64.50
CA LEU A 222 -22.71 -19.17 64.73
C LEU A 222 -22.59 -20.66 65.10
N VAL A 223 -21.62 -21.33 64.51
CA VAL A 223 -21.40 -22.76 64.75
C VAL A 223 -20.13 -22.96 65.57
N TYR A 224 -20.19 -23.80 66.59
CA TYR A 224 -19.02 -24.04 67.44
C TYR A 224 -17.99 -24.99 66.83
N GLY A 225 -17.61 -24.67 65.60
CA GLY A 225 -16.64 -25.47 64.88
C GLY A 225 -16.62 -24.94 63.46
N ILE A 226 -15.71 -25.47 62.65
CA ILE A 226 -15.57 -25.07 61.25
C ILE A 226 -16.77 -25.50 60.39
N VAL A 227 -17.09 -24.72 59.35
CA VAL A 227 -18.20 -25.02 58.45
C VAL A 227 -17.77 -24.93 56.99
N VAL A 228 -17.79 -26.06 56.28
CA VAL A 228 -17.38 -26.09 54.87
C VAL A 228 -18.51 -25.96 53.85
N ASP A 229 -18.49 -24.87 53.09
CA ASP A 229 -19.51 -24.65 52.08
C ASP A 229 -19.20 -25.39 50.78
N LYS A 230 -19.60 -26.66 50.71
CA LYS A 230 -19.45 -27.51 49.52
C LYS A 230 -20.14 -28.83 49.82
N GLU A 231 -21.11 -29.18 48.98
CA GLU A 231 -21.88 -30.43 49.10
C GLU A 231 -20.95 -31.66 49.04
N VAL A 232 -21.36 -32.78 49.66
CA VAL A 232 -20.54 -34.00 49.63
C VAL A 232 -20.33 -34.44 48.20
N VAL A 233 -19.35 -35.31 47.98
CA VAL A 233 -19.03 -35.75 46.64
C VAL A 233 -19.95 -36.82 46.04
N HIS A 234 -20.35 -37.80 46.85
CA HIS A 234 -21.21 -38.87 46.34
C HIS A 234 -22.39 -39.12 47.31
N PRO A 235 -23.58 -39.42 46.77
CA PRO A 235 -24.76 -39.67 47.60
C PRO A 235 -24.68 -40.98 48.40
N GLY A 236 -23.83 -41.87 47.94
CA GLY A 236 -23.67 -43.14 48.63
C GLY A 236 -22.67 -43.08 49.77
N MET A 237 -22.51 -41.92 50.40
CA MET A 237 -21.56 -41.79 51.50
C MET A 237 -22.23 -41.42 52.80
N PRO A 238 -21.58 -41.75 53.93
CA PRO A 238 -22.13 -41.43 55.25
C PRO A 238 -22.32 -39.93 55.40
N LYS A 239 -23.58 -39.50 55.54
CA LYS A 239 -23.89 -38.09 55.71
C LYS A 239 -23.93 -37.68 57.19
N ARG A 240 -23.30 -38.47 58.06
CA ARG A 240 -23.28 -38.19 59.51
C ARG A 240 -22.40 -39.20 60.22
N LEU A 241 -21.18 -38.81 60.60
CA LEU A 241 -20.27 -39.74 61.30
C LEU A 241 -20.07 -39.38 62.79
N GLU A 242 -20.10 -40.39 63.65
CA GLU A 242 -19.90 -40.17 65.09
C GLU A 242 -18.41 -40.24 65.35
N ASN A 243 -17.88 -39.31 66.13
CA ASN A 243 -16.46 -39.32 66.42
C ASN A 243 -15.66 -39.48 65.12
N ALA A 244 -15.48 -38.41 64.37
CA ALA A 244 -14.76 -38.48 63.10
C ALA A 244 -13.26 -38.24 63.26
N LYS A 245 -12.49 -38.66 62.26
CA LYS A 245 -11.05 -38.50 62.24
C LYS A 245 -10.66 -37.91 60.89
N ILE A 246 -10.86 -36.60 60.75
CA ILE A 246 -10.57 -35.87 59.52
C ILE A 246 -9.18 -36.04 58.93
N ALA A 247 -9.13 -36.11 57.60
CA ALA A 247 -7.87 -36.26 56.88
C ALA A 247 -7.74 -35.15 55.82
N LEU A 248 -7.04 -34.08 56.17
CA LEU A 248 -6.84 -32.93 55.28
C LEU A 248 -5.84 -33.28 54.18
N ILE A 249 -6.33 -33.84 53.09
CA ILE A 249 -5.45 -34.23 52.01
C ILE A 249 -5.39 -33.22 50.87
N ASP A 250 -4.27 -32.50 50.80
CA ASP A 250 -4.10 -31.53 49.74
C ASP A 250 -3.21 -32.02 48.63
N ALA A 251 -3.84 -32.53 47.58
CA ALA A 251 -3.14 -33.04 46.41
C ALA A 251 -4.12 -33.69 45.42
N SER A 252 -3.60 -33.97 44.23
CA SER A 252 -4.36 -34.59 43.14
C SER A 252 -4.91 -35.98 43.50
N LEU A 253 -6.22 -36.15 43.33
CA LEU A 253 -6.86 -37.42 43.66
C LEU A 253 -7.83 -37.90 42.56
N GLU A 254 -7.32 -38.05 41.35
CA GLU A 254 -8.13 -38.47 40.22
C GLU A 254 -7.31 -39.38 39.29
N VAL A 255 -7.97 -40.23 38.51
CA VAL A 255 -7.22 -41.10 37.60
C VAL A 255 -6.15 -40.29 36.88
N GLU A 256 -4.95 -40.87 36.75
CA GLU A 256 -3.86 -40.16 36.08
C GLU A 256 -4.06 -40.19 34.54
N LYS A 257 -4.14 -39.02 33.92
CA LYS A 257 -4.22 -38.98 32.50
C LYS A 257 -2.92 -39.68 32.23
N PRO A 258 -2.95 -40.66 31.33
CA PRO A 258 -1.76 -41.42 30.97
C PRO A 258 -1.22 -41.05 29.59
N GLU A 259 -1.91 -40.14 28.91
CA GLU A 259 -1.49 -39.72 27.57
C GLU A 259 -0.13 -39.02 27.57
N LEU A 260 0.08 -38.13 28.53
CA LEU A 260 1.34 -37.40 28.60
C LEU A 260 2.48 -38.37 28.85
N ASP A 261 2.25 -39.32 29.75
CA ASP A 261 3.25 -40.32 30.08
C ASP A 261 3.55 -41.20 28.86
N ALA A 262 2.49 -41.56 28.13
CA ALA A 262 2.65 -42.41 26.96
C ALA A 262 1.64 -42.15 25.84
N GLU A 263 2.02 -42.58 24.64
CA GLU A 263 1.22 -42.45 23.44
C GLU A 263 1.40 -43.91 23.04
N ILE A 264 0.33 -44.61 22.69
CA ILE A 264 0.54 -46.02 22.35
C ILE A 264 -0.52 -46.59 21.46
N ARG A 265 -0.25 -47.76 20.88
CA ARG A 265 -1.33 -48.28 20.01
C ARG A 265 -2.08 -49.36 20.83
N ILE A 266 -2.98 -50.11 20.18
CA ILE A 266 -3.73 -51.20 20.82
C ILE A 266 -4.28 -52.15 19.74
N ASN A 267 -4.37 -53.42 20.10
CA ASN A 267 -4.82 -54.47 19.20
C ASN A 267 -6.16 -55.12 19.62
N ASP A 268 -6.03 -56.11 20.50
CA ASP A 268 -7.13 -56.92 21.06
C ASP A 268 -7.64 -56.38 22.42
N PRO A 269 -8.87 -56.78 22.84
CA PRO A 269 -9.55 -56.40 24.09
C PRO A 269 -8.91 -56.95 25.37
N THR A 270 -8.07 -57.95 25.19
CA THR A 270 -7.36 -58.58 26.29
C THR A 270 -6.45 -57.52 26.95
N GLN A 271 -5.87 -56.67 26.09
CA GLN A 271 -4.97 -55.58 26.47
C GLN A 271 -5.72 -54.44 27.19
N MET A 272 -6.93 -54.18 26.70
CA MET A 272 -7.79 -53.13 27.24
C MET A 272 -7.99 -53.32 28.74
N GLN A 273 -8.64 -54.43 29.09
CA GLN A 273 -8.93 -54.76 30.48
C GLN A 273 -7.75 -54.49 31.40
N LYS A 274 -6.69 -55.28 31.29
CA LYS A 274 -5.54 -55.10 32.15
C LYS A 274 -5.00 -53.66 32.14
N PHE A 275 -5.46 -52.85 31.19
CA PHE A 275 -5.01 -51.47 31.10
C PHE A 275 -5.82 -50.57 32.06
N LEU A 276 -7.13 -50.56 31.88
CA LEU A 276 -8.03 -49.76 32.70
C LEU A 276 -8.19 -50.32 34.09
N ASP A 277 -7.89 -51.61 34.25
CA ASP A 277 -8.01 -52.25 35.54
C ASP A 277 -6.92 -51.80 36.48
N GLU A 278 -5.67 -51.95 36.07
CA GLU A 278 -4.56 -51.54 36.91
C GLU A 278 -4.53 -50.01 37.06
N GLU A 279 -4.97 -49.30 36.03
CA GLU A 279 -5.01 -47.84 36.04
C GLU A 279 -6.04 -47.34 37.06
N GLU A 280 -7.06 -48.15 37.27
CA GLU A 280 -8.14 -47.86 38.23
C GLU A 280 -7.61 -48.22 39.61
N ASN A 281 -6.79 -49.26 39.65
CA ASN A 281 -6.19 -49.73 40.90
C ASN A 281 -5.09 -48.78 41.37
N LEU A 282 -4.63 -47.90 40.47
CA LEU A 282 -3.58 -46.95 40.78
C LEU A 282 -4.10 -45.86 41.74
N ILE A 283 -5.33 -45.41 41.52
CA ILE A 283 -5.97 -44.37 42.34
C ILE A 283 -6.42 -44.97 43.67
N LYS A 284 -6.89 -46.21 43.62
CA LYS A 284 -7.34 -46.93 44.81
C LYS A 284 -6.14 -47.04 45.75
N GLU A 285 -4.95 -47.00 45.17
CA GLU A 285 -3.72 -47.08 45.96
C GLU A 285 -3.61 -45.85 46.84
N LYS A 286 -3.66 -44.68 46.21
CA LYS A 286 -3.58 -43.46 46.97
C LYS A 286 -4.65 -43.49 48.06
N VAL A 287 -5.86 -43.92 47.70
CA VAL A 287 -6.97 -44.00 48.66
C VAL A 287 -6.66 -44.91 49.87
N ASP A 288 -6.15 -46.12 49.62
CA ASP A 288 -5.82 -47.05 50.69
C ASP A 288 -4.65 -46.53 51.52
N LYS A 289 -3.72 -45.86 50.85
CA LYS A 289 -2.53 -45.32 51.49
C LYS A 289 -2.89 -44.21 52.47
N ILE A 290 -4.05 -43.60 52.23
CA ILE A 290 -4.59 -42.53 53.06
C ILE A 290 -5.44 -43.14 54.17
N LEU A 291 -6.28 -44.11 53.80
CA LEU A 291 -7.11 -44.80 54.76
C LEU A 291 -6.19 -45.61 55.68
N ALA A 292 -4.91 -45.68 55.30
CA ALA A 292 -3.88 -46.39 56.06
C ALA A 292 -3.76 -45.82 57.47
N THR A 293 -4.34 -44.63 57.65
CA THR A 293 -4.34 -43.96 58.92
C THR A 293 -5.69 -44.22 59.57
N GLY A 294 -6.64 -44.61 58.72
CA GLY A 294 -7.98 -44.91 59.18
C GLY A 294 -8.69 -43.63 59.54
N ALA A 295 -9.19 -42.93 58.52
CA ALA A 295 -9.90 -41.68 58.72
C ALA A 295 -11.38 -41.86 58.36
N ASN A 296 -12.26 -41.26 59.15
CA ASN A 296 -13.69 -41.37 58.89
C ASN A 296 -14.09 -40.47 57.75
N VAL A 297 -13.37 -39.35 57.65
CA VAL A 297 -13.65 -38.37 56.62
C VAL A 297 -12.35 -37.88 56.01
N ILE A 298 -12.42 -37.50 54.74
CA ILE A 298 -11.27 -37.02 53.97
C ILE A 298 -11.72 -35.94 52.97
N ILE A 299 -11.18 -34.72 53.09
CA ILE A 299 -11.53 -33.61 52.19
C ILE A 299 -10.25 -33.03 51.56
N CYS A 300 -10.34 -32.60 50.31
CA CYS A 300 -9.17 -32.04 49.63
C CYS A 300 -9.51 -30.76 48.86
N GLN A 301 -8.51 -30.18 48.22
CA GLN A 301 -8.74 -28.96 47.44
C GLN A 301 -8.44 -29.16 45.96
N LYS A 302 -8.90 -30.27 45.40
CA LYS A 302 -8.69 -30.56 43.98
C LYS A 302 -9.87 -31.43 43.51
N GLY A 303 -9.94 -31.70 42.20
CA GLY A 303 -11.02 -32.53 41.68
C GLY A 303 -10.85 -34.00 41.96
N ILE A 304 -11.85 -34.62 42.61
CA ILE A 304 -11.80 -36.06 42.93
C ILE A 304 -12.49 -36.91 41.85
N ASP A 305 -11.77 -37.91 41.36
CA ASP A 305 -12.29 -38.80 40.33
C ASP A 305 -13.64 -39.39 40.72
N GLU A 306 -14.49 -39.60 39.71
CA GLU A 306 -15.84 -40.15 39.90
C GLU A 306 -15.82 -41.66 40.19
N VAL A 307 -14.77 -42.34 39.75
CA VAL A 307 -14.59 -43.77 39.96
C VAL A 307 -14.06 -43.97 41.39
N ALA A 308 -13.25 -42.99 41.84
CA ALA A 308 -12.64 -42.99 43.17
C ALA A 308 -13.71 -42.71 44.21
N GLN A 309 -14.83 -42.16 43.75
CA GLN A 309 -15.94 -41.84 44.62
C GLN A 309 -16.69 -43.13 44.94
N SER A 310 -16.93 -43.93 43.91
CA SER A 310 -17.64 -45.21 44.08
C SER A 310 -16.83 -46.11 45.01
N TYR A 311 -15.52 -45.89 45.03
CA TYR A 311 -14.63 -46.66 45.90
C TYR A 311 -14.75 -46.22 47.35
N LEU A 312 -14.70 -44.90 47.56
CA LEU A 312 -14.81 -44.31 48.89
C LEU A 312 -16.21 -44.56 49.40
N ALA A 313 -17.15 -44.59 48.47
CA ALA A 313 -18.56 -44.82 48.78
C ALA A 313 -18.74 -46.24 49.31
N LYS A 314 -18.08 -47.20 48.66
CA LYS A 314 -18.18 -48.60 49.06
C LYS A 314 -17.41 -48.82 50.38
N LYS A 315 -16.43 -47.96 50.65
CA LYS A 315 -15.62 -48.04 51.86
C LYS A 315 -16.31 -47.42 53.08
N GLY A 316 -17.24 -46.50 52.82
CA GLY A 316 -17.95 -45.85 53.91
C GLY A 316 -17.25 -44.60 54.41
N VAL A 317 -16.63 -43.86 53.49
CA VAL A 317 -15.91 -42.63 53.82
C VAL A 317 -16.72 -41.41 53.37
N LEU A 318 -16.51 -40.27 54.03
CA LEU A 318 -17.20 -39.02 53.66
C LEU A 318 -16.15 -38.09 53.05
N ALA A 319 -16.25 -37.83 51.75
CA ALA A 319 -15.29 -36.97 51.07
C ALA A 319 -15.90 -35.74 50.41
N VAL A 320 -15.11 -34.66 50.33
CA VAL A 320 -15.55 -33.41 49.72
C VAL A 320 -14.60 -32.98 48.57
N ARG A 321 -15.18 -32.52 47.46
CA ARG A 321 -14.44 -32.08 46.27
C ARG A 321 -13.50 -30.90 46.51
N ARG A 322 -13.37 -30.05 45.50
CA ARG A 322 -12.52 -28.88 45.61
C ARG A 322 -13.06 -28.03 46.77
N ALA A 323 -12.17 -27.40 47.52
CA ALA A 323 -12.55 -26.54 48.65
C ALA A 323 -11.42 -25.54 48.88
N LYS A 324 -11.73 -24.23 48.85
CA LYS A 324 -10.70 -23.18 49.03
C LYS A 324 -9.71 -23.50 50.17
N LYS A 325 -8.42 -23.51 49.84
CA LYS A 325 -7.34 -23.80 50.82
C LYS A 325 -7.58 -22.89 52.02
N SER A 326 -8.20 -21.74 51.73
CA SER A 326 -8.54 -20.70 52.71
C SER A 326 -9.21 -21.27 53.98
N ASP A 327 -9.98 -22.35 53.81
CA ASP A 327 -10.69 -22.97 54.92
C ASP A 327 -10.02 -24.24 55.44
N LEU A 328 -9.19 -24.87 54.61
CA LEU A 328 -8.49 -26.07 55.05
C LEU A 328 -7.62 -25.72 56.24
N GLU A 329 -6.93 -24.60 56.14
CA GLU A 329 -6.06 -24.15 57.23
C GLU A 329 -6.89 -23.90 58.48
N LYS A 330 -7.93 -23.07 58.38
CA LYS A 330 -8.81 -22.73 59.51
C LYS A 330 -9.39 -24.01 60.14
N LEU A 331 -9.49 -25.05 59.31
CA LEU A 331 -10.00 -26.35 59.74
C LEU A 331 -8.84 -27.22 60.25
N ALA A 332 -7.63 -26.89 59.80
CA ALA A 332 -6.43 -27.63 60.19
C ALA A 332 -6.20 -27.52 61.69
N ARG A 333 -5.78 -26.34 62.15
CA ARG A 333 -5.52 -26.11 63.56
C ARG A 333 -6.77 -25.99 64.40
N ALA A 334 -7.93 -26.22 63.78
CA ALA A 334 -9.20 -26.16 64.51
C ALA A 334 -9.57 -27.57 64.97
N THR A 335 -9.07 -28.59 64.26
CA THR A 335 -9.34 -29.99 64.62
C THR A 335 -8.05 -30.72 64.96
N GLY A 336 -6.97 -29.97 65.15
CA GLY A 336 -5.69 -30.57 65.49
C GLY A 336 -5.22 -31.60 64.49
N GLY A 337 -5.03 -31.16 63.25
CA GLY A 337 -4.57 -32.06 62.21
C GLY A 337 -3.58 -31.33 61.31
N ARG A 338 -2.99 -32.04 60.37
CA ARG A 338 -2.05 -31.44 59.44
C ARG A 338 -2.65 -31.48 58.04
N VAL A 339 -2.21 -30.58 57.17
CA VAL A 339 -2.69 -30.53 55.79
C VAL A 339 -1.72 -31.35 54.94
N VAL A 340 -2.03 -32.65 54.79
CA VAL A 340 -1.19 -33.57 54.03
C VAL A 340 -0.69 -33.07 52.68
N SER A 341 0.62 -32.85 52.63
CA SER A 341 1.33 -32.36 51.46
C SER A 341 1.45 -33.50 50.44
N ASN A 342 2.16 -34.55 50.85
CA ASN A 342 2.45 -35.73 50.05
C ASN A 342 1.78 -36.97 50.68
N ILE A 343 0.83 -37.58 49.97
CA ILE A 343 0.09 -38.75 50.47
C ILE A 343 0.96 -39.93 50.98
N ASP A 344 2.16 -40.06 50.42
CA ASP A 344 3.09 -41.12 50.79
C ASP A 344 3.80 -40.79 52.11
N GLU A 345 3.33 -39.77 52.82
CA GLU A 345 3.93 -39.33 54.07
C GLU A 345 2.96 -39.24 55.23
N ILE A 346 1.68 -39.50 54.95
CA ILE A 346 0.66 -39.42 55.98
C ILE A 346 1.04 -40.20 57.23
N SER A 347 0.72 -39.63 58.40
CA SER A 347 1.03 -40.26 59.68
C SER A 347 -0.22 -40.52 60.50
N GLU A 348 -0.07 -41.37 61.51
CA GLU A 348 -1.16 -41.72 62.41
C GLU A 348 -1.55 -40.50 63.24
N GLN A 349 -1.11 -39.32 62.81
CA GLN A 349 -1.40 -38.10 63.54
C GLN A 349 -1.81 -36.92 62.66
N ASP A 350 -1.32 -36.89 61.42
CA ASP A 350 -1.64 -35.80 60.50
C ASP A 350 -3.15 -35.57 60.32
N LEU A 351 -3.95 -36.48 60.85
CA LEU A 351 -5.41 -36.40 60.75
C LEU A 351 -6.02 -35.79 62.02
N GLY A 352 -6.89 -34.80 61.82
CA GLY A 352 -7.53 -34.15 62.94
C GLY A 352 -8.76 -34.91 63.44
N TYR A 353 -9.10 -34.71 64.70
CA TYR A 353 -10.25 -35.38 65.30
C TYR A 353 -11.43 -34.44 65.44
N ALA A 354 -12.62 -35.02 65.55
CA ALA A 354 -13.84 -34.25 65.70
C ALA A 354 -14.82 -35.02 66.57
N SER A 355 -16.06 -34.55 66.60
CA SER A 355 -17.09 -35.19 67.41
C SER A 355 -18.32 -35.58 66.60
N LEU A 356 -18.71 -34.72 65.68
CA LEU A 356 -19.88 -35.02 64.85
C LEU A 356 -19.79 -34.20 63.57
N ILE A 357 -19.94 -34.86 62.43
CA ILE A 357 -19.93 -34.18 61.14
C ILE A 357 -21.36 -34.28 60.63
N GLU A 358 -21.82 -33.28 59.90
CA GLU A 358 -23.18 -33.26 59.37
C GLU A 358 -23.24 -32.54 58.04
N GLU A 359 -24.40 -32.58 57.41
CA GLU A 359 -24.58 -31.94 56.12
C GLU A 359 -26.00 -31.41 55.97
N ARG A 360 -26.45 -30.52 56.86
CA ARG A 360 -27.81 -30.00 56.76
C ARG A 360 -27.97 -29.11 55.53
N LYS A 361 -29.09 -29.26 54.83
CA LYS A 361 -29.36 -28.47 53.62
C LYS A 361 -29.88 -27.10 54.00
N VAL A 362 -29.20 -26.43 54.93
CA VAL A 362 -29.62 -25.10 55.40
C VAL A 362 -29.69 -24.09 54.24
N GLY A 363 -30.85 -23.41 54.18
CA GLY A 363 -31.10 -22.41 53.15
C GLY A 363 -31.62 -23.05 51.88
N GLU A 364 -30.70 -23.32 50.95
CA GLU A 364 -31.03 -23.95 49.67
C GLU A 364 -30.06 -25.08 49.40
N ASP A 365 -28.77 -24.76 49.32
CA ASP A 365 -27.74 -25.76 49.08
C ASP A 365 -27.42 -26.52 50.35
N LYS A 366 -26.54 -27.52 50.23
CA LYS A 366 -26.16 -28.31 51.39
C LYS A 366 -24.70 -28.04 51.72
N MET A 367 -24.44 -27.86 53.01
CA MET A 367 -23.10 -27.57 53.52
C MET A 367 -22.70 -28.60 54.58
N VAL A 368 -21.39 -28.79 54.72
CA VAL A 368 -20.80 -29.72 55.69
C VAL A 368 -20.47 -29.00 57.00
N PHE A 369 -20.78 -29.62 58.14
CA PHE A 369 -20.47 -29.03 59.43
C PHE A 369 -19.50 -29.93 60.16
N VAL A 370 -18.67 -29.35 61.01
CA VAL A 370 -17.71 -30.12 61.77
C VAL A 370 -17.79 -29.62 63.20
N GLU A 371 -18.95 -29.79 63.81
CA GLU A 371 -19.17 -29.32 65.16
C GLU A 371 -18.44 -30.13 66.23
N GLY A 372 -18.17 -29.48 67.36
CA GLY A 372 -17.47 -30.12 68.47
C GLY A 372 -16.07 -30.63 68.15
N ALA A 373 -15.27 -29.84 67.45
CA ALA A 373 -13.91 -30.24 67.08
C ALA A 373 -13.02 -30.59 68.28
N LYS A 374 -11.77 -30.94 68.00
CA LYS A 374 -10.85 -31.29 69.07
C LYS A 374 -10.39 -30.04 69.77
N ASN A 375 -10.24 -28.97 69.01
CA ASN A 375 -9.82 -27.68 69.57
C ASN A 375 -11.07 -26.85 69.89
N PRO A 376 -11.28 -26.51 71.18
CA PRO A 376 -12.43 -25.71 71.61
C PRO A 376 -12.55 -24.30 71.00
N LYS A 377 -11.63 -23.42 71.40
CA LYS A 377 -11.60 -22.03 70.93
C LYS A 377 -11.37 -21.98 69.43
N SER A 378 -12.44 -22.20 68.68
CA SER A 378 -12.37 -22.20 67.24
C SER A 378 -13.81 -22.32 66.71
N ILE A 379 -14.42 -21.18 66.35
CA ILE A 379 -15.79 -21.19 65.84
C ILE A 379 -15.91 -20.40 64.56
N SER A 380 -17.06 -20.53 63.90
CA SER A 380 -17.32 -19.82 62.66
C SER A 380 -18.70 -19.17 62.67
N ILE A 381 -18.91 -18.19 61.78
CA ILE A 381 -20.18 -17.49 61.69
C ILE A 381 -20.79 -17.70 60.30
N LEU A 382 -22.10 -17.85 60.24
CA LEU A 382 -22.77 -18.03 58.96
C LEU A 382 -23.72 -16.88 58.66
N ILE A 383 -23.38 -16.10 57.63
CA ILE A 383 -24.18 -14.95 57.22
C ILE A 383 -25.18 -15.35 56.14
N ARG A 384 -26.40 -14.80 56.21
CA ARG A 384 -27.43 -15.10 55.23
C ARG A 384 -28.33 -13.89 55.06
N GLY A 385 -27.78 -12.81 54.51
CA GLY A 385 -28.56 -11.60 54.31
C GLY A 385 -29.80 -11.74 53.44
N GLY A 386 -29.77 -12.71 52.52
CA GLY A 386 -30.91 -12.90 51.64
C GLY A 386 -30.54 -12.60 50.20
N LEU A 387 -30.35 -11.31 49.90
CA LEU A 387 -29.99 -10.89 48.55
C LEU A 387 -28.48 -11.06 48.29
N GLU A 388 -28.11 -11.28 47.03
CA GLU A 388 -26.71 -11.49 46.65
C GLU A 388 -25.73 -10.40 47.09
N ARG A 389 -26.23 -9.20 47.33
CA ARG A 389 -25.40 -8.06 47.72
C ARG A 389 -25.58 -7.65 49.19
N LEU A 390 -26.81 -7.78 49.69
CA LEU A 390 -27.11 -7.43 51.09
C LEU A 390 -26.24 -8.30 52.00
N VAL A 391 -26.05 -9.56 51.61
CA VAL A 391 -25.25 -10.50 52.37
C VAL A 391 -23.79 -10.04 52.42
N ASP A 392 -23.30 -9.54 51.28
CA ASP A 392 -21.92 -9.09 51.16
C ASP A 392 -21.54 -8.00 52.17
N GLU A 393 -22.35 -6.96 52.29
CA GLU A 393 -22.04 -5.88 53.22
C GLU A 393 -22.29 -6.25 54.68
N THR A 394 -23.02 -7.34 54.92
CA THR A 394 -23.26 -7.78 56.29
C THR A 394 -21.93 -8.36 56.80
N GLU A 395 -21.18 -8.92 55.86
CA GLU A 395 -19.88 -9.51 56.14
C GLU A 395 -18.91 -8.39 56.44
N ARG A 396 -19.04 -7.24 55.80
CA ARG A 396 -18.12 -6.14 56.07
C ARG A 396 -18.36 -5.69 57.49
N ALA A 397 -19.60 -5.30 57.76
CA ALA A 397 -19.99 -4.83 59.09
C ALA A 397 -19.57 -5.80 60.19
N LEU A 398 -19.76 -7.09 59.92
CA LEU A 398 -19.44 -8.13 60.88
C LEU A 398 -17.94 -8.25 61.13
N ARG A 399 -17.14 -8.11 60.06
CA ARG A 399 -15.69 -8.19 60.13
C ARG A 399 -15.17 -7.11 61.06
N ASP A 400 -15.59 -5.90 60.77
CA ASP A 400 -15.20 -4.73 61.54
C ASP A 400 -15.71 -4.85 62.96
N ALA A 401 -16.96 -5.26 63.10
CA ALA A 401 -17.59 -5.42 64.41
C ALA A 401 -16.79 -6.34 65.31
N LEU A 402 -16.34 -7.47 64.76
CA LEU A 402 -15.55 -8.45 65.50
C LEU A 402 -14.21 -7.80 65.83
N GLY A 403 -13.50 -7.36 64.81
CA GLY A 403 -12.22 -6.72 65.02
C GLY A 403 -12.24 -5.74 66.18
N THR A 404 -13.10 -4.74 66.09
CA THR A 404 -13.18 -3.73 67.15
C THR A 404 -13.38 -4.29 68.56
N VAL A 405 -14.33 -5.20 68.72
CA VAL A 405 -14.61 -5.80 70.02
C VAL A 405 -13.35 -6.47 70.59
N ALA A 406 -12.61 -7.13 69.72
CA ALA A 406 -11.38 -7.81 70.11
C ALA A 406 -10.35 -6.79 70.59
N ASP A 407 -10.37 -5.62 69.97
CA ASP A 407 -9.44 -4.59 70.34
C ASP A 407 -9.72 -4.05 71.73
N VAL A 408 -11.00 -4.00 72.12
CA VAL A 408 -11.33 -3.49 73.46
C VAL A 408 -10.67 -4.39 74.51
N ILE A 409 -10.70 -5.69 74.25
CA ILE A 409 -10.12 -6.68 75.17
C ILE A 409 -8.60 -6.67 75.19
N LYS A 410 -7.99 -6.62 74.01
CA LYS A 410 -6.54 -6.60 73.89
C LYS A 410 -5.96 -5.40 74.67
N ASP A 411 -6.72 -4.31 74.76
CA ASP A 411 -6.26 -3.13 75.48
C ASP A 411 -6.84 -3.06 76.89
N GLY A 412 -8.12 -2.71 77.01
CA GLY A 412 -8.75 -2.64 78.32
C GLY A 412 -9.28 -1.26 78.71
N ARG A 413 -9.21 -0.31 77.79
CA ARG A 413 -9.69 1.06 78.01
C ARG A 413 -10.79 1.38 76.99
N ALA A 414 -11.85 2.03 77.44
CA ALA A 414 -12.95 2.40 76.55
C ALA A 414 -13.68 3.68 76.98
N ILE A 415 -13.91 4.58 76.02
CA ILE A 415 -14.59 5.86 76.29
C ILE A 415 -15.94 5.99 75.57
N ALA A 416 -16.71 6.97 75.98
CA ALA A 416 -18.02 7.21 75.39
C ALA A 416 -17.82 7.95 74.07
N GLY A 417 -18.40 7.41 73.01
CA GLY A 417 -18.28 8.06 71.73
C GLY A 417 -19.51 8.94 71.57
N GLY A 418 -19.44 9.90 70.66
CA GLY A 418 -20.58 10.77 70.45
C GLY A 418 -20.11 12.20 70.32
N GLY A 419 -18.80 12.36 70.22
CA GLY A 419 -18.22 13.68 70.11
C GLY A 419 -17.81 14.14 71.50
N ALA A 420 -18.16 13.31 72.47
CA ALA A 420 -17.87 13.58 73.85
C ALA A 420 -16.40 13.85 74.00
N VAL A 421 -15.58 12.89 73.60
CA VAL A 421 -14.13 13.06 73.72
C VAL A 421 -13.56 14.19 72.86
N GLU A 422 -14.23 14.52 71.77
CA GLU A 422 -13.73 15.57 70.92
C GLU A 422 -13.75 16.82 71.73
N ILE A 423 -14.95 17.31 72.03
CA ILE A 423 -15.08 18.56 72.77
C ILE A 423 -14.19 18.65 74.02
N GLU A 424 -13.96 17.53 74.70
CA GLU A 424 -13.12 17.53 75.89
C GLU A 424 -11.70 17.82 75.46
N ILE A 425 -11.20 17.00 74.53
CA ILE A 425 -9.86 17.18 74.00
C ILE A 425 -9.69 18.61 73.51
N ALA A 426 -10.81 19.24 73.18
CA ALA A 426 -10.78 20.61 72.70
C ALA A 426 -10.56 21.47 73.90
N LYS A 427 -11.63 21.66 74.68
CA LYS A 427 -11.58 22.49 75.88
C LYS A 427 -10.25 22.36 76.62
N LYS A 428 -9.92 21.12 76.99
CA LYS A 428 -8.68 20.85 77.74
C LYS A 428 -7.49 21.42 76.97
N LEU A 429 -7.60 21.39 75.65
CA LEU A 429 -6.54 21.88 74.76
C LEU A 429 -6.47 23.43 74.78
N ARG A 430 -7.65 24.08 74.77
CA ARG A 430 -7.70 25.54 74.76
C ARG A 430 -7.03 26.13 75.97
N LYS A 431 -7.30 25.55 77.13
CA LYS A 431 -6.69 26.03 78.36
C LYS A 431 -5.19 25.81 78.29
N TYR A 432 -4.76 24.82 77.50
CA TYR A 432 -3.33 24.53 77.34
C TYR A 432 -2.63 25.56 76.45
N ALA A 433 -3.14 25.77 75.24
CA ALA A 433 -2.56 26.72 74.30
C ALA A 433 -1.87 27.94 74.93
N PRO A 434 -2.63 28.77 75.65
CA PRO A 434 -2.06 29.96 76.27
C PRO A 434 -0.61 29.84 76.72
N GLN A 435 -0.27 28.73 77.36
CA GLN A 435 1.09 28.59 77.85
C GLN A 435 2.07 28.00 76.85
N VAL A 436 1.57 27.32 75.84
CA VAL A 436 2.46 26.70 74.88
C VAL A 436 3.49 27.64 74.27
N GLY A 437 3.08 28.83 73.87
CA GLY A 437 4.03 29.74 73.26
C GLY A 437 3.43 30.79 72.33
N GLY A 438 4.30 31.53 71.66
CA GLY A 438 3.87 32.59 70.78
C GLY A 438 3.02 32.10 69.62
N LYS A 439 3.68 31.78 68.52
CA LYS A 439 2.96 31.32 67.35
C LYS A 439 2.36 29.94 67.49
N GLU A 440 3.14 28.99 68.01
CA GLU A 440 2.65 27.64 68.20
C GLU A 440 1.28 27.60 68.85
N GLN A 441 0.99 28.61 69.64
CA GLN A 441 -0.29 28.68 70.32
C GLN A 441 -1.39 28.58 69.28
N LEU A 442 -1.31 29.46 68.30
CA LEU A 442 -2.29 29.50 67.23
C LEU A 442 -2.42 28.12 66.60
N ALA A 443 -1.30 27.42 66.47
CA ALA A 443 -1.32 26.08 65.89
C ALA A 443 -2.23 25.20 66.74
N VAL A 444 -1.98 25.23 68.05
CA VAL A 444 -2.75 24.45 69.00
C VAL A 444 -4.21 24.86 69.04
N GLU A 445 -4.49 26.15 69.17
CA GLU A 445 -5.88 26.59 69.21
C GLU A 445 -6.57 26.04 67.98
N ALA A 446 -5.83 26.02 66.89
CA ALA A 446 -6.29 25.52 65.60
C ALA A 446 -6.57 24.03 65.71
N TYR A 447 -5.55 23.27 66.09
CA TYR A 447 -5.68 21.83 66.26
C TYR A 447 -7.01 21.54 66.96
N ALA A 448 -7.36 22.37 67.94
CA ALA A 448 -8.61 22.19 68.68
C ALA A 448 -9.83 22.47 67.82
N ASN A 449 -9.86 23.64 67.16
CA ASN A 449 -10.99 24.00 66.31
C ASN A 449 -11.28 22.96 65.24
N ALA A 450 -10.21 22.52 64.60
CA ALA A 450 -10.28 21.51 63.54
C ALA A 450 -10.97 20.27 64.07
N LEU A 451 -10.66 19.95 65.32
CA LEU A 451 -11.20 18.79 66.01
C LEU A 451 -12.70 18.87 66.29
N GLU A 452 -13.18 20.07 66.60
CA GLU A 452 -14.59 20.24 66.85
C GLU A 452 -15.31 20.13 65.52
N SER A 453 -14.64 20.59 64.46
CA SER A 453 -15.18 20.50 63.09
C SER A 453 -15.63 19.06 62.90
N LEU A 454 -14.86 18.15 63.48
CA LEU A 454 -15.14 16.74 63.40
C LEU A 454 -16.57 16.43 63.85
N VAL A 455 -16.95 16.95 65.02
CA VAL A 455 -18.29 16.73 65.56
C VAL A 455 -19.37 17.48 64.78
N SER A 456 -19.00 18.59 64.15
CA SER A 456 -19.97 19.35 63.37
C SER A 456 -20.34 18.49 62.20
N ILE A 457 -19.34 17.95 61.52
CA ILE A 457 -19.59 17.09 60.37
C ILE A 457 -20.59 16.02 60.76
N LEU A 458 -20.37 15.48 61.95
CA LEU A 458 -21.22 14.44 62.48
C LEU A 458 -22.64 14.97 62.63
N ILE A 459 -22.78 16.16 63.18
CA ILE A 459 -24.09 16.77 63.34
C ILE A 459 -24.70 16.98 61.94
N GLU A 460 -23.96 17.64 61.06
CA GLU A 460 -24.43 17.91 59.71
C GLU A 460 -25.19 16.73 59.14
N ASN A 461 -24.49 15.60 59.02
CA ASN A 461 -25.09 14.40 58.47
C ASN A 461 -26.32 13.92 59.21
N ALA A 462 -26.52 14.45 60.40
CA ALA A 462 -27.68 14.08 61.21
C ALA A 462 -28.88 14.89 60.75
N GLY A 463 -28.60 16.05 60.14
CA GLY A 463 -29.67 16.90 59.66
C GLY A 463 -29.98 18.07 60.57
N PHE A 464 -29.03 18.41 61.45
CA PHE A 464 -29.21 19.52 62.39
C PHE A 464 -28.18 20.60 62.17
N ASP A 465 -28.45 21.81 62.65
CA ASP A 465 -27.49 22.87 62.46
C ASP A 465 -26.20 22.56 63.22
N PRO A 466 -25.10 22.31 62.49
CA PRO A 466 -23.82 21.99 63.12
C PRO A 466 -23.38 22.99 64.18
N ILE A 467 -23.45 24.28 63.86
CA ILE A 467 -23.03 25.30 64.83
C ILE A 467 -23.94 25.34 66.06
N ASP A 468 -25.24 25.35 65.85
CA ASP A 468 -26.21 25.41 66.94
C ASP A 468 -25.93 24.41 68.02
N LEU A 469 -25.98 23.13 67.65
CA LEU A 469 -25.76 22.07 68.60
C LEU A 469 -24.35 22.05 69.16
N LEU A 470 -23.35 22.31 68.33
CA LEU A 470 -21.97 22.29 68.81
C LEU A 470 -21.83 23.29 69.93
N MET A 471 -22.34 24.50 69.74
CA MET A 471 -22.22 25.46 70.81
C MET A 471 -23.06 24.99 71.99
N LYS A 472 -24.30 24.60 71.71
CA LYS A 472 -25.19 24.13 72.76
C LYS A 472 -24.60 22.95 73.54
N LEU A 473 -23.74 22.17 72.89
CA LEU A 473 -23.10 21.02 73.52
C LEU A 473 -21.82 21.42 74.27
N ARG A 474 -20.90 22.10 73.60
CA ARG A 474 -19.66 22.50 74.28
C ARG A 474 -19.99 23.41 75.46
N SER A 475 -21.26 23.79 75.54
CA SER A 475 -21.76 24.64 76.62
C SER A 475 -22.21 23.73 77.75
N THR A 476 -22.89 22.66 77.38
CA THR A 476 -23.38 21.69 78.32
C THR A 476 -22.20 20.87 78.90
N HIS A 477 -20.97 21.28 78.60
CA HIS A 477 -19.82 20.57 79.14
C HIS A 477 -19.14 21.37 80.21
N GLU A 478 -19.87 22.31 80.79
CA GLU A 478 -19.31 23.10 81.86
C GLU A 478 -19.36 22.18 83.08
N ASN A 479 -20.50 21.53 83.26
CA ASN A 479 -20.76 20.60 84.37
C ASN A 479 -19.74 19.46 84.37
N GLU A 480 -18.75 19.55 85.25
CA GLU A 480 -17.70 18.53 85.35
C GLU A 480 -18.24 17.08 85.30
N ASN A 481 -19.52 16.91 85.61
CA ASN A 481 -20.15 15.58 85.64
C ASN A 481 -20.84 15.20 84.32
N ASN A 482 -20.38 15.78 83.22
CA ASN A 482 -20.99 15.46 81.93
C ASN A 482 -19.98 14.97 80.91
N LYS A 483 -18.71 14.84 81.32
CA LYS A 483 -17.67 14.40 80.40
C LYS A 483 -18.23 13.51 79.28
N TRP A 484 -18.98 12.45 79.63
CA TRP A 484 -19.56 11.54 78.64
C TRP A 484 -20.74 12.07 77.82
N TYR A 485 -21.04 13.36 77.91
CA TYR A 485 -22.15 13.93 77.18
C TYR A 485 -21.82 14.19 75.73
N GLY A 486 -22.74 13.83 74.85
CA GLY A 486 -22.55 14.03 73.42
C GLY A 486 -23.86 14.45 72.79
N ILE A 487 -24.02 14.30 71.47
CA ILE A 487 -25.30 14.69 70.86
C ILE A 487 -26.07 13.57 70.19
N ASP A 488 -27.17 13.20 70.82
CA ASP A 488 -28.01 12.13 70.31
C ASP A 488 -28.48 12.51 68.92
N LEU A 489 -27.99 11.80 67.93
CA LEU A 489 -28.34 12.08 66.54
C LEU A 489 -29.74 11.66 66.11
N TYR A 490 -30.70 11.66 67.02
CA TYR A 490 -32.05 11.30 66.64
C TYR A 490 -33.05 12.25 67.28
N ALA A 491 -32.65 12.84 68.40
CA ALA A 491 -33.52 13.76 69.11
C ALA A 491 -33.00 15.19 69.02
N GLY A 492 -31.74 15.34 68.64
CA GLY A 492 -31.15 16.66 68.53
C GLY A 492 -31.05 17.35 69.87
N GLN A 493 -30.15 16.87 70.73
CA GLN A 493 -30.00 17.46 72.04
C GLN A 493 -28.92 16.72 72.79
N PRO A 494 -28.13 17.45 73.56
CA PRO A 494 -27.03 16.86 74.35
C PRO A 494 -27.57 15.89 75.38
N VAL A 495 -27.02 14.68 75.42
CA VAL A 495 -27.42 13.68 76.40
C VAL A 495 -26.20 12.88 76.80
N ASP A 496 -26.32 12.06 77.82
CA ASP A 496 -25.18 11.28 78.23
C ASP A 496 -25.04 10.08 77.30
N MET A 497 -24.02 10.10 76.45
CA MET A 497 -23.80 9.01 75.51
C MET A 497 -23.58 7.68 76.21
N TRP A 498 -22.68 7.64 77.18
CA TRP A 498 -22.40 6.41 77.91
C TRP A 498 -23.67 5.73 78.39
N GLN A 499 -24.49 6.46 79.14
CA GLN A 499 -25.73 5.90 79.65
C GLN A 499 -26.79 5.72 78.60
N LYS A 500 -26.35 5.40 77.39
CA LYS A 500 -27.27 5.17 76.29
C LYS A 500 -26.69 4.13 75.37
N GLY A 501 -25.67 3.43 75.85
CA GLY A 501 -25.04 2.37 75.07
C GLY A 501 -24.31 2.81 73.81
N VAL A 502 -23.30 3.66 74.01
CA VAL A 502 -22.51 4.16 72.90
C VAL A 502 -21.05 4.28 73.32
N ILE A 503 -20.33 3.16 73.29
CA ILE A 503 -18.94 3.21 73.68
C ILE A 503 -18.03 2.71 72.57
N GLU A 504 -16.77 3.12 72.64
CA GLU A 504 -15.80 2.72 71.66
C GLU A 504 -14.47 2.50 72.30
N PRO A 505 -13.66 1.65 71.69
CA PRO A 505 -12.31 1.29 72.11
C PRO A 505 -11.53 2.56 72.27
N ALA A 506 -11.24 2.96 73.50
CA ALA A 506 -10.50 4.19 73.69
C ALA A 506 -9.21 4.17 72.86
N LEU A 507 -8.88 3.03 72.27
CA LEU A 507 -7.67 2.96 71.47
C LEU A 507 -7.93 3.23 69.99
N VAL A 508 -9.06 2.78 69.46
CA VAL A 508 -9.36 3.02 68.05
C VAL A 508 -9.38 4.51 67.70
N LYS A 509 -10.14 5.28 68.48
CA LYS A 509 -10.30 6.73 68.30
C LYS A 509 -9.11 7.51 68.86
N MET A 510 -8.07 6.76 69.19
CA MET A 510 -6.87 7.32 69.76
C MET A 510 -5.78 7.21 68.72
N ASN A 511 -5.71 6.04 68.10
CA ASN A 511 -4.73 5.81 67.05
C ASN A 511 -5.15 6.64 65.87
N ALA A 512 -6.45 6.92 65.78
CA ALA A 512 -6.98 7.73 64.69
C ALA A 512 -6.25 9.06 64.77
N ILE A 513 -6.30 9.68 65.94
CA ILE A 513 -5.65 10.98 66.17
C ILE A 513 -4.15 10.96 65.82
N LYS A 514 -3.44 9.92 66.26
CA LYS A 514 -2.01 9.79 65.98
C LYS A 514 -1.85 9.72 64.48
N ALA A 515 -2.72 8.93 63.85
CA ALA A 515 -2.74 8.74 62.41
C ALA A 515 -2.97 10.06 61.69
N ALA A 516 -4.14 10.64 61.88
CA ALA A 516 -4.46 11.90 61.24
C ALA A 516 -3.34 12.94 61.37
N THR A 517 -2.83 13.14 62.58
CA THR A 517 -1.75 14.11 62.79
C THR A 517 -0.48 13.71 62.09
N GLU A 518 -0.24 12.41 62.00
CA GLU A 518 0.94 11.92 61.31
C GLU A 518 0.89 12.43 59.89
N ALA A 519 -0.18 12.05 59.20
CA ALA A 519 -0.43 12.42 57.83
C ALA A 519 -0.44 13.93 57.67
N ALA A 520 -1.30 14.57 58.46
CA ALA A 520 -1.42 16.01 58.43
C ALA A 520 -0.08 16.73 58.43
N THR A 521 0.78 16.47 59.43
CA THR A 521 2.10 17.13 59.53
C THR A 521 3.06 16.67 58.44
N LEU A 522 2.81 15.47 57.91
CA LEU A 522 3.64 14.95 56.86
C LEU A 522 3.44 15.73 55.56
N VAL A 523 2.20 16.09 55.26
CA VAL A 523 1.92 16.85 54.06
C VAL A 523 2.62 18.20 54.16
N LEU A 524 2.60 18.80 55.35
CA LEU A 524 3.24 20.10 55.58
C LEU A 524 4.76 20.04 55.55
N ARG A 525 5.31 18.89 55.91
CA ARG A 525 6.76 18.68 55.93
C ARG A 525 7.31 18.73 54.51
N ILE A 526 6.47 18.34 53.55
CA ILE A 526 6.81 18.31 52.13
C ILE A 526 6.92 19.69 51.52
N ASP A 527 8.03 19.95 50.84
CA ASP A 527 8.22 21.25 50.23
C ASP A 527 7.99 21.18 48.74
N ASP A 528 8.25 20.03 48.15
CA ASP A 528 8.07 19.83 46.72
C ASP A 528 8.16 18.35 46.34
N VAL A 529 7.51 17.99 45.23
CA VAL A 529 7.49 16.62 44.72
C VAL A 529 8.15 16.56 43.33
N VAL A 530 9.10 15.64 43.15
CA VAL A 530 9.79 15.44 41.87
C VAL A 530 9.80 13.91 41.68
N SER A 531 9.12 13.44 40.63
CA SER A 531 8.99 12.02 40.31
C SER A 531 9.77 11.60 39.05
N ALA A 532 9.90 10.29 38.83
CA ALA A 532 10.62 9.75 37.67
C ALA A 532 9.68 9.16 36.61
N GLY B 28 32.98 34.45 27.40
CA GLY B 28 32.41 35.61 28.05
C GLY B 28 31.05 35.32 28.66
N LYS B 29 30.34 36.38 29.05
CA LYS B 29 28.99 36.23 29.66
C LYS B 29 28.08 35.19 28.96
N GLU B 30 28.24 35.06 27.65
CA GLU B 30 27.45 34.13 26.83
C GLU B 30 26.97 32.87 27.57
N ALA B 31 27.86 31.89 27.68
CA ALA B 31 27.56 30.62 28.33
C ALA B 31 27.74 30.66 29.83
N VAL B 32 28.79 31.32 30.31
CA VAL B 32 29.03 31.38 31.74
C VAL B 32 27.75 31.65 32.52
N ARG B 33 26.81 32.37 31.93
CA ARG B 33 25.58 32.62 32.65
C ARG B 33 24.86 31.29 32.83
N ALA B 34 24.79 30.52 31.75
CA ALA B 34 24.12 29.22 31.76
C ALA B 34 24.58 28.28 32.88
N ASN B 35 25.88 28.00 32.92
CA ASN B 35 26.43 27.12 33.94
C ASN B 35 25.99 27.59 35.30
N ILE B 36 26.26 28.86 35.60
CA ILE B 36 25.84 29.44 36.86
C ILE B 36 24.37 29.11 37.06
N ALA B 37 23.54 29.52 36.10
CA ALA B 37 22.12 29.25 36.14
C ALA B 37 21.88 27.82 36.63
N ALA B 38 22.42 26.85 35.89
CA ALA B 38 22.27 25.44 36.26
C ALA B 38 22.63 25.17 37.71
N VAL B 39 23.80 25.66 38.13
CA VAL B 39 24.25 25.46 39.51
C VAL B 39 23.20 26.02 40.48
N LYS B 40 22.89 27.31 40.36
CA LYS B 40 21.88 27.91 41.22
C LYS B 40 20.67 27.00 41.25
N ALA B 41 20.34 26.44 40.09
CA ALA B 41 19.22 25.52 39.94
C ALA B 41 19.30 24.35 40.91
N VAL B 42 20.44 23.66 40.92
CA VAL B 42 20.65 22.53 41.81
C VAL B 42 20.44 22.97 43.26
N GLU B 43 20.95 24.16 43.61
CA GLU B 43 20.77 24.66 44.97
C GLU B 43 19.27 24.70 45.27
N GLU B 44 18.51 25.33 44.38
CA GLU B 44 17.07 25.45 44.54
C GLU B 44 16.35 24.12 44.73
N ALA B 45 17.08 23.03 44.58
CA ALA B 45 16.47 21.72 44.74
C ALA B 45 16.64 21.15 46.13
N LEU B 46 17.66 21.60 46.87
CA LEU B 46 17.87 21.10 48.22
C LEU B 46 17.66 22.17 49.28
N LYS B 47 17.93 23.43 48.93
CA LYS B 47 17.80 24.53 49.88
C LYS B 47 16.78 24.29 51.00
N SER B 48 15.55 23.95 50.61
CA SER B 48 14.49 23.71 51.59
C SER B 48 14.62 22.44 52.42
N THR B 49 15.73 21.73 52.29
CA THR B 49 15.91 20.48 53.03
C THR B 49 17.17 20.54 53.89
N TYR B 50 17.88 21.66 53.81
CA TYR B 50 19.10 21.83 54.57
C TYR B 50 18.69 21.88 56.03
N GLY B 51 19.66 21.96 56.93
CA GLY B 51 19.31 22.02 58.34
C GLY B 51 18.74 20.72 58.88
N PRO B 52 18.66 20.60 60.21
CA PRO B 52 18.13 19.40 60.84
C PRO B 52 16.61 19.41 60.91
N ARG B 53 15.98 20.54 60.61
CA ARG B 53 14.53 20.55 60.64
C ARG B 53 14.01 21.05 59.28
N GLY B 54 14.71 20.59 58.24
CA GLY B 54 14.37 20.95 56.88
C GLY B 54 13.14 20.28 56.32
N MET B 55 12.87 20.50 55.04
CA MET B 55 11.70 19.91 54.39
C MET B 55 12.05 18.59 53.76
N ASP B 56 11.03 17.95 53.21
CA ASP B 56 11.18 16.67 52.52
C ASP B 56 10.64 16.76 51.12
N LYS B 57 11.33 16.07 50.22
CA LYS B 57 11.01 15.96 48.80
C LYS B 57 10.41 14.57 48.54
N MET B 58 9.44 14.48 47.63
CA MET B 58 8.82 13.21 47.34
C MET B 58 9.24 12.63 46.00
N LEU B 59 9.44 11.32 45.95
CA LEU B 59 9.87 10.66 44.72
C LEU B 59 9.04 9.43 44.34
N VAL B 60 8.36 9.52 43.20
CA VAL B 60 7.53 8.42 42.74
C VAL B 60 8.15 7.71 41.55
N ASP B 61 8.60 6.48 41.81
CA ASP B 61 9.20 5.65 40.79
C ASP B 61 8.18 5.49 39.68
N SER B 62 8.69 5.22 38.47
CA SER B 62 7.81 5.03 37.31
C SER B 62 6.95 3.77 37.54
N LEU B 63 7.48 2.84 38.35
CA LEU B 63 6.80 1.59 38.68
C LEU B 63 5.51 1.90 39.44
N GLY B 64 5.48 3.04 40.14
CA GLY B 64 4.31 3.43 40.90
C GLY B 64 4.60 3.67 42.37
N ASP B 65 5.68 3.05 42.87
CA ASP B 65 6.11 3.18 44.26
C ASP B 65 6.69 4.56 44.61
N ILE B 66 6.27 5.10 45.75
CA ILE B 66 6.71 6.42 46.22
C ILE B 66 7.67 6.36 47.41
N THR B 67 8.67 7.24 47.39
CA THR B 67 9.69 7.35 48.44
C THR B 67 9.95 8.84 48.68
N ILE B 68 9.65 9.31 49.88
CA ILE B 68 9.84 10.72 50.26
C ILE B 68 11.05 10.84 51.16
N THR B 69 11.96 11.75 50.84
CA THR B 69 13.16 11.88 51.66
C THR B 69 13.82 13.25 51.59
N ASN B 70 14.90 13.41 52.34
CA ASN B 70 15.67 14.64 52.38
C ASN B 70 17.14 14.24 52.42
N ASP B 71 17.46 13.08 51.87
CA ASP B 71 18.85 12.67 51.83
C ASP B 71 19.36 13.16 50.50
N GLY B 72 20.40 13.99 50.56
CA GLY B 72 20.97 14.55 49.37
C GLY B 72 21.30 13.57 48.26
N ALA B 73 22.12 12.58 48.55
CA ALA B 73 22.50 11.60 47.54
C ALA B 73 21.24 11.23 46.77
N THR B 74 20.26 10.66 47.48
CA THR B 74 19.00 10.24 46.88
C THR B 74 18.27 11.29 46.05
N ILE B 75 18.24 12.53 46.55
CA ILE B 75 17.57 13.64 45.87
C ILE B 75 18.29 13.97 44.55
N LEU B 76 19.53 13.55 44.43
CA LEU B 76 20.26 13.79 43.20
C LEU B 76 20.34 12.51 42.36
N ASP B 77 20.45 11.36 42.99
CA ASP B 77 20.51 10.13 42.20
C ASP B 77 19.18 9.91 41.52
N LYS B 78 18.10 10.01 42.30
CA LYS B 78 16.77 9.80 41.77
C LYS B 78 16.28 10.98 40.93
N MET B 79 17.03 12.06 40.92
CA MET B 79 16.62 13.23 40.14
C MET B 79 17.59 13.46 39.01
N ASP B 80 17.20 13.09 37.80
CA ASP B 80 18.12 13.26 36.68
C ASP B 80 18.25 14.67 36.22
N LEU B 81 19.49 15.14 36.19
CA LEU B 81 19.79 16.48 35.73
C LEU B 81 20.53 16.24 34.43
N GLN B 82 20.43 17.20 33.54
CA GLN B 82 21.08 17.03 32.27
C GLN B 82 22.21 18.04 32.08
N HIS B 83 21.95 19.33 32.24
CA HIS B 83 23.01 20.31 32.01
C HIS B 83 24.35 19.84 32.55
N PRO B 84 25.42 19.93 31.75
CA PRO B 84 26.77 19.49 32.12
C PRO B 84 27.30 20.07 33.43
N ALA B 85 27.17 21.39 33.57
CA ALA B 85 27.61 22.05 34.79
C ALA B 85 27.10 21.26 35.99
N ALA B 86 25.79 21.06 36.03
CA ALA B 86 25.15 20.32 37.11
C ALA B 86 25.76 18.95 37.38
N LYS B 87 25.88 18.10 36.36
CA LYS B 87 26.48 16.78 36.55
C LYS B 87 27.88 16.96 37.13
N LEU B 88 28.50 18.06 36.73
CA LEU B 88 29.85 18.40 37.16
C LEU B 88 29.89 18.80 38.64
N LEU B 89 28.87 19.55 39.07
CA LEU B 89 28.77 19.97 40.48
C LEU B 89 28.56 18.71 41.33
N VAL B 90 27.49 17.96 41.06
CA VAL B 90 27.17 16.74 41.80
C VAL B 90 28.30 15.74 41.80
N GLN B 91 29.07 15.68 40.70
CA GLN B 91 30.18 14.73 40.62
C GLN B 91 31.18 15.05 41.72
N ILE B 92 31.39 16.34 41.94
CA ILE B 92 32.31 16.79 42.95
C ILE B 92 31.68 16.63 44.32
N ALA B 93 30.38 16.93 44.40
CA ALA B 93 29.67 16.84 45.66
C ALA B 93 29.53 15.40 46.18
N LYS B 94 28.84 14.52 45.45
CA LYS B 94 28.67 13.13 45.88
C LYS B 94 30.03 12.48 46.08
N GLY B 95 30.78 12.37 44.99
CA GLY B 95 32.10 11.78 45.07
C GLY B 95 32.99 12.78 45.78
N GLN B 96 32.57 13.19 46.97
CA GLN B 96 33.33 14.16 47.75
C GLN B 96 34.67 13.55 48.11
N ASP B 97 35.18 13.94 49.27
CA ASP B 97 36.48 13.49 49.75
C ASP B 97 36.47 12.36 50.80
N GLU B 98 35.30 11.86 51.20
CA GLU B 98 35.29 10.78 52.20
C GLU B 98 34.10 9.82 52.30
N GLU B 99 34.01 9.12 53.44
CA GLU B 99 32.96 8.14 53.73
C GLU B 99 31.55 8.71 53.65
N THR B 100 31.02 9.03 54.82
CA THR B 100 29.68 9.59 54.98
C THR B 100 29.18 10.47 53.83
N ALA B 101 27.87 10.40 53.59
CA ALA B 101 27.25 11.17 52.53
C ALA B 101 26.96 12.59 53.03
N ASP B 102 27.13 12.80 54.33
CA ASP B 102 26.88 14.12 54.92
C ASP B 102 27.74 15.23 54.37
N GLY B 103 27.19 16.43 54.40
CA GLY B 103 27.94 17.57 53.93
C GLY B 103 27.92 17.69 52.43
N THR B 104 27.51 16.65 51.72
CA THR B 104 27.46 16.75 50.26
C THR B 104 26.35 17.75 50.02
N LYS B 105 25.34 17.69 50.88
CA LYS B 105 24.23 18.62 50.74
C LYS B 105 24.78 20.04 50.99
N THR B 106 25.73 20.19 51.91
CA THR B 106 26.33 21.50 52.18
C THR B 106 27.18 21.84 50.96
N ALA B 107 28.16 21.00 50.69
CA ALA B 107 29.06 21.22 49.57
C ALA B 107 28.35 21.85 48.39
N VAL B 108 27.19 21.30 48.01
CA VAL B 108 26.46 21.86 46.88
C VAL B 108 25.80 23.21 47.20
N ILE B 109 25.00 23.31 48.27
CA ILE B 109 24.36 24.59 48.60
C ILE B 109 25.38 25.72 48.65
N PHE B 110 26.39 25.57 49.52
CA PHE B 110 27.44 26.57 49.68
C PHE B 110 28.06 26.82 48.32
N SER B 111 28.18 25.75 47.55
CA SER B 111 28.76 25.83 46.21
C SER B 111 28.00 26.84 45.39
N GLY B 112 26.70 26.60 45.26
CA GLY B 112 25.88 27.49 44.50
C GLY B 112 25.80 28.88 45.09
N GLU B 113 25.97 29.00 46.39
CA GLU B 113 25.89 30.33 46.97
C GLU B 113 27.07 31.19 46.57
N LEU B 114 28.26 30.57 46.47
CA LEU B 114 29.46 31.28 46.05
C LEU B 114 29.23 31.75 44.63
N VAL B 115 28.62 30.88 43.83
CA VAL B 115 28.32 31.19 42.46
C VAL B 115 27.41 32.40 42.43
N LYS B 116 26.34 32.37 43.21
CA LYS B 116 25.44 33.51 43.24
C LYS B 116 26.22 34.76 43.59
N LYS B 117 26.76 34.79 44.80
CA LYS B 117 27.49 35.97 45.27
C LYS B 117 28.63 36.35 44.34
N ALA B 118 29.15 35.41 43.54
CA ALA B 118 30.24 35.67 42.59
C ALA B 118 29.65 36.34 41.36
N GLU B 119 28.42 36.00 41.06
CA GLU B 119 27.75 36.57 39.92
C GLU B 119 27.70 38.08 40.09
N ASP B 120 27.43 38.53 41.31
CA ASP B 120 27.34 39.95 41.58
C ASP B 120 28.65 40.67 41.31
N LEU B 121 29.75 39.92 41.37
CA LEU B 121 31.08 40.48 41.13
C LEU B 121 31.27 40.70 39.64
N LEU B 122 30.82 39.74 38.83
CA LEU B 122 30.93 39.86 37.39
C LEU B 122 30.10 41.07 36.95
N TYR B 123 28.98 41.30 37.63
CA TYR B 123 28.11 42.41 37.29
C TYR B 123 28.93 43.69 37.44
N LYS B 124 29.77 43.71 38.47
CA LYS B 124 30.64 44.86 38.73
C LYS B 124 31.84 44.84 37.79
N ASP B 125 31.84 43.89 36.86
CA ASP B 125 32.91 43.80 35.89
C ASP B 125 34.30 43.51 36.46
N VAL B 126 34.44 42.40 37.18
CA VAL B 126 35.74 41.97 37.74
C VAL B 126 36.05 40.61 37.09
N HIS B 127 37.11 40.53 36.28
CA HIS B 127 37.45 39.27 35.61
C HIS B 127 37.29 38.08 36.53
N PRO B 128 36.66 37.01 36.03
CA PRO B 128 36.45 35.82 36.85
C PRO B 128 37.76 35.22 37.38
N THR B 129 38.87 35.46 36.67
CA THR B 129 40.14 34.92 37.09
C THR B 129 40.48 35.48 38.46
N ILE B 130 40.03 36.70 38.72
CA ILE B 130 40.29 37.36 39.99
C ILE B 130 39.40 36.78 41.09
N ILE B 131 38.10 36.62 40.81
CA ILE B 131 37.17 36.06 41.78
C ILE B 131 37.67 34.68 42.22
N ILE B 132 38.41 34.01 41.33
CA ILE B 132 38.96 32.68 41.61
C ILE B 132 40.03 32.76 42.68
N SER B 133 41.02 33.60 42.43
CA SER B 133 42.12 33.79 43.37
C SER B 133 41.54 34.28 44.68
N GLY B 134 40.57 35.17 44.57
CA GLY B 134 39.93 35.70 45.76
C GLY B 134 39.45 34.54 46.60
N TYR B 135 38.62 33.69 45.98
CA TYR B 135 38.06 32.53 46.66
C TYR B 135 39.13 31.57 47.19
N LYS B 136 40.17 31.31 46.41
CA LYS B 136 41.23 30.41 46.84
C LYS B 136 41.80 30.88 48.16
N LYS B 137 42.34 32.10 48.17
CA LYS B 137 42.92 32.67 49.37
C LYS B 137 41.94 32.65 50.54
N ALA B 138 40.66 32.88 50.26
CA ALA B 138 39.62 32.87 51.30
C ALA B 138 39.44 31.45 51.79
N GLU B 139 39.48 30.51 50.87
CA GLU B 139 39.35 29.10 51.22
C GLU B 139 40.47 28.74 52.19
N GLU B 140 41.71 29.08 51.84
CA GLU B 140 42.84 28.77 52.70
C GLU B 140 42.50 29.07 54.13
N VAL B 141 42.33 30.36 54.40
CA VAL B 141 42.00 30.85 55.73
C VAL B 141 40.77 30.21 56.32
N ALA B 142 39.70 30.21 55.55
CA ALA B 142 38.46 29.63 55.98
C ALA B 142 38.76 28.23 56.51
N LEU B 143 39.69 27.57 55.83
CA LEU B 143 40.05 26.21 56.20
C LEU B 143 40.86 26.10 57.50
N GLN B 144 42.06 26.68 57.56
CA GLN B 144 42.88 26.60 58.78
C GLN B 144 42.14 27.14 60.00
N THR B 145 41.16 28.01 59.76
CA THR B 145 40.38 28.60 60.85
C THR B 145 39.59 27.53 61.57
N ILE B 146 39.45 26.38 60.93
CA ILE B 146 38.73 25.26 61.52
C ILE B 146 39.77 24.42 62.27
N GLN B 147 40.95 24.27 61.68
CA GLN B 147 42.02 23.50 62.31
C GLN B 147 42.39 24.14 63.64
N GLU B 148 42.94 25.35 63.56
CA GLU B 148 43.34 26.08 64.77
C GLU B 148 42.11 26.53 65.53
N LEU B 149 41.15 25.64 65.70
CA LEU B 149 39.92 25.96 66.40
C LEU B 149 39.18 24.68 66.78
N ALA B 150 39.41 23.62 66.01
CA ALA B 150 38.77 22.32 66.23
C ALA B 150 39.23 21.76 67.55
N GLN B 151 38.40 20.91 68.15
CA GLN B 151 38.80 20.31 69.41
C GLN B 151 39.13 18.83 69.25
N THR B 152 40.16 18.39 69.98
CA THR B 152 40.66 17.03 69.96
C THR B 152 39.74 15.99 70.58
N VAL B 153 39.21 15.11 69.75
CA VAL B 153 38.32 14.05 70.22
C VAL B 153 38.99 12.69 70.12
N SER B 154 38.92 11.91 71.20
CA SER B 154 39.54 10.59 71.22
C SER B 154 38.49 9.51 71.47
N ILE B 155 38.63 8.39 70.73
CA ILE B 155 37.69 7.25 70.79
C ILE B 155 37.45 6.70 72.21
N ASN B 156 38.26 7.14 73.16
CA ASN B 156 38.12 6.73 74.55
C ASN B 156 36.82 7.33 75.04
N ASP B 157 36.67 8.63 74.81
CA ASP B 157 35.48 9.32 75.25
C ASP B 157 34.27 8.82 74.50
N THR B 158 33.62 7.82 75.08
CA THR B 158 32.44 7.21 74.49
C THR B 158 31.17 8.03 74.69
N ASP B 159 31.17 8.89 75.70
CA ASP B 159 29.99 9.70 75.99
C ASP B 159 29.81 10.86 74.99
N LEU B 160 30.83 11.09 74.18
CA LEU B 160 30.82 12.17 73.18
C LEU B 160 30.23 11.71 71.86
N LEU B 161 30.72 10.57 71.37
CA LEU B 161 30.22 10.01 70.12
C LEU B 161 28.73 9.74 70.24
N ARG B 162 28.27 9.52 71.46
CA ARG B 162 26.85 9.28 71.72
C ARG B 162 26.07 10.48 71.13
N LYS B 163 26.69 11.65 71.15
CA LYS B 163 26.07 12.85 70.62
C LYS B 163 26.33 12.96 69.12
N ILE B 164 27.60 13.08 68.72
CA ILE B 164 27.98 13.19 67.31
C ILE B 164 27.12 12.28 66.42
N ALA B 165 26.69 11.15 66.97
CA ALA B 165 25.87 10.20 66.21
C ALA B 165 24.49 10.81 65.97
N MET B 166 23.89 11.31 67.03
CA MET B 166 22.57 11.91 66.90
C MET B 166 22.62 13.16 66.01
N THR B 167 23.67 13.96 66.17
CA THR B 167 23.85 15.16 65.37
C THR B 167 23.79 14.84 63.87
N SER B 168 23.86 13.56 63.54
CA SER B 168 23.80 13.11 62.14
C SER B 168 22.49 12.43 61.76
N LEU B 169 22.10 11.43 62.55
CA LEU B 169 20.88 10.72 62.27
C LEU B 169 19.61 11.47 62.68
N SER B 170 19.67 12.28 63.74
CA SER B 170 18.48 13.03 64.17
C SER B 170 17.94 13.88 63.01
N SER B 171 18.81 14.15 62.03
CA SER B 171 18.49 14.96 60.86
C SER B 171 17.46 14.32 59.92
N LYS B 172 17.46 12.98 59.82
CA LYS B 172 16.53 12.27 58.93
C LYS B 172 15.10 12.11 59.47
N ALA B 173 14.23 11.59 58.61
CA ALA B 173 12.83 11.39 58.94
C ALA B 173 12.68 10.74 60.30
N VAL B 174 13.16 9.49 60.44
CA VAL B 174 13.07 8.73 61.70
C VAL B 174 13.76 9.34 62.93
N ALA B 175 12.98 10.15 63.68
CA ALA B 175 13.49 10.82 64.88
C ALA B 175 12.87 10.29 66.18
N GLY B 176 12.09 9.22 66.08
CA GLY B 176 11.53 8.64 67.29
C GLY B 176 12.69 7.93 67.97
N ALA B 177 12.69 7.90 69.30
CA ALA B 177 13.74 7.25 70.10
C ALA B 177 15.06 6.94 69.35
N ARG B 178 15.76 8.01 68.94
CA ARG B 178 17.02 7.90 68.21
C ARG B 178 18.20 7.53 69.12
N GLU B 179 18.09 7.86 70.40
CA GLU B 179 19.11 7.53 71.38
C GLU B 179 19.44 6.03 71.27
N TYR B 180 18.37 5.25 71.05
CA TYR B 180 18.45 3.80 70.89
C TYR B 180 19.39 3.46 69.73
N ILE B 181 19.13 4.05 68.55
CA ILE B 181 19.94 3.83 67.35
C ILE B 181 21.31 4.47 67.47
N ALA B 182 21.31 5.68 68.02
CA ALA B 182 22.51 6.47 68.22
C ALA B 182 23.51 5.66 69.02
N ASP B 183 23.06 5.17 70.16
CA ASP B 183 23.92 4.39 71.02
C ASP B 183 24.53 3.21 70.27
N ILE B 184 23.67 2.47 69.56
CA ILE B 184 24.09 1.30 68.79
C ILE B 184 25.25 1.66 67.87
N VAL B 185 25.02 2.67 67.03
CA VAL B 185 25.99 3.15 66.06
C VAL B 185 27.39 3.34 66.66
N VAL B 186 27.45 3.86 67.88
CA VAL B 186 28.72 4.09 68.58
C VAL B 186 29.42 2.77 68.86
N LYS B 187 28.71 1.86 69.52
CA LYS B 187 29.28 0.56 69.84
C LYS B 187 29.73 -0.17 68.56
N ALA B 188 28.89 -0.11 67.53
CA ALA B 188 29.15 -0.76 66.24
C ALA B 188 30.47 -0.39 65.57
N VAL B 189 30.85 0.88 65.68
CA VAL B 189 32.09 1.34 65.06
C VAL B 189 33.30 1.03 65.95
N THR B 190 33.22 1.46 67.22
CA THR B 190 34.32 1.20 68.15
C THR B 190 34.65 -0.28 68.11
N GLN B 191 33.68 -1.09 67.72
CA GLN B 191 33.87 -2.54 67.63
C GLN B 191 34.81 -2.93 66.49
N VAL B 192 34.70 -2.26 65.35
CA VAL B 192 35.53 -2.58 64.19
C VAL B 192 36.86 -1.83 64.11
N ALA B 193 36.92 -0.66 64.75
CA ALA B 193 38.12 0.16 64.75
C ALA B 193 39.38 -0.66 65.03
N GLU B 194 40.53 -0.17 64.53
CA GLU B 194 41.82 -0.81 64.74
C GLU B 194 42.93 0.24 64.82
N LEU B 195 44.13 -0.17 65.18
CA LEU B 195 45.27 0.76 65.28
C LEU B 195 46.48 0.26 64.49
N ARG B 196 46.33 0.11 63.17
CA ARG B 196 47.41 -0.34 62.28
C ARG B 196 48.58 0.64 62.24
N GLY B 197 49.42 0.59 63.28
CA GLY B 197 50.57 1.48 63.39
C GLY B 197 50.14 2.87 63.82
N ASP B 198 49.67 2.98 65.07
CA ASP B 198 49.19 4.23 65.68
C ASP B 198 48.35 5.11 64.74
N LYS B 199 47.84 4.49 63.68
CA LYS B 199 47.02 5.16 62.66
C LYS B 199 45.73 4.36 62.43
N TRP B 200 44.66 4.70 63.16
CA TRP B 200 43.38 4.00 63.07
C TRP B 200 42.91 3.73 61.64
N TYR B 201 42.11 2.68 61.48
CA TYR B 201 41.56 2.31 60.18
C TYR B 201 40.25 1.53 60.38
N VAL B 202 39.12 2.23 60.23
CA VAL B 202 37.81 1.61 60.39
C VAL B 202 37.30 1.20 59.01
N ASP B 203 37.09 -0.10 58.82
CA ASP B 203 36.60 -0.60 57.54
C ASP B 203 35.13 -0.94 57.71
N LEU B 204 34.26 -0.09 57.17
CA LEU B 204 32.82 -0.29 57.29
C LEU B 204 32.30 -1.66 56.82
N ASP B 205 32.98 -2.24 55.84
CA ASP B 205 32.58 -3.55 55.32
C ASP B 205 32.45 -4.62 56.41
N ASN B 206 33.11 -4.39 57.55
CA ASN B 206 33.07 -5.33 58.67
C ASN B 206 31.76 -5.25 59.43
N ILE B 207 30.77 -4.60 58.82
CA ILE B 207 29.45 -4.45 59.43
C ILE B 207 28.37 -4.74 58.39
N GLN B 208 27.49 -5.70 58.68
CA GLN B 208 26.43 -6.03 57.74
C GLN B 208 25.14 -5.38 58.23
N ILE B 209 24.28 -5.02 57.28
CA ILE B 209 23.02 -4.37 57.58
C ILE B 209 21.87 -5.10 56.88
N VAL B 210 21.04 -5.77 57.65
CA VAL B 210 19.89 -6.51 57.12
C VAL B 210 18.59 -5.92 57.66
N LYS B 211 17.56 -5.88 56.82
CA LYS B 211 16.28 -5.32 57.24
C LYS B 211 15.02 -6.07 56.80
N LYS B 212 14.07 -6.21 57.73
CA LYS B 212 12.77 -6.87 57.47
C LYS B 212 11.68 -6.23 58.32
N ALA B 213 10.58 -5.85 57.66
CA ALA B 213 9.43 -5.21 58.31
C ALA B 213 9.10 -5.82 59.67
N GLY B 214 8.15 -5.22 60.39
CA GLY B 214 7.78 -5.76 61.67
C GLY B 214 7.90 -4.79 62.83
N GLY B 215 6.84 -4.71 63.65
CA GLY B 215 6.84 -3.81 64.79
C GLY B 215 7.43 -2.45 64.52
N SER B 216 7.92 -1.79 65.56
CA SER B 216 8.53 -0.47 65.42
C SER B 216 10.04 -0.56 65.23
N ILE B 217 10.72 0.58 65.18
CA ILE B 217 12.16 0.59 65.01
C ILE B 217 12.89 0.19 66.29
N ASN B 218 12.22 0.29 67.43
CA ASN B 218 12.81 -0.09 68.71
C ASN B 218 13.05 -1.59 68.76
N ASP B 219 12.42 -2.30 67.82
CA ASP B 219 12.54 -3.76 67.72
C ASP B 219 13.76 -4.16 66.87
N THR B 220 14.67 -3.21 66.65
CA THR B 220 15.88 -3.45 65.87
C THR B 220 17.02 -3.70 66.86
N GLN B 221 18.00 -4.53 66.48
CA GLN B 221 19.11 -4.78 67.37
C GLN B 221 20.36 -5.16 66.58
N LEU B 222 21.51 -5.11 67.24
CA LEU B 222 22.80 -5.44 66.63
C LEU B 222 23.25 -6.82 67.10
N VAL B 223 23.73 -7.64 66.17
CA VAL B 223 24.18 -8.99 66.48
C VAL B 223 25.70 -9.05 66.37
N TYR B 224 26.35 -9.69 67.34
CA TYR B 224 27.81 -9.79 67.31
C TYR B 224 28.35 -10.87 66.39
N GLY B 225 27.88 -10.82 65.15
CA GLY B 225 28.28 -11.78 64.14
C GLY B 225 27.39 -11.55 62.94
N ILE B 226 27.67 -12.27 61.86
CA ILE B 226 26.89 -12.14 60.62
C ILE B 226 25.45 -12.71 60.77
N VAL B 227 24.50 -12.13 60.03
CA VAL B 227 23.12 -12.58 60.06
C VAL B 227 22.56 -12.79 58.66
N VAL B 228 22.22 -14.04 58.34
CA VAL B 228 21.70 -14.37 57.00
C VAL B 228 20.17 -14.39 56.88
N ASP B 229 19.63 -13.48 56.08
CA ASP B 229 18.18 -13.43 55.89
C ASP B 229 17.71 -14.44 54.83
N LYS B 230 17.47 -15.69 55.26
CA LYS B 230 16.95 -16.75 54.39
C LYS B 230 16.72 -17.97 55.28
N GLU B 231 15.48 -18.44 55.30
CA GLU B 231 15.06 -19.61 56.09
C GLU B 231 15.87 -20.86 55.69
N VAL B 232 16.03 -21.81 56.61
CA VAL B 232 16.78 -23.05 56.31
C VAL B 232 16.12 -23.77 55.15
N VAL B 233 16.85 -24.70 54.55
CA VAL B 233 16.33 -25.41 53.39
C VAL B 233 15.34 -26.54 53.69
N HIS B 234 15.61 -27.32 54.72
CA HIS B 234 14.73 -28.44 55.06
C HIS B 234 14.41 -28.46 56.55
N PRO B 235 13.16 -28.82 56.93
CA PRO B 235 12.76 -28.86 58.34
C PRO B 235 13.43 -29.97 59.14
N GLY B 236 13.93 -30.98 58.43
CA GLY B 236 14.59 -32.09 59.09
C GLY B 236 16.06 -31.83 59.35
N MET B 237 16.46 -30.58 59.52
CA MET B 237 17.86 -30.26 59.76
C MET B 237 18.08 -29.61 61.11
N PRO B 238 19.30 -29.74 61.64
CA PRO B 238 19.65 -29.15 62.93
C PRO B 238 19.44 -27.64 62.90
N LYS B 239 18.50 -27.15 63.70
CA LYS B 239 18.21 -25.72 63.77
C LYS B 239 19.04 -25.03 64.86
N ARG B 240 20.15 -25.65 65.29
CA ARG B 240 21.00 -25.09 66.34
C ARG B 240 22.23 -25.96 66.53
N LEU B 241 23.39 -25.54 66.01
CA LEU B 241 24.62 -26.34 66.17
C LEU B 241 25.65 -25.71 67.11
N GLU B 242 26.24 -26.52 67.97
CA GLU B 242 27.24 -26.02 68.92
C GLU B 242 28.59 -26.09 68.22
N ASN B 243 29.38 -25.04 68.33
CA ASN B 243 30.68 -25.04 67.68
C ASN B 243 30.55 -25.49 66.23
N ALA B 244 30.13 -24.60 65.34
CA ALA B 244 29.95 -24.95 63.94
C ALA B 244 31.20 -24.73 63.11
N LYS B 245 31.23 -25.36 61.94
CA LYS B 245 32.35 -25.25 61.02
C LYS B 245 31.79 -24.96 59.62
N ILE B 246 31.41 -23.71 59.41
CA ILE B 246 30.82 -23.23 58.16
C ILE B 246 31.59 -23.58 56.89
N ALA B 247 30.83 -23.92 55.84
CA ALA B 247 31.40 -24.24 54.53
C ALA B 247 30.75 -23.38 53.43
N LEU B 248 31.41 -22.28 53.09
CA LEU B 248 30.93 -21.35 52.08
C LEU B 248 31.08 -21.94 50.69
N ILE B 249 30.09 -22.69 50.24
CA ILE B 249 30.16 -23.32 48.94
C ILE B 249 29.44 -22.56 47.84
N ASP B 250 30.19 -21.90 46.98
CA ASP B 250 29.60 -21.16 45.89
C ASP B 250 29.68 -21.91 44.57
N ALA B 251 28.59 -22.59 44.24
CA ALA B 251 28.48 -23.34 43.01
C ALA B 251 27.18 -24.14 42.95
N SER B 252 26.89 -24.68 41.77
CA SER B 252 25.69 -25.47 41.51
C SER B 252 25.60 -26.74 42.37
N LEU B 253 24.48 -26.89 43.07
CA LEU B 253 24.31 -28.05 43.94
C LEU B 253 22.91 -28.72 43.78
N GLU B 254 22.60 -29.12 42.56
CA GLU B 254 21.31 -29.73 42.25
C GLU B 254 21.48 -30.83 41.20
N VAL B 255 20.57 -31.79 41.15
CA VAL B 255 20.71 -32.86 40.15
C VAL B 255 21.02 -32.25 38.80
N GLU B 256 21.95 -32.87 38.07
CA GLU B 256 22.34 -32.36 36.75
C GLU B 256 21.25 -32.69 35.70
N LYS B 257 20.71 -31.65 35.06
CA LYS B 257 19.77 -31.90 34.00
C LYS B 257 20.71 -32.69 33.12
N PRO B 258 20.23 -33.82 32.63
CA PRO B 258 21.03 -34.68 31.75
C PRO B 258 20.58 -34.60 30.31
N GLU B 259 19.53 -33.83 30.04
CA GLU B 259 19.02 -33.71 28.67
C GLU B 259 20.02 -33.07 27.72
N LEU B 260 20.68 -32.00 28.17
CA LEU B 260 21.65 -31.33 27.31
C LEU B 260 22.80 -32.26 26.98
N ASP B 261 23.25 -33.00 27.99
CA ASP B 261 24.33 -33.95 27.80
C ASP B 261 23.92 -35.06 26.85
N ALA B 262 22.68 -35.53 26.99
CA ALA B 262 22.17 -36.60 26.14
C ALA B 262 20.67 -36.54 25.85
N GLU B 263 20.29 -37.21 24.77
CA GLU B 263 18.92 -37.29 24.31
C GLU B 263 18.94 -38.81 24.16
N ILE B 264 17.96 -39.53 24.67
CA ILE B 264 18.07 -40.98 24.53
C ILE B 264 16.75 -41.68 24.60
N ARG B 265 16.71 -42.95 24.20
CA ARG B 265 15.39 -43.60 24.28
C ARG B 265 15.40 -44.48 25.56
N ILE B 266 14.36 -45.30 25.74
CA ILE B 266 14.26 -46.21 26.90
C ILE B 266 13.26 -47.34 26.58
N ASN B 267 13.54 -48.51 27.13
CA ASN B 267 12.73 -49.70 26.90
C ASN B 267 11.98 -50.21 28.15
N ASP B 268 12.72 -51.02 28.94
CA ASP B 268 12.27 -51.66 30.18
C ASP B 268 12.64 -50.84 31.44
N PRO B 269 11.96 -51.10 32.59
CA PRO B 269 12.13 -50.46 33.90
C PRO B 269 13.47 -50.75 34.60
N THR B 270 14.13 -51.80 34.12
CA THR B 270 15.42 -52.23 34.64
C THR B 270 16.43 -51.09 34.40
N GLN B 271 16.29 -50.45 33.23
CA GLN B 271 17.12 -49.33 32.78
C GLN B 271 16.86 -48.06 33.59
N MET B 272 15.58 -47.85 33.91
CA MET B 272 15.13 -46.69 34.67
C MET B 272 15.90 -46.57 35.98
N GLN B 273 15.70 -47.55 36.85
CA GLN B 273 16.34 -47.60 38.15
C GLN B 273 17.80 -47.18 38.10
N LYS B 274 18.65 -48.03 37.50
CA LYS B 274 20.06 -47.72 37.42
C LYS B 274 20.35 -46.33 36.82
N PHE B 275 19.33 -45.71 36.23
CA PHE B 275 19.50 -44.38 35.65
C PHE B 275 19.36 -43.28 36.71
N LEU B 276 18.21 -43.27 37.38
CA LEU B 276 17.92 -42.28 38.42
C LEU B 276 18.69 -42.56 39.69
N ASP B 277 19.15 -43.80 39.85
CA ASP B 277 19.89 -44.16 41.04
C ASP B 277 21.28 -43.58 41.01
N GLU B 278 22.04 -43.85 39.95
CA GLU B 278 23.38 -43.30 39.85
C GLU B 278 23.36 -41.78 39.68
N GLU B 279 22.31 -41.28 39.03
CA GLU B 279 22.15 -39.84 38.80
C GLU B 279 21.90 -39.11 40.12
N GLU B 280 21.30 -39.84 41.07
CA GLU B 280 21.00 -39.32 42.41
C GLU B 280 22.28 -39.41 43.21
N ASN B 281 23.07 -40.45 42.93
CA ASN B 281 24.34 -40.68 43.60
C ASN B 281 25.40 -39.69 43.11
N LEU B 282 25.13 -39.04 41.98
CA LEU B 282 26.05 -38.07 41.41
C LEU B 282 26.13 -36.80 42.27
N ILE B 283 24.98 -36.36 42.78
CA ILE B 283 24.87 -35.16 43.62
C ILE B 283 25.38 -35.46 45.02
N LYS B 284 25.10 -36.67 45.50
CA LYS B 284 25.53 -37.12 46.82
C LYS B 284 27.06 -37.08 46.83
N GLU B 285 27.65 -37.20 45.64
CA GLU B 285 29.09 -37.16 45.51
C GLU B 285 29.60 -35.78 45.90
N LYS B 286 29.07 -34.76 45.25
CA LYS B 286 29.48 -33.42 45.56
C LYS B 286 29.30 -33.20 47.06
N VAL B 287 28.15 -33.65 47.60
CA VAL B 287 27.88 -33.49 49.03
C VAL B 287 28.94 -34.15 49.93
N ASP B 288 29.30 -35.40 49.64
CA ASP B 288 30.31 -36.11 50.45
C ASP B 288 31.68 -35.49 50.27
N LYS B 289 31.95 -34.99 49.06
CA LYS B 289 33.23 -34.37 48.73
C LYS B 289 33.42 -33.08 49.51
N ILE B 290 32.30 -32.49 49.93
CA ILE B 290 32.27 -31.25 50.70
C ILE B 290 32.33 -31.60 52.19
N LEU B 291 31.55 -32.60 52.59
CA LEU B 291 31.53 -33.06 53.97
C LEU B 291 32.89 -33.69 54.25
N ALA B 292 33.68 -33.89 53.19
CA ALA B 292 35.03 -34.47 53.26
C ALA B 292 35.92 -33.62 54.18
N THR B 293 35.45 -32.41 54.46
CA THR B 293 36.17 -31.49 55.32
C THR B 293 35.51 -31.58 56.69
N GLY B 294 34.29 -32.10 56.69
CA GLY B 294 33.54 -32.25 57.92
C GLY B 294 33.07 -30.90 58.41
N ALA B 295 31.99 -30.41 57.79
CA ALA B 295 31.44 -29.11 58.17
C ALA B 295 30.07 -29.30 58.83
N ASN B 296 29.79 -28.54 59.86
CA ASN B 296 28.52 -28.64 60.56
C ASN B 296 27.42 -27.98 59.76
N VAL B 297 27.81 -26.93 59.05
CA VAL B 297 26.87 -26.17 58.26
C VAL B 297 27.49 -25.86 56.90
N ILE B 298 26.63 -25.73 55.90
CA ILE B 298 27.03 -25.46 54.52
C ILE B 298 25.96 -24.58 53.82
N ILE B 299 26.35 -23.38 53.37
CA ILE B 299 25.42 -22.45 52.69
C ILE B 299 25.99 -22.06 51.33
N CYS B 300 25.12 -21.89 50.33
CA CYS B 300 25.58 -21.52 48.99
C CYS B 300 24.73 -20.40 48.39
N GLN B 301 25.06 -19.99 47.16
CA GLN B 301 24.30 -18.95 46.49
C GLN B 301 23.66 -19.46 45.21
N LYS B 302 23.05 -20.64 45.26
CA LYS B 302 22.39 -21.22 44.09
C LYS B 302 21.26 -22.12 44.60
N GLY B 303 20.43 -22.63 43.69
CA GLY B 303 19.34 -23.50 44.09
C GLY B 303 19.80 -24.92 44.47
N ILE B 304 19.45 -25.35 45.68
CA ILE B 304 19.82 -26.70 46.16
C ILE B 304 18.71 -27.73 45.91
N ASP B 305 19.08 -28.83 45.26
CA ASP B 305 18.13 -29.88 44.95
C ASP B 305 17.35 -30.35 46.18
N GLU B 306 16.08 -30.72 45.96
CA GLU B 306 15.20 -31.18 47.03
C GLU B 306 15.53 -32.60 47.52
N VAL B 307 16.16 -33.38 46.65
CA VAL B 307 16.57 -34.75 46.97
C VAL B 307 17.87 -34.67 47.78
N ALA B 308 18.68 -33.67 47.45
CA ALA B 308 19.97 -33.41 48.11
C ALA B 308 19.73 -32.88 49.50
N GLN B 309 18.51 -32.41 49.73
CA GLN B 309 18.13 -31.88 51.03
C GLN B 309 17.87 -33.06 51.97
N SER B 310 17.12 -34.04 51.46
CA SER B 310 16.79 -35.23 52.25
C SER B 310 18.08 -35.95 52.64
N TYR B 311 19.11 -35.79 51.82
CA TYR B 311 20.41 -36.40 52.07
C TYR B 311 21.15 -35.66 53.19
N LEU B 312 21.18 -34.34 53.07
CA LEU B 312 21.85 -33.49 54.06
C LEU B 312 21.08 -33.58 55.36
N ALA B 313 19.77 -33.76 55.23
CA ALA B 313 18.87 -33.88 56.37
C ALA B 313 19.18 -35.16 57.15
N LYS B 314 19.41 -36.25 56.41
CA LYS B 314 19.71 -37.54 57.03
C LYS B 314 21.12 -37.51 57.62
N LYS B 315 21.98 -36.65 57.06
CA LYS B 315 23.37 -36.52 57.51
C LYS B 315 23.50 -35.65 58.76
N GLY B 316 22.52 -34.78 58.98
CA GLY B 316 22.56 -33.89 60.13
C GLY B 316 23.30 -32.59 59.87
N VAL B 317 23.17 -32.06 58.65
CA VAL B 317 23.81 -30.81 58.24
C VAL B 317 22.77 -29.68 58.17
N LEU B 318 23.23 -28.44 58.35
CA LEU B 318 22.35 -27.27 58.26
C LEU B 318 22.72 -26.52 56.99
N ALA B 319 21.82 -26.51 56.00
CA ALA B 319 22.09 -25.85 54.73
C ALA B 319 21.09 -24.75 54.37
N VAL B 320 21.56 -23.74 53.64
CA VAL B 320 20.72 -22.62 53.21
C VAL B 320 20.74 -22.47 51.68
N ARG B 321 19.56 -22.22 51.10
CA ARG B 321 19.39 -22.05 49.64
C ARG B 321 20.15 -20.88 49.04
N ARG B 322 19.57 -20.24 48.04
CA ARG B 322 20.19 -19.11 47.39
C ARG B 322 20.38 -18.03 48.47
N ALA B 323 21.48 -17.29 48.38
CA ALA B 323 21.79 -16.22 49.34
C ALA B 323 22.72 -15.22 48.63
N LYS B 324 22.34 -13.94 48.57
CA LYS B 324 23.16 -12.91 47.88
C LYS B 324 24.66 -13.03 48.21
N LYS B 325 25.48 -13.15 47.17
CA LYS B 325 26.95 -13.27 47.32
C LYS B 325 27.40 -12.13 48.23
N SER B 326 26.62 -11.04 48.19
CA SER B 326 26.85 -9.82 48.95
C SER B 326 27.14 -10.10 50.44
N ASP B 327 26.54 -11.16 50.98
CA ASP B 327 26.71 -11.53 52.38
C ASP B 327 27.67 -12.69 52.59
N LEU B 328 27.89 -13.50 51.56
CA LEU B 328 28.81 -14.62 51.68
C LEU B 328 30.20 -14.06 52.00
N GLU B 329 30.58 -13.00 51.30
CA GLU B 329 31.87 -12.38 51.53
C GLU B 329 31.96 -11.86 52.97
N LYS B 330 30.99 -11.02 53.37
CA LYS B 330 30.95 -10.44 54.73
C LYS B 330 31.01 -11.55 55.78
N LEU B 331 30.52 -12.73 55.40
CA LEU B 331 30.50 -13.90 56.27
C LEU B 331 31.80 -14.69 56.11
N ALA B 332 32.46 -14.50 54.97
CA ALA B 332 33.71 -15.17 54.67
C ALA B 332 34.80 -14.78 55.66
N ARG B 333 35.28 -13.54 55.55
CA ARG B 333 36.33 -13.06 56.43
C ARG B 333 35.83 -12.73 57.83
N ALA B 334 34.56 -13.02 58.09
CA ALA B 334 34.01 -12.78 59.42
C ALA B 334 34.13 -14.07 60.27
N THR B 335 34.18 -15.21 59.59
CA THR B 335 34.32 -16.50 60.27
C THR B 335 35.62 -17.21 59.88
N GLY B 336 36.52 -16.47 59.23
CA GLY B 336 37.79 -17.04 58.82
C GLY B 336 37.65 -18.25 57.94
N GLY B 337 37.01 -18.07 56.79
CA GLY B 337 36.83 -19.17 55.87
C GLY B 337 37.00 -18.68 54.45
N ARG B 338 36.96 -19.59 53.48
CA ARG B 338 37.09 -19.21 52.08
C ARG B 338 35.77 -19.51 51.37
N VAL B 339 35.50 -18.81 50.27
CA VAL B 339 34.28 -19.04 49.51
C VAL B 339 34.60 -20.04 48.41
N VAL B 340 34.40 -21.32 48.71
CA VAL B 340 34.69 -22.41 47.78
C VAL B 340 34.23 -22.21 46.34
N SER B 341 35.21 -22.04 45.46
CA SER B 341 35.01 -21.82 44.03
C SER B 341 34.59 -23.15 43.37
N ASN B 342 35.51 -24.11 43.45
CA ASN B 342 35.36 -25.45 42.87
C ASN B 342 35.34 -26.50 43.98
N ILE B 343 34.22 -27.21 44.12
CA ILE B 343 34.04 -28.24 45.17
C ILE B 343 35.15 -29.31 45.24
N ASP B 344 35.77 -29.59 44.09
CA ASP B 344 36.83 -30.59 44.00
C ASP B 344 38.16 -30.04 44.52
N GLU B 345 38.11 -28.88 45.17
CA GLU B 345 39.32 -28.22 45.69
C GLU B 345 39.24 -27.86 47.16
N ILE B 346 38.09 -28.13 47.78
CA ILE B 346 37.90 -27.81 49.18
C ILE B 346 39.03 -28.33 50.06
N SER B 347 39.43 -27.53 51.05
CA SER B 347 40.51 -27.91 51.96
C SER B 347 40.03 -27.95 53.40
N GLU B 348 40.86 -28.58 54.24
CA GLU B 348 40.57 -28.72 55.65
C GLU B 348 40.66 -27.34 56.32
N GLN B 349 40.62 -26.28 55.51
CA GLN B 349 40.71 -24.94 56.04
C GLN B 349 39.75 -23.95 55.40
N ASP B 350 39.38 -24.18 54.14
CA ASP B 350 38.46 -23.28 53.44
C ASP B 350 37.15 -23.04 54.17
N LEU B 351 36.92 -23.80 55.24
CA LEU B 351 35.70 -23.69 56.04
C LEU B 351 35.91 -22.82 57.27
N GLY B 352 35.02 -21.86 57.48
CA GLY B 352 35.13 -20.98 58.62
C GLY B 352 34.53 -21.58 59.89
N TYR B 353 35.02 -21.13 61.04
CA TYR B 353 34.53 -21.62 62.33
C TYR B 353 33.59 -20.63 62.98
N ALA B 354 32.78 -21.14 63.90
CA ALA B 354 31.83 -20.31 64.62
C ALA B 354 31.65 -20.86 66.02
N SER B 355 30.66 -20.34 66.73
CA SER B 355 30.38 -20.78 68.10
C SER B 355 28.97 -21.28 68.29
N LEU B 356 28.02 -20.61 67.67
CA LEU B 356 26.62 -21.03 67.80
C LEU B 356 25.84 -20.48 66.62
N ILE B 357 25.10 -21.36 65.95
CA ILE B 357 24.27 -20.95 64.83
C ILE B 357 22.83 -21.11 65.34
N GLU B 358 21.92 -20.24 64.87
CA GLU B 358 20.52 -20.29 65.30
C GLU B 358 19.61 -19.85 64.17
N GLU B 359 18.31 -19.98 64.41
CA GLU B 359 17.33 -19.60 63.41
C GLU B 359 16.06 -19.07 64.09
N ARG B 360 16.16 -18.00 64.88
CA ARG B 360 14.98 -17.46 65.54
C ARG B 360 14.02 -16.83 64.52
N LYS B 361 12.72 -17.08 64.69
CA LYS B 361 11.70 -16.54 63.79
C LYS B 361 11.39 -15.10 64.16
N VAL B 362 12.42 -14.28 64.35
CA VAL B 362 12.25 -12.88 64.72
C VAL B 362 11.39 -12.11 63.69
N GLY B 363 10.38 -11.42 64.23
CA GLY B 363 9.46 -10.64 63.42
C GLY B 363 8.34 -11.49 62.86
N GLU B 364 8.52 -11.98 61.64
CA GLU B 364 7.55 -12.84 60.97
C GLU B 364 8.27 -14.04 60.37
N ASP B 365 9.21 -13.77 59.47
CA ASP B 365 9.97 -14.84 58.83
C ASP B 365 11.07 -15.35 59.75
N LYS B 366 11.78 -16.38 59.30
CA LYS B 366 12.86 -16.94 60.09
C LYS B 366 14.19 -16.66 59.40
N MET B 367 15.16 -16.23 60.21
CA MET B 367 16.50 -15.90 59.73
C MET B 367 17.56 -16.69 60.48
N VAL B 368 18.70 -16.89 59.81
CA VAL B 368 19.83 -17.63 60.37
C VAL B 368 20.83 -16.67 61.05
N PHE B 369 21.33 -17.05 62.22
CA PHE B 369 22.30 -16.22 62.92
C PHE B 369 23.59 -17.00 63.05
N VAL B 370 24.70 -16.28 63.11
CA VAL B 370 26.01 -16.93 63.23
C VAL B 370 26.75 -16.13 64.30
N GLU B 371 26.22 -16.14 65.50
CA GLU B 371 26.82 -15.41 66.60
C GLU B 371 28.13 -16.02 67.12
N GLY B 372 28.96 -15.16 67.71
CA GLY B 372 30.25 -15.59 68.25
C GLY B 372 31.21 -16.20 67.24
N ALA B 373 31.34 -15.59 66.06
CA ALA B 373 32.23 -16.10 65.01
C ALA B 373 33.68 -16.23 65.45
N LYS B 374 34.54 -16.68 64.54
CA LYS B 374 35.96 -16.85 64.86
C LYS B 374 36.62 -15.49 64.90
N ASN B 375 36.18 -14.60 64.03
CA ASN B 375 36.72 -13.25 63.98
C ASN B 375 35.85 -12.32 64.83
N PRO B 376 36.43 -11.72 65.89
CA PRO B 376 35.71 -10.81 66.80
C PRO B 376 35.12 -9.55 66.15
N LYS B 377 35.99 -8.64 65.74
CA LYS B 377 35.60 -7.38 65.10
C LYS B 377 34.87 -7.64 63.80
N SER B 378 33.59 -7.96 63.92
CA SER B 378 32.76 -8.26 62.76
C SER B 378 31.32 -8.42 63.26
N ILE B 379 30.52 -7.37 63.16
CA ILE B 379 29.13 -7.44 63.60
C ILE B 379 28.17 -6.91 62.54
N SER B 380 26.88 -7.12 62.77
CA SER B 380 25.86 -6.67 61.83
C SER B 380 24.71 -5.98 62.58
N ILE B 381 23.92 -5.20 61.85
CA ILE B 381 22.78 -4.49 62.44
C ILE B 381 21.49 -4.94 61.77
N LEU B 382 20.42 -5.06 62.55
CA LEU B 382 19.13 -5.48 62.01
C LEU B 382 18.10 -4.37 62.15
N ILE B 383 17.67 -3.82 61.02
CA ILE B 383 16.67 -2.75 60.99
C ILE B 383 15.26 -3.34 60.83
N ARG B 384 14.30 -2.74 61.53
CA ARG B 384 12.92 -3.19 61.46
C ARG B 384 11.99 -2.00 61.67
N GLY B 385 11.99 -1.08 60.73
CA GLY B 385 11.14 0.10 60.82
C GLY B 385 9.64 -0.17 60.95
N GLY B 386 9.19 -1.29 60.39
CA GLY B 386 7.78 -1.64 60.45
C GLY B 386 7.17 -1.63 59.06
N LEU B 387 7.02 -0.44 58.47
CA LEU B 387 6.44 -0.31 57.13
C LEU B 387 7.50 -0.59 56.04
N GLU B 388 7.04 -1.06 54.89
CA GLU B 388 7.94 -1.39 53.78
C GLU B 388 8.88 -0.26 53.31
N ARG B 389 8.51 0.98 53.60
CA ARG B 389 9.30 2.14 53.19
C ARG B 389 10.00 2.84 54.35
N LEU B 390 9.35 2.86 55.52
CA LEU B 390 9.92 3.48 56.71
C LEU B 390 11.25 2.78 57.04
N VAL B 391 11.28 1.47 56.84
CA VAL B 391 12.47 0.68 57.10
C VAL B 391 13.60 1.09 56.17
N ASP B 392 13.25 1.32 54.91
CA ASP B 392 14.24 1.70 53.89
C ASP B 392 15.05 2.95 54.23
N GLU B 393 14.36 4.03 54.64
CA GLU B 393 15.07 5.26 54.97
C GLU B 393 15.79 5.20 56.32
N THR B 394 15.48 4.21 57.14
CA THR B 394 16.15 4.06 58.43
C THR B 394 17.56 3.54 58.10
N GLU B 395 17.64 2.78 57.02
CA GLU B 395 18.89 2.22 56.54
C GLU B 395 19.74 3.33 55.98
N ARG B 396 19.13 4.34 55.36
CA ARG B 396 19.92 5.44 54.81
C ARG B 396 20.55 6.18 55.97
N ALA B 397 19.70 6.65 56.87
CA ALA B 397 20.14 7.38 58.05
C ALA B 397 21.24 6.64 58.81
N LEU B 398 21.06 5.33 58.95
CA LEU B 398 21.99 4.49 59.68
C LEU B 398 23.34 4.38 58.98
N ARG B 399 23.30 4.27 57.64
CA ARG B 399 24.51 4.16 56.82
C ARG B 399 25.36 5.38 57.02
N ASP B 400 24.74 6.53 56.84
CA ASP B 400 25.41 7.81 56.98
C ASP B 400 25.87 8.00 58.42
N ALA B 401 25.00 7.67 59.37
CA ALA B 401 25.32 7.79 60.78
C ALA B 401 26.59 7.04 61.15
N LEU B 402 26.71 5.81 60.65
CA LEU B 402 27.87 4.97 60.91
C LEU B 402 29.08 5.62 60.24
N GLY B 403 28.98 5.83 58.93
CA GLY B 403 30.07 6.46 58.20
C GLY B 403 30.65 7.64 58.93
N THR B 404 29.82 8.65 59.21
CA THR B 404 30.30 9.84 59.90
C THR B 404 31.05 9.59 61.20
N VAL B 405 30.48 8.76 62.07
CA VAL B 405 31.11 8.43 63.34
C VAL B 405 32.51 7.85 63.14
N ALA B 406 32.64 7.01 62.12
CA ALA B 406 33.91 6.37 61.81
C ALA B 406 34.91 7.43 61.35
N ASP B 407 34.41 8.46 60.68
CA ASP B 407 35.28 9.51 60.21
C ASP B 407 35.84 10.33 61.37
N VAL B 408 35.07 10.49 62.43
CA VAL B 408 35.56 11.27 63.58
C VAL B 408 36.81 10.59 64.14
N ILE B 409 36.76 9.26 64.19
CA ILE B 409 37.86 8.44 64.72
C ILE B 409 39.08 8.41 63.80
N LYS B 410 38.84 8.21 62.51
CA LYS B 410 39.91 8.16 61.54
C LYS B 410 40.72 9.46 61.55
N ASP B 411 40.07 10.57 61.91
CA ASP B 411 40.75 11.86 61.96
C ASP B 411 41.14 12.23 63.39
N GLY B 412 40.17 12.63 64.21
CA GLY B 412 40.46 12.99 65.58
C GLY B 412 40.14 14.43 65.97
N ARG B 413 39.55 15.18 65.04
CA ARG B 413 39.18 16.57 65.27
C ARG B 413 37.67 16.72 65.09
N ALA B 414 37.03 17.50 65.97
CA ALA B 414 35.58 17.71 65.90
C ALA B 414 35.15 19.08 66.45
N ILE B 415 34.30 19.78 65.69
CA ILE B 415 33.80 21.11 66.09
C ILE B 415 32.30 21.13 66.32
N ALA B 416 31.83 22.21 66.95
CA ALA B 416 30.42 22.36 67.24
C ALA B 416 29.71 22.81 65.98
N GLY B 417 28.66 22.10 65.62
CA GLY B 417 27.91 22.48 64.45
C GLY B 417 26.77 23.34 64.91
N GLY B 418 26.17 24.10 64.01
CA GLY B 418 25.06 24.96 64.38
C GLY B 418 25.21 26.30 63.75
N GLY B 419 26.18 26.40 62.84
CA GLY B 419 26.45 27.65 62.15
C GLY B 419 27.56 28.36 62.88
N ALA B 420 27.95 27.76 64.00
CA ALA B 420 29.00 28.29 64.84
C ALA B 420 30.23 28.53 64.00
N VAL B 421 30.72 27.48 63.36
CA VAL B 421 31.92 27.63 62.55
C VAL B 421 31.74 28.54 61.33
N GLU B 422 30.52 28.66 60.84
CA GLU B 422 30.30 29.50 59.69
C GLU B 422 30.65 30.90 60.10
N ILE B 423 29.83 31.47 60.99
CA ILE B 423 30.06 32.85 61.42
C ILE B 423 31.53 33.16 61.81
N GLU B 424 32.22 32.19 62.39
CA GLU B 424 33.60 32.41 62.79
C GLU B 424 34.44 32.55 61.55
N ILE B 425 34.35 31.55 60.67
CA ILE B 425 35.07 31.56 59.40
C ILE B 425 34.76 32.87 58.68
N ALA B 426 33.61 33.46 58.99
CA ALA B 426 33.22 34.70 58.35
C ALA B 426 34.04 35.77 59.00
N LYS B 427 33.65 36.16 60.21
CA LYS B 427 34.33 37.20 60.95
C LYS B 427 35.84 37.17 60.75
N LYS B 428 36.45 36.03 61.05
CA LYS B 428 37.91 35.87 60.91
C LYS B 428 38.33 36.24 59.49
N LEU B 429 37.45 35.95 58.54
CA LEU B 429 37.70 36.21 57.13
C LEU B 429 37.60 37.72 56.81
N ARG B 430 36.63 38.41 57.41
CA ARG B 430 36.43 39.84 57.17
C ARG B 430 37.63 40.63 57.59
N LYS B 431 38.19 40.30 58.76
CA LYS B 431 39.36 41.00 59.25
C LYS B 431 40.52 40.72 58.30
N TYR B 432 40.49 39.58 57.61
CA TYR B 432 41.54 39.21 56.66
C TYR B 432 41.46 40.03 55.37
N ALA B 433 40.30 39.99 54.72
CA ALA B 433 40.10 40.72 53.47
C ALA B 433 40.90 42.02 53.31
N PRO B 434 40.66 43.00 54.19
CA PRO B 434 41.38 44.28 54.10
C PRO B 434 42.81 44.19 53.58
N GLN B 435 43.56 43.23 54.06
CA GLN B 435 44.94 43.14 53.63
C GLN B 435 45.18 42.34 52.37
N VAL B 436 44.24 41.48 52.02
CA VAL B 436 44.41 40.64 50.84
C VAL B 436 44.77 41.41 49.56
N GLY B 437 44.08 42.51 49.30
CA GLY B 437 44.38 43.26 48.09
C GLY B 437 43.24 44.11 47.56
N GLY B 438 43.46 44.67 46.38
CA GLY B 438 42.47 45.54 45.76
C GLY B 438 41.15 44.86 45.49
N LYS B 439 41.04 44.31 44.29
CA LYS B 439 39.80 43.65 43.90
C LYS B 439 39.55 42.35 44.63
N GLU B 440 40.57 41.50 44.72
CA GLU B 440 40.43 40.23 45.41
C GLU B 440 39.74 40.36 46.75
N GLN B 441 39.90 41.52 47.37
CA GLN B 441 39.29 41.77 48.66
C GLN B 441 37.81 41.50 48.55
N LEU B 442 37.19 42.17 47.59
CA LEU B 442 35.77 42.01 47.35
C LEU B 442 35.41 40.55 47.19
N ALA B 443 36.28 39.81 46.53
CA ALA B 443 36.04 38.38 46.34
C ALA B 443 35.93 37.72 47.71
N VAL B 444 36.91 38.00 48.56
CA VAL B 444 36.96 37.44 49.90
C VAL B 444 35.78 37.91 50.76
N GLU B 445 35.52 39.22 50.79
CA GLU B 445 34.41 39.69 51.60
C GLU B 445 33.17 38.94 51.17
N ALA B 446 33.09 38.67 49.88
CA ALA B 446 31.99 37.94 49.27
C ALA B 446 31.98 36.51 49.78
N TYR B 447 33.10 35.81 49.59
CA TYR B 447 33.24 34.43 50.06
C TYR B 447 32.63 34.33 51.46
N ALA B 448 32.87 35.35 52.28
CA ALA B 448 32.35 35.36 53.65
C ALA B 448 30.84 35.52 53.67
N ASN B 449 30.31 36.53 52.99
CA ASN B 449 28.87 36.75 52.96
C ASN B 449 28.09 35.53 52.49
N ALA B 450 28.59 34.93 51.42
CA ALA B 450 27.97 33.73 50.84
C ALA B 450 27.88 32.66 51.89
N LEU B 451 28.91 32.58 52.71
CA LEU B 451 29.02 31.59 53.79
C LEU B 451 27.99 31.79 54.90
N GLU B 452 27.68 33.04 55.22
CA GLU B 452 26.70 33.31 56.25
C GLU B 452 25.34 32.95 55.68
N SER B 453 25.18 33.16 54.37
CA SER B 453 23.94 32.83 53.67
C SER B 453 23.60 31.39 54.05
N LEU B 454 24.65 30.59 54.19
CA LEU B 454 24.52 29.20 54.56
C LEU B 454 23.69 29.04 55.82
N VAL B 455 24.05 29.80 56.88
CA VAL B 455 23.33 29.73 58.15
C VAL B 455 21.95 30.35 58.07
N SER B 456 21.74 31.30 57.17
CA SER B 456 20.43 31.92 57.02
C SER B 456 19.52 30.86 56.51
N ILE B 457 19.95 30.16 55.46
CA ILE B 457 19.12 29.10 54.87
C ILE B 457 18.68 28.16 55.98
N LEU B 458 19.63 27.86 56.86
CA LEU B 458 19.38 26.98 57.98
C LEU B 458 18.29 27.57 58.86
N ILE B 459 18.41 28.86 59.16
CA ILE B 459 17.40 29.52 59.98
C ILE B 459 16.07 29.47 59.24
N GLU B 460 16.04 29.91 57.99
CA GLU B 460 14.83 29.93 57.19
C GLU B 460 14.00 28.69 57.42
N ASN B 461 14.58 27.54 57.10
CA ASN B 461 13.90 26.26 57.26
C ASN B 461 13.42 25.99 58.67
N ALA B 462 13.93 26.75 59.62
CA ALA B 462 13.54 26.59 61.01
C ALA B 462 12.24 27.34 61.25
N GLY B 463 11.97 28.34 60.41
CA GLY B 463 10.76 29.11 60.54
C GLY B 463 10.97 30.45 61.22
N PHE B 464 12.20 30.93 61.25
CA PHE B 464 12.52 32.20 61.90
C PHE B 464 13.11 33.19 60.90
N ASP B 465 13.07 34.47 61.22
CA ASP B 465 13.61 35.43 60.29
C ASP B 465 15.11 35.24 60.15
N PRO B 466 15.56 34.81 58.95
CA PRO B 466 16.99 34.59 58.72
C PRO B 466 17.87 35.77 59.08
N ILE B 467 17.51 36.96 58.65
CA ILE B 467 18.32 38.15 58.95
C ILE B 467 18.36 38.46 60.45
N ASP B 468 17.19 38.47 61.09
CA ASP B 468 17.09 38.78 62.51
C ASP B 468 18.06 38.00 63.36
N LEU B 469 17.91 36.68 63.33
CA LEU B 469 18.77 35.83 64.11
C LEU B 469 20.22 35.86 63.69
N LEU B 470 20.49 35.92 62.39
CA LEU B 470 21.87 35.96 61.91
C LEU B 470 22.56 37.15 62.52
N MET B 471 21.92 38.31 62.45
CA MET B 471 22.57 39.47 63.04
C MET B 471 22.66 39.27 64.55
N LYS B 472 21.56 38.88 65.16
CA LYS B 472 21.54 38.65 66.60
C LYS B 472 22.59 37.63 67.05
N LEU B 473 22.96 36.71 66.16
CA LEU B 473 23.96 35.68 66.46
C LEU B 473 25.37 36.19 66.18
N ARG B 474 25.63 36.69 64.97
CA ARG B 474 26.98 37.17 64.67
C ARG B 474 27.34 38.31 65.62
N SER B 475 26.35 38.75 66.40
CA SER B 475 26.53 39.80 67.38
C SER B 475 26.96 39.15 68.69
N THR B 476 26.29 38.05 69.00
CA THR B 476 26.57 37.30 70.21
C THR B 476 27.93 36.58 70.08
N HIS B 477 28.68 36.89 69.02
CA HIS B 477 29.98 36.26 68.85
C HIS B 477 31.09 37.23 69.12
N GLU B 478 30.78 38.29 69.85
CA GLU B 478 31.80 39.26 70.19
C GLU B 478 32.59 38.61 71.33
N ASN B 479 31.85 38.04 72.28
CA ASN B 479 32.41 37.36 73.45
C ASN B 479 33.33 36.21 73.04
N GLU B 480 34.64 36.44 73.09
CA GLU B 480 35.61 35.42 72.71
C GLU B 480 35.30 34.01 73.26
N ASN B 481 34.50 33.96 74.32
CA ASN B 481 34.14 32.69 74.96
C ASN B 481 32.85 32.07 74.43
N ASN B 482 32.48 32.40 73.20
CA ASN B 482 31.25 31.85 72.64
C ASN B 482 31.48 31.13 71.32
N LYS B 483 32.74 31.05 70.88
CA LYS B 483 33.03 30.40 69.62
C LYS B 483 32.01 29.32 69.25
N TRP B 484 31.72 28.38 70.17
CA TRP B 484 30.75 27.30 69.93
C TRP B 484 29.27 27.70 69.93
N TYR B 485 28.98 29.00 69.94
CA TYR B 485 27.60 29.45 69.96
C TYR B 485 26.95 29.40 68.59
N GLY B 486 25.72 28.91 68.54
CA GLY B 486 25.00 28.81 67.29
C GLY B 486 23.53 29.13 67.53
N ILE B 487 22.63 28.73 66.64
CA ILE B 487 21.22 29.03 66.89
C ILE B 487 20.31 27.83 67.04
N ASP B 488 19.86 27.63 68.27
CA ASP B 488 18.98 26.51 68.57
C ASP B 488 17.73 26.62 67.73
N LEU B 489 17.58 25.70 66.79
CA LEU B 489 16.44 25.72 65.88
C LEU B 489 15.12 25.27 66.49
N TYR B 490 14.91 25.48 67.78
CA TYR B 490 13.64 25.10 68.38
C TYR B 490 13.15 26.18 69.31
N ALA B 491 14.09 26.97 69.82
CA ALA B 491 13.75 28.06 70.74
C ALA B 491 13.96 29.43 70.09
N GLY B 492 14.72 29.44 69.01
CA GLY B 492 14.99 30.70 68.32
C GLY B 492 15.82 31.64 69.18
N GLN B 493 17.09 31.31 69.37
CA GLN B 493 17.95 32.14 70.17
C GLN B 493 19.32 31.53 70.23
N PRO B 494 20.35 32.38 70.20
CA PRO B 494 21.74 31.92 70.24
C PRO B 494 22.03 31.19 71.54
N VAL B 495 22.61 29.99 71.45
CA VAL B 495 22.99 29.22 72.63
C VAL B 495 24.27 28.47 72.33
N ASP B 496 24.87 27.89 73.35
CA ASP B 496 26.10 27.16 73.09
C ASP B 496 25.76 25.80 72.51
N MET B 497 26.05 25.61 71.23
CA MET B 497 25.76 24.35 70.56
C MET B 497 26.48 23.17 71.21
N TRP B 498 27.78 23.31 71.40
CA TRP B 498 28.57 22.25 72.02
C TRP B 498 27.92 21.71 73.30
N GLN B 499 27.65 22.60 74.24
CA GLN B 499 27.04 22.19 75.50
C GLN B 499 25.58 21.85 75.36
N LYS B 500 25.22 21.27 74.22
CA LYS B 500 23.85 20.86 73.98
C LYS B 500 23.86 19.64 73.09
N GLY B 501 25.02 19.01 72.96
CA GLY B 501 25.15 17.80 72.17
C GLY B 501 24.92 17.96 70.67
N VAL B 502 25.75 18.78 70.06
CA VAL B 502 25.66 19.03 68.63
C VAL B 502 27.05 19.18 68.04
N ILE B 503 27.71 18.06 67.77
CA ILE B 503 29.05 18.14 67.21
C ILE B 503 29.14 17.39 65.88
N GLU B 504 30.14 17.76 65.10
CA GLU B 504 30.34 17.14 63.83
C GLU B 504 31.81 17.02 63.54
N PRO B 505 32.15 16.03 62.72
CA PRO B 505 33.51 15.72 62.29
C PRO B 505 34.11 16.98 61.71
N ALA B 506 35.04 17.59 62.40
CA ALA B 506 35.62 18.82 61.88
C ALA B 506 36.14 18.59 60.45
N LEU B 507 36.16 17.34 60.00
CA LEU B 507 36.63 17.06 58.65
C LEU B 507 35.51 17.04 57.63
N VAL B 508 34.33 16.54 57.99
CA VAL B 508 33.21 16.50 57.04
C VAL B 508 32.85 17.90 56.52
N LYS B 509 32.65 18.83 57.45
CA LYS B 509 32.27 20.22 57.14
C LYS B 509 33.48 21.04 56.71
N MET B 510 34.57 20.35 56.47
CA MET B 510 35.81 20.97 56.07
C MET B 510 36.05 20.62 54.62
N ASN B 511 35.83 19.35 54.31
CA ASN B 511 36.00 18.87 52.95
C ASN B 511 34.88 19.47 52.14
N ALA B 512 33.77 19.75 52.81
CA ALA B 512 32.61 20.35 52.15
C ALA B 512 33.11 21.66 51.53
N ILE B 513 33.71 22.50 52.36
CA ILE B 513 34.24 23.79 51.90
C ILE B 513 35.22 23.66 50.72
N LYS B 514 36.14 22.70 50.80
CA LYS B 514 37.12 22.46 49.74
C LYS B 514 36.34 22.09 48.49
N ALA B 515 35.35 21.22 48.70
CA ALA B 515 34.48 20.75 47.63
C ALA B 515 33.74 21.90 46.97
N ALA B 516 32.87 22.55 47.74
CA ALA B 516 32.11 23.67 47.21
C ALA B 516 32.98 24.67 46.44
N THR B 517 34.09 25.10 47.03
CA THR B 517 34.96 26.05 46.36
C THR B 517 35.59 25.47 45.10
N GLU B 518 35.85 24.18 45.12
CA GLU B 518 36.42 23.52 43.95
C GLU B 518 35.46 23.73 42.80
N ALA B 519 34.25 23.25 43.00
CA ALA B 519 33.17 23.36 42.03
C ALA B 519 32.92 24.80 41.65
N ALA B 520 32.67 25.62 42.66
CA ALA B 520 32.41 27.03 42.45
C ALA B 520 33.41 27.70 41.50
N THR B 521 34.71 27.61 41.80
CA THR B 521 35.75 28.22 40.95
C THR B 521 35.89 27.52 39.61
N LEU B 522 35.49 26.26 39.56
CA LEU B 522 35.57 25.50 38.33
C LEU B 522 34.55 26.01 37.31
N VAL B 523 33.34 26.36 37.77
CA VAL B 523 32.32 26.86 36.88
C VAL B 523 32.81 28.18 36.30
N LEU B 524 33.46 29.00 37.12
CA LEU B 524 33.97 30.30 36.67
C LEU B 524 35.17 30.19 35.73
N ARG B 525 35.93 29.11 35.88
CA ARG B 525 37.10 28.87 35.05
C ARG B 525 36.68 28.62 33.60
N ILE B 526 35.48 28.08 33.45
CA ILE B 526 34.87 27.74 32.16
C ILE B 526 34.46 28.97 31.37
N ASP B 527 34.90 29.05 30.12
CA ASP B 527 34.55 30.18 29.30
C ASP B 527 33.48 29.84 28.30
N ASP B 528 33.44 28.57 27.90
CA ASP B 528 32.45 28.11 26.94
C ASP B 528 32.43 26.58 26.86
N VAL B 529 31.28 26.02 26.46
CA VAL B 529 31.09 24.58 26.33
C VAL B 529 30.78 24.23 24.86
N VAL B 530 31.50 23.25 24.31
CA VAL B 530 31.30 22.77 22.93
C VAL B 530 31.32 21.25 23.06
N SER B 531 30.20 20.61 22.74
CA SER B 531 30.05 19.14 22.83
C SER B 531 29.94 18.47 21.46
N ALA B 532 30.03 17.13 21.45
CA ALA B 532 29.95 16.35 20.21
C ALA B 532 28.62 15.58 20.07
N GLY C 28 39.24 37.63 -5.78
CA GLY C 28 39.05 38.92 -5.15
C GLY C 28 38.40 38.82 -3.79
N LYS C 29 37.94 39.95 -3.26
CA LYS C 29 37.28 39.99 -1.95
C LYS C 29 36.25 38.84 -1.71
N GLU C 30 35.59 38.41 -2.79
CA GLU C 30 34.58 37.35 -2.75
C GLU C 30 34.80 36.30 -1.65
N ALA C 31 35.68 35.34 -1.92
CA ALA C 31 35.98 34.26 -1.00
C ALA C 31 37.03 34.62 0.03
N VAL C 32 38.07 35.34 -0.39
CA VAL C 32 39.12 35.71 0.56
C VAL C 32 38.56 36.18 1.88
N ARG C 33 37.38 36.78 1.88
CA ARG C 33 36.82 37.22 3.14
C ARG C 33 36.51 35.98 3.96
N ALA C 34 35.89 34.99 3.34
CA ALA C 34 35.52 33.74 4.01
C ALA C 34 36.67 33.07 4.76
N ASN C 35 37.75 32.77 4.04
CA ASN C 35 38.91 32.12 4.64
C ASN C 35 39.32 32.89 5.87
N ILE C 36 39.57 34.18 5.69
CA ILE C 36 39.94 35.04 6.80
C ILE C 36 38.95 34.80 7.93
N ALA C 37 37.68 35.01 7.62
CA ALA C 37 36.60 34.80 8.58
C ALA C 37 36.88 33.52 9.37
N ALA C 38 36.96 32.40 8.67
CA ALA C 38 37.23 31.11 9.31
C ALA C 38 38.43 31.15 10.24
N VAL C 39 39.54 31.69 9.76
CA VAL C 39 40.76 31.79 10.57
C VAL C 39 40.46 32.57 11.84
N LYS C 40 39.98 33.81 11.71
CA LYS C 40 39.65 34.63 12.87
C LYS C 40 38.83 33.76 13.81
N ALA C 41 37.93 32.97 13.23
CA ALA C 41 37.05 32.08 13.99
C ALA C 41 37.84 31.15 14.89
N VAL C 42 38.82 30.46 14.33
CA VAL C 42 39.66 29.54 15.10
C VAL C 42 40.33 30.30 16.24
N GLU C 43 40.79 31.51 15.98
CA GLU C 43 41.43 32.31 17.03
C GLU C 43 40.43 32.47 18.18
N GLU C 44 39.22 32.90 17.85
CA GLU C 44 38.17 33.09 18.85
C GLU C 44 37.87 31.86 19.68
N ALA C 45 38.48 30.74 19.32
CA ALA C 45 38.24 29.52 20.06
C ALA C 45 39.29 29.26 21.13
N LEU C 46 40.48 29.83 20.98
CA LEU C 46 41.53 29.63 21.97
C LEU C 46 41.89 30.93 22.71
N LYS C 47 41.74 32.07 22.04
CA LYS C 47 42.09 33.35 22.64
C LYS C 47 42.00 33.39 24.16
N SER C 48 40.84 33.01 24.69
CA SER C 48 40.62 33.02 26.14
C SER C 48 41.37 31.96 26.94
N THR C 49 42.25 31.21 26.29
CA THR C 49 42.98 30.16 26.98
C THR C 49 44.49 30.37 26.84
N TYR C 50 44.86 31.42 26.14
CA TYR C 50 46.27 31.72 25.93
C TYR C 50 46.84 32.09 27.29
N GLY C 51 48.12 32.35 27.36
CA GLY C 51 48.70 32.72 28.63
C GLY C 51 48.72 31.61 29.65
N PRO C 52 49.50 31.78 30.74
CA PRO C 52 49.60 30.77 31.78
C PRO C 52 48.44 30.82 32.76
N ARG C 53 47.63 31.88 32.71
CA ARG C 53 46.50 31.95 33.62
C ARG C 53 45.22 32.14 32.82
N GLY C 54 45.18 31.44 31.67
CA GLY C 54 44.05 31.51 30.77
C GLY C 54 42.83 30.76 31.24
N MET C 55 41.81 30.70 30.39
CA MET C 55 40.56 30.01 30.73
C MET C 55 40.60 28.58 30.28
N ASP C 56 39.53 27.86 30.61
CA ASP C 56 39.39 26.46 30.24
C ASP C 56 38.10 26.26 29.48
N LYS C 57 38.18 25.35 28.51
CA LYS C 57 37.07 24.95 27.64
C LYS C 57 36.60 23.55 28.08
N MET C 58 35.31 23.29 27.99
CA MET C 58 34.77 22.01 28.40
C MET C 58 34.37 21.14 27.23
N LEU C 59 34.64 19.84 27.32
CA LEU C 59 34.31 18.92 26.24
C LEU C 59 33.57 17.66 26.70
N VAL C 60 32.32 17.51 26.23
CA VAL C 60 31.53 16.35 26.60
C VAL C 60 31.37 15.39 25.44
N ASP C 61 32.02 14.24 25.61
CA ASP C 61 31.98 13.18 24.61
C ASP C 61 30.52 12.80 24.41
N SER C 62 30.21 12.26 23.24
CA SER C 62 28.84 11.84 22.92
C SER C 62 28.46 10.69 23.87
N LEU C 63 29.47 9.95 24.33
CA LEU C 63 29.27 8.82 25.25
C LEU C 63 28.68 9.33 26.57
N GLY C 64 28.96 10.59 26.90
CA GLY C 64 28.45 11.17 28.13
C GLY C 64 29.54 11.72 29.02
N ASP C 65 30.76 11.21 28.85
CA ASP C 65 31.94 11.62 29.64
C ASP C 65 32.45 13.03 29.28
N ILE C 66 32.75 13.83 30.31
CA ILE C 66 33.22 15.20 30.14
C ILE C 66 34.71 15.38 30.46
N THR C 67 35.38 16.20 29.66
CA THR C 67 36.80 16.52 29.82
C THR C 67 36.99 18.01 29.56
N ILE C 68 37.42 18.74 30.58
CA ILE C 68 37.64 20.19 30.47
C ILE C 68 39.13 20.48 30.39
N THR C 69 39.55 21.27 29.41
CA THR C 69 40.97 21.55 29.27
C THR C 69 41.29 22.85 28.55
N ASN C 70 42.58 23.13 28.43
CA ASN C 70 43.06 24.32 27.74
C ASN C 70 44.30 23.91 26.95
N ASP C 71 44.34 22.65 26.55
CA ASP C 71 45.46 22.18 25.75
C ASP C 71 45.00 22.37 24.32
N GLY C 72 45.76 23.15 23.57
CA GLY C 72 45.42 23.42 22.18
C GLY C 72 45.11 22.21 21.33
N ALA C 73 46.06 21.29 21.23
CA ALA C 73 45.85 20.10 20.41
C ALA C 73 44.43 19.60 20.68
N THR C 74 44.15 19.23 21.92
CA THR C 74 42.84 18.72 22.32
C THR C 74 41.66 19.59 21.95
N ILE C 75 41.80 20.91 22.10
CA ILE C 75 40.72 21.86 21.78
C ILE C 75 40.44 21.87 20.28
N LEU C 76 41.41 21.40 19.49
CA LEU C 76 41.19 21.34 18.06
C LEU C 76 40.91 19.90 17.61
N ASP C 77 41.50 18.91 18.26
CA ASP C 77 41.22 17.55 17.85
C ASP C 77 39.78 17.22 18.19
N LYS C 78 39.39 17.52 19.42
CA LYS C 78 38.05 17.23 19.89
C LYS C 78 37.01 18.20 19.32
N MET C 79 37.47 19.25 18.65
CA MET C 79 36.55 20.22 18.09
C MET C 79 36.59 20.17 16.58
N ASP C 80 35.60 19.54 15.97
CA ASP C 80 35.63 19.44 14.51
C ASP C 80 35.28 20.71 13.81
N LEU C 81 36.18 21.13 12.93
CA LEU C 81 35.99 22.31 12.14
C LEU C 81 35.81 21.79 10.74
N GLN C 82 35.07 22.52 9.93
CA GLN C 82 34.84 22.07 8.60
C GLN C 82 35.49 22.96 7.56
N HIS C 83 35.24 24.28 7.59
CA HIS C 83 35.81 25.15 6.58
C HIS C 83 37.26 24.77 6.27
N PRO C 84 37.61 24.64 4.97
CA PRO C 84 38.95 24.27 4.50
C PRO C 84 40.08 25.11 5.07
N ALA C 85 39.92 26.42 5.01
CA ALA C 85 40.93 27.32 5.53
C ALA C 85 41.34 26.83 6.92
N ALA C 86 40.36 26.68 7.79
CA ALA C 86 40.59 26.22 9.15
C ALA C 86 41.41 24.92 9.24
N LYS C 87 40.97 23.87 8.55
CA LYS C 87 41.71 22.61 8.59
C LYS C 87 43.14 22.87 8.13
N LEU C 88 43.27 23.84 7.23
CA LEU C 88 44.55 24.24 6.66
C LEU C 88 45.43 24.95 7.69
N LEU C 89 44.81 25.80 8.50
CA LEU C 89 45.52 26.52 9.56
C LEU C 89 46.02 25.49 10.59
N VAL C 90 45.11 24.73 11.17
CA VAL C 90 45.45 23.71 12.17
C VAL C 90 46.45 22.70 11.66
N GLN C 91 46.40 22.37 10.37
CA GLN C 91 47.33 21.41 9.80
C GLN C 91 48.73 21.93 9.96
N ILE C 92 48.89 23.23 9.75
CA ILE C 92 50.18 23.87 9.87
C ILE C 92 50.52 24.04 11.33
N ALA C 93 49.53 24.38 12.14
CA ALA C 93 49.74 24.58 13.56
C ALA C 93 50.11 23.30 14.32
N LYS C 94 49.22 22.30 14.35
CA LYS C 94 49.52 21.05 15.05
C LYS C 94 50.77 20.42 14.49
N GLY C 95 50.72 20.05 13.21
CA GLY C 95 51.87 19.46 12.58
C GLY C 95 52.89 20.56 12.38
N GLN C 96 53.23 21.23 13.47
CA GLN C 96 54.20 22.33 13.40
C GLN C 96 55.54 21.78 12.96
N ASP C 97 56.60 22.41 13.47
CA ASP C 97 57.96 22.03 13.11
C ASP C 97 58.73 21.16 14.13
N GLU C 98 58.11 20.80 15.27
CA GLU C 98 58.83 19.97 16.23
C GLU C 98 58.06 19.07 17.23
N GLU C 99 58.76 18.66 18.29
CA GLU C 99 58.23 17.80 19.34
C GLU C 99 57.00 18.37 20.04
N THR C 100 57.26 18.95 21.21
CA THR C 100 56.24 19.58 22.04
C THR C 100 55.05 20.20 21.31
N ALA C 101 53.88 20.11 21.94
CA ALA C 101 52.66 20.65 21.38
C ALA C 101 52.57 22.14 21.66
N ASP C 102 53.48 22.64 22.51
CA ASP C 102 53.48 24.06 22.87
C ASP C 102 53.70 24.99 21.70
N GLY C 103 53.14 26.19 21.84
CA GLY C 103 53.32 27.18 20.80
C GLY C 103 52.38 26.97 19.64
N THR C 104 51.75 25.80 19.55
CA THR C 104 50.81 25.58 18.45
C THR C 104 49.67 26.53 18.76
N LYS C 105 49.41 26.70 20.05
CA LYS C 105 48.36 27.60 20.45
C LYS C 105 48.76 29.02 20.03
N THR C 106 50.06 29.33 20.12
CA THR C 106 50.53 30.66 19.71
C THR C 106 50.43 30.71 18.19
N ALA C 107 51.13 29.79 17.53
CA ALA C 107 51.14 29.74 16.08
C ALA C 107 49.78 30.11 15.50
N VAL C 108 48.71 29.53 16.04
CA VAL C 108 47.40 29.84 15.51
C VAL C 108 46.91 31.25 15.91
N ILE C 109 46.92 31.60 17.20
CA ILE C 109 46.47 32.95 17.60
C ILE C 109 47.17 34.03 16.79
N PHE C 110 48.50 34.04 16.85
CA PHE C 110 49.32 35.02 16.15
C PHE C 110 48.95 34.95 14.67
N SER C 111 48.69 33.73 14.21
CA SER C 111 48.33 33.50 12.81
C SER C 111 47.12 34.32 12.48
N GLY C 112 46.05 34.10 13.22
CA GLY C 112 44.84 34.82 12.97
C GLY C 112 44.97 36.31 13.21
N GLU C 113 45.88 36.71 14.08
CA GLU C 113 46.02 38.14 14.31
C GLU C 113 46.61 38.85 13.11
N LEU C 114 47.55 38.19 12.43
CA LEU C 114 48.16 38.76 11.23
C LEU C 114 47.07 38.90 10.20
N VAL C 115 46.20 37.90 10.13
CA VAL C 115 45.09 37.91 9.20
C VAL C 115 44.22 39.11 9.51
N LYS C 116 43.87 39.29 10.78
CA LYS C 116 43.04 40.42 11.13
C LYS C 116 43.71 41.70 10.69
N LYS C 117 44.88 41.98 11.27
CA LYS C 117 45.60 43.21 10.95
C LYS C 117 45.89 43.36 9.46
N ALA C 118 45.92 42.24 8.72
CA ALA C 118 46.16 42.25 7.27
C ALA C 118 44.88 42.65 6.56
N GLU C 119 43.76 42.29 7.16
CA GLU C 119 42.49 42.62 6.59
C GLU C 119 42.37 44.12 6.47
N ASP C 120 42.85 44.83 7.48
CA ASP C 120 42.78 46.28 7.47
C ASP C 120 43.56 46.88 6.32
N LEU C 121 44.56 46.14 5.83
CA LEU C 121 45.38 46.60 4.71
C LEU C 121 44.61 46.47 3.42
N LEU C 122 43.86 45.38 3.27
CA LEU C 122 43.07 45.17 2.07
C LEU C 122 42.01 46.27 2.03
N TYR C 123 41.53 46.68 3.19
CA TYR C 123 40.51 47.71 3.25
C TYR C 123 41.09 48.96 2.61
N LYS C 124 42.37 49.19 2.88
CA LYS C 124 43.08 50.35 2.32
C LYS C 124 43.45 50.09 0.87
N ASP C 125 43.01 48.96 0.34
CA ASP C 125 43.27 48.63 -1.05
C ASP C 125 44.75 48.43 -1.41
N VAL C 126 45.42 47.49 -0.73
CA VAL C 126 46.82 47.17 -1.03
C VAL C 126 46.83 45.70 -1.46
N HIS C 127 47.18 45.41 -2.72
CA HIS C 127 47.19 44.02 -3.20
C HIS C 127 47.76 43.06 -2.17
N PRO C 128 47.08 41.93 -1.95
CA PRO C 128 47.55 40.95 -0.98
C PRO C 128 48.96 40.45 -1.27
N THR C 129 49.38 40.50 -2.53
CA THR C 129 50.71 40.03 -2.90
C THR C 129 51.74 40.86 -2.17
N ILE C 130 51.41 42.12 -1.93
CA ILE C 130 52.30 43.04 -1.24
C ILE C 130 52.33 42.74 0.27
N ILE C 131 51.16 42.57 0.87
CA ILE C 131 51.08 42.25 2.30
C ILE C 131 51.89 41.00 2.59
N ILE C 132 52.02 40.12 1.59
CA ILE C 132 52.77 38.87 1.71
C ILE C 132 54.26 39.15 1.85
N SER C 133 54.79 39.90 0.89
CA SER C 133 56.20 40.26 0.88
C SER C 133 56.49 41.03 2.15
N GLY C 134 55.55 41.92 2.51
CA GLY C 134 55.72 42.71 3.70
C GLY C 134 55.97 41.78 4.86
N TYR C 135 55.05 40.83 5.06
CA TYR C 135 55.15 39.87 6.15
C TYR C 135 56.43 39.01 6.08
N LYS C 136 56.79 38.56 4.89
CA LYS C 136 57.99 37.75 4.73
C LYS C 136 59.19 38.49 5.30
N LYS C 137 59.48 39.67 4.75
CA LYS C 137 60.60 40.47 5.19
C LYS C 137 60.54 40.73 6.69
N ALA C 138 59.34 40.92 7.23
CA ALA C 138 59.16 41.18 8.65
C ALA C 138 59.47 39.91 9.41
N GLU C 139 59.05 38.78 8.87
CA GLU C 139 59.33 37.50 9.49
C GLU C 139 60.84 37.33 9.60
N GLU C 140 61.56 37.54 8.51
CA GLU C 140 63.01 37.41 8.53
C GLU C 140 63.58 38.02 9.77
N VAL C 141 63.45 39.34 9.84
CA VAL C 141 63.94 40.13 10.96
C VAL C 141 63.41 39.65 12.30
N ALA C 142 62.09 39.53 12.36
CA ALA C 142 61.45 39.09 13.57
C ALA C 142 62.17 37.84 14.05
N LEU C 143 62.57 37.01 13.10
CA LEU C 143 63.23 35.75 13.40
C LEU C 143 64.66 35.92 13.93
N GLN C 144 65.57 36.46 13.12
CA GLN C 144 66.97 36.63 13.56
C GLN C 144 67.06 37.44 14.84
N THR C 145 66.05 38.27 15.10
CA THR C 145 66.05 39.11 16.30
C THR C 145 65.97 38.24 17.54
N ILE C 146 65.61 36.98 17.36
CA ILE C 146 65.53 36.04 18.47
C ILE C 146 66.90 35.36 18.56
N GLN C 147 67.49 35.05 17.41
CA GLN C 147 68.80 34.42 17.37
C GLN C 147 69.82 35.31 18.03
N GLU C 148 70.07 36.46 17.41
CA GLU C 148 71.02 37.42 17.94
C GLU C 148 70.48 38.08 19.20
N LEU C 149 69.92 37.26 20.08
CA LEU C 149 69.35 37.77 21.32
C LEU C 149 69.14 36.62 22.32
N ALA C 150 68.98 35.42 21.78
CA ALA C 150 68.76 34.23 22.60
C ALA C 150 69.98 33.95 23.43
N GLN C 151 69.80 33.28 24.56
CA GLN C 151 70.93 32.96 25.39
C GLN C 151 71.28 31.47 25.35
N THR C 152 72.57 31.18 25.35
CA THR C 152 73.11 29.82 25.28
C THR C 152 72.89 28.98 26.53
N VAL C 153 72.07 27.95 26.39
CA VAL C 153 71.77 27.06 27.50
C VAL C 153 72.40 25.68 27.26
N SER C 154 73.08 25.17 28.28
CA SER C 154 73.74 23.85 28.17
C SER C 154 73.18 22.88 29.21
N ILE C 155 72.97 21.64 28.77
CA ILE C 155 72.42 20.56 29.62
C ILE C 155 73.15 20.34 30.94
N ASN C 156 74.31 20.97 31.09
CA ASN C 156 75.08 20.86 32.32
C ASN C 156 74.29 21.59 33.38
N ASP C 157 73.88 22.82 33.05
CA ASP C 157 73.13 23.63 33.98
C ASP C 157 71.78 23.00 34.26
N THR C 158 71.74 22.18 35.30
CA THR C 158 70.53 21.49 35.69
C THR C 158 69.55 22.37 36.47
N ASP C 159 70.07 23.42 37.08
CA ASP C 159 69.23 24.32 37.87
C ASP C 159 68.35 25.23 37.00
N LEU C 160 68.63 25.25 35.70
CA LEU C 160 67.89 26.08 34.74
C LEU C 160 66.68 25.36 34.18
N LEU C 161 66.89 24.13 33.73
CA LEU C 161 65.80 23.32 33.18
C LEU C 161 64.74 23.11 34.25
N ARG C 162 65.15 23.19 35.51
CA ARG C 162 64.22 23.05 36.63
C ARG C 162 63.10 24.11 36.42
N LYS C 163 63.47 25.24 35.83
CA LYS C 163 62.53 26.32 35.59
C LYS C 163 61.80 26.09 34.27
N ILE C 164 62.54 26.08 33.16
CA ILE C 164 61.97 25.85 31.82
C ILE C 164 60.87 24.80 31.85
N ALA C 165 60.99 23.82 32.74
CA ALA C 165 59.99 22.77 32.85
C ALA C 165 58.70 23.34 33.41
N MET C 166 58.80 24.08 34.50
CA MET C 166 57.62 24.68 35.09
C MET C 166 56.98 25.69 34.14
N THR C 167 57.81 26.47 33.45
CA THR C 167 57.33 27.47 32.51
C THR C 167 56.40 26.83 31.48
N SER C 168 56.40 25.50 31.42
CA SER C 168 55.57 24.76 30.47
C SER C 168 54.38 24.05 31.12
N LEU C 169 54.66 23.25 32.15
CA LEU C 169 53.61 22.53 32.83
C LEU C 169 52.78 23.40 33.78
N SER C 170 53.38 24.42 34.40
CA SER C 170 52.62 25.27 35.32
C SER C 170 51.39 25.88 34.61
N SER C 171 51.46 25.89 33.27
CA SER C 171 50.39 26.42 32.41
C SER C 171 49.09 25.62 32.46
N LYS C 172 49.18 24.29 32.64
CA LYS C 172 47.99 23.43 32.67
C LYS C 172 47.21 23.44 33.99
N ALA C 173 46.06 22.76 33.96
CA ALA C 173 45.18 22.67 35.12
C ALA C 173 45.96 22.35 36.39
N VAL C 174 46.57 21.15 36.43
CA VAL C 174 47.36 20.69 37.59
C VAL C 174 48.57 21.54 38.00
N ALA C 175 48.33 22.51 38.88
CA ALA C 175 49.37 23.43 39.37
C ALA C 175 49.74 23.21 40.85
N GLY C 176 49.20 22.16 41.45
CA GLY C 176 49.55 21.87 42.83
C GLY C 176 50.96 21.31 42.76
N ALA C 177 51.77 21.56 43.79
CA ALA C 177 53.16 21.09 43.87
C ALA C 177 53.77 20.58 42.55
N ARG C 178 53.95 21.50 41.60
CA ARG C 178 54.52 21.22 40.28
C ARG C 178 56.03 21.01 40.32
N GLU C 179 56.68 21.62 41.30
CA GLU C 179 58.13 21.49 41.49
C GLU C 179 58.47 20.00 41.48
N TYR C 180 57.59 19.22 42.11
CA TYR C 180 57.73 17.76 42.23
C TYR C 180 57.81 17.16 40.82
N ILE C 181 56.82 17.47 39.98
CA ILE C 181 56.74 16.97 38.60
C ILE C 181 57.82 17.58 37.72
N ALA C 182 58.01 18.88 37.91
CA ALA C 182 58.99 19.66 37.17
C ALA C 182 60.36 19.02 37.32
N ASP C 183 60.76 18.81 38.57
CA ASP C 183 62.04 18.21 38.84
C ASP C 183 62.20 16.87 38.12
N ILE C 184 61.18 16.03 38.24
CA ILE C 184 61.18 14.71 37.62
C ILE C 184 61.49 14.81 36.13
N VAL C 185 60.68 15.62 35.44
CA VAL C 185 60.80 15.86 34.01
C VAL C 185 62.25 16.12 33.57
N VAL C 186 62.97 16.91 34.36
CA VAL C 186 64.37 17.25 34.07
C VAL C 186 65.25 16.00 34.10
N LYS C 187 65.20 15.27 35.22
CA LYS C 187 65.99 14.07 35.36
C LYS C 187 65.64 13.07 34.25
N ALA C 188 64.35 12.92 33.96
CA ALA C 188 63.85 11.99 32.95
C ALA C 188 64.44 12.16 31.55
N VAL C 189 64.66 13.40 31.15
CA VAL C 189 65.21 13.69 29.83
C VAL C 189 66.72 13.56 29.82
N THR C 190 67.38 14.25 30.75
CA THR C 190 68.84 14.19 30.84
C THR C 190 69.25 12.71 30.87
N GLN C 191 68.34 11.85 31.34
CA GLN C 191 68.61 10.43 31.43
C GLN C 191 68.70 9.77 30.06
N VAL C 192 67.85 10.17 29.13
CA VAL C 192 67.83 9.58 27.79
C VAL C 192 68.74 10.26 26.78
N ALA C 193 69.04 11.53 26.99
CA ALA C 193 69.89 12.30 26.10
C ALA C 193 71.14 11.53 25.68
N GLU C 194 71.69 11.87 24.51
CA GLU C 194 72.90 11.24 23.99
C GLU C 194 73.70 12.26 23.16
N LEU C 195 74.92 11.91 22.77
CA LEU C 195 75.76 12.80 21.97
C LEU C 195 76.29 12.11 20.72
N ARG C 196 75.39 11.68 19.84
CA ARG C 196 75.76 11.00 18.57
C ARG C 196 76.53 11.92 17.63
N GLY C 197 77.83 12.08 17.91
CA GLY C 197 78.70 12.93 17.12
C GLY C 197 78.47 14.40 17.46
N ASP C 198 78.84 14.79 18.69
CA ASP C 198 78.69 16.17 19.20
C ASP C 198 77.36 16.84 18.83
N LYS C 199 76.38 16.02 18.45
CA LYS C 199 75.05 16.47 18.05
C LYS C 199 73.98 15.67 18.83
N TRP C 200 73.55 16.19 19.98
CA TRP C 200 72.56 15.53 20.83
C TRP C 200 71.36 14.96 20.09
N TYR C 201 70.76 13.91 20.66
CA TYR C 201 69.57 13.29 20.08
C TYR C 201 68.75 12.62 21.18
N VAL C 202 67.69 13.30 21.64
CA VAL C 202 66.82 12.76 22.68
C VAL C 202 65.64 12.06 22.02
N ASP C 203 65.51 10.76 22.26
CA ASP C 203 64.40 10.01 21.68
C ASP C 203 63.39 9.76 22.78
N LEU C 204 62.28 10.49 22.74
CA LEU C 204 61.23 10.36 23.75
C LEU C 204 60.71 8.94 23.98
N ASP C 205 60.71 8.13 22.93
CA ASP C 205 60.24 6.76 23.03
C ASP C 205 60.92 5.96 24.14
N ASN C 206 62.10 6.41 24.56
CA ASN C 206 62.86 5.75 25.62
C ASN C 206 62.27 6.03 27.00
N ILE C 207 61.06 6.57 27.02
CA ILE C 207 60.37 6.88 28.27
C ILE C 207 58.92 6.40 28.19
N GLN C 208 58.52 5.55 29.13
CA GLN C 208 57.15 5.06 29.15
C GLN C 208 56.36 5.83 30.19
N ILE C 209 55.07 6.00 29.92
CA ILE C 209 54.18 6.72 30.81
C ILE C 209 52.94 5.90 31.12
N VAL C 210 52.83 5.43 32.36
CA VAL C 210 51.69 4.63 32.79
C VAL C 210 50.92 5.35 33.89
N LYS C 211 49.60 5.24 33.88
CA LYS C 211 48.79 5.91 34.89
C LYS C 211 47.62 5.12 35.47
N LYS C 212 47.45 5.21 36.80
CA LYS C 212 46.35 4.55 37.52
C LYS C 212 45.93 5.41 38.72
N ALA C 213 44.62 5.65 38.83
CA ALA C 213 44.04 6.45 39.90
C ALA C 213 44.67 6.17 41.27
N GLY C 214 44.29 6.94 42.29
CA GLY C 214 44.85 6.70 43.60
C GLY C 214 45.53 7.90 44.23
N GLY C 215 45.18 8.19 45.49
CA GLY C 215 45.77 9.32 46.20
C GLY C 215 45.91 10.57 45.34
N SER C 216 46.85 11.43 45.72
CA SER C 216 47.11 12.68 45.00
C SER C 216 48.19 12.49 43.93
N ILE C 217 48.56 13.59 43.26
CA ILE C 217 49.59 13.51 42.22
C ILE C 217 50.99 13.38 42.83
N ASN C 218 51.13 13.74 44.10
CA ASN C 218 52.42 13.65 44.79
C ASN C 218 52.80 12.19 44.96
N ASP C 219 51.83 11.31 44.77
CA ASP C 219 52.03 9.87 44.89
C ASP C 219 52.52 9.24 43.57
N THR C 220 52.99 10.10 42.66
CA THR C 220 53.50 9.66 41.36
C THR C 220 55.02 9.59 41.46
N GLN C 221 55.65 8.68 40.74
CA GLN C 221 57.11 8.59 40.77
C GLN C 221 57.64 8.02 39.46
N LEU C 222 58.95 8.19 39.26
CA LEU C 222 59.62 7.69 38.05
C LEU C 222 60.43 6.43 38.40
N VAL C 223 60.32 5.42 37.55
CA VAL C 223 61.02 4.15 37.76
C VAL C 223 62.16 4.02 36.75
N TYR C 224 63.34 3.60 37.21
CA TYR C 224 64.48 3.46 36.32
C TYR C 224 64.46 2.18 35.49
N GLY C 225 63.34 1.98 34.82
CA GLY C 225 63.16 0.81 33.98
C GLY C 225 61.70 0.79 33.57
N ILE C 226 61.34 -0.16 32.71
CA ILE C 226 59.97 -0.28 32.22
C ILE C 226 58.99 -0.76 33.32
N VAL C 227 57.73 -0.34 33.23
CA VAL C 227 56.71 -0.73 34.21
C VAL C 227 55.44 -1.23 33.52
N VAL C 228 55.12 -2.51 33.71
CA VAL C 228 53.94 -3.11 33.08
C VAL C 228 52.67 -3.12 33.94
N ASP C 229 51.65 -2.39 33.50
CA ASP C 229 50.39 -2.35 34.23
C ASP C 229 49.50 -3.55 33.91
N LYS C 230 49.70 -4.66 34.61
CA LYS C 230 48.90 -5.87 34.48
C LYS C 230 49.40 -6.86 35.54
N GLU C 231 48.48 -7.28 36.40
CA GLU C 231 48.76 -8.23 37.49
C GLU C 231 49.31 -9.56 36.92
N VAL C 232 50.10 -10.30 37.71
CA VAL C 232 50.66 -11.58 37.24
C VAL C 232 49.51 -12.53 36.91
N VAL C 233 49.82 -13.59 36.17
CA VAL C 233 48.79 -14.52 35.75
C VAL C 233 48.33 -15.53 36.80
N HIS C 234 49.26 -16.08 37.58
CA HIS C 234 48.89 -17.06 38.59
C HIS C 234 49.55 -16.74 39.93
N PRO C 235 48.84 -16.97 41.06
CA PRO C 235 49.38 -16.69 42.39
C PRO C 235 50.53 -17.62 42.80
N GLY C 236 50.60 -18.78 42.14
CA GLY C 236 51.65 -19.72 42.45
C GLY C 236 52.93 -19.46 41.69
N MET C 237 53.20 -18.21 41.33
CA MET C 237 54.42 -17.89 40.59
C MET C 237 55.33 -16.97 41.36
N PRO C 238 56.63 -17.00 41.03
CA PRO C 238 57.63 -16.15 41.70
C PRO C 238 57.26 -14.68 41.51
N LYS C 239 56.96 -14.00 42.62
CA LYS C 239 56.61 -12.59 42.57
C LYS C 239 57.85 -11.69 42.76
N ARG C 240 59.04 -12.23 42.53
CA ARG C 240 60.28 -11.47 42.69
C ARG C 240 61.47 -12.32 42.23
N LEU C 241 62.02 -12.06 41.05
CA LEU C 241 63.17 -12.85 40.56
C LEU C 241 64.48 -12.04 40.53
N GLU C 242 65.57 -12.66 40.98
CA GLU C 242 66.87 -11.99 40.98
C GLU C 242 67.52 -12.26 39.64
N ASN C 243 68.08 -11.23 39.03
CA ASN C 243 68.72 -11.40 37.73
C ASN C 243 67.78 -12.17 36.79
N ALA C 244 66.81 -11.48 36.20
CA ALA C 244 65.85 -12.12 35.31
C ALA C 244 66.31 -12.13 33.86
N LYS C 245 65.69 -13.01 33.07
CA LYS C 245 66.00 -13.13 31.65
C LYS C 245 64.68 -13.15 30.89
N ILE C 246 64.11 -11.96 30.71
CA ILE C 246 62.83 -11.76 30.03
C ILE C 246 62.70 -12.40 28.65
N ALA C 247 61.51 -12.93 28.39
CA ALA C 247 61.20 -13.56 27.10
C ALA C 247 59.92 -12.93 26.50
N LEU C 248 60.12 -11.95 25.61
CA LEU C 248 59.01 -11.26 24.96
C LEU C 248 58.35 -12.14 23.92
N ILE C 249 57.39 -12.95 24.33
CA ILE C 249 56.72 -13.85 23.41
C ILE C 249 55.40 -13.33 22.88
N ASP C 250 55.41 -12.91 21.63
CA ASP C 250 54.19 -12.40 21.02
C ASP C 250 53.53 -13.43 20.11
N ALA C 251 52.55 -14.13 20.67
CA ALA C 251 51.81 -15.14 19.92
C ALA C 251 50.84 -15.90 20.84
N SER C 252 49.96 -16.67 20.22
CA SER C 252 48.94 -17.47 20.91
C SER C 252 49.54 -18.52 21.86
N LEU C 253 49.11 -18.48 23.12
CA LEU C 253 49.63 -19.42 24.11
C LEU C 253 48.52 -20.05 24.98
N GLU C 254 47.58 -20.71 24.32
CA GLU C 254 46.44 -21.33 24.99
C GLU C 254 46.07 -22.64 24.30
N VAL C 255 45.43 -23.57 25.01
CA VAL C 255 45.05 -24.83 24.36
C VAL C 255 44.41 -24.54 23.02
N GLU C 256 44.77 -25.33 22.02
CA GLU C 256 44.22 -25.14 20.67
C GLU C 256 42.76 -25.66 20.60
N LYS C 257 41.83 -24.78 20.25
CA LYS C 257 40.47 -25.23 20.07
C LYS C 257 40.76 -26.22 18.96
N PRO C 258 40.22 -27.42 19.09
CA PRO C 258 40.42 -28.47 18.10
C PRO C 258 39.18 -28.70 17.26
N GLU C 259 38.10 -27.98 17.56
CA GLU C 259 36.85 -28.14 16.80
C GLU C 259 36.99 -27.76 15.33
N LEU C 260 37.65 -26.64 15.07
CA LEU C 260 37.83 -26.19 13.69
C LEU C 260 38.64 -27.21 12.90
N ASP C 261 39.68 -27.73 13.54
CA ASP C 261 40.54 -28.73 12.90
C ASP C 261 39.76 -30.01 12.65
N ALA C 262 38.92 -30.40 13.60
CA ALA C 262 38.13 -31.62 13.48
C ALA C 262 36.77 -31.57 14.17
N GLU C 263 35.89 -32.45 13.71
CA GLU C 263 34.55 -32.60 14.22
C GLU C 263 34.64 -34.10 14.37
N ILE C 264 34.27 -34.67 15.51
CA ILE C 264 34.43 -36.11 15.62
C ILE C 264 33.51 -36.76 16.61
N ARG C 265 33.38 -38.08 16.58
CA ARG C 265 32.47 -38.66 17.58
C ARG C 265 33.36 -39.22 18.72
N ILE C 266 32.75 -39.96 19.65
CA ILE C 266 33.47 -40.59 20.77
C ILE C 266 32.62 -41.74 21.36
N ASN C 267 33.31 -42.76 21.84
CA ASN C 267 32.67 -43.95 22.38
C ASN C 267 32.91 -44.15 23.90
N ASP C 268 34.05 -44.79 24.19
CA ASP C 268 34.52 -45.12 25.55
C ASP C 268 35.49 -44.05 26.12
N PRO C 269 35.68 -44.04 27.47
CA PRO C 269 36.54 -43.12 28.24
C PRO C 269 38.05 -43.30 28.01
N THR C 270 38.39 -44.45 27.43
CA THR C 270 39.77 -44.78 27.11
C THR C 270 40.30 -43.75 26.08
N GLN C 271 39.40 -43.38 25.16
CA GLN C 271 39.65 -42.41 24.09
C GLN C 271 39.79 -40.99 24.62
N MET C 272 38.96 -40.68 25.61
CA MET C 272 38.92 -39.37 26.26
C MET C 272 40.32 -38.98 26.76
N GLN C 273 40.79 -39.75 27.73
CA GLN C 273 42.10 -39.51 28.34
C GLN C 273 43.16 -39.17 27.32
N LYS C 274 43.57 -40.14 26.50
CA LYS C 274 44.60 -39.90 25.51
C LYS C 274 44.29 -38.69 24.61
N PHE C 275 43.07 -38.19 24.67
CA PHE C 275 42.69 -37.03 23.87
C PHE C 275 43.10 -35.71 24.56
N LEU C 276 42.60 -35.52 25.77
CA LEU C 276 42.89 -34.32 26.56
C LEU C 276 44.31 -34.33 27.11
N ASP C 277 44.90 -35.51 27.18
CA ASP C 277 46.25 -35.63 27.70
C ASP C 277 47.26 -35.11 26.70
N GLU C 278 47.23 -35.62 25.48
CA GLU C 278 48.18 -35.15 24.47
C GLU C 278 47.87 -33.70 24.07
N GLU C 279 46.60 -33.33 24.11
CA GLU C 279 46.17 -31.98 23.78
C GLU C 279 46.69 -30.97 24.79
N GLU C 280 46.87 -31.44 26.03
CA GLU C 280 47.39 -30.64 27.13
C GLU C 280 48.90 -30.59 26.98
N ASN C 281 49.46 -31.69 26.47
CA ASN C 281 50.90 -31.80 26.25
C ASN C 281 51.33 -30.97 25.02
N LEU C 282 50.35 -30.57 24.22
CA LEU C 282 50.63 -29.79 23.01
C LEU C 282 51.06 -28.35 23.39
N ILE C 283 50.40 -27.78 24.40
CA ILE C 283 50.69 -26.43 24.88
C ILE C 283 51.98 -26.42 25.69
N LYS C 284 52.18 -27.49 26.47
CA LYS C 284 53.38 -27.64 27.29
C LYS C 284 54.58 -27.65 26.35
N GLU C 285 54.34 -28.04 25.10
CA GLU C 285 55.40 -28.08 24.10
C GLU C 285 55.87 -26.67 23.82
N LYS C 286 54.94 -25.80 23.45
CA LYS C 286 55.30 -24.42 23.18
C LYS C 286 56.04 -23.88 24.41
N VAL C 287 55.52 -24.16 25.60
CA VAL C 287 56.15 -23.70 26.84
C VAL C 287 57.61 -24.16 27.00
N ASP C 288 57.86 -25.46 26.79
CA ASP C 288 59.22 -26.00 26.91
C ASP C 288 60.13 -25.46 25.81
N LYS C 289 59.54 -25.25 24.64
CA LYS C 289 60.27 -24.77 23.47
C LYS C 289 60.76 -23.34 23.70
N ILE C 290 60.06 -22.64 24.60
CA ILE C 290 60.37 -21.26 24.98
C ILE C 290 61.36 -21.28 26.14
N LEU C 291 61.09 -22.13 27.12
CA LEU C 291 61.97 -22.28 28.27
C LEU C 291 63.29 -22.87 27.76
N ALA C 292 63.29 -23.32 26.50
CA ALA C 292 64.46 -23.90 25.84
C ALA C 292 65.61 -22.91 25.83
N THR C 293 65.29 -21.65 26.10
CA THR C 293 66.26 -20.59 26.14
C THR C 293 66.59 -20.35 27.61
N GLY C 294 65.68 -20.82 28.46
CA GLY C 294 65.86 -20.67 29.89
C GLY C 294 65.62 -19.23 30.30
N ALA C 295 64.36 -18.86 30.39
CA ALA C 295 64.00 -17.50 30.78
C ALA C 295 63.34 -17.51 32.16
N ASN C 296 63.66 -16.52 32.98
CA ASN C 296 63.10 -16.44 34.32
C ASN C 296 61.68 -15.93 34.26
N VAL C 297 61.42 -15.08 33.28
CA VAL C 297 60.13 -14.48 33.10
C VAL C 297 59.75 -14.49 31.62
N ILE C 298 58.45 -14.57 31.37
CA ILE C 298 57.89 -14.62 30.02
C ILE C 298 56.53 -13.88 29.98
N ILE C 299 56.43 -12.83 29.17
CA ILE C 299 55.18 -12.06 29.04
C ILE C 299 54.75 -11.99 27.57
N CYS C 300 53.45 -12.01 27.31
CA CYS C 300 52.95 -11.95 25.94
C CYS C 300 51.78 -10.99 25.79
N GLN C 301 51.26 -10.87 24.58
CA GLN C 301 50.14 -9.98 24.34
C GLN C 301 48.91 -10.74 23.84
N LYS C 302 48.60 -11.85 24.48
CA LYS C 302 47.43 -12.65 24.11
C LYS C 302 46.96 -13.39 25.37
N GLY C 303 45.81 -14.08 25.27
CA GLY C 303 45.29 -14.81 26.42
C GLY C 303 46.04 -16.11 26.71
N ILE C 304 46.56 -16.26 27.93
CA ILE C 304 47.29 -17.47 28.32
C ILE C 304 46.38 -18.50 29.01
N ASP C 305 46.41 -19.73 28.50
CA ASP C 305 45.60 -20.81 29.05
C ASP C 305 45.78 -20.95 30.56
N GLU C 306 44.70 -21.33 31.24
CA GLU C 306 44.70 -21.51 32.69
C GLU C 306 45.42 -22.80 33.13
N VAL C 307 45.48 -23.77 32.23
CA VAL C 307 46.15 -25.06 32.48
C VAL C 307 47.66 -24.84 32.28
N ALA C 308 47.99 -23.95 31.34
CA ALA C 308 49.36 -23.59 31.00
C ALA C 308 49.96 -22.76 32.10
N GLN C 309 49.09 -22.22 32.94
CA GLN C 309 49.51 -21.40 34.07
C GLN C 309 50.01 -22.33 35.17
N SER C 310 49.24 -23.38 35.44
CA SER C 310 49.60 -24.36 36.47
C SER C 310 50.92 -25.01 36.11
N TYR C 311 51.22 -25.06 34.81
CA TYR C 311 52.46 -25.64 34.32
C TYR C 311 53.63 -24.70 34.58
N LEU C 312 53.45 -23.43 34.22
CA LEU C 312 54.47 -22.41 34.39
C LEU C 312 54.66 -22.18 35.88
N ALA C 313 53.57 -22.35 36.62
CA ALA C 313 53.57 -22.19 38.06
C ALA C 313 54.43 -23.27 38.71
N LYS C 314 54.29 -24.50 38.23
CA LYS C 314 55.05 -25.63 38.75
C LYS C 314 56.52 -25.53 38.32
N LYS C 315 56.76 -24.84 37.20
CA LYS C 315 58.11 -24.64 36.67
C LYS C 315 58.86 -23.51 37.37
N GLY C 316 58.13 -22.59 37.98
CA GLY C 316 58.76 -21.48 38.67
C GLY C 316 59.02 -20.28 37.77
N VAL C 317 58.12 -20.04 36.82
CA VAL C 317 58.24 -18.92 35.87
C VAL C 317 57.25 -17.80 36.24
N LEU C 318 57.57 -16.57 35.86
CA LEU C 318 56.70 -15.43 36.11
C LEU C 318 56.13 -14.98 34.77
N ALA C 319 54.82 -15.18 34.56
CA ALA C 319 54.18 -14.81 33.30
C ALA C 319 53.06 -13.79 33.43
N VAL C 320 52.87 -12.99 32.39
CA VAL C 320 51.81 -11.97 32.36
C VAL C 320 50.88 -12.15 31.16
N ARG C 321 49.57 -12.00 31.39
CA ARG C 321 48.54 -12.16 30.36
C ARG C 321 48.64 -11.17 29.20
N ARG C 322 47.49 -10.76 28.68
CA ARG C 322 47.46 -9.81 27.58
C ARG C 322 48.14 -8.52 28.08
N ALA C 323 48.87 -7.86 27.19
CA ALA C 323 49.57 -6.60 27.53
C ALA C 323 49.76 -5.81 26.23
N LYS C 324 49.27 -4.57 26.18
CA LYS C 324 49.38 -3.73 24.95
C LYS C 324 50.77 -3.83 24.30
N LYS C 325 50.81 -4.20 23.01
CA LYS C 325 52.06 -4.32 22.25
C LYS C 325 52.85 -3.02 22.45
N SER C 326 52.08 -1.95 22.68
CA SER C 326 52.59 -0.59 22.89
C SER C 326 53.75 -0.55 23.90
N ASP C 327 53.73 -1.46 24.89
CA ASP C 327 54.75 -1.51 25.92
C ASP C 327 55.78 -2.61 25.71
N LEU C 328 55.41 -3.64 24.95
CA LEU C 328 56.34 -4.72 24.68
C LEU C 328 57.55 -4.15 23.97
N GLU C 329 57.31 -3.28 23.00
CA GLU C 329 58.39 -2.67 22.25
C GLU C 329 59.28 -1.84 23.20
N LYS C 330 58.66 -0.91 23.94
CA LYS C 330 59.38 -0.05 24.89
C LYS C 330 60.19 -0.89 25.88
N LEU C 331 59.71 -2.11 26.10
CA LEU C 331 60.37 -3.06 27.01
C LEU C 331 61.38 -3.90 26.23
N ALA C 332 61.18 -3.99 24.92
CA ALA C 332 62.06 -4.75 24.05
C ALA C 332 63.47 -4.17 24.06
N ARG C 333 63.64 -3.01 23.43
CA ARG C 333 64.95 -2.37 23.37
C ARG C 333 65.36 -1.73 24.69
N ALA C 334 64.56 -1.93 25.72
CA ALA C 334 64.90 -1.38 27.04
C ALA C 334 65.65 -2.45 27.85
N THR C 335 65.42 -3.72 27.51
CA THR C 335 66.10 -4.83 28.20
C THR C 335 66.95 -5.64 27.23
N GLY C 336 67.18 -5.08 26.04
CA GLY C 336 68.00 -5.75 25.05
C GLY C 336 67.50 -7.14 24.69
N GLY C 337 66.28 -7.20 24.18
CA GLY C 337 65.71 -8.47 23.80
C GLY C 337 64.92 -8.31 22.51
N ARG C 338 64.40 -9.40 21.98
CA ARG C 338 63.61 -9.35 20.75
C ARG C 338 62.18 -9.77 21.09
N VAL C 339 61.22 -9.32 20.28
CA VAL C 339 59.82 -9.66 20.49
C VAL C 339 59.52 -10.91 19.64
N VAL C 340 59.69 -12.08 20.24
CA VAL C 340 59.48 -13.35 19.55
C VAL C 340 58.22 -13.46 18.71
N SER C 341 58.43 -13.52 17.40
CA SER C 341 57.39 -13.62 16.39
C SER C 341 56.82 -15.05 16.40
N ASN C 342 57.69 -15.99 16.07
CA ASN C 342 57.37 -17.42 15.97
C ASN C 342 58.15 -18.20 17.03
N ILE C 343 57.43 -18.83 17.98
CA ILE C 343 58.06 -19.60 19.08
C ILE C 343 59.09 -20.66 18.65
N ASP C 344 58.91 -21.20 17.45
CA ASP C 344 59.82 -22.23 16.92
C ASP C 344 61.11 -21.61 16.39
N GLU C 345 61.33 -20.33 16.70
CA GLU C 345 62.51 -19.61 16.23
C GLU C 345 63.31 -18.93 17.33
N ILE C 346 62.81 -19.02 18.56
CA ILE C 346 63.47 -18.40 19.68
C ILE C 346 64.96 -18.75 19.76
N SER C 347 65.78 -17.76 20.10
CA SER C 347 67.22 -17.95 20.21
C SER C 347 67.73 -17.66 21.61
N GLU C 348 68.96 -18.12 21.87
CA GLU C 348 69.61 -17.93 23.14
C GLU C 348 69.92 -16.44 23.34
N GLN C 349 69.28 -15.60 22.53
CA GLN C 349 69.52 -14.16 22.63
C GLN C 349 68.26 -13.31 22.55
N ASP C 350 67.24 -13.80 21.86
CA ASP C 350 65.97 -13.06 21.72
C ASP C 350 65.36 -12.62 23.05
N LEU C 351 65.92 -13.12 24.15
CA LEU C 351 65.44 -12.80 25.49
C LEU C 351 66.26 -11.69 26.12
N GLY C 352 65.57 -10.69 26.66
CA GLY C 352 66.24 -9.58 27.30
C GLY C 352 66.62 -9.87 28.74
N TYR C 353 67.65 -9.18 29.24
CA TYR C 353 68.10 -9.37 30.61
C TYR C 353 67.64 -8.23 31.51
N ALA C 354 67.62 -8.50 32.81
CA ALA C 354 67.21 -7.50 33.79
C ALA C 354 67.99 -7.72 35.06
N SER C 355 67.57 -7.04 36.13
CA SER C 355 68.25 -7.15 37.42
C SER C 355 67.31 -7.56 38.53
N LEU C 356 66.10 -7.02 38.53
CA LEU C 356 65.14 -7.37 39.56
C LEU C 356 63.74 -7.07 39.04
N ILE C 357 62.85 -8.04 39.16
CA ILE C 357 61.46 -7.87 38.74
C ILE C 357 60.66 -7.87 40.04
N GLU C 358 59.57 -7.10 40.08
CA GLU C 358 58.73 -7.01 41.28
C GLU C 358 57.28 -6.80 40.90
N GLU C 359 56.42 -6.85 41.90
CA GLU C 359 55.00 -6.67 41.68
C GLU C 359 54.34 -5.97 42.87
N ARG C 360 54.78 -4.75 43.20
CA ARG C 360 54.18 -4.05 44.34
C ARG C 360 52.75 -3.63 44.03
N LYS C 361 51.86 -3.79 45.02
CA LYS C 361 50.45 -3.43 44.85
C LYS C 361 50.26 -1.94 45.06
N VAL C 362 51.10 -1.13 44.40
CA VAL C 362 51.03 0.32 44.53
C VAL C 362 49.64 0.86 44.13
N GLY C 363 49.10 1.68 45.02
CA GLY C 363 47.78 2.29 44.83
C GLY C 363 46.66 1.37 45.26
N GLU C 364 46.13 0.62 44.30
CA GLU C 364 45.05 -0.34 44.55
C GLU C 364 45.39 -1.67 43.88
N ASP C 365 45.55 -1.63 42.56
CA ASP C 365 45.87 -2.84 41.81
C ASP C 365 47.36 -3.16 41.93
N LYS C 366 47.77 -4.28 41.34
CA LYS C 366 49.15 -4.68 41.39
C LYS C 366 49.76 -4.60 39.99
N MET C 367 50.96 -4.03 39.92
CA MET C 367 51.68 -3.84 38.66
C MET C 367 53.06 -4.49 38.74
N VAL C 368 53.58 -4.86 37.57
CA VAL C 368 54.90 -5.49 37.43
C VAL C 368 55.97 -4.44 37.15
N PHE C 369 57.12 -4.57 37.81
CA PHE C 369 58.22 -3.63 37.58
C PHE C 369 59.41 -4.39 37.04
N VAL C 370 60.23 -3.72 36.26
CA VAL C 370 61.40 -4.35 35.67
C VAL C 370 62.54 -3.37 35.87
N GLU C 371 62.85 -3.09 37.13
CA GLU C 371 63.92 -2.15 37.45
C GLU C 371 65.32 -2.66 37.16
N GLY C 372 66.25 -1.72 36.93
CA GLY C 372 67.63 -2.06 36.62
C GLY C 372 67.84 -2.91 35.38
N ALA C 373 67.17 -2.56 34.29
CA ALA C 373 67.29 -3.32 33.03
C ALA C 373 68.71 -3.40 32.50
N LYS C 374 68.88 -4.07 31.36
CA LYS C 374 70.21 -4.19 30.75
C LYS C 374 70.60 -2.88 30.12
N ASN C 375 69.62 -2.18 29.56
CA ASN C 375 69.86 -0.90 28.93
C ASN C 375 69.59 0.21 29.94
N PRO C 376 70.61 1.02 30.28
CA PRO C 376 70.50 2.12 31.24
C PRO C 376 69.49 3.23 30.87
N LYS C 377 69.83 4.00 29.84
CA LYS C 377 68.99 5.10 29.36
C LYS C 377 67.65 4.58 28.86
N SER C 378 66.76 4.33 29.81
CA SER C 378 65.43 3.81 29.49
C SER C 378 64.62 3.80 30.80
N ILE C 379 63.81 4.83 31.01
CA ILE C 379 62.99 4.90 32.22
C ILE C 379 61.54 5.20 31.90
N SER C 380 60.69 5.09 32.91
CA SER C 380 59.26 5.35 32.73
C SER C 380 58.73 6.21 33.88
N ILE C 381 57.57 6.83 33.66
CA ILE C 381 56.96 7.69 34.68
C ILE C 381 55.59 7.14 35.06
N LEU C 382 55.24 7.23 36.33
CA LEU C 382 53.95 6.74 36.80
C LEU C 382 53.09 7.87 37.34
N ILE C 383 52.00 8.17 36.63
CA ILE C 383 51.07 9.24 37.02
C ILE C 383 49.94 8.67 37.88
N ARG C 384 49.54 9.43 38.89
CA ARG C 384 48.46 9.03 39.78
C ARG C 384 47.72 10.25 40.29
N GLY C 385 47.04 10.94 39.39
CA GLY C 385 46.30 12.13 39.76
C GLY C 385 45.23 11.93 40.83
N GLY C 386 44.67 10.73 40.89
CA GLY C 386 43.63 10.46 41.87
C GLY C 386 42.31 10.17 41.19
N LEU C 387 41.69 11.21 40.62
CA LEU C 387 40.42 11.06 39.92
C LEU C 387 40.61 10.51 38.49
N GLU C 388 39.61 9.82 37.98
CA GLU C 388 39.68 9.21 36.64
C GLU C 388 40.00 10.18 35.49
N ARG C 389 39.74 11.47 35.70
CA ARG C 389 39.98 12.50 34.68
C ARG C 389 41.16 13.41 35.01
N LEU C 390 41.36 13.70 36.29
CA LEU C 390 42.46 14.57 36.74
C LEU C 390 43.78 13.92 36.29
N VAL C 391 43.83 12.59 36.38
CA VAL C 391 45.02 11.84 35.99
C VAL C 391 45.29 12.00 34.50
N ASP C 392 44.23 11.96 33.70
CA ASP C 392 44.34 12.08 32.26
C ASP C 392 45.05 13.36 31.78
N GLU C 393 44.63 14.52 32.29
CA GLU C 393 45.25 15.77 31.89
C GLU C 393 46.64 15.98 32.47
N THR C 394 47.00 15.21 33.49
CA THR C 394 48.33 15.33 34.08
C THR C 394 49.30 14.71 33.07
N GLU C 395 48.79 13.72 32.33
CA GLU C 395 49.55 13.04 31.31
C GLU C 395 49.76 13.98 30.14
N ARG C 396 48.78 14.84 29.85
CA ARG C 396 48.93 15.76 28.74
C ARG C 396 50.05 16.71 29.10
N ALA C 397 49.87 17.41 30.21
CA ALA C 397 50.86 18.37 30.69
C ALA C 397 52.27 17.79 30.74
N LEU C 398 52.36 16.55 31.22
CA LEU C 398 53.64 15.86 31.35
C LEU C 398 54.27 15.55 30.00
N ARG C 399 53.45 15.17 29.03
CA ARG C 399 53.91 14.84 27.68
C ARG C 399 54.58 16.05 27.07
N ASP C 400 53.84 17.15 27.10
CA ASP C 400 54.30 18.40 26.55
C ASP C 400 55.51 18.89 27.32
N ALA C 401 55.45 18.80 28.65
CA ALA C 401 56.54 19.22 29.51
C ALA C 401 57.85 18.54 29.16
N LEU C 402 57.78 17.23 28.93
CA LEU C 402 58.95 16.44 28.57
C LEU C 402 59.42 16.89 27.19
N GLY C 403 58.53 16.81 26.22
CA GLY C 403 58.86 17.22 24.87
C GLY C 403 59.63 18.53 24.83
N THR C 404 59.03 19.59 25.37
CA THR C 404 59.68 20.90 25.37
C THR C 404 61.09 20.91 25.95
N VAL C 405 61.27 20.31 27.12
CA VAL C 405 62.58 20.26 27.76
C VAL C 405 63.62 19.60 26.86
N ALA C 406 63.20 18.55 26.17
CA ALA C 406 64.08 17.83 25.26
C ALA C 406 64.47 18.73 24.10
N ASP C 407 63.55 19.60 23.70
CA ASP C 407 63.82 20.49 22.59
C ASP C 407 64.88 21.53 22.97
N VAL C 408 64.90 21.95 24.24
CA VAL C 408 65.89 22.94 24.66
C VAL C 408 67.29 22.37 24.45
N ILE C 409 67.44 21.08 24.77
CA ILE C 409 68.72 20.37 24.65
C ILE C 409 69.12 20.11 23.21
N LYS C 410 68.17 19.63 22.41
CA LYS C 410 68.43 19.34 21.01
C LYS C 410 68.93 20.59 20.28
N ASP C 411 68.51 21.77 20.73
CA ASP C 411 68.93 23.02 20.11
C ASP C 411 70.06 23.68 20.88
N GLY C 412 69.74 24.28 22.04
CA GLY C 412 70.77 24.93 22.84
C GLY C 412 70.59 26.43 23.05
N ARG C 413 69.48 26.97 22.56
CA ARG C 413 69.15 28.39 22.70
C ARG C 413 67.84 28.54 23.48
N ALA C 414 67.78 29.51 24.39
CA ALA C 414 66.57 29.75 25.19
C ALA C 414 66.42 31.20 25.62
N ILE C 415 65.21 31.75 25.43
CA ILE C 415 64.90 33.14 25.78
C ILE C 415 63.85 33.26 26.90
N ALA C 416 63.75 34.46 27.45
CA ALA C 416 62.79 34.72 28.51
C ALA C 416 61.42 34.90 27.91
N GLY C 417 60.46 34.14 28.41
CA GLY C 417 59.11 34.29 27.90
C GLY C 417 58.40 35.26 28.81
N GLY C 418 57.30 35.82 28.33
CA GLY C 418 56.55 36.77 29.14
C GLY C 418 56.13 37.94 28.31
N GLY C 419 56.33 37.80 27.00
CA GLY C 419 55.99 38.87 26.07
C GLY C 419 57.22 39.68 25.80
N ALA C 420 58.27 39.33 26.54
CA ALA C 420 59.54 40.00 26.42
C ALA C 420 59.97 40.02 24.98
N VAL C 421 60.09 38.84 24.39
CA VAL C 421 60.52 38.76 23.00
C VAL C 421 59.54 39.40 22.00
N GLU C 422 58.27 39.44 22.36
CA GLU C 422 57.30 40.01 21.46
C GLU C 422 57.67 41.46 21.30
N ILE C 423 57.50 42.23 22.35
CA ILE C 423 57.79 43.67 22.28
C ILE C 423 59.13 44.01 21.63
N GLU C 424 60.14 43.17 21.83
CA GLU C 424 61.45 43.44 21.24
C GLU C 424 61.33 43.27 19.74
N ILE C 425 60.85 42.12 19.32
CA ILE C 425 60.64 41.83 17.91
C ILE C 425 59.81 42.95 17.28
N ALA C 426 59.03 43.62 18.13
CA ALA C 426 58.19 44.69 17.64
C ALA C 426 59.10 45.87 17.42
N LYS C 427 59.48 46.52 18.52
CA LYS C 427 60.36 47.68 18.46
C LYS C 427 61.42 47.57 17.38
N LYS C 428 62.21 46.50 17.45
CA LYS C 428 63.29 46.28 16.48
C LYS C 428 62.72 46.30 15.06
N LEU C 429 61.49 45.83 14.95
CA LEU C 429 60.79 45.78 13.66
C LEU C 429 60.35 47.18 13.18
N ARG C 430 59.87 48.01 14.12
CA ARG C 430 59.42 49.36 13.79
C ARG C 430 60.52 50.19 13.20
N LYS C 431 61.70 50.11 13.83
CA LYS C 431 62.84 50.87 13.34
C LYS C 431 63.22 50.36 11.95
N TYR C 432 62.89 49.09 11.67
CA TYR C 432 63.20 48.48 10.36
C TYR C 432 62.25 49.00 9.28
N ALA C 433 60.94 48.86 9.50
CA ALA C 433 59.95 49.31 8.52
C ALA C 433 60.33 50.51 7.65
N PRO C 434 60.56 51.67 8.29
CA PRO C 434 60.93 52.87 7.53
C PRO C 434 61.74 52.63 6.28
N GLN C 435 62.73 51.78 6.35
CA GLN C 435 63.58 51.55 5.20
C GLN C 435 63.08 50.49 4.24
N VAL C 436 62.23 49.60 4.72
CA VAL C 436 61.75 48.52 3.87
C VAL C 436 61.17 48.98 2.53
N GLY C 437 60.35 50.02 2.55
CA GLY C 437 59.76 50.47 1.29
C GLY C 437 58.44 51.22 1.43
N GLY C 438 57.83 51.50 0.28
CA GLY C 438 56.58 52.23 0.25
C GLY C 438 55.46 51.55 0.99
N LYS C 439 54.70 50.75 0.25
CA LYS C 439 53.57 50.06 0.85
C LYS C 439 53.97 48.95 1.81
N GLU C 440 54.92 48.12 1.41
CA GLU C 440 55.37 47.03 2.26
C GLU C 440 55.63 47.48 3.69
N GLN C 441 56.00 48.75 3.84
CA GLN C 441 56.27 49.29 5.15
C GLN C 441 55.07 49.03 6.04
N LEU C 442 53.92 49.50 5.55
CA LEU C 442 52.67 49.34 6.28
C LEU C 442 52.47 47.88 6.65
N ALA C 443 52.84 46.97 5.76
CA ALA C 443 52.70 45.55 6.03
C ALA C 443 53.51 45.23 7.28
N VAL C 444 54.77 45.65 7.26
CA VAL C 444 55.68 45.40 8.37
C VAL C 444 55.23 46.08 9.65
N GLU C 445 54.89 47.37 9.59
CA GLU C 445 54.45 48.05 10.81
C GLU C 445 53.30 47.25 11.40
N ALA C 446 52.48 46.71 10.49
CA ALA C 446 51.34 45.89 10.85
C ALA C 446 51.81 44.61 11.52
N TYR C 447 52.65 43.85 10.82
CA TYR C 447 53.19 42.61 11.36
C TYR C 447 53.60 42.84 12.81
N ALA C 448 54.16 44.01 13.10
CA ALA C 448 54.58 44.34 14.46
C ALA C 448 53.38 44.54 15.39
N ASN C 449 52.44 45.38 15.00
CA ASN C 449 51.26 45.64 15.83
C ASN C 449 50.51 44.37 16.19
N ALA C 450 50.31 43.52 15.18
CA ALA C 450 49.62 42.25 15.33
C ALA C 450 50.30 41.43 16.40
N LEU C 451 51.62 41.52 16.41
CA LEU C 451 52.47 40.79 17.34
C LEU C 451 52.32 41.25 18.80
N GLU C 452 52.13 42.55 18.99
CA GLU C 452 51.95 43.06 20.34
C GLU C 452 50.57 42.63 20.80
N SER C 453 49.63 42.55 19.86
CA SER C 453 48.26 42.10 20.16
C SER C 453 48.39 40.80 20.94
N LEU C 454 49.40 40.03 20.54
CA LEU C 454 49.67 38.74 21.16
C LEU C 454 49.81 38.89 22.68
N VAL C 455 50.65 39.85 23.11
CA VAL C 455 50.87 40.09 24.55
C VAL C 455 49.66 40.72 25.22
N SER C 456 48.84 41.45 24.47
CA SER C 456 47.65 42.06 25.05
C SER C 456 46.73 40.93 25.43
N ILE C 457 46.52 40.01 24.50
CA ILE C 457 45.64 38.88 24.76
C ILE C 457 46.07 38.21 26.06
N LEU C 458 47.38 38.09 26.20
CA LEU C 458 47.97 37.48 27.38
C LEU C 458 47.57 38.29 28.61
N ILE C 459 47.70 39.60 28.52
CA ILE C 459 47.33 40.46 29.63
C ILE C 459 45.84 40.28 29.91
N GLU C 460 45.02 40.44 28.88
CA GLU C 460 43.57 40.32 29.02
C GLU C 460 43.21 39.18 29.94
N ASN C 461 43.60 37.97 29.56
CA ASN C 461 43.30 36.77 30.35
C ASN C 461 43.81 36.84 31.77
N ALA C 462 44.70 37.79 32.03
CA ALA C 462 45.26 37.94 33.37
C ALA C 462 44.30 38.76 34.21
N GLY C 463 43.47 39.54 33.54
CA GLY C 463 42.49 40.38 34.24
C GLY C 463 42.92 41.81 34.39
N PHE C 464 43.86 42.26 33.55
CA PHE C 464 44.35 43.64 33.60
C PHE C 464 44.09 44.36 32.30
N ASP C 465 44.11 45.68 32.32
CA ASP C 465 43.86 46.40 31.09
C ASP C 465 44.98 46.14 30.09
N PRO C 466 44.66 45.45 28.98
CA PRO C 466 45.66 45.13 27.96
C PRO C 466 46.45 46.33 27.47
N ILE C 467 45.76 47.42 27.14
CA ILE C 467 46.45 48.61 26.64
C ILE C 467 47.36 49.25 27.71
N ASP C 468 46.81 49.43 28.91
CA ASP C 468 47.56 50.05 30.00
C ASP C 468 48.93 49.45 30.19
N LEU C 469 48.94 48.17 30.51
CA LEU C 469 50.20 47.48 30.74
C LEU C 469 51.08 47.39 29.51
N LEU C 470 50.48 47.15 28.35
CA LEU C 470 51.28 47.03 27.13
C LEU C 470 52.05 48.31 26.94
N MET C 471 51.39 49.45 27.07
CA MET C 471 52.12 50.69 26.88
C MET C 471 53.12 50.83 28.01
N LYS C 472 52.68 50.61 29.25
CA LYS C 472 53.56 50.71 30.40
C LYS C 472 54.78 49.78 30.29
N LEU C 473 54.63 48.67 29.56
CA LEU C 473 55.71 47.71 29.36
C LEU C 473 56.60 48.11 28.18
N ARG C 474 56.02 48.31 27.00
CA ARG C 474 56.84 48.69 25.85
C ARG C 474 57.57 49.99 26.13
N SER C 475 57.21 50.62 27.25
CA SER C 475 57.83 51.87 27.69
C SER C 475 59.03 51.50 28.55
N THR C 476 58.82 50.51 29.42
CA THR C 476 59.87 50.05 30.30
C THR C 476 60.93 49.28 29.51
N HIS C 477 60.85 49.32 28.18
CA HIS C 477 61.84 48.63 27.36
C HIS C 477 62.77 49.61 26.70
N GLU C 478 62.84 50.81 27.25
CA GLU C 478 63.74 51.79 26.69
C GLU C 478 65.13 51.40 27.19
N ASN C 479 65.18 51.07 28.48
CA ASN C 479 66.42 50.66 29.17
C ASN C 479 67.02 49.42 28.50
N GLU C 480 68.06 49.61 27.69
CA GLU C 480 68.70 48.51 26.99
C GLU C 480 68.96 47.27 27.88
N ASN C 481 68.97 47.46 29.19
CA ASN C 481 69.23 46.38 30.14
C ASN C 481 67.96 45.70 30.65
N ASN C 482 66.88 45.76 29.88
CA ASN C 482 65.64 45.14 30.31
C ASN C 482 65.11 44.14 29.30
N LYS C 483 65.84 43.92 28.21
CA LYS C 483 65.38 43.00 27.18
C LYS C 483 64.47 41.89 27.74
N TRP C 484 64.91 41.20 28.79
CA TRP C 484 64.12 40.12 29.41
C TRP C 484 62.92 40.54 30.25
N TYR C 485 62.55 41.82 30.20
CA TYR C 485 61.42 42.30 30.98
C TYR C 485 60.10 41.98 30.34
N GLY C 486 59.15 41.52 31.16
CA GLY C 486 57.83 41.17 30.67
C GLY C 486 56.78 41.57 31.70
N ILE C 487 55.58 41.01 31.66
CA ILE C 487 54.58 41.40 32.65
C ILE C 487 54.09 40.29 33.56
N ASP C 488 54.51 40.36 34.81
CA ASP C 488 54.13 39.38 35.80
C ASP C 488 52.63 39.34 35.91
N LEU C 489 52.04 38.23 35.46
CA LEU C 489 50.60 38.08 35.46
C LEU C 489 49.97 37.81 36.83
N TYR C 490 50.57 38.32 37.90
CA TYR C 490 49.99 38.11 39.22
C TYR C 490 50.04 39.38 40.02
N ALA C 491 50.99 40.25 39.69
CA ALA C 491 51.16 41.50 40.39
C ALA C 491 50.78 42.69 39.50
N GLY C 492 50.71 42.45 38.19
CA GLY C 492 50.36 43.52 37.27
C GLY C 492 51.43 44.60 37.23
N GLN C 493 52.58 44.28 36.66
CA GLN C 493 53.65 45.24 36.58
C GLN C 493 54.83 44.63 35.88
N PRO C 494 55.53 45.42 35.08
CA PRO C 494 56.70 44.95 34.34
C PRO C 494 57.80 44.51 35.28
N VAL C 495 58.34 43.30 35.08
CA VAL C 495 59.45 42.80 35.91
C VAL C 495 60.35 41.97 35.03
N ASP C 496 61.51 41.60 35.54
CA ASP C 496 62.41 40.80 34.73
C ASP C 496 61.94 39.36 34.76
N MET C 497 61.41 38.89 33.64
CA MET C 497 60.92 37.51 33.55
C MET C 497 62.01 36.50 33.83
N TRP C 498 63.14 36.64 33.14
CA TRP C 498 64.25 35.71 33.32
C TRP C 498 64.58 35.48 34.80
N GLN C 499 64.85 36.57 35.52
CA GLN C 499 65.17 36.47 36.94
C GLN C 499 63.98 36.14 37.81
N LYS C 500 63.07 35.34 37.25
CA LYS C 500 61.90 34.93 38.00
C LYS C 500 61.50 33.55 37.55
N GLY C 501 62.42 32.86 36.86
CA GLY C 501 62.16 31.50 36.39
C GLY C 501 61.06 31.34 35.37
N VAL C 502 61.25 31.98 34.23
CA VAL C 502 60.28 31.91 33.15
C VAL C 502 60.99 31.89 31.80
N ILE C 503 61.49 30.72 31.42
CA ILE C 503 62.19 30.63 30.14
C ILE C 503 61.54 29.60 29.22
N GLU C 504 61.81 29.76 27.94
CA GLU C 504 61.27 28.87 26.95
C GLU C 504 62.25 28.65 25.85
N PRO C 505 62.15 27.50 25.20
CA PRO C 505 62.99 27.05 24.09
C PRO C 505 62.95 28.14 23.04
N ALA C 506 64.04 28.87 22.88
CA ALA C 506 64.04 29.92 21.89
C ALA C 506 63.62 29.37 20.52
N LEU C 507 63.49 28.06 20.41
CA LEU C 507 63.07 27.49 19.13
C LEU C 507 61.57 27.27 19.05
N VAL C 508 60.92 26.89 20.16
CA VAL C 508 59.48 26.66 20.12
C VAL C 508 58.71 27.92 19.68
N LYS C 509 59.01 29.05 20.34
CA LYS C 509 58.38 30.34 20.07
C LYS C 509 58.96 31.02 18.85
N MET C 510 59.75 30.26 18.12
CA MET C 510 60.42 30.74 16.93
C MET C 510 59.76 30.07 15.75
N ASN C 511 59.55 28.77 15.87
CA ASN C 511 58.91 28.00 14.82
C ASN C 511 57.47 28.43 14.79
N ALA C 512 56.97 28.90 15.93
CA ALA C 512 55.60 29.36 16.02
C ALA C 512 55.45 30.48 15.00
N ILE C 513 56.34 31.48 15.10
CA ILE C 513 56.33 32.62 14.18
C ILE C 513 56.40 32.19 12.70
N LYS C 514 57.29 31.25 12.37
CA LYS C 514 57.43 30.77 11.00
C LYS C 514 56.11 30.15 10.60
N ALA C 515 55.55 29.37 11.53
CA ALA C 515 54.27 28.69 11.34
C ALA C 515 53.15 29.69 11.08
N ALA C 516 52.86 30.52 12.07
CA ALA C 516 51.82 31.52 11.92
C ALA C 516 51.92 32.30 10.62
N THR C 517 53.10 32.81 10.30
CA THR C 517 53.27 33.58 9.06
C THR C 517 53.07 32.72 7.83
N GLU C 518 53.43 31.45 7.93
CA GLU C 518 53.25 30.53 6.82
C GLU C 518 51.78 30.52 6.48
N ALA C 519 51.00 30.13 7.48
CA ALA C 519 49.55 30.04 7.37
C ALA C 519 48.96 31.38 6.97
N ALA C 520 49.27 32.39 7.74
CA ALA C 520 48.78 33.74 7.48
C ALA C 520 48.91 34.15 6.00
N THR C 521 50.12 34.09 5.45
CA THR C 521 50.36 34.47 4.03
C THR C 521 49.73 33.49 3.06
N LEU C 522 49.54 32.27 3.51
CA LEU C 522 48.94 31.25 2.67
C LEU C 522 47.46 31.55 2.42
N VAL C 523 46.76 32.02 3.45
CA VAL C 523 45.35 32.35 3.30
C VAL C 523 45.22 33.49 2.31
N LEU C 524 46.14 34.46 2.38
CA LEU C 524 46.14 35.61 1.47
C LEU C 524 46.51 35.26 0.03
N ARG C 525 47.32 34.22 -0.12
CA ARG C 525 47.77 33.76 -1.43
C ARG C 525 46.58 33.21 -2.23
N ILE C 526 45.60 32.68 -1.49
CA ILE C 526 44.39 32.08 -2.04
C ILE C 526 43.44 33.12 -2.62
N ASP C 527 43.02 32.91 -3.86
CA ASP C 527 42.12 33.85 -4.49
C ASP C 527 40.71 33.32 -4.53
N ASP C 528 40.58 32.00 -4.57
CA ASP C 528 39.27 31.37 -4.60
C ASP C 528 39.38 29.85 -4.36
N VAL C 529 38.30 29.26 -3.84
CA VAL C 529 38.23 27.82 -3.56
C VAL C 529 37.14 27.16 -4.41
N VAL C 530 37.49 26.07 -5.10
CA VAL C 530 36.55 25.31 -5.93
C VAL C 530 36.82 23.85 -5.56
N SER C 531 35.81 23.19 -4.98
CA SER C 531 35.92 21.79 -4.54
C SER C 531 35.08 20.81 -5.39
N ALA C 532 35.31 19.51 -5.21
CA ALA C 532 34.57 18.49 -5.95
C ALA C 532 33.52 17.74 -5.09
N GLY D 28 23.62 34.11 -35.80
CA GLY D 28 23.75 35.51 -35.46
C GLY D 28 24.06 35.71 -33.99
N LYS D 29 23.93 36.94 -33.52
CA LYS D 29 24.20 37.29 -32.11
C LYS D 29 23.64 36.26 -31.08
N GLU D 30 22.50 35.66 -31.42
CA GLU D 30 21.83 34.68 -30.57
C GLU D 30 22.76 33.85 -29.65
N ALA D 31 23.37 32.83 -30.22
CA ALA D 31 24.26 31.94 -29.50
C ALA D 31 25.69 32.46 -29.42
N VAL D 32 26.19 33.03 -30.52
CA VAL D 32 27.56 33.52 -30.51
C VAL D 32 27.88 34.28 -29.23
N ARG D 33 26.90 34.93 -28.63
CA ARG D 33 27.18 35.64 -27.41
C ARG D 33 27.55 34.61 -26.34
N ALA D 34 26.77 33.55 -26.25
CA ALA D 34 27.00 32.48 -25.27
C ALA D 34 28.42 31.91 -25.28
N ASN D 35 28.86 31.42 -26.44
CA ASN D 35 30.19 30.85 -26.56
C ASN D 35 31.20 31.83 -26.02
N ILE D 36 31.17 33.05 -26.56
CA ILE D 36 32.07 34.11 -26.10
C ILE D 36 31.99 34.15 -24.58
N ALA D 37 30.78 34.36 -24.07
CA ALA D 37 30.54 34.39 -22.64
C ALA D 37 31.36 33.29 -21.96
N ALA D 38 31.09 32.05 -22.34
CA ALA D 38 31.79 30.90 -21.76
C ALA D 38 33.31 31.08 -21.79
N VAL D 39 33.84 31.45 -22.96
CA VAL D 39 35.29 31.64 -23.09
C VAL D 39 35.76 32.70 -22.08
N LYS D 40 35.20 33.90 -22.14
CA LYS D 40 35.57 34.95 -21.19
C LYS D 40 35.57 34.34 -19.81
N ALA D 41 34.58 33.50 -19.54
CA ALA D 41 34.43 32.81 -18.26
C ALA D 41 35.69 32.05 -17.86
N VAL D 42 36.18 31.21 -18.77
CA VAL D 42 37.39 30.43 -18.52
C VAL D 42 38.55 31.37 -18.20
N GLU D 43 38.64 32.49 -18.92
CA GLU D 43 39.71 33.45 -18.65
C GLU D 43 39.61 33.88 -17.19
N GLU D 44 38.42 34.29 -16.78
CA GLU D 44 38.18 34.73 -15.41
C GLU D 44 38.56 33.72 -14.36
N ALA D 45 38.92 32.52 -14.79
CA ALA D 45 39.29 31.50 -13.84
C ALA D 45 40.80 31.41 -13.61
N LEU D 46 41.59 31.88 -14.57
CA LEU D 46 43.03 31.83 -14.41
C LEU D 46 43.65 33.23 -14.32
N LYS D 47 43.03 34.21 -14.96
CA LYS D 47 43.56 35.58 -14.97
C LYS D 47 44.40 35.92 -13.74
N SER D 48 43.85 35.72 -12.55
CA SER D 48 44.56 36.04 -11.32
C SER D 48 45.73 35.13 -10.95
N THR D 49 46.09 34.22 -11.85
CA THR D 49 47.19 33.30 -11.58
C THR D 49 48.27 33.40 -12.64
N TYR D 50 48.05 34.27 -13.62
CA TYR D 50 49.01 34.46 -14.68
C TYR D 50 50.24 35.06 -14.06
N GLY D 51 51.27 35.26 -14.86
CA GLY D 51 52.48 35.86 -14.30
C GLY D 51 53.21 34.98 -13.32
N PRO D 52 54.46 35.33 -13.00
CA PRO D 52 55.27 34.55 -12.07
C PRO D 52 54.94 34.86 -10.62
N ARG D 53 54.19 35.92 -10.36
CA ARG D 53 53.85 36.23 -8.98
C ARG D 53 52.33 36.30 -8.86
N GLY D 54 51.66 35.40 -9.57
CA GLY D 54 50.22 35.34 -9.57
C GLY D 54 49.61 34.76 -8.32
N MET D 55 48.29 34.57 -8.34
CA MET D 55 47.57 34.04 -7.19
C MET D 55 47.46 32.54 -7.29
N ASP D 56 46.88 31.95 -6.24
CA ASP D 56 46.67 30.53 -6.16
C ASP D 56 45.21 30.23 -5.92
N LYS D 57 44.75 29.14 -6.54
CA LYS D 57 43.39 28.63 -6.45
C LYS D 57 43.41 27.37 -5.56
N MET D 58 42.35 27.16 -4.78
CA MET D 58 42.31 26.01 -3.89
C MET D 58 41.34 24.95 -4.38
N LEU D 59 41.73 23.69 -4.23
CA LEU D 59 40.89 22.57 -4.68
C LEU D 59 40.69 21.47 -3.64
N VAL D 60 39.45 21.29 -3.21
CA VAL D 60 39.14 20.28 -2.21
C VAL D 60 38.41 19.11 -2.82
N ASP D 61 39.11 17.98 -2.87
CA ASP D 61 38.57 16.75 -3.41
C ASP D 61 37.32 16.41 -2.59
N SER D 62 36.41 15.67 -3.20
CA SER D 62 35.18 15.25 -2.52
C SER D 62 35.56 14.34 -1.34
N LEU D 63 36.70 13.66 -1.46
CA LEU D 63 37.19 12.75 -0.43
C LEU D 63 37.50 13.54 0.85
N GLY D 64 37.81 14.83 0.70
CA GLY D 64 38.10 15.68 1.84
C GLY D 64 39.46 16.34 1.75
N ASP D 65 40.37 15.74 0.97
CA ASP D 65 41.74 16.25 0.77
C ASP D 65 41.79 17.53 -0.08
N ILE D 66 42.58 18.50 0.37
CA ILE D 66 42.73 19.79 -0.31
C ILE D 66 44.09 19.96 -1.01
N THR D 67 44.05 20.56 -2.20
CA THR D 67 45.24 20.84 -3.00
C THR D 67 45.10 22.23 -3.61
N ILE D 68 46.00 23.14 -3.23
CA ILE D 68 45.98 24.53 -3.73
C ILE D 68 47.08 24.72 -4.75
N THR D 69 46.74 25.27 -5.92
CA THR D 69 47.76 25.44 -6.94
C THR D 69 47.45 26.55 -7.93
N ASN D 70 48.38 26.74 -8.88
CA ASN D 70 48.23 27.74 -9.92
C ASN D 70 48.75 27.12 -11.21
N ASP D 71 48.66 25.79 -11.31
CA ASP D 71 49.08 25.13 -12.52
C ASP D 71 47.84 25.03 -13.37
N GLY D 72 47.91 25.62 -14.55
CA GLY D 72 46.77 25.62 -15.45
C GLY D 72 46.11 24.27 -15.70
N ALA D 73 46.89 23.30 -16.17
CA ALA D 73 46.33 21.98 -16.44
C ALA D 73 45.42 21.61 -15.28
N THR D 74 45.99 21.52 -14.09
CA THR D 74 45.25 21.17 -12.87
C THR D 74 44.00 22.01 -12.59
N ILE D 75 44.09 23.32 -12.82
CA ILE D 75 42.98 24.23 -12.59
C ILE D 75 41.84 23.95 -13.57
N LEU D 76 42.15 23.28 -14.67
CA LEU D 76 41.12 22.94 -15.63
C LEU D 76 40.73 21.46 -15.52
N ASP D 77 41.69 20.59 -15.20
CA ASP D 77 41.34 19.19 -15.08
C ASP D 77 40.44 19.00 -13.87
N LYS D 78 40.86 19.57 -12.75
CA LYS D 78 40.12 19.45 -11.52
C LYS D 78 38.87 20.34 -11.50
N MET D 79 38.73 21.20 -12.50
CA MET D 79 37.57 22.08 -12.54
C MET D 79 36.70 21.72 -13.72
N ASP D 80 35.59 21.03 -13.46
CA ASP D 80 34.74 20.63 -14.57
C ASP D 80 33.92 21.76 -15.14
N LEU D 81 34.06 21.94 -16.45
CA LEU D 81 33.32 22.95 -17.16
C LEU D 81 32.38 22.15 -18.02
N GLN D 82 31.24 22.75 -18.32
CA GLN D 82 30.28 22.04 -19.12
C GLN D 82 30.08 22.67 -20.49
N HIS D 83 29.79 23.97 -20.56
CA HIS D 83 29.55 24.59 -21.86
C HIS D 83 30.53 24.08 -22.91
N PRO D 84 30.02 23.68 -24.09
CA PRO D 84 30.83 23.15 -25.20
C PRO D 84 31.99 24.03 -25.62
N ALA D 85 31.71 25.32 -25.81
CA ALA D 85 32.75 26.25 -26.21
C ALA D 85 33.97 26.04 -25.31
N ALA D 86 33.74 26.11 -24.00
CA ALA D 86 34.80 25.93 -23.02
C ALA D 86 35.60 24.64 -23.20
N LYS D 87 34.92 23.49 -23.27
CA LYS D 87 35.64 22.23 -23.45
C LYS D 87 36.47 22.31 -24.73
N LEU D 88 35.93 23.08 -25.68
CA LEU D 88 36.56 23.29 -26.98
C LEU D 88 37.82 24.15 -26.86
N LEU D 89 37.76 25.18 -26.02
CA LEU D 89 38.89 26.06 -25.80
C LEU D 89 40.01 25.24 -25.12
N VAL D 90 39.70 24.66 -23.95
CA VAL D 90 40.67 23.86 -23.20
C VAL D 90 41.24 22.70 -24.01
N GLN D 91 40.44 22.13 -24.92
CA GLN D 91 40.91 21.02 -25.73
C GLN D 91 42.08 21.50 -26.59
N ILE D 92 41.94 22.72 -27.08
CA ILE D 92 42.99 23.31 -27.91
C ILE D 92 44.14 23.75 -27.03
N ALA D 93 43.81 24.31 -25.86
CA ALA D 93 44.83 24.77 -24.94
C ALA D 93 45.69 23.66 -24.35
N LYS D 94 45.09 22.74 -23.59
CA LYS D 94 45.87 21.64 -22.99
C LYS D 94 46.57 20.85 -24.07
N GLY D 95 45.78 20.23 -24.94
CA GLY D 95 46.36 19.46 -26.03
C GLY D 95 46.93 20.46 -27.02
N GLN D 96 47.82 21.31 -26.52
CA GLN D 96 48.44 22.33 -27.37
C GLN D 96 49.27 21.63 -28.42
N ASP D 97 50.36 22.29 -28.81
CA ASP D 97 51.25 21.80 -29.85
C ASP D 97 52.55 21.11 -29.35
N GLU D 98 52.79 21.02 -28.05
CA GLU D 98 54.02 20.37 -27.59
C GLU D 98 54.10 19.74 -26.18
N GLU D 99 55.34 19.52 -25.73
CA GLU D 99 55.63 18.91 -24.43
C GLU D 99 55.05 19.67 -23.25
N THR D 100 55.91 20.47 -22.62
CA THR D 100 55.56 21.30 -21.47
C THR D 100 54.11 21.82 -21.42
N ALA D 101 53.59 21.92 -20.20
CA ALA D 101 52.23 22.39 -19.99
C ALA D 101 52.21 23.91 -20.00
N ASP D 102 53.39 24.53 -20.01
CA ASP D 102 53.49 25.98 -20.00
C ASP D 102 52.87 26.65 -21.21
N GLY D 103 52.41 27.88 -21.00
CA GLY D 103 51.82 28.62 -22.08
C GLY D 103 50.40 28.21 -22.36
N THR D 104 49.95 27.09 -21.81
CA THR D 104 48.56 26.70 -22.05
C THR D 104 47.77 27.75 -21.29
N LYS D 105 48.33 28.19 -20.16
CA LYS D 105 47.66 29.21 -19.39
C LYS D 105 47.61 30.48 -20.23
N THR D 106 48.65 30.76 -21.01
CA THR D 106 48.66 31.94 -21.88
C THR D 106 47.65 31.68 -22.98
N ALA D 107 47.88 30.61 -23.74
CA ALA D 107 47.01 30.27 -24.85
C ALA D 107 45.56 30.58 -24.53
N VAL D 108 45.09 30.17 -23.35
CA VAL D 108 43.70 30.42 -23.01
C VAL D 108 43.43 31.91 -22.68
N ILE D 109 44.20 32.52 -21.76
CA ILE D 109 43.97 33.95 -21.43
C ILE D 109 43.94 34.81 -22.68
N PHE D 110 45.03 34.76 -23.45
CA PHE D 110 45.15 35.54 -24.68
C PHE D 110 43.97 35.18 -25.58
N SER D 111 43.60 33.91 -25.55
CA SER D 111 42.48 33.41 -26.34
C SER D 111 41.24 34.21 -26.01
N GLY D 112 40.87 34.19 -24.75
CA GLY D 112 39.70 34.91 -24.33
C GLY D 112 39.83 36.41 -24.51
N GLU D 113 41.04 36.94 -24.48
CA GLU D 113 41.17 38.37 -24.66
C GLU D 113 40.83 38.79 -26.08
N LEU D 114 41.21 37.97 -27.05
CA LEU D 114 40.92 38.24 -28.46
C LEU D 114 39.42 38.23 -28.60
N VAL D 115 38.78 37.28 -27.94
CA VAL D 115 37.34 37.15 -27.97
C VAL D 115 36.73 38.43 -27.42
N LYS D 116 37.21 38.88 -26.27
CA LYS D 116 36.67 40.10 -25.71
C LYS D 116 36.82 41.23 -26.71
N LYS D 117 38.07 41.57 -27.03
CA LYS D 117 38.34 42.67 -27.94
C LYS D 117 37.66 42.48 -29.29
N ALA D 118 37.32 41.24 -29.66
CA ALA D 118 36.62 40.95 -30.93
C ALA D 118 35.16 41.26 -30.76
N GLU D 119 34.67 41.08 -29.55
CA GLU D 119 33.28 41.34 -29.27
C GLU D 119 32.99 42.80 -29.57
N ASP D 120 33.92 43.68 -29.23
CA ASP D 120 33.73 45.10 -29.47
C ASP D 120 33.59 45.41 -30.95
N LEU D 121 34.14 44.53 -31.78
CA LEU D 121 34.07 44.72 -33.24
C LEU D 121 32.68 44.38 -33.73
N LEU D 122 32.10 43.30 -33.18
CA LEU D 122 30.76 42.89 -33.57
C LEU D 122 29.81 44.01 -33.17
N TYR D 123 30.09 44.67 -32.05
CA TYR D 123 29.24 45.74 -31.58
C TYR D 123 29.20 46.81 -32.67
N LYS D 124 30.35 47.02 -33.29
CA LYS D 124 30.47 48.01 -34.38
C LYS D 124 29.90 47.44 -35.66
N ASP D 125 29.33 46.25 -35.58
CA ASP D 125 28.72 45.63 -36.74
C ASP D 125 29.68 45.28 -37.90
N VAL D 126 30.70 44.48 -37.61
CA VAL D 126 31.66 44.03 -38.63
C VAL D 126 31.52 42.50 -38.68
N HIS D 127 31.06 41.95 -39.80
CA HIS D 127 30.90 40.50 -39.92
C HIS D 127 32.05 39.74 -39.30
N PRO D 128 31.75 38.71 -38.49
CA PRO D 128 32.80 37.93 -37.85
C PRO D 128 33.79 37.31 -38.85
N THR D 129 33.34 37.08 -40.08
CA THR D 129 34.21 36.48 -41.08
C THR D 129 35.40 37.39 -41.32
N ILE D 130 35.16 38.70 -41.17
CA ILE D 130 36.20 39.69 -41.36
C ILE D 130 37.17 39.69 -40.17
N ILE D 131 36.64 39.71 -38.96
CA ILE D 131 37.47 39.70 -37.75
C ILE D 131 38.40 38.48 -37.79
N ILE D 132 37.97 37.43 -38.47
CA ILE D 132 38.74 36.19 -38.60
C ILE D 132 39.97 36.42 -39.46
N SER D 133 39.75 36.93 -40.67
CA SER D 133 40.81 37.21 -41.60
C SER D 133 41.75 38.21 -40.95
N GLY D 134 41.15 39.19 -40.28
CA GLY D 134 41.93 40.19 -39.61
C GLY D 134 42.92 39.51 -38.70
N TYR D 135 42.40 38.69 -37.80
CA TYR D 135 43.24 37.94 -36.85
C TYR D 135 44.27 37.04 -37.52
N LYS D 136 43.87 36.34 -38.57
CA LYS D 136 44.79 35.46 -39.28
C LYS D 136 46.02 36.23 -39.71
N LYS D 137 45.81 37.25 -40.54
CA LYS D 137 46.89 38.08 -41.03
C LYS D 137 47.74 38.64 -39.90
N ALA D 138 47.09 39.00 -38.79
CA ALA D 138 47.80 39.54 -37.64
C ALA D 138 48.62 38.45 -37.01
N GLU D 139 48.06 37.25 -36.95
CA GLU D 139 48.76 36.11 -36.40
C GLU D 139 50.05 35.89 -37.21
N GLU D 140 49.92 35.85 -38.53
CA GLU D 140 51.09 35.64 -39.38
C GLU D 140 52.24 36.47 -38.89
N VAL D 141 52.07 37.78 -39.01
CA VAL D 141 53.06 38.76 -38.61
C VAL D 141 53.50 38.59 -37.17
N ALA D 142 52.51 38.54 -36.29
CA ALA D 142 52.80 38.40 -34.88
C ALA D 142 53.75 37.24 -34.71
N LEU D 143 53.56 36.20 -35.54
CA LEU D 143 54.38 35.01 -35.47
C LEU D 143 55.81 35.22 -35.97
N GLN D 144 56.00 35.53 -37.26
CA GLN D 144 57.35 35.72 -37.81
C GLN D 144 58.13 36.78 -37.04
N THR D 145 57.42 37.68 -36.37
CA THR D 145 58.07 38.74 -35.61
C THR D 145 58.85 38.16 -34.45
N ILE D 146 58.56 36.90 -34.13
CA ILE D 146 59.25 36.22 -33.05
C ILE D 146 60.45 35.50 -33.69
N GLN D 147 60.23 34.93 -34.88
CA GLN D 147 61.30 34.24 -35.58
C GLN D 147 62.43 35.20 -35.87
N GLU D 148 62.15 36.18 -36.72
CA GLU D 148 63.14 37.19 -37.08
C GLU D 148 63.42 38.11 -35.91
N LEU D 149 63.59 37.53 -34.74
CA LEU D 149 63.85 38.30 -33.53
C LEU D 149 64.39 37.39 -32.43
N ALA D 150 64.04 36.11 -32.50
CA ALA D 150 64.47 35.12 -31.52
C ALA D 150 65.97 34.96 -31.59
N GLN D 151 66.57 34.55 -30.48
CA GLN D 151 68.01 34.35 -30.47
C GLN D 151 68.37 32.87 -30.43
N THR D 152 69.42 32.53 -31.18
CA THR D 152 69.93 31.15 -31.30
C THR D 152 70.58 30.59 -30.05
N VAL D 153 69.94 29.60 -29.45
CA VAL D 153 70.47 28.97 -28.24
C VAL D 153 70.93 27.55 -28.54
N SER D 154 72.14 27.21 -28.09
CA SER D 154 72.70 25.88 -28.33
C SER D 154 72.98 25.17 -27.01
N ILE D 155 72.66 23.87 -26.97
CA ILE D 155 72.82 23.01 -25.78
C ILE D 155 74.23 23.04 -25.17
N ASN D 156 75.18 23.62 -25.89
CA ASN D 156 76.55 23.74 -25.40
C ASN D 156 76.52 24.70 -24.25
N ASP D 157 75.88 25.86 -24.49
CA ASP D 157 75.79 26.87 -23.46
C ASP D 157 74.94 26.38 -22.30
N THR D 158 75.62 25.79 -21.33
CA THR D 158 74.97 25.25 -20.15
C THR D 158 74.59 26.32 -19.13
N ASP D 159 75.28 27.45 -19.17
CA ASP D 159 75.02 28.53 -18.22
C ASP D 159 73.71 29.28 -18.52
N LEU D 160 73.14 29.03 -19.69
CA LEU D 160 71.91 29.67 -20.13
C LEU D 160 70.67 28.92 -19.68
N LEU D 161 70.67 27.61 -19.92
CA LEU D 161 69.55 26.76 -19.52
C LEU D 161 69.38 26.83 -18.01
N ARG D 162 70.46 27.14 -17.31
CA ARG D 162 70.43 27.27 -15.85
C ARG D 162 69.33 28.33 -15.52
N LYS D 163 69.16 29.29 -16.42
CA LYS D 163 68.17 30.34 -16.24
C LYS D 163 66.81 29.88 -16.76
N ILE D 164 66.72 29.61 -18.07
CA ILE D 164 65.48 29.15 -18.69
C ILE D 164 64.72 28.18 -17.79
N ALA D 165 65.45 27.40 -17.00
CA ALA D 165 64.82 26.43 -16.10
C ALA D 165 64.09 27.16 -15.00
N MET D 166 64.77 28.11 -14.36
CA MET D 166 64.15 28.87 -13.29
C MET D 166 62.97 29.71 -13.82
N THR D 167 63.15 30.29 -15.00
CA THR D 167 62.10 31.10 -15.62
C THR D 167 60.79 30.31 -15.73
N SER D 168 60.87 28.99 -15.52
CA SER D 168 59.70 28.12 -15.60
C SER D 168 59.23 27.61 -14.23
N LEU D 169 60.15 27.03 -13.47
CA LEU D 169 59.80 26.51 -12.16
C LEU D 169 59.65 27.60 -11.09
N SER D 170 60.41 28.69 -11.17
CA SER D 170 60.29 29.75 -10.16
C SER D 170 58.83 30.25 -10.07
N SER D 171 58.07 29.99 -11.14
CA SER D 171 56.66 30.39 -11.25
C SER D 171 55.73 29.68 -10.25
N LYS D 172 56.03 28.42 -9.92
CA LYS D 172 55.19 27.64 -9.01
C LYS D 172 55.38 27.95 -7.51
N ALA D 173 54.52 27.34 -6.70
CA ALA D 173 54.55 27.53 -5.26
C ALA D 173 55.95 27.43 -4.71
N VAL D 174 56.57 26.24 -4.82
CA VAL D 174 57.93 25.98 -4.32
C VAL D 174 59.06 26.85 -4.93
N ALA D 175 59.33 27.99 -4.28
CA ALA D 175 60.36 28.93 -4.72
C ALA D 175 61.57 29.00 -3.78
N GLY D 176 61.60 28.12 -2.78
CA GLY D 176 62.75 28.11 -1.88
C GLY D 176 63.86 27.48 -2.69
N ALA D 177 65.11 27.90 -2.44
CA ALA D 177 66.29 27.37 -3.15
C ALA D 177 66.02 26.58 -4.45
N ARG D 178 65.49 27.28 -5.46
CA ARG D 178 65.17 26.70 -6.75
C ARG D 178 66.41 26.44 -7.61
N GLU D 179 67.46 27.20 -7.38
CA GLU D 179 68.72 27.04 -8.10
C GLU D 179 69.12 25.56 -8.04
N TYR D 180 68.89 24.97 -6.86
CA TYR D 180 69.19 23.57 -6.58
C TYR D 180 68.44 22.68 -7.59
N ILE D 181 67.13 22.87 -7.68
CA ILE D 181 66.28 22.09 -8.61
C ILE D 181 66.53 22.46 -10.06
N ALA D 182 66.68 23.77 -10.27
CA ALA D 182 66.94 24.33 -11.59
C ALA D 182 68.16 23.66 -12.19
N ASP D 183 69.25 23.70 -11.45
CA ASP D 183 70.48 23.11 -11.91
C ASP D 183 70.29 21.64 -12.31
N ILE D 184 69.63 20.89 -11.42
CA ILE D 184 69.36 19.47 -11.65
C ILE D 184 68.70 19.26 -13.00
N VAL D 185 67.57 19.94 -13.18
CA VAL D 185 66.77 19.87 -14.40
C VAL D 185 67.62 19.97 -15.67
N VAL D 186 68.60 20.87 -15.66
CA VAL D 186 69.49 21.08 -16.81
C VAL D 186 70.31 19.82 -17.08
N LYS D 187 71.01 19.34 -16.06
CA LYS D 187 71.83 18.15 -16.20
C LYS D 187 70.97 16.95 -16.66
N ALA D 188 69.79 16.82 -16.05
CA ALA D 188 68.86 15.73 -16.35
C ALA D 188 68.46 15.58 -17.81
N VAL D 189 68.28 16.71 -18.49
CA VAL D 189 67.88 16.69 -19.89
C VAL D 189 69.09 16.48 -20.80
N THR D 190 70.12 17.32 -20.63
CA THR D 190 71.32 17.19 -21.44
C THR D 190 71.80 15.75 -21.38
N GLN D 191 71.43 15.05 -20.31
CA GLN D 191 71.82 13.66 -20.13
C GLN D 191 71.12 12.73 -21.11
N VAL D 192 69.84 12.99 -21.37
CA VAL D 192 69.07 12.13 -22.28
C VAL D 192 69.10 12.55 -23.74
N ALA D 193 69.36 13.82 -24.00
CA ALA D 193 69.42 14.35 -25.35
C ALA D 193 70.22 13.45 -26.30
N GLU D 194 69.91 13.51 -27.60
CA GLU D 194 70.61 12.74 -28.63
C GLU D 194 70.64 13.53 -29.93
N LEU D 195 71.39 13.03 -30.92
CA LEU D 195 71.48 13.70 -32.22
C LEU D 195 71.21 12.75 -33.37
N ARG D 196 70.00 12.19 -33.42
CA ARG D 196 69.57 11.25 -34.48
C ARG D 196 69.53 11.92 -35.86
N GLY D 197 70.71 12.08 -36.46
CA GLY D 197 70.83 12.71 -37.76
C GLY D 197 70.73 14.21 -37.65
N ASP D 198 71.74 14.83 -37.01
CA ASP D 198 71.81 16.29 -36.79
C ASP D 198 70.47 16.93 -36.38
N LYS D 199 69.55 16.10 -35.90
CA LYS D 199 68.22 16.53 -35.48
C LYS D 199 67.93 15.95 -34.08
N TRP D 200 68.24 16.73 -33.03
CA TRP D 200 68.04 16.30 -31.65
C TRP D 200 66.68 15.65 -31.38
N TYR D 201 66.64 14.77 -30.37
CA TYR D 201 65.41 14.11 -29.97
C TYR D 201 65.50 13.71 -28.49
N VAL D 202 64.88 14.52 -27.63
CA VAL D 202 64.88 14.25 -26.19
C VAL D 202 63.61 13.49 -25.83
N ASP D 203 63.75 12.27 -25.32
CA ASP D 203 62.60 11.47 -24.95
C ASP D 203 62.50 11.50 -23.43
N LEU D 204 61.53 12.26 -22.92
CA LEU D 204 61.35 12.40 -21.47
C LEU D 204 61.19 11.07 -20.71
N ASP D 205 60.62 10.07 -21.37
CA ASP D 205 60.43 8.77 -20.74
C ASP D 205 61.71 8.19 -20.15
N ASN D 206 62.86 8.66 -20.64
CA ASN D 206 64.16 8.19 -20.16
C ASN D 206 64.51 8.76 -18.81
N ILE D 207 63.52 9.36 -18.14
CA ILE D 207 63.71 9.95 -16.82
C ILE D 207 62.57 9.53 -15.90
N GLN D 208 62.90 8.92 -14.78
CA GLN D 208 61.88 8.51 -13.83
C GLN D 208 61.82 9.51 -12.69
N ILE D 209 60.63 9.68 -12.14
CA ILE D 209 60.41 10.62 -11.04
C ILE D 209 59.67 9.93 -9.89
N VAL D 210 60.38 9.74 -8.79
CA VAL D 210 59.83 9.09 -7.60
C VAL D 210 59.83 10.06 -6.42
N LYS D 211 58.79 10.01 -5.60
CA LYS D 211 58.71 10.93 -4.46
C LYS D 211 58.21 10.32 -3.14
N LYS D 212 58.87 10.69 -2.04
CA LYS D 212 58.51 10.24 -0.69
C LYS D 212 58.84 11.35 0.33
N ALA D 213 57.85 11.67 1.16
CA ALA D 213 57.97 12.71 2.19
C ALA D 213 59.33 12.67 2.90
N GLY D 214 59.58 13.65 3.77
CA GLY D 214 60.84 13.66 4.49
C GLY D 214 61.65 14.94 4.31
N GLY D 215 62.13 15.49 5.44
CA GLY D 215 62.92 16.71 5.41
C GLY D 215 62.40 17.75 4.43
N SER D 216 63.31 18.62 3.98
CA SER D 216 62.95 19.68 3.03
C SER D 216 63.16 19.23 1.58
N ILE D 217 62.95 20.13 0.64
CA ILE D 217 63.14 19.81 -0.77
C ILE D 217 64.62 19.73 -1.14
N ASN D 218 65.48 20.35 -0.33
CA ASN D 218 66.93 20.33 -0.57
C ASN D 218 67.46 18.92 -0.40
N ASP D 219 66.65 18.06 0.22
CA ASP D 219 67.01 16.67 0.47
C ASP D 219 66.65 15.77 -0.74
N THR D 220 66.38 16.39 -1.88
CA THR D 220 66.04 15.67 -3.10
C THR D 220 67.30 15.56 -3.94
N GLN D 221 67.43 14.49 -4.71
CA GLN D 221 68.61 14.33 -5.57
C GLN D 221 68.29 13.48 -6.79
N LEU D 222 69.17 13.54 -7.78
CA LEU D 222 69.01 12.77 -9.02
C LEU D 222 69.98 11.58 -9.02
N VAL D 223 69.46 10.42 -9.40
CA VAL D 223 70.25 9.18 -9.43
C VAL D 223 70.55 8.79 -10.88
N TYR D 224 71.80 8.43 -11.17
CA TYR D 224 72.16 8.04 -12.53
C TYR D 224 71.75 6.63 -12.91
N GLY D 225 70.48 6.34 -12.70
CA GLY D 225 69.93 5.04 -13.00
C GLY D 225 68.52 5.01 -12.42
N ILE D 226 67.81 3.93 -12.67
CA ILE D 226 66.43 3.77 -12.18
C ILE D 226 66.38 3.57 -10.65
N VAL D 227 65.29 4.03 -10.02
CA VAL D 227 65.12 3.91 -8.58
C VAL D 227 63.75 3.34 -8.24
N VAL D 228 63.72 2.14 -7.64
CA VAL D 228 62.46 1.48 -7.29
C VAL D 228 61.99 1.70 -5.85
N ASP D 229 60.84 2.38 -5.70
CA ASP D 229 60.30 2.64 -4.38
C ASP D 229 59.50 1.44 -3.84
N LYS D 230 60.19 0.48 -3.23
CA LYS D 230 59.58 -0.69 -2.60
C LYS D 230 60.70 -1.47 -1.91
N GLU D 231 60.55 -1.66 -0.60
CA GLU D 231 61.51 -2.38 0.23
C GLU D 231 61.71 -3.82 -0.27
N VAL D 232 62.89 -4.42 -0.03
CA VAL D 232 63.15 -5.81 -0.46
C VAL D 232 62.13 -6.74 0.16
N VAL D 233 62.02 -7.94 -0.40
CA VAL D 233 61.03 -8.88 0.09
C VAL D 233 61.39 -9.64 1.37
N HIS D 234 62.65 -10.06 1.49
CA HIS D 234 63.06 -10.80 2.69
C HIS D 234 64.37 -10.24 3.25
N PRO D 235 64.51 -10.20 4.59
CA PRO D 235 65.73 -9.68 5.23
C PRO D 235 66.97 -10.56 5.01
N GLY D 236 66.72 -11.83 4.68
CA GLY D 236 67.82 -12.74 4.45
C GLY D 236 68.34 -12.71 3.03
N MET D 237 68.23 -11.57 2.37
CA MET D 237 68.70 -11.46 0.99
C MET D 237 69.82 -10.45 0.84
N PRO D 238 70.65 -10.61 -0.20
CA PRO D 238 71.76 -9.69 -0.46
C PRO D 238 71.23 -8.28 -0.67
N LYS D 239 71.60 -7.37 0.24
CA LYS D 239 71.18 -5.99 0.15
C LYS D 239 72.19 -5.12 -0.63
N ARG D 240 73.03 -5.77 -1.45
CA ARG D 240 74.04 -5.05 -2.23
C ARG D 240 74.79 -6.03 -3.14
N LEU D 241 74.47 -6.05 -4.43
CA LEU D 241 75.14 -6.96 -5.37
C LEU D 241 76.09 -6.25 -6.35
N GLU D 242 77.27 -6.82 -6.56
CA GLU D 242 78.25 -6.24 -7.47
C GLU D 242 77.96 -6.79 -8.85
N ASN D 243 77.94 -5.94 -9.87
CA ASN D 243 77.66 -6.40 -11.22
C ASN D 243 76.42 -7.30 -11.22
N ALA D 244 75.23 -6.69 -11.19
CA ALA D 244 73.99 -7.46 -11.17
C ALA D 244 73.47 -7.78 -12.57
N LYS D 245 72.58 -8.78 -12.63
CA LYS D 245 71.97 -9.20 -13.88
C LYS D 245 70.46 -9.30 -13.65
N ILE D 246 69.80 -8.14 -13.67
CA ILE D 246 68.37 -8.04 -13.44
C ILE D 246 67.47 -8.93 -14.29
N ALA D 247 66.42 -9.45 -13.66
CA ALA D 247 65.45 -10.30 -14.33
C ALA D 247 64.03 -9.76 -14.14
N LEU D 248 63.55 -9.00 -15.11
CA LEU D 248 62.22 -8.39 -15.07
C LEU D 248 61.14 -9.44 -15.30
N ILE D 249 60.71 -10.09 -14.23
CA ILE D 249 59.70 -11.13 -14.36
C ILE D 249 58.29 -10.67 -14.06
N ASP D 250 57.49 -10.51 -15.10
CA ASP D 250 56.12 -10.08 -14.91
C ASP D 250 55.14 -11.24 -15.01
N ALA D 251 54.76 -11.77 -13.85
CA ALA D 251 53.82 -12.87 -13.78
C ALA D 251 53.68 -13.37 -12.33
N SER D 252 52.67 -14.21 -12.12
CA SER D 252 52.37 -14.80 -10.82
C SER D 252 53.51 -15.66 -10.26
N LEU D 253 53.93 -15.35 -9.03
CA LEU D 253 55.03 -16.08 -8.41
C LEU D 253 54.74 -16.48 -6.95
N GLU D 254 53.65 -17.21 -6.74
CA GLU D 254 53.22 -17.63 -5.42
C GLU D 254 52.62 -19.02 -5.47
N VAL D 255 52.63 -19.75 -4.36
CA VAL D 255 52.04 -21.10 -4.38
C VAL D 255 50.70 -21.07 -5.08
N GLU D 256 50.44 -22.06 -5.92
CA GLU D 256 49.17 -22.12 -6.65
C GLU D 256 48.02 -22.57 -5.70
N LYS D 257 47.00 -21.73 -5.57
CA LYS D 257 45.86 -22.14 -4.79
C LYS D 257 45.50 -23.35 -5.63
N PRO D 258 45.26 -24.47 -4.96
CA PRO D 258 44.90 -25.71 -5.64
C PRO D 258 43.43 -26.05 -5.48
N GLU D 259 42.70 -25.23 -4.74
CA GLU D 259 41.27 -25.48 -4.52
C GLU D 259 40.45 -25.41 -5.80
N LEU D 260 40.71 -24.41 -6.63
CA LEU D 260 39.97 -24.25 -7.87
C LEU D 260 40.22 -25.46 -8.77
N ASP D 261 41.47 -25.88 -8.83
CA ASP D 261 41.85 -27.03 -9.65
C ASP D 261 41.19 -28.30 -9.12
N ALA D 262 41.15 -28.44 -7.80
CA ALA D 262 40.56 -29.62 -7.18
C ALA D 262 39.90 -29.37 -5.82
N GLU D 263 39.00 -30.28 -5.47
CA GLU D 263 38.27 -30.26 -4.23
C GLU D 263 38.57 -31.70 -3.89
N ILE D 264 39.02 -32.01 -2.68
CA ILE D 264 39.33 -33.41 -2.42
C ILE D 264 39.28 -33.78 -0.96
N ARG D 265 39.27 -35.08 -0.66
CA ARG D 265 39.21 -35.39 0.77
C ARG D 265 40.65 -35.76 1.21
N ILE D 266 40.80 -36.26 2.44
CA ILE D 266 42.11 -36.68 2.97
C ILE D 266 41.90 -37.64 4.16
N ASN D 267 42.83 -38.58 4.30
CA ASN D 267 42.77 -39.60 5.35
C ASN D 267 43.88 -39.50 6.40
N ASP D 268 45.02 -40.11 6.04
CA ASP D 268 46.26 -40.18 6.84
C ASP D 268 47.26 -39.07 6.49
N PRO D 269 48.23 -38.80 7.41
CA PRO D 269 49.31 -37.78 7.29
C PRO D 269 50.37 -38.08 6.22
N THR D 270 50.40 -39.33 5.78
CA THR D 270 51.31 -39.79 4.77
C THR D 270 51.00 -39.02 3.46
N GLN D 271 49.71 -38.80 3.23
CA GLN D 271 49.17 -38.09 2.07
C GLN D 271 49.48 -36.59 2.12
N MET D 272 49.40 -36.05 3.34
CA MET D 272 49.64 -34.63 3.60
C MET D 272 51.01 -34.22 3.06
N GLN D 273 52.06 -34.79 3.66
CA GLN D 273 53.43 -34.50 3.26
C GLN D 273 53.62 -34.43 1.77
N LYS D 274 53.52 -35.57 1.08
CA LYS D 274 53.71 -35.58 -0.36
C LYS D 274 52.82 -34.57 -1.09
N PHE D 275 51.84 -34.00 -0.39
CA PHE D 275 50.96 -33.01 -0.99
C PHE D 275 51.58 -31.61 -0.97
N LEU D 276 51.92 -31.15 0.24
CA LEU D 276 52.52 -29.83 0.44
C LEU D 276 53.97 -29.80 -0.01
N ASP D 277 54.58 -30.97 -0.10
CA ASP D 277 55.97 -31.04 -0.51
C ASP D 277 56.12 -30.78 -1.99
N GLU D 278 55.40 -31.53 -2.81
CA GLU D 278 55.48 -31.33 -4.25
C GLU D 278 54.87 -29.98 -4.65
N GLU D 279 53.86 -29.53 -3.90
CA GLU D 279 53.19 -28.26 -4.16
C GLU D 279 54.14 -27.09 -3.88
N GLU D 280 55.08 -27.32 -2.96
CA GLU D 280 56.10 -26.33 -2.59
C GLU D 280 57.18 -26.39 -3.65
N ASN D 281 57.40 -27.59 -4.17
CA ASN D 281 58.41 -27.82 -5.19
C ASN D 281 57.93 -27.28 -6.56
N LEU D 282 56.63 -27.01 -6.66
CA LEU D 282 56.06 -26.49 -7.89
C LEU D 282 56.49 -25.03 -8.15
N ILE D 283 56.55 -24.24 -7.08
CA ILE D 283 56.95 -22.83 -7.14
C ILE D 283 58.46 -22.72 -7.31
N LYS D 284 59.18 -23.63 -6.64
CA LYS D 284 60.65 -23.67 -6.71
C LYS D 284 61.01 -23.92 -8.17
N GLU D 285 60.10 -24.54 -8.90
CA GLU D 285 60.32 -24.84 -10.32
C GLU D 285 60.40 -23.53 -11.09
N LYS D 286 59.37 -22.72 -10.96
CA LYS D 286 59.36 -21.45 -11.64
C LYS D 286 60.65 -20.70 -11.28
N VAL D 287 60.99 -20.71 -9.99
CA VAL D 287 62.20 -20.03 -9.52
C VAL D 287 63.49 -20.53 -10.20
N ASP D 288 63.68 -21.84 -10.26
CA ASP D 288 64.87 -22.42 -10.89
C ASP D 288 64.86 -22.16 -12.40
N LYS D 289 63.67 -22.17 -12.98
CA LYS D 289 63.50 -21.96 -14.42
C LYS D 289 63.89 -20.55 -14.81
N ILE D 290 63.82 -19.65 -13.82
CA ILE D 290 64.18 -18.23 -13.99
C ILE D 290 65.67 -18.06 -13.71
N LEU D 291 66.13 -18.68 -12.63
CA LEU D 291 67.54 -18.64 -12.26
C LEU D 291 68.32 -19.38 -13.34
N ALA D 292 67.59 -20.07 -14.22
CA ALA D 292 68.16 -20.84 -15.33
C ALA D 292 68.98 -19.92 -16.24
N THR D 293 68.77 -18.62 -16.07
CA THR D 293 69.47 -17.62 -16.85
C THR D 293 70.60 -17.11 -15.96
N GLY D 294 70.45 -17.35 -14.67
CA GLY D 294 71.45 -16.92 -13.70
C GLY D 294 71.38 -15.43 -13.52
N ALA D 295 70.41 -14.98 -12.74
CA ALA D 295 70.24 -13.55 -12.48
C ALA D 295 70.57 -13.25 -11.02
N ASN D 296 71.23 -12.13 -10.78
CA ASN D 296 71.59 -11.74 -9.42
C ASN D 296 70.39 -11.20 -8.69
N VAL D 297 69.53 -10.55 -9.46
CA VAL D 297 68.34 -9.94 -8.90
C VAL D 297 67.14 -10.24 -9.80
N ILE D 298 65.97 -10.30 -9.19
CA ILE D 298 64.71 -10.59 -9.87
C ILE D 298 63.55 -9.81 -9.20
N ILE D 299 62.88 -8.94 -9.96
CA ILE D 299 61.75 -8.15 -9.45
C ILE D 299 60.52 -8.36 -10.32
N CYS D 300 59.33 -8.37 -9.71
CA CYS D 300 58.10 -8.57 -10.47
C CYS D 300 57.00 -7.60 -10.05
N GLN D 301 55.85 -7.71 -10.68
CA GLN D 301 54.73 -6.83 -10.35
C GLN D 301 53.54 -7.62 -9.83
N LYS D 302 53.78 -8.56 -8.93
CA LYS D 302 52.71 -9.36 -8.35
C LYS D 302 53.16 -9.80 -6.95
N GLY D 303 52.26 -10.43 -6.20
CA GLY D 303 52.62 -10.89 -4.86
C GLY D 303 53.49 -12.15 -4.85
N ILE D 304 54.66 -12.07 -4.20
CA ILE D 304 55.58 -13.21 -4.12
C ILE D 304 55.38 -14.03 -2.85
N ASP D 305 55.18 -15.34 -3.01
CA ASP D 305 54.97 -16.24 -1.89
C ASP D 305 56.06 -16.09 -0.82
N GLU D 306 55.65 -16.26 0.44
CA GLU D 306 56.56 -16.14 1.58
C GLU D 306 57.51 -17.34 1.73
N VAL D 307 57.08 -18.49 1.18
CA VAL D 307 57.87 -19.71 1.21
C VAL D 307 58.93 -19.62 0.09
N ALA D 308 58.53 -18.96 -1.00
CA ALA D 308 59.38 -18.76 -2.18
C ALA D 308 60.46 -17.74 -1.85
N GLN D 309 60.23 -17.00 -0.78
CA GLN D 309 61.18 -15.99 -0.33
C GLN D 309 62.32 -16.70 0.38
N SER D 310 61.97 -17.64 1.27
CA SER D 310 62.96 -18.40 2.02
C SER D 310 63.84 -19.17 1.06
N TYR D 311 63.29 -19.50 -0.11
CA TYR D 311 64.01 -20.23 -1.14
C TYR D 311 65.02 -19.31 -1.85
N LEU D 312 64.54 -18.13 -2.25
CA LEU D 312 65.37 -17.15 -2.94
C LEU D 312 66.40 -16.63 -1.96
N ALA D 313 66.01 -16.60 -0.68
CA ALA D 313 66.88 -16.14 0.38
C ALA D 313 68.05 -17.11 0.56
N LYS D 314 67.74 -18.41 0.51
CA LYS D 314 68.76 -19.44 0.67
C LYS D 314 69.65 -19.49 -0.59
N LYS D 315 69.10 -19.06 -1.72
CA LYS D 315 69.82 -19.05 -2.99
C LYS D 315 70.75 -17.84 -3.14
N GLY D 316 70.45 -16.77 -2.39
CA GLY D 316 71.27 -15.58 -2.46
C GLY D 316 70.83 -14.61 -3.55
N VAL D 317 69.52 -14.52 -3.77
CA VAL D 317 68.92 -13.63 -4.77
C VAL D 317 68.28 -12.41 -4.10
N LEU D 318 68.19 -11.30 -4.83
CA LEU D 318 67.56 -10.08 -4.31
C LEU D 318 66.25 -9.90 -5.08
N ALA D 319 65.12 -10.06 -4.40
CA ALA D 319 63.81 -9.94 -5.05
C ALA D 319 62.92 -8.86 -4.44
N VAL D 320 62.06 -8.26 -5.28
CA VAL D 320 61.12 -7.22 -4.85
C VAL D 320 59.67 -7.61 -5.16
N ARG D 321 58.77 -7.34 -4.21
CA ARG D 321 57.33 -7.66 -4.33
C ARG D 321 56.62 -6.94 -5.47
N ARG D 322 55.36 -6.59 -5.25
CA ARG D 322 54.59 -5.88 -6.26
C ARG D 322 55.31 -4.56 -6.54
N ALA D 323 55.30 -4.12 -7.79
CA ALA D 323 55.94 -2.86 -8.20
C ALA D 323 55.23 -2.36 -9.47
N LYS D 324 54.70 -1.13 -9.45
CA LYS D 324 53.96 -0.57 -10.60
C LYS D 324 54.68 -0.86 -11.94
N LYS D 325 53.96 -1.49 -12.87
CA LYS D 325 54.49 -1.83 -14.20
C LYS D 325 55.11 -0.56 -14.78
N SER D 326 54.55 0.58 -14.34
CA SER D 326 54.97 1.93 -14.74
C SER D 326 56.49 2.12 -14.69
N ASP D 327 57.15 1.43 -13.75
CA ASP D 327 58.59 1.55 -13.57
C ASP D 327 59.36 0.37 -14.15
N LEU D 328 58.70 -0.76 -14.32
CA LEU D 328 59.37 -1.93 -14.89
C LEU D 328 59.84 -1.58 -16.29
N GLU D 329 58.98 -0.92 -17.05
CA GLU D 329 59.33 -0.51 -18.40
C GLU D 329 60.53 0.45 -18.38
N LYS D 330 60.41 1.54 -17.61
CA LYS D 330 61.49 2.54 -17.48
C LYS D 330 62.80 1.88 -17.07
N LEU D 331 62.67 0.75 -16.37
CA LEU D 331 63.82 -0.02 -15.89
C LEU D 331 64.22 -1.05 -16.95
N ALA D 332 63.27 -1.40 -17.82
CA ALA D 332 63.49 -2.37 -18.88
C ALA D 332 64.56 -1.87 -19.86
N ARG D 333 64.22 -0.86 -20.65
CA ARG D 333 65.15 -0.31 -21.63
C ARG D 333 66.22 0.56 -21.00
N ALA D 334 66.25 0.61 -19.68
CA ALA D 334 67.26 1.40 -18.97
C ALA D 334 68.44 0.50 -18.61
N THR D 335 68.17 -0.81 -18.48
CA THR D 335 69.21 -1.79 -18.16
C THR D 335 69.38 -2.82 -19.28
N GLY D 336 68.78 -2.54 -20.43
CA GLY D 336 68.89 -3.43 -21.56
C GLY D 336 68.39 -4.83 -21.27
N GLY D 337 67.12 -4.93 -20.89
CA GLY D 337 66.54 -6.24 -20.60
C GLY D 337 65.12 -6.30 -21.14
N ARG D 338 64.48 -7.45 -21.02
CA ARG D 338 63.11 -7.61 -21.48
C ARG D 338 62.23 -7.88 -20.27
N VAL D 339 60.94 -7.56 -20.39
CA VAL D 339 59.99 -7.79 -19.29
C VAL D 339 59.35 -9.15 -19.53
N VAL D 340 59.95 -10.19 -18.95
CA VAL D 340 59.47 -11.56 -19.10
C VAL D 340 57.98 -11.78 -18.95
N SER D 341 57.35 -12.12 -20.08
CA SER D 341 55.93 -12.37 -20.19
C SER D 341 55.60 -13.73 -19.56
N ASN D 342 56.18 -14.77 -20.17
CA ASN D 342 56.00 -16.17 -19.78
C ASN D 342 57.33 -16.76 -19.29
N ILE D 343 57.39 -17.14 -18.01
CA ILE D 343 58.62 -17.70 -17.40
C ILE D 343 59.26 -18.87 -18.16
N ASP D 344 58.44 -19.65 -18.87
CA ASP D 344 58.91 -20.80 -19.64
C ASP D 344 59.56 -20.36 -20.96
N GLU D 345 59.81 -19.06 -21.11
CA GLU D 345 60.40 -18.51 -22.32
C GLU D 345 61.62 -17.66 -22.10
N ILE D 346 61.99 -17.47 -20.83
CA ILE D 346 63.15 -16.66 -20.49
C ILE D 346 64.39 -17.06 -21.28
N SER D 347 65.16 -16.06 -21.70
CA SER D 347 66.38 -16.31 -22.48
C SER D 347 67.62 -15.77 -21.78
N GLU D 348 68.77 -16.22 -22.24
CA GLU D 348 70.05 -15.80 -21.69
C GLU D 348 70.28 -14.33 -22.02
N GLN D 349 69.22 -13.62 -22.40
CA GLN D 349 69.34 -12.22 -22.76
C GLN D 349 68.21 -11.34 -22.21
N ASP D 350 67.04 -11.91 -22.01
CA ASP D 350 65.89 -11.16 -21.49
C ASP D 350 66.18 -10.42 -20.18
N LEU D 351 67.33 -10.71 -19.57
CA LEU D 351 67.74 -10.11 -18.32
C LEU D 351 68.68 -8.93 -18.54
N GLY D 352 68.37 -7.81 -17.90
CA GLY D 352 69.20 -6.62 -18.04
C GLY D 352 70.39 -6.63 -17.11
N TYR D 353 71.45 -5.91 -17.49
CA TYR D 353 72.66 -5.83 -16.68
C TYR D 353 72.74 -4.51 -15.92
N ALA D 354 73.55 -4.52 -14.87
CA ALA D 354 73.73 -3.32 -14.06
C ALA D 354 75.14 -3.31 -13.52
N SER D 355 75.40 -2.41 -12.57
CA SER D 355 76.73 -2.29 -11.97
C SER D 355 76.71 -2.41 -10.47
N LEU D 356 75.70 -1.83 -9.83
CA LEU D 356 75.60 -1.90 -8.39
C LEU D 356 74.16 -1.65 -7.99
N ILE D 357 73.61 -2.54 -7.17
CA ILE D 357 72.25 -2.39 -6.66
C ILE D 357 72.41 -2.08 -5.18
N GLU D 358 71.51 -1.27 -4.62
CA GLU D 358 71.56 -0.91 -3.20
C GLU D 358 70.18 -0.71 -2.64
N GLU D 359 70.11 -0.50 -1.34
CA GLU D 359 68.84 -0.30 -0.67
C GLU D 359 68.98 0.66 0.50
N ARG D 360 69.43 1.90 0.26
CA ARG D 360 69.60 2.85 1.37
C ARG D 360 68.24 3.26 1.93
N LYS D 361 68.16 3.34 3.27
CA LYS D 361 66.91 3.73 3.94
C LYS D 361 66.75 5.25 3.92
N VAL D 362 66.94 5.85 2.75
CA VAL D 362 66.83 7.30 2.62
C VAL D 362 65.45 7.82 3.06
N GLY D 363 65.49 8.84 3.93
CA GLY D 363 64.29 9.45 4.46
C GLY D 363 63.76 8.69 5.66
N GLU D 364 62.81 7.78 5.39
CA GLU D 364 62.20 6.96 6.43
C GLU D 364 62.17 5.51 5.96
N ASP D 365 61.50 5.27 4.84
CA ASP D 365 61.40 3.91 4.30
C ASP D 365 62.67 3.55 3.53
N LYS D 366 62.73 2.32 3.05
CA LYS D 366 63.88 1.86 2.31
C LYS D 366 63.50 1.63 0.86
N MET D 367 64.35 2.11 -0.05
CA MET D 367 64.14 2.01 -1.48
C MET D 367 65.33 1.32 -2.15
N VAL D 368 65.06 0.69 -3.29
CA VAL D 368 66.07 -0.01 -4.08
C VAL D 368 66.66 0.90 -5.16
N PHE D 369 67.98 0.86 -5.34
CA PHE D 369 68.62 1.69 -6.36
C PHE D 369 69.29 0.77 -7.36
N VAL D 370 69.40 1.22 -8.60
CA VAL D 370 70.03 0.43 -9.64
C VAL D 370 70.96 1.38 -10.38
N GLU D 371 71.94 1.88 -9.66
CA GLU D 371 72.89 2.82 -10.24
C GLU D 371 73.88 2.19 -11.24
N GLY D 372 74.38 3.02 -12.16
CA GLY D 372 75.32 2.56 -13.17
C GLY D 372 74.80 1.47 -14.10
N ALA D 373 73.57 1.61 -14.59
CA ALA D 373 72.97 0.61 -15.47
C ALA D 373 73.77 0.36 -16.74
N LYS D 374 73.27 -0.54 -17.59
CA LYS D 374 73.96 -0.85 -18.84
C LYS D 374 73.76 0.30 -19.83
N ASN D 375 72.59 0.89 -19.78
CA ASN D 375 72.27 2.01 -20.66
C ASN D 375 72.58 3.32 -19.93
N PRO D 376 73.53 4.14 -20.46
CA PRO D 376 73.92 5.41 -19.85
C PRO D 376 72.81 6.46 -19.73
N LYS D 377 72.37 6.99 -20.88
CA LYS D 377 71.33 8.01 -20.93
C LYS D 377 70.02 7.47 -20.39
N SER D 378 69.90 7.46 -19.07
CA SER D 378 68.72 6.94 -18.41
C SER D 378 68.87 7.24 -16.92
N ILE D 379 68.27 8.34 -16.44
CA ILE D 379 68.36 8.69 -15.03
C ILE D 379 66.99 8.99 -14.44
N SER D 380 66.94 9.12 -13.12
CA SER D 380 65.70 9.42 -12.42
C SER D 380 65.91 10.52 -11.39
N ILE D 381 64.80 11.15 -10.97
CA ILE D 381 64.86 12.22 -9.98
C ILE D 381 64.06 11.82 -8.74
N LEU D 382 64.55 12.19 -7.56
CA LEU D 382 63.86 11.87 -6.32
C LEU D 382 63.42 13.13 -5.60
N ILE D 383 62.10 13.33 -5.53
CA ILE D 383 61.51 14.49 -4.87
C ILE D 383 61.19 14.18 -3.40
N ARG D 384 61.43 15.15 -2.52
CA ARG D 384 61.16 14.98 -1.11
C ARG D 384 60.77 16.31 -0.48
N GLY D 385 59.63 16.84 -0.89
CA GLY D 385 59.17 18.12 -0.38
C GLY D 385 58.99 18.20 1.13
N GLY D 386 58.69 17.06 1.75
CA GLY D 386 58.50 17.04 3.19
C GLY D 386 57.06 16.69 3.53
N LEU D 387 56.14 17.61 3.27
CA LEU D 387 54.72 17.38 3.56
C LEU D 387 54.06 16.56 2.44
N GLU D 388 53.02 15.81 2.80
CA GLU D 388 52.30 14.95 1.84
C GLU D 388 51.78 15.65 0.58
N ARG D 389 51.59 16.96 0.65
CA ARG D 389 51.06 17.74 -0.46
C ARG D 389 52.11 18.64 -1.12
N LEU D 390 53.02 19.19 -0.31
CA LEU D 390 54.09 20.06 -0.81
C LEU D 390 54.91 19.28 -1.84
N VAL D 391 55.12 18.00 -1.55
CA VAL D 391 55.88 17.13 -2.43
C VAL D 391 55.19 16.97 -3.77
N ASP D 392 53.86 16.82 -3.72
CA ASP D 392 53.05 16.63 -4.92
C ASP D 392 53.21 17.74 -5.96
N GLU D 393 53.10 19.00 -5.53
CA GLU D 393 53.22 20.12 -6.47
C GLU D 393 54.65 20.37 -6.90
N THR D 394 55.63 19.81 -6.19
CA THR D 394 57.03 19.98 -6.59
C THR D 394 57.23 19.13 -7.84
N GLU D 395 56.47 18.04 -7.91
CA GLU D 395 56.50 17.12 -9.03
C GLU D 395 55.87 17.80 -10.23
N ARG D 396 54.86 18.62 -10.01
CA ARG D 396 54.21 19.29 -11.14
C ARG D 396 55.23 20.25 -11.74
N ALA D 397 55.71 21.16 -10.91
CA ALA D 397 56.69 22.14 -11.31
C ALA D 397 57.88 21.51 -12.03
N LEU D 398 58.35 20.40 -11.49
CA LEU D 398 59.50 19.70 -12.03
C LEU D 398 59.21 19.08 -13.40
N ARG D 399 58.00 18.55 -13.57
CA ARG D 399 57.58 17.92 -14.83
C ARG D 399 57.62 18.95 -15.92
N ASP D 400 56.96 20.07 -15.67
CA ASP D 400 56.87 21.17 -16.61
C ASP D 400 58.27 21.75 -16.86
N ALA D 401 59.02 21.93 -15.79
CA ALA D 401 60.37 22.46 -15.87
C ALA D 401 61.25 21.65 -16.82
N LEU D 402 61.17 20.33 -16.69
CA LEU D 402 61.95 19.43 -17.54
C LEU D 402 61.43 19.57 -18.96
N GLY D 403 60.13 19.33 -19.15
CA GLY D 403 59.54 19.44 -20.46
C GLY D 403 60.01 20.67 -21.22
N THR D 404 59.78 21.85 -20.64
CA THR D 404 60.17 23.09 -21.30
C THR D 404 61.64 23.16 -21.72
N VAL D 405 62.55 22.81 -20.81
CA VAL D 405 63.98 22.82 -21.11
C VAL D 405 64.30 21.94 -22.32
N ALA D 406 63.64 20.79 -22.39
CA ALA D 406 63.85 19.86 -23.49
C ALA D 406 63.36 20.49 -24.79
N ASP D 407 62.33 21.30 -24.69
CA ASP D 407 61.79 21.94 -25.88
C ASP D 407 62.75 22.97 -26.43
N VAL D 408 63.50 23.64 -25.56
CA VAL D 408 64.47 24.66 -26.03
C VAL D 408 65.48 23.98 -26.94
N ILE D 409 65.91 22.79 -26.54
CA ILE D 409 66.91 22.01 -27.28
C ILE D 409 66.37 21.43 -28.59
N LYS D 410 65.18 20.85 -28.52
CA LYS D 410 64.55 20.26 -29.70
C LYS D 410 64.39 21.31 -30.81
N ASP D 411 64.23 22.58 -30.42
CA ASP D 411 64.07 23.65 -31.40
C ASP D 411 65.38 24.40 -31.63
N GLY D 412 65.78 25.24 -30.66
CA GLY D 412 67.01 25.98 -30.80
C GLY D 412 66.88 27.50 -30.81
N ARG D 413 65.65 27.98 -30.60
CA ARG D 413 65.36 29.42 -30.57
C ARG D 413 64.78 29.79 -29.20
N ALA D 414 65.21 30.92 -28.65
CA ALA D 414 64.72 31.38 -27.34
C ALA D 414 64.73 32.90 -27.19
N ILE D 415 63.62 33.44 -26.70
CA ILE D 415 63.47 34.90 -26.51
C ILE D 415 63.31 35.30 -25.04
N ALA D 416 63.46 36.58 -24.77
CA ALA D 416 63.33 37.10 -23.42
C ALA D 416 61.87 37.23 -23.08
N GLY D 417 61.48 36.64 -21.96
CA GLY D 417 60.10 36.73 -21.56
C GLY D 417 60.00 37.91 -20.61
N GLY D 418 58.80 38.40 -20.40
CA GLY D 418 58.62 39.53 -19.49
C GLY D 418 57.67 40.53 -20.10
N GLY D 419 57.05 40.12 -21.21
CA GLY D 419 56.11 40.99 -21.91
C GLY D 419 56.85 41.67 -23.03
N ALA D 420 58.17 41.43 -23.04
CA ALA D 420 59.04 42.01 -24.04
C ALA D 420 58.49 41.70 -25.40
N VAL D 421 58.33 40.43 -25.71
CA VAL D 421 57.83 40.05 -27.02
C VAL D 421 56.39 40.51 -27.31
N GLU D 422 55.61 40.69 -26.25
CA GLU D 422 54.24 41.11 -26.47
C GLU D 422 54.31 42.47 -27.09
N ILE D 423 54.75 43.45 -26.32
CA ILE D 423 54.80 44.82 -26.83
C ILE D 423 55.44 44.96 -28.21
N GLU D 424 56.43 44.14 -28.53
CA GLU D 424 57.07 44.21 -29.83
C GLU D 424 56.08 43.76 -30.88
N ILE D 425 55.56 42.55 -30.68
CA ILE D 425 54.54 41.99 -31.58
C ILE D 425 53.41 43.01 -31.76
N ALA D 426 53.25 43.87 -30.77
CA ALA D 426 52.21 44.88 -30.83
C ALA D 426 52.69 45.92 -31.77
N LYS D 427 53.61 46.76 -31.30
CA LYS D 427 54.16 47.85 -32.10
C LYS D 427 54.34 47.47 -33.56
N LYS D 428 55.11 46.39 -33.79
CA LYS D 428 55.39 45.93 -35.15
C LYS D 428 54.07 45.69 -35.88
N LEU D 429 53.06 45.27 -35.14
CA LEU D 429 51.74 44.98 -35.69
C LEU D 429 50.98 46.28 -36.04
N ARG D 430 51.09 47.30 -35.18
CA ARG D 430 50.41 48.58 -35.42
C ARG D 430 50.86 49.22 -36.70
N LYS D 431 52.17 49.22 -36.94
CA LYS D 431 52.71 49.80 -38.16
C LYS D 431 52.21 48.99 -39.34
N TYR D 432 51.89 47.72 -39.12
CA TYR D 432 51.38 46.85 -40.19
C TYR D 432 49.93 47.17 -40.55
N ALA D 433 49.05 47.14 -39.56
CA ALA D 433 47.63 47.43 -39.77
C ALA D 433 47.31 48.42 -40.90
N PRO D 434 47.77 49.66 -40.77
CA PRO D 434 47.49 50.66 -41.81
C PRO D 434 47.38 50.14 -43.22
N GLN D 435 48.29 49.27 -43.61
CA GLN D 435 48.26 48.77 -44.97
C GLN D 435 47.39 47.56 -45.21
N VAL D 436 47.08 46.83 -44.15
CA VAL D 436 46.28 45.63 -44.29
C VAL D 436 44.97 45.83 -45.05
N GLY D 437 44.23 46.88 -44.73
CA GLY D 437 42.98 47.10 -45.42
C GLY D 437 41.95 47.92 -44.64
N GLY D 438 40.75 47.99 -45.21
CA GLY D 438 39.68 48.77 -44.59
C GLY D 438 39.30 48.30 -43.21
N LYS D 439 38.33 47.41 -43.16
CA LYS D 439 37.86 46.91 -41.88
C LYS D 439 38.86 46.00 -41.18
N GLU D 440 39.43 45.07 -41.90
CA GLU D 440 40.41 44.15 -41.33
C GLU D 440 41.44 44.86 -40.48
N GLN D 441 41.71 46.12 -40.82
CA GLN D 441 42.69 46.90 -40.09
C GLN D 441 42.29 46.89 -38.63
N LEU D 442 41.05 47.30 -38.38
CA LEU D 442 40.54 47.36 -37.04
C LEU D 442 40.72 46.02 -36.34
N ALA D 443 40.55 44.94 -37.08
CA ALA D 443 40.72 43.61 -36.51
C ALA D 443 42.16 43.49 -36.00
N VAL D 444 43.11 43.85 -36.87
CA VAL D 444 44.52 43.79 -36.54
C VAL D 444 44.88 44.74 -35.40
N GLU D 445 44.46 46.00 -35.47
CA GLU D 445 44.79 46.93 -34.40
C GLU D 445 44.32 46.32 -33.10
N ALA D 446 43.19 45.65 -33.18
CA ALA D 446 42.56 44.97 -32.06
C ALA D 446 43.45 43.85 -31.59
N TYR D 447 43.76 42.92 -32.49
CA TYR D 447 44.62 41.80 -32.18
C TYR D 447 45.81 42.29 -31.35
N ALA D 448 46.32 43.46 -31.70
CA ALA D 448 47.45 44.04 -30.98
C ALA D 448 47.06 44.48 -29.57
N ASN D 449 46.00 45.28 -29.45
CA ASN D 449 45.56 45.75 -28.14
C ASN D 449 45.30 44.62 -27.16
N ALA D 450 44.60 43.60 -27.66
CA ALA D 450 44.25 42.42 -26.87
C ALA D 450 45.52 41.80 -26.32
N LEU D 451 46.56 41.83 -27.14
CA LEU D 451 47.86 41.27 -26.80
C LEU D 451 48.59 42.02 -25.69
N GLU D 452 48.44 43.34 -25.67
CA GLU D 452 49.07 44.12 -24.63
C GLU D 452 48.31 43.86 -23.34
N SER D 453 47.00 43.64 -23.46
CA SER D 453 46.15 43.33 -22.31
C SER D 453 46.82 42.21 -21.56
N LEU D 454 47.45 41.32 -22.31
CA LEU D 454 48.16 40.19 -21.77
C LEU D 454 49.18 40.63 -20.72
N VAL D 455 50.02 41.61 -21.08
CA VAL D 455 51.05 42.13 -20.17
C VAL D 455 50.45 42.94 -19.02
N SER D 456 49.28 43.54 -19.23
CA SER D 456 48.65 44.31 -18.17
C SER D 456 48.26 43.34 -17.12
N ILE D 457 47.61 42.25 -17.52
CA ILE D 457 47.16 41.23 -16.56
C ILE D 457 48.35 40.84 -15.70
N LEU D 458 49.48 40.68 -16.38
CA LEU D 458 50.71 40.29 -15.72
C LEU D 458 51.09 41.36 -14.69
N ILE D 459 51.02 42.61 -15.09
CA ILE D 459 51.33 43.70 -14.17
C ILE D 459 50.34 43.66 -13.01
N GLU D 460 49.05 43.64 -13.32
CA GLU D 460 48.00 43.62 -12.30
C GLU D 460 48.37 42.70 -11.15
N ASN D 461 48.56 41.43 -11.46
CA ASN D 461 48.91 40.44 -10.45
C ASN D 461 50.18 40.77 -9.68
N ALA D 462 50.96 41.70 -10.21
CA ALA D 462 52.19 42.10 -9.55
C ALA D 462 51.87 43.12 -8.47
N GLY D 463 50.74 43.79 -8.63
CA GLY D 463 50.33 44.79 -7.66
C GLY D 463 50.63 46.21 -8.07
N PHE D 464 50.82 46.42 -9.37
CA PHE D 464 51.12 47.75 -9.90
C PHE D 464 50.05 48.21 -10.88
N ASP D 465 49.97 49.50 -11.13
CA ASP D 465 48.96 49.98 -12.05
C ASP D 465 49.25 49.46 -13.46
N PRO D 466 48.39 48.57 -13.98
CA PRO D 466 48.58 48.01 -15.32
C PRO D 466 48.79 49.04 -16.40
N ILE D 467 47.96 50.07 -16.45
CA ILE D 467 48.09 51.11 -17.47
C ILE D 467 49.39 51.90 -17.33
N ASP D 468 49.70 52.35 -16.12
CA ASP D 468 50.89 53.14 -15.86
C ASP D 468 52.14 52.53 -16.43
N LEU D 469 52.46 51.33 -15.95
CA LEU D 469 53.64 50.65 -16.42
C LEU D 469 53.60 50.26 -17.88
N LEU D 470 52.45 49.82 -18.35
CA LEU D 470 52.34 49.42 -19.75
C LEU D 470 52.72 50.59 -20.63
N MET D 471 52.16 51.77 -20.34
CA MET D 471 52.52 52.90 -21.16
C MET D 471 54.00 53.22 -20.94
N LYS D 472 54.41 53.28 -19.68
CA LYS D 472 55.80 53.57 -19.35
C LYS D 472 56.78 52.58 -20.01
N LEU D 473 56.31 51.36 -20.27
CA LEU D 473 57.13 50.33 -20.90
C LEU D 473 57.07 50.43 -22.42
N ARG D 474 55.88 50.43 -23.01
CA ARG D 474 55.79 50.51 -24.46
C ARG D 474 56.43 51.80 -24.94
N SER D 475 56.77 52.66 -23.99
CA SER D 475 57.42 53.94 -24.27
C SER D 475 58.92 53.70 -24.28
N THR D 476 59.37 52.93 -23.30
CA THR D 476 60.77 52.59 -23.17
C THR D 476 61.20 51.63 -24.29
N HIS D 477 60.32 51.41 -25.27
CA HIS D 477 60.66 50.51 -26.37
C HIS D 477 60.89 51.30 -27.63
N GLU D 478 61.18 52.58 -27.48
CA GLU D 478 61.47 53.39 -28.65
C GLU D 478 62.90 53.03 -29.04
N ASN D 479 63.77 52.97 -28.03
CA ASN D 479 65.19 52.64 -28.18
C ASN D 479 65.36 51.26 -28.82
N GLU D 480 65.67 51.24 -30.11
CA GLU D 480 65.85 49.98 -30.84
C GLU D 480 66.70 48.94 -30.08
N ASN D 481 67.49 49.40 -29.12
CA ASN D 481 68.37 48.52 -28.35
C ASN D 481 67.74 48.03 -27.04
N ASN D 482 66.42 47.98 -26.98
CA ASN D 482 65.76 47.52 -25.77
C ASN D 482 64.81 46.36 -26.03
N LYS D 483 64.74 45.88 -27.27
CA LYS D 483 63.83 44.80 -27.60
C LYS D 483 63.55 43.88 -26.40
N TRP D 484 64.60 43.39 -25.74
CA TRP D 484 64.45 42.50 -24.58
C TRP D 484 63.98 43.15 -23.27
N TYR D 485 63.55 44.40 -23.33
CA TYR D 485 63.09 45.09 -22.13
C TYR D 485 61.68 44.70 -21.74
N GLY D 486 61.48 44.46 -20.46
CA GLY D 486 60.17 44.09 -19.95
C GLY D 486 59.93 44.75 -18.60
N ILE D 487 59.01 44.24 -17.78
CA ILE D 487 58.80 44.88 -16.48
C ILE D 487 59.06 44.00 -15.28
N ASP D 488 60.15 44.31 -14.58
CA ASP D 488 60.54 43.56 -13.41
C ASP D 488 59.42 43.62 -12.40
N LEU D 489 58.78 42.48 -12.18
CA LEU D 489 57.67 42.40 -11.26
C LEU D 489 58.02 42.45 -9.77
N TYR D 490 59.10 43.13 -9.41
CA TYR D 490 59.46 43.22 -8.00
C TYR D 490 59.88 44.64 -7.67
N ALA D 491 60.36 45.36 -8.68
CA ALA D 491 60.80 46.73 -8.47
C ALA D 491 59.87 47.73 -9.15
N GLY D 492 59.04 47.23 -10.05
CA GLY D 492 58.11 48.09 -10.76
C GLY D 492 58.82 49.09 -11.65
N GLN D 493 59.41 48.61 -12.73
CA GLN D 493 60.11 49.49 -13.64
C GLN D 493 60.68 48.69 -14.78
N PRO D 494 60.67 49.26 -15.97
CA PRO D 494 61.19 48.58 -17.16
C PRO D 494 62.67 48.30 -17.04
N VAL D 495 63.08 47.05 -17.28
CA VAL D 495 64.49 46.67 -17.23
C VAL D 495 64.74 45.64 -18.31
N ASP D 496 66.01 45.32 -18.55
CA ASP D 496 66.29 44.34 -19.57
C ASP D 496 66.06 42.96 -19.00
N MET D 497 65.01 42.29 -19.44
CA MET D 497 64.68 40.95 -18.94
C MET D 497 65.80 39.96 -19.22
N TRP D 498 66.26 39.90 -20.45
CA TRP D 498 67.33 38.98 -20.82
C TRP D 498 68.51 39.04 -19.84
N GLN D 499 69.06 40.23 -19.66
CA GLN D 499 70.18 40.41 -18.76
C GLN D 499 69.80 40.33 -17.30
N LYS D 500 68.83 39.48 -17.01
CA LYS D 500 68.39 39.28 -15.65
C LYS D 500 67.92 37.86 -15.48
N GLY D 501 68.28 37.01 -16.44
CA GLY D 501 67.92 35.60 -16.38
C GLY D 501 66.44 35.27 -16.47
N VAL D 502 65.83 35.66 -17.58
CA VAL D 502 64.42 35.43 -17.80
C VAL D 502 64.17 35.09 -19.26
N ILE D 503 64.42 33.84 -19.64
CA ILE D 503 64.20 33.47 -21.03
C ILE D 503 63.22 32.31 -21.14
N GLU D 504 62.65 32.19 -22.32
CA GLU D 504 61.69 31.15 -22.57
C GLU D 504 61.82 30.65 -23.98
N PRO D 505 61.44 29.40 -24.19
CA PRO D 505 61.46 28.70 -25.47
C PRO D 505 60.70 29.54 -26.46
N ALA D 506 61.40 30.17 -27.40
CA ALA D 506 60.70 31.00 -28.34
C ALA D 506 59.58 30.20 -29.03
N LEU D 507 59.53 28.90 -28.80
CA LEU D 507 58.47 28.10 -29.40
C LEU D 507 57.25 27.94 -28.50
N VAL D 508 57.45 27.83 -27.19
CA VAL D 508 56.31 27.68 -26.29
C VAL D 508 55.33 28.86 -26.39
N LYS D 509 55.87 30.08 -26.28
CA LYS D 509 55.09 31.32 -26.34
C LYS D 509 54.75 31.71 -27.77
N MET D 510 55.00 30.77 -28.68
CA MET D 510 54.75 30.97 -30.08
C MET D 510 53.57 30.09 -30.46
N ASN D 511 53.60 28.86 -29.99
CA ASN D 511 52.52 27.94 -30.25
C ASN D 511 51.32 28.42 -29.47
N ALA D 512 51.59 29.13 -28.38
CA ALA D 512 50.52 29.67 -27.56
C ALA D 512 49.69 30.56 -28.47
N ILE D 513 50.35 31.51 -29.13
CA ILE D 513 49.69 32.43 -30.04
C ILE D 513 48.87 31.73 -31.14
N LYS D 514 49.46 30.69 -31.75
CA LYS D 514 48.79 29.93 -32.80
C LYS D 514 47.55 29.30 -32.17
N ALA D 515 47.74 28.77 -30.97
CA ALA D 515 46.69 28.13 -30.20
C ALA D 515 45.56 29.10 -29.91
N ALA D 516 45.86 30.13 -29.13
CA ALA D 516 44.86 31.13 -28.79
C ALA D 516 44.07 31.62 -30.00
N THR D 517 44.77 32.01 -31.07
CA THR D 517 44.08 32.49 -32.26
C THR D 517 43.24 31.40 -32.92
N GLU D 518 43.70 30.16 -32.83
CA GLU D 518 42.96 29.05 -33.39
C GLU D 518 41.59 29.04 -32.75
N ALA D 519 41.62 28.90 -31.42
CA ALA D 519 40.42 28.87 -30.60
C ALA D 519 39.59 30.11 -30.80
N ALA D 520 40.22 31.25 -30.60
CA ALA D 520 39.55 32.54 -30.76
C ALA D 520 38.73 32.64 -32.04
N THR D 521 39.35 32.41 -33.21
CA THR D 521 38.64 32.47 -34.50
C THR D 521 37.64 31.35 -34.68
N LEU D 522 37.87 30.25 -33.98
CA LEU D 522 36.97 29.11 -34.06
C LEU D 522 35.63 29.43 -33.40
N VAL D 523 35.66 30.14 -32.27
CA VAL D 523 34.43 30.50 -31.58
C VAL D 523 33.63 31.41 -32.49
N LEU D 524 34.31 32.33 -33.18
CA LEU D 524 33.65 33.27 -34.09
C LEU D 524 33.10 32.62 -35.35
N ARG D 525 33.74 31.53 -35.78
CA ARG D 525 33.33 30.80 -36.96
C ARG D 525 31.97 30.15 -36.75
N ILE D 526 31.69 29.83 -35.48
CA ILE D 526 30.44 29.19 -35.04
C ILE D 526 29.25 30.14 -35.10
N ASP D 527 28.19 29.70 -35.76
CA ASP D 527 27.01 30.53 -35.86
C ASP D 527 25.92 30.08 -34.92
N ASP D 528 25.91 28.78 -34.62
CA ASP D 528 24.92 28.22 -33.72
C ASP D 528 25.28 26.79 -33.32
N VAL D 529 24.80 26.37 -32.15
CA VAL D 529 25.04 25.02 -31.61
C VAL D 529 23.71 24.25 -31.47
N VAL D 530 23.67 23.03 -32.01
CA VAL D 530 22.48 22.16 -31.91
C VAL D 530 23.05 20.79 -31.52
N SER D 531 22.67 20.31 -30.34
CA SER D 531 23.14 19.03 -29.80
C SER D 531 22.06 17.95 -29.75
N ALA D 532 22.46 16.70 -29.50
CA ALA D 532 21.52 15.58 -29.43
C ALA D 532 21.29 15.08 -27.99
N GLY E 28 -6.63 25.47 -48.53
CA GLY E 28 -6.44 26.90 -48.60
C GLY E 28 -5.32 27.38 -47.70
N LYS E 29 -5.26 28.69 -47.49
CA LYS E 29 -4.22 29.30 -46.63
C LYS E 29 -3.94 28.53 -45.32
N GLU E 30 -5.00 27.93 -44.77
CA GLU E 30 -4.93 27.18 -43.51
C GLU E 30 -3.57 26.52 -43.21
N ALA E 31 -3.35 25.37 -43.83
CA ALA E 31 -2.12 24.61 -43.64
C ALA E 31 -0.99 25.05 -44.55
N VAL E 32 -1.31 25.37 -45.80
CA VAL E 32 -0.26 25.79 -46.73
C VAL E 32 0.70 26.78 -46.08
N ARG E 33 0.23 27.57 -45.14
CA ARG E 33 1.14 28.51 -44.51
C ARG E 33 2.16 27.71 -43.72
N ALA E 34 1.68 26.71 -42.98
CA ALA E 34 2.55 25.87 -42.16
C ALA E 34 3.72 25.25 -42.92
N ASN E 35 3.41 24.51 -43.98
CA ASN E 35 4.44 23.86 -44.78
C ASN E 35 5.48 24.89 -45.16
N ILE E 36 5.03 25.96 -45.79
CA ILE E 36 5.93 27.04 -46.19
C ILE E 36 6.78 27.40 -44.97
N ALA E 37 6.11 27.77 -43.89
CA ALA E 37 6.78 28.11 -42.65
C ALA E 37 7.93 27.13 -42.40
N ALA E 38 7.60 25.84 -42.29
CA ALA E 38 8.60 24.82 -42.07
C ALA E 38 9.78 24.90 -43.05
N VAL E 39 9.46 25.00 -44.34
CA VAL E 39 10.50 25.10 -45.36
C VAL E 39 11.41 26.30 -45.06
N LYS E 40 10.82 27.51 -44.99
CA LYS E 40 11.59 28.71 -44.69
C LYS E 40 12.48 28.40 -43.50
N ALA E 41 11.93 27.66 -42.54
CA ALA E 41 12.64 27.27 -41.33
C ALA E 41 13.94 26.55 -41.65
N VAL E 42 13.85 25.52 -42.49
CA VAL E 42 15.03 24.75 -42.87
C VAL E 42 16.07 25.68 -43.50
N GLU E 43 15.62 26.62 -44.34
CA GLU E 43 16.54 27.56 -44.97
C GLU E 43 17.29 28.28 -43.87
N GLU E 44 16.56 28.83 -42.90
CA GLU E 44 17.16 29.56 -41.78
C GLU E 44 18.20 28.76 -41.01
N ALA E 45 18.32 27.48 -41.33
CA ALA E 45 19.28 26.65 -40.63
C ALA E 45 20.62 26.55 -41.36
N LEU E 46 20.62 26.76 -42.67
CA LEU E 46 21.87 26.69 -43.41
C LEU E 46 22.29 28.05 -43.99
N LYS E 47 21.33 28.91 -44.28
CA LYS E 47 21.62 30.21 -44.87
C LYS E 47 23.00 30.76 -44.51
N SER E 48 23.30 30.83 -43.22
CA SER E 48 24.58 31.36 -42.75
C SER E 48 25.80 30.49 -43.02
N THR E 49 25.63 29.40 -43.76
CA THR E 49 26.75 28.50 -44.03
C THR E 49 26.95 28.33 -45.53
N TYR E 50 26.11 28.99 -46.31
CA TYR E 50 26.20 28.91 -47.75
C TYR E 50 27.50 29.57 -48.15
N GLY E 51 27.84 29.55 -49.42
CA GLY E 51 29.07 30.19 -49.83
C GLY E 51 30.32 29.50 -49.36
N PRO E 52 31.48 29.85 -49.94
CA PRO E 52 32.74 29.23 -49.56
C PRO E 52 33.34 29.85 -48.31
N ARG E 53 32.80 30.98 -47.85
CA ARG E 53 33.34 31.58 -46.65
C ARG E 53 32.20 31.76 -45.63
N GLY E 54 31.32 30.75 -45.61
CA GLY E 54 30.18 30.76 -44.72
C GLY E 54 30.50 30.48 -43.27
N MET E 55 29.45 30.36 -42.45
CA MET E 55 29.63 30.10 -41.02
C MET E 55 29.62 28.62 -40.74
N ASP E 56 29.84 28.30 -39.48
CA ASP E 56 29.84 26.93 -39.01
C ASP E 56 28.86 26.76 -37.87
N LYS E 57 28.22 25.59 -37.87
CA LYS E 57 27.24 25.17 -36.88
C LYS E 57 27.90 24.12 -35.97
N MET E 58 27.55 24.13 -34.69
CA MET E 58 28.15 23.18 -33.75
C MET E 58 27.19 22.09 -33.33
N LEU E 59 27.69 20.87 -33.22
CA LEU E 59 26.85 19.73 -32.84
C LEU E 59 27.42 18.87 -31.70
N VAL E 60 26.72 18.85 -30.58
CA VAL E 60 27.16 18.07 -29.43
C VAL E 60 26.31 16.84 -29.23
N ASP E 61 26.94 15.69 -29.48
CA ASP E 61 26.29 14.40 -29.33
C ASP E 61 25.83 14.30 -27.88
N SER E 62 24.81 13.49 -27.65
CA SER E 62 24.28 13.28 -26.30
C SER E 62 25.36 12.61 -25.45
N LEU E 63 26.26 11.88 -26.11
CA LEU E 63 27.35 11.17 -25.43
C LEU E 63 28.30 12.19 -24.79
N GLY E 64 28.34 13.40 -25.34
CA GLY E 64 29.18 14.46 -24.80
C GLY E 64 30.15 15.03 -25.83
N ASP E 65 30.44 14.23 -26.87
CA ASP E 65 31.36 14.62 -27.94
C ASP E 65 30.79 15.70 -28.88
N ILE E 66 31.60 16.69 -29.20
CA ILE E 66 31.20 17.81 -30.06
C ILE E 66 31.84 17.77 -31.46
N THR E 67 31.04 18.12 -32.46
CA THR E 67 31.47 18.17 -33.86
C THR E 67 30.87 19.42 -34.50
N ILE E 68 31.73 20.34 -34.93
CA ILE E 68 31.29 21.59 -35.56
C ILE E 68 31.52 21.51 -37.07
N THR E 69 30.51 21.83 -37.86
CA THR E 69 30.68 21.73 -39.31
C THR E 69 29.74 22.64 -40.09
N ASN E 70 29.88 22.59 -41.42
CA ASN E 70 29.05 23.35 -42.33
C ASN E 70 28.75 22.45 -43.52
N ASP E 71 28.72 21.15 -43.28
CA ASP E 71 28.39 20.23 -44.35
C ASP E 71 26.90 20.02 -44.23
N GLY E 72 26.19 20.35 -45.30
CA GLY E 72 24.75 20.22 -45.30
C GLY E 72 24.20 18.88 -44.83
N ALA E 73 24.61 17.80 -45.48
CA ALA E 73 24.11 16.48 -45.10
C ALA E 73 24.13 16.41 -43.57
N THR E 74 25.32 16.53 -42.98
CA THR E 74 25.49 16.47 -41.53
C THR E 74 24.59 17.40 -40.73
N ILE E 75 24.41 18.64 -41.20
CA ILE E 75 23.58 19.63 -40.52
C ILE E 75 22.12 19.21 -40.53
N LEU E 76 21.77 18.31 -41.44
CA LEU E 76 20.40 17.84 -41.49
C LEU E 76 20.29 16.42 -40.89
N ASP E 77 21.31 15.59 -41.06
CA ASP E 77 21.23 14.26 -40.48
C ASP E 77 21.26 14.38 -38.97
N LYS E 78 22.23 15.15 -38.47
CA LYS E 78 22.39 15.32 -37.04
C LYS E 78 21.33 16.24 -36.44
N MET E 79 20.54 16.89 -37.29
CA MET E 79 19.51 17.80 -36.79
C MET E 79 18.15 17.25 -37.09
N ASP E 80 17.49 16.68 -36.09
CA ASP E 80 16.18 16.10 -36.34
C ASP E 80 15.09 17.12 -36.50
N LEU E 81 14.40 17.02 -37.63
CA LEU E 81 13.29 17.91 -37.93
C LEU E 81 12.09 17.00 -37.87
N GLN E 82 10.96 17.56 -37.51
CA GLN E 82 9.78 16.75 -37.42
C GLN E 82 8.74 17.10 -38.47
N HIS E 83 8.35 18.37 -38.59
CA HIS E 83 7.32 18.73 -39.56
C HIS E 83 7.51 17.97 -40.87
N PRO E 84 6.43 17.36 -41.40
CA PRO E 84 6.45 16.58 -42.64
C PRO E 84 7.04 17.29 -43.85
N ALA E 85 6.59 18.52 -44.07
CA ALA E 85 7.09 19.31 -45.19
C ALA E 85 8.62 19.23 -45.19
N ALA E 86 9.21 19.57 -44.06
CA ALA E 86 10.66 19.55 -43.91
C ALA E 86 11.30 18.21 -44.28
N LYS E 87 10.83 17.11 -43.71
CA LYS E 87 11.40 15.80 -44.05
C LYS E 87 11.27 15.59 -45.55
N LEU E 88 10.21 16.16 -46.11
CA LEU E 88 9.90 16.07 -47.53
C LEU E 88 10.89 16.88 -48.37
N LEU E 89 11.26 18.06 -47.87
CA LEU E 89 12.23 18.91 -48.56
C LEU E 89 13.59 18.20 -48.56
N VAL E 90 14.10 17.88 -47.36
CA VAL E 90 15.38 17.20 -47.23
C VAL E 90 15.45 15.88 -47.98
N GLN E 91 14.32 15.18 -48.08
CA GLN E 91 14.30 13.90 -48.78
C GLN E 91 14.67 14.14 -50.24
N ILE E 92 14.16 15.24 -50.77
CA ILE E 92 14.44 15.59 -52.15
C ILE E 92 15.83 16.16 -52.26
N ALA E 93 16.23 16.94 -51.27
CA ALA E 93 17.55 17.55 -51.27
C ALA E 93 18.69 16.54 -51.12
N LYS E 94 18.76 15.81 -49.99
CA LYS E 94 19.83 14.83 -49.80
C LYS E 94 19.81 13.80 -50.91
N GLY E 95 18.70 13.06 -50.98
CA GLY E 95 18.57 12.06 -52.02
C GLY E 95 18.35 12.79 -53.32
N GLN E 96 19.27 13.70 -53.64
CA GLN E 96 19.17 14.49 -54.86
C GLN E 96 19.25 13.56 -56.06
N ASP E 97 19.82 14.07 -57.14
CA ASP E 97 19.95 13.33 -58.39
C ASP E 97 21.33 12.69 -58.67
N GLU E 98 22.32 12.85 -57.78
CA GLU E 98 23.63 12.25 -58.06
C GLU E 98 24.59 11.93 -56.90
N GLU E 99 25.87 11.74 -57.26
CA GLU E 99 26.94 11.40 -56.33
C GLU E 99 27.12 12.41 -55.21
N THR E 100 28.11 13.29 -55.39
CA THR E 100 28.45 14.34 -54.45
C THR E 100 27.30 14.93 -53.64
N ALA E 101 27.61 15.30 -52.40
CA ALA E 101 26.62 15.87 -51.50
C ALA E 101 26.46 17.36 -51.79
N ASP E 102 27.33 17.90 -52.63
CA ASP E 102 27.29 19.32 -52.95
C ASP E 102 26.01 19.76 -53.64
N GLY E 103 25.67 21.03 -53.42
CA GLY E 103 24.49 21.56 -54.05
C GLY E 103 23.22 21.17 -53.33
N THR E 104 23.30 20.21 -52.41
CA THR E 104 22.09 19.84 -51.67
C THR E 104 21.83 21.06 -50.81
N LYS E 105 22.92 21.68 -50.37
CA LYS E 105 22.77 22.87 -49.56
C LYS E 105 22.09 23.96 -50.42
N THR E 106 22.44 24.02 -51.71
CA THR E 106 21.82 24.99 -52.61
C THR E 106 20.37 24.56 -52.79
N ALA E 107 20.18 23.36 -53.32
CA ALA E 107 18.86 22.83 -53.58
C ALA E 107 17.87 23.27 -52.50
N VAL E 108 18.25 23.13 -51.23
CA VAL E 108 17.34 23.53 -50.17
C VAL E 108 17.19 25.05 -50.03
N ILE E 109 18.30 25.80 -49.91
CA ILE E 109 18.19 27.27 -49.79
C ILE E 109 17.33 27.86 -50.90
N PHE E 110 17.73 27.61 -52.15
CA PHE E 110 17.03 28.11 -53.32
C PHE E 110 15.58 27.63 -53.22
N SER E 111 15.42 26.42 -52.73
CA SER E 111 14.09 25.83 -52.58
C SER E 111 13.24 26.73 -51.72
N GLY E 112 13.71 26.99 -50.52
CA GLY E 112 12.97 27.84 -49.61
C GLY E 112 12.83 29.25 -50.12
N GLU E 113 13.76 29.72 -50.93
CA GLU E 113 13.63 31.06 -51.43
C GLU E 113 12.48 31.21 -52.40
N LEU E 114 12.26 30.18 -53.21
CA LEU E 114 11.15 30.18 -54.17
C LEU E 114 9.88 30.22 -53.37
N VAL E 115 9.86 29.44 -52.29
CA VAL E 115 8.71 29.39 -51.41
C VAL E 115 8.45 30.78 -50.87
N LYS E 116 9.49 31.43 -50.35
CA LYS E 116 9.29 32.76 -49.83
C LYS E 116 8.71 33.65 -50.89
N LYS E 117 9.47 33.86 -51.97
CA LYS E 117 9.04 34.74 -53.05
C LYS E 117 7.69 34.32 -53.64
N ALA E 118 7.31 33.04 -53.49
CA ALA E 118 6.02 32.53 -53.99
C ALA E 118 4.93 32.94 -53.01
N GLU E 119 5.30 33.04 -51.75
CA GLU E 119 4.34 33.42 -50.74
C GLU E 119 3.79 34.78 -51.08
N ASP E 120 4.67 35.67 -51.54
CA ASP E 120 4.25 37.02 -51.90
C ASP E 120 3.22 37.03 -53.00
N LEU E 121 3.22 35.98 -53.81
CA LEU E 121 2.28 35.86 -54.92
C LEU E 121 0.90 35.49 -54.40
N LEU E 122 0.88 34.58 -53.42
CA LEU E 122 -0.38 34.17 -52.82
C LEU E 122 -1.00 35.39 -52.15
N TYR E 123 -0.16 36.25 -51.59
CA TYR E 123 -0.65 37.43 -50.91
C TYR E 123 -1.42 38.26 -51.92
N LYS E 124 -0.90 38.29 -53.15
CA LYS E 124 -1.56 39.02 -54.24
C LYS E 124 -2.73 38.23 -54.78
N ASP E 125 -3.03 37.11 -54.14
CA ASP E 125 -4.16 36.30 -54.55
C ASP E 125 -4.06 35.68 -55.96
N VAL E 126 -3.01 34.90 -56.20
CA VAL E 126 -2.84 34.20 -57.48
C VAL E 126 -2.83 32.71 -57.15
N HIS E 127 -3.83 31.96 -57.63
CA HIS E 127 -3.90 30.52 -57.34
C HIS E 127 -2.55 29.86 -57.42
N PRO E 128 -2.21 29.03 -56.43
CA PRO E 128 -0.92 28.34 -56.42
C PRO E 128 -0.68 27.49 -57.67
N THR E 129 -1.76 27.03 -58.30
CA THR E 129 -1.63 26.20 -59.49
C THR E 129 -0.91 26.99 -60.56
N ILE E 130 -1.12 28.29 -60.55
CA ILE E 130 -0.50 29.18 -61.53
C ILE E 130 0.99 29.39 -61.20
N ILE E 131 1.30 29.68 -59.94
CA ILE E 131 2.68 29.87 -59.52
C ILE E 131 3.51 28.63 -59.87
N ILE E 132 2.84 27.47 -59.94
CA ILE E 132 3.49 26.20 -60.27
C ILE E 132 3.92 26.20 -61.72
N SER E 133 2.97 26.45 -62.62
CA SER E 133 3.23 26.49 -64.04
C SER E 133 4.27 27.55 -64.29
N GLY E 134 4.12 28.67 -63.60
CA GLY E 134 5.06 29.76 -63.75
C GLY E 134 6.45 29.23 -63.52
N TYR E 135 6.65 28.63 -62.36
CA TYR E 135 7.95 28.07 -61.99
C TYR E 135 8.45 26.99 -62.97
N LYS E 136 7.55 26.11 -63.40
CA LYS E 136 7.95 25.06 -64.33
C LYS E 136 8.58 25.67 -65.56
N LYS E 137 7.82 26.51 -66.26
CA LYS E 137 8.31 27.16 -67.46
C LYS E 137 9.62 27.90 -67.21
N ALA E 138 9.74 28.51 -66.04
CA ALA E 138 10.96 29.25 -65.68
C ALA E 138 12.08 28.26 -65.49
N GLU E 139 11.77 27.14 -64.87
CA GLU E 139 12.77 26.10 -64.66
C GLU E 139 13.31 25.66 -66.02
N GLU E 140 12.42 25.36 -66.95
CA GLU E 140 12.85 24.93 -68.27
C GLU E 140 13.98 25.78 -68.76
N VAL E 141 13.65 27.04 -69.00
CA VAL E 141 14.61 28.03 -69.47
C VAL E 141 15.84 28.14 -68.60
N ALA E 142 15.59 28.33 -67.32
CA ALA E 142 16.67 28.45 -66.37
C ALA E 142 17.64 27.30 -66.61
N LEU E 143 17.07 26.14 -66.92
CA LEU E 143 17.88 24.95 -67.14
C LEU E 143 18.68 24.97 -68.44
N GLN E 144 18.03 25.01 -69.60
CA GLN E 144 18.75 25.02 -70.89
C GLN E 144 19.74 26.17 -70.97
N THR E 145 19.50 27.22 -70.20
CA THR E 145 20.39 28.39 -70.20
C THR E 145 21.75 28.02 -69.67
N ILE E 146 21.83 26.87 -69.01
CA ILE E 146 23.10 26.38 -68.47
C ILE E 146 23.71 25.49 -69.55
N GLN E 147 22.87 24.71 -70.24
CA GLN E 147 23.36 23.84 -71.29
C GLN E 147 23.99 24.67 -72.39
N GLU E 148 23.17 25.47 -73.06
CA GLU E 148 23.65 26.33 -74.13
C GLU E 148 24.50 27.45 -73.57
N LEU E 149 25.40 27.11 -72.66
CA LEU E 149 26.25 28.11 -72.04
C LEU E 149 27.43 27.42 -71.34
N ALA E 150 27.22 26.16 -70.95
CA ALA E 150 28.24 25.37 -70.26
C ALA E 150 29.41 25.14 -71.19
N GLN E 151 30.59 24.93 -70.61
CA GLN E 151 31.74 24.66 -71.45
C GLN E 151 32.19 23.21 -71.36
N THR E 152 32.61 22.67 -72.51
CA THR E 152 33.05 21.29 -72.65
C THR E 152 34.38 20.96 -71.98
N VAL E 153 34.31 20.14 -70.93
CA VAL E 153 35.51 19.75 -70.21
C VAL E 153 35.83 18.27 -70.45
N SER E 154 37.08 17.98 -70.77
CA SER E 154 37.50 16.60 -71.03
C SER E 154 38.59 16.16 -70.05
N ILE E 155 38.47 14.92 -69.59
CA ILE E 155 39.39 14.32 -68.61
C ILE E 155 40.88 14.40 -68.99
N ASN E 156 41.14 14.77 -70.24
CA ASN E 156 42.51 14.91 -70.72
C ASN E 156 43.09 16.10 -69.98
N ASP E 157 42.35 17.21 -70.01
CA ASP E 157 42.80 18.42 -69.35
C ASP E 157 42.87 18.22 -67.85
N THR E 158 44.05 17.80 -67.39
CA THR E 158 44.28 17.54 -65.99
C THR E 158 44.52 18.82 -65.18
N ASP E 159 44.94 19.89 -65.85
CA ASP E 159 45.21 21.14 -65.16
C ASP E 159 43.93 21.88 -64.74
N LEU E 160 42.79 21.42 -65.25
CA LEU E 160 41.49 22.03 -64.96
C LEU E 160 40.84 21.43 -63.71
N LEU E 161 40.81 20.11 -63.65
CA LEU E 161 40.25 19.42 -62.51
C LEU E 161 41.00 19.80 -61.25
N ARG E 162 42.27 20.20 -61.43
CA ARG E 162 43.10 20.63 -60.31
C ARG E 162 42.34 21.77 -59.59
N LYS E 163 41.59 22.54 -60.36
CA LYS E 163 40.81 23.65 -59.82
C LYS E 163 39.46 23.16 -59.30
N ILE E 164 38.64 22.64 -60.20
CA ILE E 164 37.32 22.12 -59.84
C ILE E 164 37.33 21.38 -58.51
N ALA E 165 38.46 20.75 -58.19
CA ALA E 165 38.58 20.02 -56.93
C ALA E 165 38.62 20.99 -55.77
N MET E 166 39.45 22.03 -55.88
CA MET E 166 39.54 23.01 -54.82
C MET E 166 38.22 23.78 -54.67
N THR E 167 37.58 24.09 -55.80
CA THR E 167 36.31 24.81 -55.80
C THR E 167 35.28 24.08 -54.94
N SER E 168 35.58 22.83 -54.57
CA SER E 168 34.69 22.01 -53.75
C SER E 168 35.19 21.82 -52.31
N LEU E 169 36.43 21.37 -52.18
CA LEU E 169 36.98 21.14 -50.86
C LEU E 169 37.42 22.43 -50.15
N SER E 170 37.87 23.44 -50.88
CA SER E 170 38.28 24.69 -50.23
C SER E 170 37.15 25.28 -49.37
N SER E 171 35.92 24.84 -49.68
CA SER E 171 34.71 25.28 -48.98
C SER E 171 34.64 24.82 -47.52
N LYS E 172 35.17 23.64 -47.20
CA LYS E 172 35.14 23.11 -45.83
C LYS E 172 36.16 23.71 -44.87
N ALA E 173 36.02 23.32 -43.59
CA ALA E 173 36.89 23.80 -42.53
C ALA E 173 38.35 23.75 -42.95
N VAL E 174 38.87 22.54 -43.18
CA VAL E 174 40.27 22.32 -43.58
C VAL E 174 40.74 22.98 -44.89
N ALA E 175 41.24 24.22 -44.77
CA ALA E 175 41.71 25.01 -45.92
C ALA E 175 43.23 25.21 -45.95
N GLY E 176 43.93 24.55 -45.02
CA GLY E 176 45.38 24.67 -45.03
C GLY E 176 45.83 23.83 -46.21
N ALA E 177 46.93 24.23 -46.86
CA ALA E 177 47.49 23.52 -48.02
C ALA E 177 46.55 22.49 -48.69
N ARG E 178 45.48 23.00 -49.30
CA ARG E 178 44.48 22.18 -49.98
C ARG E 178 44.97 21.68 -51.35
N GLU E 179 45.88 22.43 -51.96
CA GLU E 179 46.45 22.06 -53.25
C GLU E 179 46.94 20.61 -53.16
N TYR E 180 47.51 20.28 -52.00
CA TYR E 180 48.05 18.96 -51.70
C TYR E 180 46.93 17.92 -51.85
N ILE E 181 45.81 18.14 -51.16
CA ILE E 181 44.64 17.25 -51.20
C ILE E 181 43.94 17.30 -52.55
N ALA E 182 43.82 18.51 -53.06
CA ALA E 182 43.17 18.78 -54.34
C ALA E 182 43.83 17.95 -55.41
N ASP E 183 45.15 18.09 -55.51
CA ASP E 183 45.90 17.35 -56.50
C ASP E 183 45.63 15.85 -56.41
N ILE E 184 45.71 15.32 -55.18
CA ILE E 184 45.49 13.91 -54.93
C ILE E 184 44.17 13.45 -55.53
N VAL E 185 43.10 14.13 -55.11
CA VAL E 185 41.73 13.86 -55.55
C VAL E 185 41.63 13.65 -57.07
N VAL E 186 42.34 14.50 -57.82
CA VAL E 186 42.33 14.42 -59.29
C VAL E 186 42.93 13.09 -59.75
N LYS E 187 44.15 12.80 -59.30
CA LYS E 187 44.81 11.56 -59.69
C LYS E 187 43.96 10.34 -59.28
N ALA E 188 43.40 10.40 -58.07
CA ALA E 188 42.58 9.31 -57.53
C ALA E 188 41.38 8.89 -58.38
N VAL E 189 40.74 9.86 -59.01
CA VAL E 189 39.58 9.57 -59.85
C VAL E 189 40.00 9.13 -61.25
N THR E 190 40.85 9.93 -61.89
CA THR E 190 41.32 9.59 -63.23
C THR E 190 41.86 8.16 -63.20
N GLN E 191 42.28 7.71 -62.02
CA GLN E 191 42.83 6.37 -61.85
C GLN E 191 41.76 5.29 -62.01
N VAL E 192 40.57 5.55 -61.48
CA VAL E 192 39.48 4.57 -61.54
C VAL E 192 38.59 4.67 -62.77
N ALA E 193 38.52 5.85 -63.37
CA ALA E 193 37.70 6.08 -64.54
C ALA E 193 37.85 4.97 -65.60
N GLU E 194 36.82 4.79 -66.41
CA GLU E 194 36.81 3.79 -67.48
C GLU E 194 35.98 4.29 -68.66
N LEU E 195 36.03 3.57 -69.78
CA LEU E 195 35.26 3.96 -70.97
C LEU E 195 34.42 2.80 -71.51
N ARG E 196 33.49 2.30 -70.70
CA ARG E 196 32.60 1.20 -71.08
C ARG E 196 31.67 1.57 -72.25
N GLY E 197 32.23 1.53 -73.45
CA GLY E 197 31.48 1.88 -74.65
C GLY E 197 31.33 3.38 -74.79
N ASP E 198 32.47 4.07 -75.03
CA ASP E 198 32.54 5.54 -75.18
C ASP E 198 31.67 6.31 -74.18
N LYS E 199 31.29 5.64 -73.09
CA LYS E 199 30.45 6.21 -72.03
C LYS E 199 31.12 5.94 -70.67
N TRP E 200 31.93 6.89 -70.21
CA TRP E 200 32.64 6.77 -68.92
C TRP E 200 31.79 6.26 -67.77
N TYR E 201 32.44 5.61 -66.80
CA TYR E 201 31.76 5.11 -65.62
C TYR E 201 32.77 5.01 -64.46
N VAL E 202 32.73 6.01 -63.57
CA VAL E 202 33.61 6.05 -62.40
C VAL E 202 32.89 5.43 -61.22
N ASP E 203 33.43 4.34 -60.68
CA ASP E 203 32.81 3.69 -59.54
C ASP E 203 33.64 4.03 -58.31
N LEU E 204 33.11 4.93 -57.48
CA LEU E 204 33.82 5.37 -56.27
C LEU E 204 34.27 4.24 -55.34
N ASP E 205 33.51 3.15 -55.31
CA ASP E 205 33.85 2.02 -54.46
C ASP E 205 35.28 1.49 -54.67
N ASN E 206 35.85 1.80 -55.84
CA ASN E 206 37.21 1.37 -56.17
C ASN E 206 38.26 2.21 -55.46
N ILE E 207 37.82 2.97 -54.45
CA ILE E 207 38.72 3.80 -53.66
C ILE E 207 38.41 3.65 -52.18
N GLN E 208 39.41 3.26 -51.39
CA GLN E 208 39.19 3.10 -49.96
C GLN E 208 39.75 4.32 -49.25
N ILE E 209 39.13 4.65 -48.12
CA ILE E 209 39.52 5.80 -47.33
C ILE E 209 39.70 5.40 -45.86
N VAL E 210 40.95 5.40 -45.41
CA VAL E 210 41.29 5.04 -44.04
C VAL E 210 41.92 6.23 -43.32
N LYS E 211 41.59 6.41 -42.04
CA LYS E 211 42.13 7.53 -41.28
C LYS E 211 42.58 7.23 -39.84
N LYS E 212 43.74 7.78 -39.47
CA LYS E 212 44.31 7.64 -38.12
C LYS E 212 45.08 8.91 -37.74
N ALA E 213 44.77 9.46 -36.56
CA ALA E 213 45.41 10.67 -36.04
C ALA E 213 46.91 10.72 -36.32
N GLY E 214 47.55 11.84 -35.98
CA GLY E 214 48.98 11.94 -36.21
C GLY E 214 49.40 13.10 -37.06
N GLY E 215 50.41 13.85 -36.60
CA GLY E 215 50.92 15.01 -37.34
C GLY E 215 49.82 15.84 -37.98
N SER E 216 50.19 16.55 -39.04
CA SER E 216 49.24 17.41 -39.75
C SER E 216 48.58 16.67 -40.92
N ILE E 217 47.76 17.38 -41.69
CA ILE E 217 47.08 16.76 -42.83
C ILE E 217 48.05 16.53 -44.00
N ASN E 218 49.16 17.26 -44.01
CA ASN E 218 50.16 17.12 -45.07
C ASN E 218 50.81 15.76 -45.00
N ASP E 219 50.63 15.09 -43.86
CA ASP E 219 51.18 13.76 -43.63
C ASP E 219 50.25 12.64 -44.16
N THR E 220 49.30 13.04 -45.01
CA THR E 220 48.34 12.10 -45.59
C THR E 220 48.84 11.75 -46.99
N GLN E 221 48.57 10.53 -47.45
CA GLN E 221 49.01 10.16 -48.80
C GLN E 221 48.10 9.09 -49.38
N LEU E 222 48.19 8.91 -50.70
CA LEU E 222 47.38 7.91 -51.42
C LEU E 222 48.25 6.69 -51.76
N VAL E 223 47.71 5.51 -51.53
CA VAL E 223 48.43 4.26 -51.80
C VAL E 223 47.83 3.57 -53.01
N TYR E 224 48.67 3.09 -53.93
CA TYR E 224 48.17 2.42 -55.13
C TYR E 224 47.74 0.98 -54.91
N GLY E 225 46.88 0.81 -53.91
CA GLY E 225 46.38 -0.51 -53.56
C GLY E 225 45.63 -0.35 -52.26
N ILE E 226 44.99 -1.43 -51.80
CA ILE E 226 44.22 -1.42 -50.56
C ILE E 226 45.12 -1.29 -49.31
N VAL E 227 44.59 -0.66 -48.25
CA VAL E 227 45.34 -0.48 -47.01
C VAL E 227 44.51 -0.90 -45.80
N VAL E 228 44.96 -1.95 -45.10
CA VAL E 228 44.22 -2.46 -43.93
C VAL E 228 44.69 -1.93 -42.58
N ASP E 229 43.82 -1.18 -41.91
CA ASP E 229 44.17 -0.63 -40.60
C ASP E 229 43.95 -1.66 -39.48
N LYS E 230 44.96 -2.50 -39.24
CA LYS E 230 44.96 -3.49 -38.16
C LYS E 230 46.34 -4.16 -38.15
N GLU E 231 47.02 -4.07 -37.01
CA GLU E 231 48.35 -4.65 -36.82
C GLU E 231 48.32 -6.17 -37.07
N VAL E 232 49.46 -6.76 -37.47
CA VAL E 232 49.52 -8.22 -37.71
C VAL E 232 49.17 -8.95 -36.43
N VAL E 233 48.85 -10.24 -36.56
CA VAL E 233 48.44 -11.02 -35.40
C VAL E 233 49.57 -11.51 -34.49
N HIS E 234 50.68 -11.95 -35.08
CA HIS E 234 51.79 -12.45 -34.27
C HIS E 234 53.12 -11.86 -34.74
N PRO E 235 54.04 -11.55 -33.80
CA PRO E 235 55.35 -10.96 -34.15
C PRO E 235 56.27 -11.94 -34.89
N GLY E 236 55.99 -13.23 -34.76
CA GLY E 236 56.80 -14.23 -35.43
C GLY E 236 56.36 -14.51 -36.84
N MET E 237 55.77 -13.52 -37.52
CA MET E 237 55.30 -13.72 -38.88
C MET E 237 56.00 -12.81 -39.88
N PRO E 238 56.04 -13.23 -41.15
CA PRO E 238 56.69 -12.43 -42.19
C PRO E 238 56.03 -11.07 -42.30
N LYS E 239 56.78 -10.02 -42.00
CA LYS E 239 56.28 -8.65 -42.07
C LYS E 239 56.53 -8.02 -43.46
N ARG E 240 56.77 -8.86 -44.48
CA ARG E 240 57.03 -8.37 -45.84
C ARG E 240 57.15 -9.54 -46.79
N LEU E 241 56.11 -9.81 -47.60
CA LEU E 241 56.17 -10.94 -48.56
C LEU E 241 56.27 -10.48 -50.02
N GLU E 242 57.13 -11.14 -50.79
CA GLU E 242 57.30 -10.80 -52.21
C GLU E 242 56.28 -11.61 -52.97
N ASN E 243 55.58 -10.98 -53.91
CA ASN E 243 54.59 -11.70 -54.70
C ASN E 243 53.69 -12.52 -53.77
N ALA E 244 52.71 -11.86 -53.15
CA ALA E 244 51.80 -12.55 -52.24
C ALA E 244 50.58 -13.14 -52.92
N LYS E 245 49.93 -14.07 -52.24
CA LYS E 245 48.72 -14.71 -52.76
C LYS E 245 47.67 -14.70 -51.64
N ILE E 246 47.03 -13.53 -51.47
CA ILE E 246 46.03 -13.30 -50.45
C ILE E 246 44.88 -14.32 -50.39
N ALA E 247 44.47 -14.64 -49.17
CA ALA E 247 43.37 -15.58 -48.93
C ALA E 247 42.32 -14.93 -48.02
N LEU E 248 41.28 -14.36 -48.63
CA LEU E 248 40.20 -13.70 -47.90
C LEU E 248 39.30 -14.72 -47.23
N ILE E 249 39.65 -15.11 -46.01
CA ILE E 249 38.87 -16.11 -45.30
C ILE E 249 37.90 -15.53 -44.30
N ASP E 250 36.62 -15.54 -44.64
CA ASP E 250 35.61 -15.02 -43.75
C ASP E 250 34.87 -16.12 -43.01
N ALA E 251 35.32 -16.39 -41.79
CA ALA E 251 34.71 -17.40 -40.94
C ALA E 251 35.52 -17.59 -39.65
N SER E 252 34.93 -18.32 -38.71
CA SER E 252 35.53 -18.62 -37.40
C SER E 252 36.84 -19.40 -37.51
N LEU E 253 37.88 -18.86 -36.89
CA LEU E 253 39.20 -19.50 -36.93
C LEU E 253 39.88 -19.58 -35.55
N GLU E 254 39.20 -20.20 -34.59
CA GLU E 254 39.70 -20.31 -33.23
C GLU E 254 39.32 -21.67 -32.64
N VAL E 255 40.06 -22.16 -31.64
CA VAL E 255 39.70 -23.45 -31.05
C VAL E 255 38.21 -23.49 -30.78
N GLU E 256 37.58 -24.62 -31.07
CA GLU E 256 36.14 -24.76 -30.85
C GLU E 256 35.84 -24.96 -29.33
N LYS E 257 35.04 -24.07 -28.77
CA LYS E 257 34.64 -24.26 -27.40
C LYS E 257 33.95 -25.58 -27.59
N PRO E 258 34.27 -26.54 -26.72
CA PRO E 258 33.68 -27.87 -26.80
C PRO E 258 32.64 -28.10 -25.71
N GLU E 259 32.44 -27.11 -24.85
CA GLU E 259 31.47 -27.25 -23.77
C GLU E 259 30.03 -27.40 -24.27
N LEU E 260 29.66 -26.60 -25.26
CA LEU E 260 28.30 -26.66 -25.80
C LEU E 260 28.06 -28.03 -26.41
N ASP E 261 29.06 -28.52 -27.14
CA ASP E 261 28.96 -29.83 -27.77
C ASP E 261 28.86 -30.94 -26.73
N ALA E 262 29.65 -30.81 -25.66
CA ALA E 262 29.65 -31.80 -24.59
C ALA E 262 29.92 -31.25 -23.20
N GLU E 263 29.51 -32.03 -22.21
CA GLU E 263 29.68 -31.71 -20.80
C GLU E 263 30.25 -33.07 -20.45
N ILE E 264 31.36 -33.14 -19.73
CA ILE E 264 31.89 -34.47 -19.46
C ILE E 264 32.75 -34.53 -18.23
N ARG E 265 33.05 -35.73 -17.75
CA ARG E 265 33.89 -35.75 -16.54
C ARG E 265 35.33 -36.09 -17.01
N ILE E 266 36.24 -36.34 -16.07
CA ILE E 266 37.63 -36.70 -16.36
C ILE E 266 38.27 -37.38 -15.13
N ASN E 267 39.16 -38.32 -15.41
CA ASN E 267 39.83 -39.10 -14.38
C ASN E 267 41.35 -38.83 -14.27
N ASP E 268 42.09 -39.56 -15.12
CA ASP E 268 43.56 -39.54 -15.23
C ASP E 268 44.05 -38.56 -16.34
N PRO E 269 45.35 -38.15 -16.27
CA PRO E 269 46.04 -37.24 -17.20
C PRO E 269 46.26 -37.80 -18.61
N THR E 270 46.12 -39.12 -18.73
CA THR E 270 46.28 -39.82 -19.99
C THR E 270 45.18 -39.32 -20.95
N GLN E 271 44.00 -39.09 -20.39
CA GLN E 271 42.80 -38.60 -21.09
C GLN E 271 42.95 -37.13 -21.52
N MET E 272 43.56 -36.36 -20.63
CA MET E 272 43.80 -34.93 -20.86
C MET E 272 44.52 -34.70 -22.18
N GLN E 273 45.76 -35.19 -22.25
CA GLN E 273 46.59 -35.05 -23.44
C GLN E 273 45.82 -35.30 -24.72
N LYS E 274 45.43 -36.55 -24.98
CA LYS E 274 44.72 -36.86 -26.20
C LYS E 274 43.48 -35.97 -26.41
N PHE E 275 43.07 -35.23 -25.39
CA PHE E 275 41.92 -34.34 -25.50
C PHE E 275 42.32 -33.00 -26.13
N LEU E 276 43.27 -32.32 -25.49
CA LEU E 276 43.74 -31.02 -25.96
C LEU E 276 44.61 -31.15 -27.19
N ASP E 277 45.16 -32.33 -27.41
CA ASP E 277 46.03 -32.57 -28.56
C ASP E 277 45.22 -32.62 -29.84
N GLU E 278 44.22 -33.49 -29.88
CA GLU E 278 43.39 -33.58 -31.09
C GLU E 278 42.56 -32.31 -31.28
N GLU E 279 42.17 -31.69 -30.17
CA GLU E 279 41.37 -30.46 -30.21
C GLU E 279 42.19 -29.31 -30.80
N GLU E 280 43.51 -29.39 -30.62
CA GLU E 280 44.45 -28.39 -31.14
C GLU E 280 44.67 -28.71 -32.59
N ASN E 281 44.65 -30.00 -32.90
CA ASN E 281 44.84 -30.48 -34.27
C ASN E 281 43.60 -30.21 -35.12
N LEU E 282 42.49 -29.90 -34.46
CA LEU E 282 41.23 -29.63 -35.15
C LEU E 282 41.30 -28.28 -35.90
N ILE E 283 41.92 -27.29 -35.27
CA ILE E 283 42.07 -25.94 -35.83
C ILE E 283 43.15 -25.94 -36.89
N LYS E 284 44.21 -26.72 -36.65
CA LYS E 284 45.33 -26.84 -37.58
C LYS E 284 44.77 -27.41 -38.89
N GLU E 285 43.65 -28.12 -38.77
CA GLU E 285 43.00 -28.71 -39.93
C GLU E 285 42.49 -27.60 -40.83
N LYS E 286 41.67 -26.73 -40.27
CA LYS E 286 41.14 -25.62 -41.03
C LYS E 286 42.32 -24.88 -41.67
N VAL E 287 43.37 -24.64 -40.89
CA VAL E 287 44.56 -23.94 -41.39
C VAL E 287 45.21 -24.62 -42.60
N ASP E 288 45.43 -25.94 -42.52
CA ASP E 288 46.05 -26.68 -43.62
C ASP E 288 45.11 -26.73 -44.83
N LYS E 289 43.82 -26.81 -44.54
CA LYS E 289 42.79 -26.89 -45.58
C LYS E 289 42.74 -25.61 -46.39
N ILE E 290 43.21 -24.52 -45.77
CA ILE E 290 43.27 -23.20 -46.38
C ILE E 290 44.61 -23.03 -47.10
N LEU E 291 45.67 -23.45 -46.43
CA LEU E 291 47.01 -23.39 -47.01
C LEU E 291 47.04 -24.38 -48.18
N ALA E 292 46.00 -25.20 -48.28
CA ALA E 292 45.84 -26.21 -49.34
C ALA E 292 45.86 -25.53 -50.71
N THR E 293 45.68 -24.22 -50.70
CA THR E 293 45.68 -23.43 -51.91
C THR E 293 47.07 -22.80 -52.02
N GLY E 294 47.75 -22.77 -50.88
CA GLY E 294 49.08 -22.20 -50.83
C GLY E 294 49.01 -20.70 -50.94
N ALA E 295 48.68 -20.05 -49.82
CA ALA E 295 48.58 -18.60 -49.80
C ALA E 295 49.68 -18.02 -48.93
N ASN E 296 50.26 -16.90 -49.36
CA ASN E 296 51.33 -16.27 -48.61
C ASN E 296 50.77 -15.52 -47.42
N VAL E 297 49.57 -15.00 -47.61
CA VAL E 297 48.91 -14.24 -46.58
C VAL E 297 47.44 -14.65 -46.48
N ILE E 298 46.89 -14.54 -45.28
CA ILE E 298 45.51 -14.91 -44.99
C ILE E 298 44.92 -13.94 -43.92
N ILE E 299 43.86 -13.23 -44.27
CA ILE E 299 43.21 -12.28 -43.33
C ILE E 299 41.72 -12.61 -43.21
N CYS E 300 41.15 -12.43 -42.02
CA CYS E 300 39.73 -12.74 -41.82
C CYS E 300 39.03 -11.65 -41.02
N GLN E 301 37.73 -11.82 -40.78
CA GLN E 301 36.98 -10.85 -40.01
C GLN E 301 36.41 -11.45 -38.72
N LYS E 302 37.23 -12.21 -38.01
CA LYS E 302 36.79 -12.81 -36.76
C LYS E 302 38.05 -12.98 -35.87
N GLY E 303 37.84 -13.41 -34.62
CA GLY E 303 38.98 -13.59 -33.71
C GLY E 303 39.78 -14.85 -34.00
N ILE E 304 41.09 -14.71 -34.23
CA ILE E 304 41.96 -15.85 -34.51
C ILE E 304 42.65 -16.38 -33.25
N ASP E 305 42.51 -17.68 -33.01
CA ASP E 305 43.10 -18.32 -31.84
C ASP E 305 44.59 -18.01 -31.70
N GLU E 306 45.05 -17.90 -30.46
CA GLU E 306 46.45 -17.60 -30.15
C GLU E 306 47.39 -18.79 -30.38
N VAL E 307 46.82 -20.00 -30.32
CA VAL E 307 47.58 -21.23 -30.55
C VAL E 307 47.72 -21.42 -32.07
N ALA E 308 46.69 -20.97 -32.80
CA ALA E 308 46.63 -21.05 -34.25
C ALA E 308 47.60 -20.05 -34.85
N GLN E 309 48.00 -19.08 -34.04
CA GLN E 309 48.94 -18.07 -34.46
C GLN E 309 50.33 -18.66 -34.47
N SER E 310 50.67 -19.38 -33.39
CA SER E 310 51.98 -20.02 -33.27
C SER E 310 52.17 -21.02 -34.40
N TYR E 311 51.05 -21.54 -34.90
CA TYR E 311 51.07 -22.50 -35.99
C TYR E 311 51.35 -21.80 -37.32
N LEU E 312 50.63 -20.71 -37.57
CA LEU E 312 50.78 -19.93 -38.80
C LEU E 312 52.15 -19.27 -38.76
N ALA E 313 52.60 -18.96 -37.56
CA ALA E 313 53.90 -18.33 -37.34
C ALA E 313 55.02 -19.30 -37.73
N LYS E 314 54.86 -20.56 -37.33
CA LYS E 314 55.85 -21.59 -37.64
C LYS E 314 55.80 -21.95 -39.13
N LYS E 315 54.64 -21.72 -39.76
CA LYS E 315 54.45 -22.00 -41.18
C LYS E 315 54.99 -20.90 -42.08
N GLY E 316 55.10 -19.69 -41.54
CA GLY E 316 55.61 -18.58 -42.32
C GLY E 316 54.52 -17.82 -43.07
N VAL E 317 53.34 -17.72 -42.46
CA VAL E 317 52.19 -17.02 -43.05
C VAL E 317 51.98 -15.67 -42.36
N LEU E 318 51.36 -14.73 -43.09
CA LEU E 318 51.07 -13.40 -42.53
C LEU E 318 49.56 -13.31 -42.36
N ALA E 319 49.09 -13.28 -41.12
CA ALA E 319 47.65 -13.23 -40.85
C ALA E 319 47.21 -12.01 -40.05
N VAL E 320 45.97 -11.57 -40.28
CA VAL E 320 45.40 -10.40 -39.57
C VAL E 320 44.10 -10.78 -38.87
N ARG E 321 43.93 -10.29 -37.63
CA ARG E 321 42.75 -10.55 -36.80
C ARG E 321 41.42 -10.04 -37.38
N ARG E 322 40.54 -9.59 -36.51
CA ARG E 322 39.26 -9.07 -36.95
C ARG E 322 39.55 -7.87 -37.86
N ALA E 323 38.73 -7.69 -38.90
CA ALA E 323 38.88 -6.58 -39.85
C ALA E 323 37.51 -6.31 -40.48
N LYS E 324 37.00 -5.07 -40.38
CA LYS E 324 35.68 -4.73 -40.94
C LYS E 324 35.45 -5.32 -42.34
N LYS E 325 34.37 -6.10 -42.51
CA LYS E 325 34.02 -6.73 -43.79
C LYS E 325 34.05 -5.63 -44.85
N SER E 326 33.78 -4.41 -44.39
CA SER E 326 33.74 -3.19 -45.21
C SER E 326 34.98 -3.07 -46.14
N ASP E 327 36.12 -3.57 -45.68
CA ASP E 327 37.36 -3.50 -46.44
C ASP E 327 37.73 -4.80 -47.14
N LEU E 328 37.20 -5.92 -46.64
CA LEU E 328 37.48 -7.20 -47.27
C LEU E 328 36.99 -7.17 -48.69
N GLU E 329 35.78 -6.63 -48.88
CA GLU E 329 35.21 -6.54 -50.22
C GLU E 329 36.09 -5.65 -51.11
N LYS E 330 36.38 -4.42 -50.66
CA LYS E 330 37.21 -3.47 -51.40
C LYS E 330 38.56 -4.09 -51.75
N LEU E 331 38.97 -5.04 -50.93
CA LEU E 331 40.24 -5.75 -51.11
C LEU E 331 40.01 -7.00 -51.96
N ALA E 332 38.76 -7.47 -51.99
CA ALA E 332 38.39 -8.65 -52.77
C ALA E 332 38.60 -8.41 -54.26
N ARG E 333 37.75 -7.58 -54.85
CA ARG E 333 37.86 -7.28 -56.27
C ARG E 333 39.01 -6.35 -56.61
N ALA E 334 39.82 -6.02 -55.62
CA ALA E 334 40.98 -5.16 -55.85
C ALA E 334 42.22 -6.03 -56.10
N THR E 335 42.19 -7.27 -55.60
CA THR E 335 43.30 -8.21 -55.80
C THR E 335 42.84 -9.45 -56.56
N GLY E 336 41.65 -9.37 -57.14
CA GLY E 336 41.12 -10.50 -57.90
C GLY E 336 41.04 -11.77 -57.11
N GLY E 337 40.26 -11.74 -56.03
CA GLY E 337 40.09 -12.93 -55.21
C GLY E 337 38.65 -13.02 -54.74
N ARG E 338 38.32 -14.10 -54.04
CA ARG E 338 36.97 -14.27 -53.53
C ARG E 338 37.03 -14.26 -52.01
N VAL E 339 35.91 -13.90 -51.38
CA VAL E 339 35.82 -13.86 -49.93
C VAL E 339 35.30 -15.22 -49.45
N VAL E 340 36.23 -16.14 -49.16
CA VAL E 340 35.87 -17.49 -48.74
C VAL E 340 34.79 -17.60 -47.66
N SER E 341 33.65 -18.13 -48.09
CA SER E 341 32.47 -18.32 -47.26
C SER E 341 32.71 -19.52 -46.32
N ASN E 342 32.89 -20.68 -46.94
CA ASN E 342 33.10 -21.96 -46.26
C ASN E 342 34.50 -22.50 -46.58
N ILE E 343 35.37 -22.62 -45.56
CA ILE E 343 36.75 -23.10 -45.73
C ILE E 343 36.91 -24.44 -46.48
N ASP E 344 35.89 -25.29 -46.38
CA ASP E 344 35.91 -26.60 -47.04
C ASP E 344 35.58 -26.47 -48.54
N GLU E 345 35.59 -25.25 -49.05
CA GLU E 345 35.26 -24.98 -50.45
C GLU E 345 36.30 -24.16 -51.18
N ILE E 346 37.34 -23.75 -50.47
CA ILE E 346 38.39 -22.93 -51.06
C ILE E 346 38.93 -23.55 -52.35
N SER E 347 39.20 -22.70 -53.34
CA SER E 347 39.72 -23.15 -54.62
C SER E 347 41.08 -22.53 -54.93
N GLU E 348 41.75 -23.12 -55.91
CA GLU E 348 43.06 -22.67 -56.35
C GLU E 348 42.91 -21.30 -57.03
N GLN E 349 41.78 -20.65 -56.81
CA GLN E 349 41.53 -19.35 -57.42
C GLN E 349 40.91 -18.32 -56.49
N ASP E 350 40.14 -18.79 -55.50
CA ASP E 350 39.47 -17.89 -54.56
C ASP E 350 40.44 -16.91 -53.85
N LEU E 351 41.74 -17.13 -54.04
CA LEU E 351 42.77 -16.30 -53.43
C LEU E 351 43.28 -15.24 -54.40
N GLY E 352 43.31 -13.99 -53.93
CA GLY E 352 43.79 -12.90 -54.77
C GLY E 352 45.29 -12.78 -54.78
N TYR E 353 45.84 -12.20 -55.85
CA TYR E 353 47.28 -12.03 -55.97
C TYR E 353 47.68 -10.59 -55.70
N ALA E 354 48.95 -10.40 -55.37
CA ALA E 354 49.49 -9.08 -55.09
C ALA E 354 50.94 -9.03 -55.53
N SER E 355 51.63 -7.97 -55.14
CA SER E 355 53.04 -7.79 -55.50
C SER E 355 53.94 -7.60 -54.30
N LEU E 356 53.47 -6.85 -53.32
CA LEU E 356 54.27 -6.63 -52.12
C LEU E 356 53.35 -6.23 -50.99
N ILE E 357 53.49 -6.90 -49.85
CA ILE E 357 52.69 -6.59 -48.67
C ILE E 357 53.70 -5.99 -47.67
N GLU E 358 53.25 -5.04 -46.86
CA GLU E 358 54.11 -4.40 -45.87
C GLU E 358 53.33 -4.02 -44.64
N GLU E 359 54.05 -3.54 -43.63
CA GLU E 359 53.42 -3.15 -42.38
C GLU E 359 54.17 -1.99 -41.74
N ARG E 360 54.26 -0.84 -42.44
CA ARG E 360 54.98 0.30 -41.87
C ARG E 360 54.22 0.89 -40.68
N LYS E 361 54.94 1.25 -39.62
CA LYS E 361 54.33 1.82 -38.42
C LYS E 361 54.06 3.31 -38.63
N VAL E 362 53.45 3.65 -39.76
CA VAL E 362 53.16 5.05 -40.07
C VAL E 362 52.28 5.71 -39.00
N GLY E 363 52.76 6.88 -38.54
CA GLY E 363 52.06 7.65 -37.51
C GLY E 363 52.43 7.18 -36.13
N GLU E 364 51.60 6.28 -35.57
CA GLU E 364 51.82 5.71 -34.25
C GLU E 364 51.63 4.20 -34.32
N ASP E 365 50.44 3.76 -34.72
CA ASP E 365 50.16 2.34 -34.82
C ASP E 365 50.73 1.77 -36.11
N LYS E 366 50.60 0.46 -36.28
CA LYS E 366 51.11 -0.20 -37.48
C LYS E 366 49.95 -0.69 -38.32
N MET E 367 50.04 -0.45 -39.63
CA MET E 367 49.01 -0.85 -40.59
C MET E 367 49.61 -1.71 -41.70
N VAL E 368 48.76 -2.55 -42.29
CA VAL E 368 49.15 -3.44 -43.38
C VAL E 368 48.89 -2.79 -44.74
N PHE E 369 49.82 -2.93 -45.67
CA PHE E 369 49.64 -2.37 -47.00
C PHE E 369 49.65 -3.51 -48.01
N VAL E 370 48.96 -3.31 -49.12
CA VAL E 370 48.89 -4.33 -50.16
C VAL E 370 49.10 -3.60 -51.46
N GLU E 371 50.27 -3.01 -51.61
CA GLU E 371 50.59 -2.26 -52.82
C GLU E 371 50.82 -3.13 -54.06
N GLY E 372 50.59 -2.52 -55.22
CA GLY E 372 50.76 -3.23 -56.49
C GLY E 372 49.89 -4.45 -56.68
N ALA E 373 48.61 -4.36 -56.33
CA ALA E 373 47.68 -5.49 -56.46
C ALA E 373 47.57 -6.04 -57.88
N LYS E 374 46.74 -7.06 -58.06
CA LYS E 374 46.57 -7.65 -59.38
C LYS E 374 45.72 -6.73 -60.24
N ASN E 375 44.76 -6.07 -59.61
CA ASN E 375 43.89 -5.15 -60.31
C ASN E 375 44.46 -3.73 -60.18
N PRO E 376 44.81 -3.09 -61.32
CA PRO E 376 45.37 -1.73 -61.33
C PRO E 376 44.48 -0.63 -60.76
N LYS E 377 43.40 -0.32 -61.49
CA LYS E 377 42.43 0.71 -61.09
C LYS E 377 41.77 0.35 -59.78
N SER E 378 42.49 0.61 -58.68
CA SER E 378 41.99 0.31 -57.36
C SER E 378 43.00 0.90 -56.35
N ILE E 379 42.71 2.09 -55.83
CA ILE E 379 43.59 2.73 -54.87
C ILE E 379 42.84 3.20 -53.64
N SER E 380 43.59 3.61 -52.61
CA SER E 380 42.99 4.09 -51.38
C SER E 380 43.68 5.38 -50.92
N ILE E 381 43.02 6.12 -50.04
CA ILE E 381 43.56 7.37 -49.51
C ILE E 381 43.70 7.28 -48.01
N LEU E 382 44.79 7.85 -47.46
CA LEU E 382 45.01 7.82 -46.02
C LEU E 382 44.99 9.23 -45.44
N ILE E 383 43.96 9.50 -44.62
CA ILE E 383 43.80 10.80 -43.98
C ILE E 383 44.45 10.80 -42.60
N ARG E 384 45.08 11.93 -42.25
CA ARG E 384 45.74 12.05 -40.95
C ARG E 384 45.69 13.51 -40.50
N GLY E 385 44.49 13.99 -40.22
CA GLY E 385 44.33 15.37 -39.79
C GLY E 385 45.09 15.77 -38.53
N GLY E 386 45.33 14.80 -37.65
CA GLY E 386 46.04 15.08 -36.43
C GLY E 386 45.15 14.87 -35.22
N LEU E 387 44.17 15.78 -35.03
CA LEU E 387 43.24 15.67 -33.91
C LEU E 387 42.11 14.67 -34.21
N GLU E 388 41.57 14.06 -33.16
CA GLU E 388 40.50 13.06 -33.29
C GLU E 388 39.27 13.51 -34.08
N ARG E 389 39.04 14.82 -34.15
CA ARG E 389 37.88 15.38 -34.84
C ARG E 389 38.23 16.07 -36.16
N LEU E 390 39.40 16.73 -36.20
CA LEU E 390 39.87 17.43 -37.40
C LEU E 390 39.97 16.41 -38.54
N VAL E 391 40.42 15.21 -38.21
CA VAL E 391 40.57 14.14 -39.18
C VAL E 391 39.23 13.75 -39.75
N ASP E 392 38.22 13.68 -38.89
CA ASP E 392 36.87 13.29 -39.28
C ASP E 392 36.27 14.15 -40.39
N GLU E 393 36.33 15.48 -40.24
CA GLU E 393 35.77 16.37 -41.24
C GLU E 393 36.62 16.47 -42.51
N THR E 394 37.86 16.01 -42.44
CA THR E 394 38.73 16.03 -43.63
C THR E 394 38.20 14.93 -44.56
N GLU E 395 37.66 13.89 -43.93
CA GLU E 395 37.08 12.75 -44.63
C GLU E 395 35.79 13.20 -45.31
N ARG E 396 35.05 14.10 -44.68
CA ARG E 396 33.80 14.56 -45.29
C ARG E 396 34.16 15.32 -46.54
N ALA E 397 34.96 16.36 -46.37
CA ALA E 397 35.41 17.19 -47.48
C ALA E 397 35.97 16.38 -48.63
N LEU E 398 36.78 15.37 -48.28
CA LEU E 398 37.42 14.52 -49.27
C LEU E 398 36.41 13.65 -50.04
N ARG E 399 35.41 13.15 -49.32
CA ARG E 399 34.36 12.31 -49.91
C ARG E 399 33.64 13.08 -50.98
N ASP E 400 33.17 14.26 -50.59
CA ASP E 400 32.45 15.15 -51.48
C ASP E 400 33.35 15.59 -52.62
N ALA E 401 34.58 15.96 -52.30
CA ALA E 401 35.55 16.40 -53.29
C ALA E 401 35.74 15.37 -54.40
N LEU E 402 35.87 14.11 -54.01
CA LEU E 402 36.06 13.00 -54.95
C LEU E 402 34.77 12.88 -55.76
N GLY E 403 33.66 12.68 -55.07
CA GLY E 403 32.38 12.54 -55.75
C GLY E 403 32.19 13.57 -56.85
N THR E 404 32.26 14.85 -56.49
CA THR E 404 32.07 15.91 -57.47
C THR E 404 32.97 15.83 -58.70
N VAL E 405 34.27 15.62 -58.48
CA VAL E 405 35.22 15.50 -59.58
C VAL E 405 34.81 14.38 -60.55
N ALA E 406 34.35 13.27 -59.98
CA ALA E 406 33.94 12.13 -60.78
C ALA E 406 32.71 12.50 -61.61
N ASP E 407 31.88 13.36 -61.05
CA ASP E 407 30.68 13.78 -61.77
C ASP E 407 31.02 14.62 -62.97
N VAL E 408 32.08 15.42 -62.89
CA VAL E 408 32.47 16.26 -64.02
C VAL E 408 32.79 15.37 -65.22
N ILE E 409 33.47 14.26 -64.94
CA ILE E 409 33.88 13.31 -65.97
C ILE E 409 32.72 12.50 -66.54
N LYS E 410 31.86 11.99 -65.65
CA LYS E 410 30.71 11.21 -66.06
C LYS E 410 29.82 12.02 -67.02
N ASP E 411 29.82 13.34 -66.87
CA ASP E 411 29.01 14.20 -67.73
C ASP E 411 29.85 14.84 -68.84
N GLY E 412 30.66 15.83 -68.51
CA GLY E 412 31.50 16.47 -69.50
C GLY E 412 31.25 17.95 -69.71
N ARG E 413 30.36 18.53 -68.91
CA ARG E 413 30.02 19.96 -68.98
C ARG E 413 30.36 20.62 -67.64
N ALA E 414 30.94 21.83 -67.70
CA ALA E 414 31.29 22.56 -66.47
C ALA E 414 31.26 24.07 -66.66
N ILE E 415 30.63 24.77 -65.70
CA ILE E 415 30.49 26.23 -65.75
C ILE E 415 31.23 26.92 -64.59
N ALA E 416 31.39 28.24 -64.72
CA ALA E 416 32.06 29.03 -63.71
C ALA E 416 31.10 29.29 -62.57
N GLY E 417 31.51 28.96 -61.36
CA GLY E 417 30.66 29.21 -60.22
C GLY E 417 31.05 30.55 -59.66
N GLY E 418 30.17 31.14 -58.87
CA GLY E 418 30.47 32.43 -58.28
C GLY E 418 29.27 33.33 -58.36
N GLY E 419 28.15 32.73 -58.75
CA GLY E 419 26.91 33.49 -58.88
C GLY E 419 26.77 33.89 -60.33
N ALA E 420 27.81 33.58 -61.09
CA ALA E 420 27.86 33.90 -62.50
C ALA E 420 26.62 33.35 -63.17
N VAL E 421 26.42 32.05 -63.06
CA VAL E 421 25.26 31.43 -63.70
C VAL E 421 23.92 31.89 -63.13
N GLU E 422 23.90 32.32 -61.88
CA GLU E 422 22.66 32.76 -61.29
C GLU E 422 22.22 33.95 -62.07
N ILE E 423 22.95 35.05 -61.93
CA ILE E 423 22.56 36.29 -62.61
C ILE E 423 22.21 36.11 -64.10
N GLU E 424 22.88 35.19 -64.78
CA GLU E 424 22.61 34.96 -66.19
C GLU E 424 21.22 34.35 -66.30
N ILE E 425 21.03 33.24 -65.60
CA ILE E 425 19.74 32.56 -65.59
C ILE E 425 18.64 33.57 -65.23
N ALA E 426 19.04 34.63 -64.53
CA ALA E 426 18.09 35.64 -64.13
C ALA E 426 17.81 36.46 -65.36
N LYS E 427 18.75 37.33 -65.70
CA LYS E 427 18.61 38.20 -66.86
C LYS E 427 17.91 37.51 -68.02
N LYS E 428 18.46 36.39 -68.47
CA LYS E 428 17.90 35.64 -69.59
C LYS E 428 16.44 35.32 -69.31
N LEU E 429 16.13 35.11 -68.04
CA LEU E 429 14.77 34.78 -67.61
C LEU E 429 13.84 36.02 -67.67
N ARG E 430 14.36 37.19 -67.27
CA ARG E 430 13.57 38.41 -67.28
C ARG E 430 13.09 38.75 -68.66
N LYS E 431 13.99 38.64 -69.64
CA LYS E 431 13.64 38.94 -71.02
C LYS E 431 12.58 37.93 -71.48
N TYR E 432 12.58 36.74 -70.88
CA TYR E 432 11.61 35.69 -71.22
C TYR E 432 10.21 36.01 -70.67
N ALA E 433 10.11 36.23 -69.36
CA ALA E 433 8.84 36.53 -68.72
C ALA E 433 7.81 37.28 -69.59
N PRO E 434 8.15 38.50 -70.01
CA PRO E 434 7.22 39.29 -70.82
C PRO E 434 6.32 38.49 -71.76
N GLN E 435 6.89 37.51 -72.44
CA GLN E 435 6.08 36.75 -73.38
C GLN E 435 5.36 35.56 -72.79
N VAL E 436 5.82 35.07 -71.65
CA VAL E 436 5.20 33.90 -71.05
C VAL E 436 3.68 34.01 -70.88
N GLY E 437 3.21 35.14 -70.38
CA GLY E 437 1.77 35.27 -70.18
C GLY E 437 1.35 36.29 -69.13
N GLY E 438 0.06 36.30 -68.83
CA GLY E 438 -0.49 37.24 -67.87
C GLY E 438 0.09 37.08 -66.48
N LYS E 439 -0.58 36.27 -65.67
CA LYS E 439 -0.13 36.06 -64.31
C LYS E 439 1.17 35.27 -64.20
N GLU E 440 1.27 34.17 -64.93
CA GLU E 440 2.46 33.35 -64.90
C GLU E 440 3.73 34.18 -65.02
N GLN E 441 3.62 35.31 -65.69
CA GLN E 441 4.78 36.19 -65.86
C GLN E 441 5.35 36.50 -64.50
N LEU E 442 4.49 37.00 -63.63
CA LEU E 442 4.88 37.36 -62.28
C LEU E 442 5.56 36.19 -61.61
N ALA E 443 5.07 34.99 -61.88
CA ALA E 443 5.67 33.79 -61.28
C ALA E 443 7.13 33.71 -61.74
N VAL E 444 7.31 33.84 -63.05
CA VAL E 444 8.65 33.78 -63.65
C VAL E 444 9.54 34.93 -63.17
N GLU E 445 9.05 36.16 -63.22
CA GLU E 445 9.88 37.28 -62.78
C GLU E 445 10.34 36.97 -61.37
N ALA E 446 9.44 36.36 -60.61
CA ALA E 446 9.70 35.95 -59.24
C ALA E 446 10.78 34.90 -59.19
N TYR E 447 10.56 33.80 -59.90
CA TYR E 447 11.53 32.71 -59.97
C TYR E 447 12.92 33.31 -60.15
N ALA E 448 13.02 34.37 -60.96
CA ALA E 448 14.30 35.03 -61.19
C ALA E 448 14.80 35.77 -59.96
N ASN E 449 13.96 36.62 -59.38
CA ASN E 449 14.37 37.37 -58.18
C ASN E 449 14.84 36.47 -57.05
N ALA E 450 14.08 35.41 -56.82
CA ALA E 450 14.38 34.43 -55.78
C ALA E 450 15.78 33.88 -56.00
N LEU E 451 16.10 33.68 -57.27
CA LEU E 451 17.39 33.14 -57.69
C LEU E 451 18.57 34.08 -57.41
N GLU E 452 18.35 35.37 -57.56
CA GLU E 452 19.41 36.33 -57.30
C GLU E 452 19.61 36.37 -55.80
N SER E 453 18.52 36.19 -55.05
CA SER E 453 18.56 36.16 -53.59
C SER E 453 19.66 35.19 -53.20
N LEU E 454 19.77 34.14 -54.00
CA LEU E 454 20.76 33.10 -53.80
C LEU E 454 22.16 33.70 -53.69
N VAL E 455 22.52 34.55 -54.67
CA VAL E 455 23.84 35.19 -54.68
C VAL E 455 23.99 36.25 -53.59
N SER E 456 22.88 36.85 -53.16
CA SER E 456 22.95 37.85 -52.11
C SER E 456 23.36 37.13 -50.86
N ILE E 457 22.70 36.03 -50.57
CA ILE E 457 23.03 35.24 -49.38
C ILE E 457 24.52 34.97 -49.37
N LEU E 458 25.02 34.62 -50.54
CA LEU E 458 26.43 34.33 -50.70
C LEU E 458 27.26 35.56 -50.35
N ILE E 459 26.84 36.71 -50.84
CA ILE E 459 27.55 37.94 -50.53
C ILE E 459 27.47 38.18 -49.02
N GLU E 460 26.26 38.17 -48.48
CA GLU E 460 26.05 38.40 -47.05
C GLU E 460 27.12 37.72 -46.22
N ASN E 461 27.20 36.41 -46.33
CA ASN E 461 28.17 35.64 -45.57
C ASN E 461 29.60 36.05 -45.81
N ALA E 462 29.82 36.82 -46.86
CA ALA E 462 31.16 37.27 -47.20
C ALA E 462 31.47 38.51 -46.36
N GLY E 463 30.42 39.19 -45.92
CA GLY E 463 30.59 40.39 -45.12
C GLY E 463 30.45 41.67 -45.89
N PHE E 464 29.80 41.61 -47.05
CA PHE E 464 29.61 42.79 -47.89
C PHE E 464 28.13 43.08 -48.08
N ASP E 465 27.80 44.31 -48.47
CA ASP E 465 26.39 44.62 -48.66
C ASP E 465 25.83 43.82 -49.82
N PRO E 466 24.91 42.89 -49.53
CA PRO E 466 24.30 42.05 -50.57
C PRO E 466 23.73 42.83 -51.73
N ILE E 467 22.95 43.87 -51.46
CA ILE E 467 22.34 44.66 -52.53
C ILE E 467 23.40 45.40 -53.36
N ASP E 468 24.32 46.08 -52.69
CA ASP E 468 25.36 46.85 -53.37
C ASP E 468 26.05 46.08 -54.45
N LEU E 469 26.70 44.99 -54.05
CA LEU E 469 27.42 44.17 -55.00
C LEU E 469 26.54 43.50 -56.03
N LEU E 470 25.38 43.01 -55.61
CA LEU E 470 24.48 42.35 -56.55
C LEU E 470 24.15 43.30 -57.67
N MET E 471 23.79 44.53 -57.34
CA MET E 471 23.47 45.45 -58.40
C MET E 471 24.75 45.74 -59.20
N LYS E 472 25.83 46.04 -58.49
CA LYS E 472 27.11 46.32 -59.13
C LYS E 472 27.56 45.17 -60.05
N LEU E 473 27.15 43.95 -59.73
CA LEU E 473 27.51 42.77 -60.52
C LEU E 473 26.54 42.56 -61.67
N ARG E 474 25.24 42.48 -61.40
CA ARG E 474 24.28 42.28 -62.48
C ARG E 474 24.38 43.41 -63.49
N SER E 475 25.16 44.44 -63.12
CA SER E 475 25.38 45.60 -63.97
C SER E 475 26.59 45.29 -64.85
N THR E 476 27.60 44.71 -64.22
CA THR E 476 28.83 44.34 -64.92
C THR E 476 28.56 43.15 -65.85
N HIS E 477 27.30 42.77 -66.02
CA HIS E 477 26.98 41.66 -66.91
C HIS E 477 26.35 42.15 -68.17
N GLU E 478 26.54 43.43 -68.47
CA GLU E 478 26.00 43.97 -69.71
C GLU E 478 26.93 43.47 -70.80
N ASN E 479 28.23 43.57 -70.55
CA ASN E 479 29.30 43.15 -71.46
C ASN E 479 29.16 41.67 -71.80
N GLU E 480 28.63 41.36 -72.98
CA GLU E 480 28.45 39.98 -73.41
C GLU E 480 29.66 39.07 -73.15
N ASN E 481 30.84 39.68 -72.97
CA ASN E 481 32.08 38.94 -72.73
C ASN E 481 32.41 38.76 -71.26
N ASN E 482 31.39 38.78 -70.40
CA ASN E 482 31.65 38.61 -68.97
C ASN E 482 30.84 37.48 -68.38
N LYS E 483 30.08 36.76 -69.20
CA LYS E 483 29.26 35.67 -68.70
C LYS E 483 29.84 35.03 -67.43
N TRP E 484 31.11 34.64 -67.46
CA TRP E 484 31.78 34.01 -66.31
C TRP E 484 32.13 34.93 -65.13
N TYR E 485 31.64 36.17 -65.15
CA TYR E 485 31.94 37.11 -64.08
C TYR E 485 31.09 36.88 -62.85
N GLY E 486 31.73 36.92 -61.69
CA GLY E 486 31.04 36.72 -60.43
C GLY E 486 31.60 37.65 -59.39
N ILE E 487 31.41 37.37 -58.10
CA ILE E 487 31.97 38.26 -57.09
C ILE E 487 32.98 37.64 -56.15
N ASP E 488 34.24 38.04 -56.34
CA ASP E 488 35.32 37.52 -55.52
C ASP E 488 35.04 37.84 -54.08
N LEU E 489 34.77 36.80 -53.29
CA LEU E 489 34.45 36.97 -51.89
C LEU E 489 35.62 37.30 -50.97
N TYR E 490 36.63 37.99 -51.48
CA TYR E 490 37.76 38.35 -50.63
C TYR E 490 38.17 39.78 -50.90
N ALA E 491 37.88 40.25 -52.10
CA ALA E 491 38.23 41.62 -52.48
C ALA E 491 36.99 42.50 -52.63
N GLY E 492 35.83 41.86 -52.72
CA GLY E 492 34.59 42.62 -52.87
C GLY E 492 34.54 43.37 -54.17
N GLN E 493 34.39 42.65 -55.28
CA GLN E 493 34.33 43.29 -56.57
C GLN E 493 34.16 42.24 -57.64
N PRO E 494 33.38 42.56 -58.66
CA PRO E 494 33.13 41.63 -59.77
C PRO E 494 34.41 41.31 -60.51
N VAL E 495 34.69 40.03 -60.72
CA VAL E 495 35.87 39.59 -61.47
C VAL E 495 35.51 38.36 -62.25
N ASP E 496 36.39 37.93 -63.15
CA ASP E 496 36.08 36.75 -63.91
C ASP E 496 36.38 35.52 -63.06
N MET E 497 35.33 34.83 -62.64
CA MET E 497 35.49 33.64 -61.80
C MET E 497 36.30 32.56 -62.50
N TRP E 498 35.91 32.22 -63.73
CA TRP E 498 36.63 31.20 -64.49
C TRP E 498 38.14 31.41 -64.46
N GLN E 499 38.58 32.59 -64.88
CA GLN E 499 40.01 32.89 -64.90
C GLN E 499 40.60 33.12 -63.53
N LYS E 500 40.07 32.39 -62.55
CA LYS E 500 40.57 32.51 -61.20
C LYS E 500 40.42 31.17 -60.52
N GLY E 501 40.20 30.12 -61.31
CA GLY E 501 40.08 28.78 -60.78
C GLY E 501 38.88 28.52 -59.88
N VAL E 502 37.69 28.70 -60.45
CA VAL E 502 36.46 28.48 -59.71
C VAL E 502 35.41 27.87 -60.62
N ILE E 503 35.49 26.56 -60.83
CA ILE E 503 34.51 25.92 -61.68
C ILE E 503 33.77 24.81 -60.96
N GLU E 504 32.61 24.48 -61.49
CA GLU E 504 31.79 23.45 -60.91
C GLU E 504 31.09 22.68 -61.98
N PRO E 505 30.77 21.43 -61.67
CA PRO E 505 30.07 20.48 -62.54
C PRO E 505 28.80 21.13 -63.00
N ALA E 506 28.74 21.53 -64.27
CA ALA E 506 27.53 22.18 -64.73
C ALA E 506 26.30 21.32 -64.43
N LEU E 507 26.51 20.09 -63.96
CA LEU E 507 25.38 19.23 -63.64
C LEU E 507 24.98 19.33 -62.17
N VAL E 508 25.93 19.47 -61.26
CA VAL E 508 25.58 19.57 -59.84
C VAL E 508 24.65 20.74 -59.56
N LYS E 509 25.03 21.93 -60.03
CA LYS E 509 24.27 23.16 -59.84
C LYS E 509 23.10 23.27 -60.81
N MET E 510 22.83 22.16 -61.47
CA MET E 510 21.76 22.07 -62.45
C MET E 510 20.69 21.20 -61.85
N ASN E 511 21.11 20.09 -61.27
CA ASN E 511 20.17 19.18 -60.63
C ASN E 511 19.64 19.88 -59.41
N ALA E 512 20.46 20.77 -58.86
CA ALA E 512 20.06 21.53 -57.68
C ALA E 512 18.77 22.25 -58.04
N ILE E 513 18.82 23.01 -59.14
CA ILE E 513 17.66 23.76 -59.62
C ILE E 513 16.41 22.87 -59.82
N LYS E 514 16.60 21.72 -60.46
CA LYS E 514 15.49 20.79 -60.71
C LYS E 514 14.94 20.37 -59.36
N ALA E 515 15.88 20.08 -58.45
CA ALA E 515 15.56 19.66 -57.09
C ALA E 515 14.76 20.73 -56.36
N ALA E 516 15.38 21.88 -56.14
CA ALA E 516 14.70 22.98 -55.47
C ALA E 516 13.30 23.25 -56.02
N THR E 517 13.17 23.36 -57.33
CA THR E 517 11.86 23.62 -57.94
C THR E 517 10.90 22.47 -57.72
N GLU E 518 11.42 21.25 -57.68
CA GLU E 518 10.60 20.08 -57.46
C GLU E 518 9.91 20.27 -56.12
N ALA E 519 10.73 20.42 -55.10
CA ALA E 519 10.29 20.59 -53.73
C ALA E 519 9.40 21.82 -53.62
N ALA E 520 9.92 22.95 -54.06
CA ALA E 520 9.19 24.19 -54.02
C ALA E 520 7.74 24.07 -54.53
N THR E 521 7.55 23.57 -55.77
CA THR E 521 6.21 23.41 -56.35
C THR E 521 5.40 22.33 -55.65
N LEU E 522 6.11 21.39 -55.05
CA LEU E 522 5.45 20.30 -54.35
C LEU E 522 4.76 20.81 -53.08
N VAL E 523 5.40 21.73 -52.37
CA VAL E 523 4.81 22.28 -51.16
C VAL E 523 3.55 23.03 -51.54
N LEU E 524 3.58 23.76 -52.67
CA LEU E 524 2.44 24.52 -53.15
C LEU E 524 1.29 23.65 -53.66
N ARG E 525 1.64 22.46 -54.16
CA ARG E 525 0.66 21.54 -54.69
C ARG E 525 -0.23 21.00 -53.57
N ILE E 526 0.34 20.97 -52.36
CA ILE E 526 -0.33 20.49 -51.15
C ILE E 526 -1.39 21.46 -50.65
N ASP E 527 -2.59 20.95 -50.42
CA ASP E 527 -3.66 21.79 -49.94
C ASP E 527 -3.92 21.59 -48.47
N ASP E 528 -3.63 20.39 -47.99
CA ASP E 528 -3.83 20.07 -46.59
C ASP E 528 -3.17 18.74 -46.22
N VAL E 529 -2.81 18.59 -44.95
CA VAL E 529 -2.17 17.37 -44.42
C VAL E 529 -3.07 16.72 -43.37
N VAL E 530 -3.33 15.41 -43.52
CA VAL E 530 -4.13 14.63 -42.56
C VAL E 530 -3.32 13.35 -42.34
N SER E 531 -2.86 13.14 -41.10
CA SER E 531 -2.06 11.97 -40.73
C SER E 531 -2.80 10.98 -39.82
N ALA E 532 -2.22 9.80 -39.63
CA ALA E 532 -2.82 8.75 -38.80
C ALA E 532 -2.09 8.57 -37.45
N GLY F 28 -37.08 15.76 -38.49
CA GLY F 28 -37.11 17.14 -38.92
C GLY F 28 -35.73 17.75 -39.00
N LYS F 29 -35.67 19.08 -39.11
CA LYS F 29 -34.38 19.80 -39.19
C LYS F 29 -33.30 19.30 -38.21
N GLU F 30 -33.73 18.84 -37.04
CA GLU F 30 -32.84 18.35 -35.98
C GLU F 30 -31.54 17.71 -36.49
N ALA F 31 -31.62 16.45 -36.90
CA ALA F 31 -30.47 15.70 -37.39
C ALA F 31 -30.18 15.93 -38.86
N VAL F 32 -31.22 16.01 -39.68
CA VAL F 32 -31.01 16.21 -41.10
C VAL F 32 -29.95 17.27 -41.38
N ARG F 33 -29.82 18.25 -40.49
CA ARG F 33 -28.81 19.26 -40.73
C ARG F 33 -27.45 18.59 -40.62
N ALA F 34 -27.27 17.78 -39.58
CA ALA F 34 -26.01 17.08 -39.34
C ALA F 34 -25.50 16.29 -40.54
N ASN F 35 -26.32 15.36 -41.04
CA ASN F 35 -25.94 14.54 -42.19
C ASN F 35 -25.46 15.44 -43.30
N ILE F 36 -26.29 16.40 -43.68
CA ILE F 36 -25.93 17.35 -44.73
C ILE F 36 -24.55 17.90 -44.38
N ALA F 37 -24.45 18.49 -43.19
CA ALA F 37 -23.20 19.04 -42.71
C ALA F 37 -22.04 18.09 -43.07
N ALA F 38 -22.12 16.86 -42.56
CA ALA F 38 -21.10 15.86 -42.84
C ALA F 38 -20.78 15.72 -44.33
N VAL F 39 -21.83 15.59 -45.14
CA VAL F 39 -21.64 15.45 -46.59
C VAL F 39 -20.87 16.66 -47.11
N LYS F 40 -21.40 17.87 -46.90
CA LYS F 40 -20.72 19.08 -47.36
C LYS F 40 -19.27 18.97 -46.94
N ALA F 41 -19.04 18.46 -45.73
CA ALA F 41 -17.70 18.28 -45.18
C ALA F 41 -16.80 17.47 -46.10
N VAL F 42 -17.30 16.30 -46.52
CA VAL F 42 -16.53 15.44 -47.41
C VAL F 42 -16.19 16.19 -48.70
N GLU F 43 -17.14 16.97 -49.21
CA GLU F 43 -16.89 17.74 -50.42
C GLU F 43 -15.69 18.64 -50.17
N GLU F 44 -15.72 19.39 -49.06
CA GLU F 44 -14.64 20.29 -48.70
C GLU F 44 -13.29 19.62 -48.61
N ALA F 45 -13.26 18.31 -48.72
CA ALA F 45 -12.01 17.59 -48.63
C ALA F 45 -11.38 17.30 -50.00
N LEU F 46 -12.20 17.28 -51.05
CA LEU F 46 -11.67 17.02 -52.38
C LEU F 46 -11.81 18.22 -53.31
N LYS F 47 -12.84 19.04 -53.09
CA LYS F 47 -13.08 20.20 -53.94
C LYS F 47 -11.83 20.76 -54.61
N SER F 48 -10.81 21.07 -53.82
CA SER F 48 -9.57 21.64 -54.34
C SER F 48 -8.70 20.69 -55.15
N THR F 49 -9.18 19.49 -55.42
CA THR F 49 -8.38 18.52 -56.17
C THR F 49 -9.12 18.06 -57.41
N TYR F 50 -10.32 18.58 -57.61
CA TYR F 50 -11.12 18.22 -58.77
C TYR F 50 -10.40 18.75 -59.98
N GLY F 51 -10.92 18.49 -61.16
CA GLY F 51 -10.27 18.99 -62.35
C GLY F 51 -8.92 18.36 -62.64
N PRO F 52 -8.41 18.56 -63.86
CA PRO F 52 -7.13 17.99 -64.24
C PRO F 52 -5.95 18.82 -63.76
N ARG F 53 -6.20 20.02 -63.27
CA ARG F 53 -5.09 20.82 -62.77
C ARG F 53 -5.39 21.23 -61.32
N GLY F 54 -5.97 20.28 -60.60
CA GLY F 54 -6.32 20.49 -59.20
C GLY F 54 -5.16 20.49 -58.24
N MET F 55 -5.46 20.56 -56.95
CA MET F 55 -4.43 20.57 -55.91
C MET F 55 -4.13 19.17 -55.44
N ASP F 56 -3.14 19.09 -54.55
CA ASP F 56 -2.73 17.83 -53.96
C ASP F 56 -2.79 17.91 -52.45
N LYS F 57 -3.19 16.79 -51.86
CA LYS F 57 -3.31 16.60 -50.42
C LYS F 57 -2.14 15.71 -49.95
N MET F 58 -1.63 15.99 -48.74
CA MET F 58 -0.50 15.22 -48.23
C MET F 58 -0.90 14.26 -47.14
N LEU F 59 -0.31 13.07 -47.16
CA LEU F 59 -0.64 12.05 -46.15
C LEU F 59 0.58 11.41 -45.49
N VAL F 60 0.71 11.62 -44.17
CA VAL F 60 1.83 11.06 -43.44
C VAL F 60 1.41 9.92 -42.56
N ASP F 61 1.85 8.72 -42.94
CA ASP F 61 1.56 7.51 -42.20
C ASP F 61 2.09 7.70 -40.79
N SER F 62 1.51 6.99 -39.83
CA SER F 62 1.93 7.06 -38.44
C SER F 62 3.37 6.53 -38.34
N LEU F 63 3.75 5.65 -39.27
CA LEU F 63 5.08 5.06 -39.33
C LEU F 63 6.12 6.15 -39.57
N GLY F 64 5.70 7.23 -40.23
CA GLY F 64 6.60 8.33 -40.52
C GLY F 64 6.67 8.66 -42.00
N ASP F 65 6.35 7.68 -42.84
CA ASP F 65 6.37 7.83 -44.31
C ASP F 65 5.23 8.72 -44.85
N ILE F 66 5.60 9.62 -45.77
CA ILE F 66 4.64 10.55 -46.36
C ILE F 66 4.30 10.23 -47.83
N THR F 67 3.02 10.41 -48.18
CA THR F 67 2.50 10.17 -49.53
C THR F 67 1.52 11.29 -49.85
N ILE F 68 1.85 12.08 -50.88
CA ILE F 68 1.01 13.20 -51.30
C ILE F 68 0.28 12.83 -52.58
N THR F 69 -1.03 13.03 -52.62
CA THR F 69 -1.77 12.66 -53.82
C THR F 69 -3.07 13.42 -54.00
N ASN F 70 -3.78 13.11 -55.10
CA ASN F 70 -5.05 13.72 -55.41
C ASN F 70 -5.94 12.62 -55.99
N ASP F 71 -5.68 11.38 -55.57
CA ASP F 71 -6.52 10.28 -56.03
C ASP F 71 -7.60 10.16 -54.98
N GLY F 72 -8.83 10.29 -55.42
CA GLY F 72 -9.96 10.21 -54.50
C GLY F 72 -9.98 9.02 -53.57
N ALA F 73 -9.96 7.82 -54.14
CA ALA F 73 -9.98 6.61 -53.32
C ALA F 73 -9.04 6.82 -52.15
N THR F 74 -7.76 7.02 -52.45
CA THR F 74 -6.73 7.23 -51.44
C THR F 74 -7.02 8.34 -50.41
N ILE F 75 -7.57 9.46 -50.88
CA ILE F 75 -7.90 10.59 -50.01
C ILE F 75 -9.01 10.22 -49.04
N LEU F 76 -9.76 9.18 -49.37
CA LEU F 76 -10.82 8.75 -48.48
C LEU F 76 -10.41 7.48 -47.71
N ASP F 77 -9.64 6.60 -48.34
CA ASP F 77 -9.23 5.41 -47.62
C ASP F 77 -8.29 5.81 -46.49
N LYS F 78 -7.29 6.62 -46.84
CA LYS F 78 -6.30 7.06 -45.87
C LYS F 78 -6.85 8.12 -44.92
N MET F 79 -8.05 8.62 -45.19
CA MET F 79 -8.64 9.63 -44.33
C MET F 79 -9.85 9.08 -43.62
N ASP F 80 -9.70 8.73 -42.34
CA ASP F 80 -10.83 8.16 -41.63
C ASP F 80 -11.89 9.17 -41.26
N LEU F 81 -13.10 8.88 -41.68
CA LEU F 81 -14.24 9.73 -41.37
C LEU F 81 -15.06 8.89 -40.43
N GLN F 82 -15.79 9.55 -39.55
CA GLN F 82 -16.57 8.80 -38.61
C GLN F 82 -18.07 8.99 -38.84
N HIS F 83 -18.57 10.22 -38.91
CA HIS F 83 -20.00 10.41 -39.09
C HIS F 83 -20.60 9.41 -40.08
N PRO F 84 -21.71 8.74 -39.70
CA PRO F 84 -22.37 7.74 -40.54
C PRO F 84 -22.71 8.19 -41.95
N ALA F 85 -23.32 9.38 -42.05
CA ALA F 85 -23.68 9.92 -43.35
C ALA F 85 -22.47 9.78 -44.29
N ALA F 86 -21.34 10.32 -43.85
CA ALA F 86 -20.12 10.28 -44.61
C ALA F 86 -19.72 8.87 -45.07
N LYS F 87 -19.64 7.92 -44.16
CA LYS F 87 -19.28 6.56 -44.54
C LYS F 87 -20.27 6.06 -45.58
N LEU F 88 -21.50 6.55 -45.45
CA LEU F 88 -22.60 6.20 -46.35
C LEU F 88 -22.41 6.80 -47.74
N LEU F 89 -21.94 8.05 -47.79
CA LEU F 89 -21.67 8.71 -49.06
C LEU F 89 -20.54 7.97 -49.77
N VAL F 90 -19.38 7.87 -49.12
CA VAL F 90 -18.22 7.18 -49.69
C VAL F 90 -18.50 5.75 -50.08
N GLN F 91 -19.38 5.08 -49.34
CA GLN F 91 -19.71 3.69 -49.65
C GLN F 91 -20.34 3.63 -51.03
N ILE F 92 -21.17 4.63 -51.32
CA ILE F 92 -21.82 4.71 -52.61
C ILE F 92 -20.84 5.19 -53.65
N ALA F 93 -19.99 6.14 -53.27
CA ALA F 93 -19.02 6.69 -54.19
C ALA F 93 -17.94 5.68 -54.61
N LYS F 94 -17.13 5.19 -53.67
CA LYS F 94 -16.07 4.22 -54.00
C LYS F 94 -16.67 3.01 -54.66
N GLY F 95 -17.51 2.29 -53.91
CA GLY F 95 -18.16 1.12 -54.47
C GLY F 95 -19.20 1.60 -55.45
N GLN F 96 -18.76 2.40 -56.41
CA GLN F 96 -19.65 2.95 -57.43
C GLN F 96 -20.24 1.80 -58.24
N ASP F 97 -20.49 2.08 -59.51
CA ASP F 97 -21.09 1.11 -60.41
C ASP F 97 -20.12 0.39 -61.38
N GLU F 98 -18.82 0.68 -61.33
CA GLU F 98 -17.89 0.00 -62.26
C GLU F 98 -16.40 -0.13 -61.91
N GLU F 99 -15.60 -0.43 -62.94
CA GLU F 99 -14.15 -0.62 -62.82
C GLU F 99 -13.42 0.58 -62.25
N THR F 100 -12.84 1.37 -63.16
CA THR F 100 -12.09 2.59 -62.82
C THR F 100 -12.56 3.34 -61.58
N ALA F 101 -11.60 3.94 -60.88
CA ALA F 101 -11.87 4.71 -59.68
C ALA F 101 -12.31 6.11 -60.05
N ASP F 102 -12.18 6.46 -61.34
CA ASP F 102 -12.56 7.79 -61.79
C ASP F 102 -14.02 8.13 -61.61
N GLY F 103 -14.27 9.42 -61.45
CA GLY F 103 -15.63 9.87 -61.29
C GLY F 103 -16.15 9.67 -59.89
N THR F 104 -15.44 8.89 -59.07
CA THR F 104 -15.91 8.72 -57.69
C THR F 104 -15.70 10.09 -57.08
N LYS F 105 -14.64 10.75 -57.51
CA LYS F 105 -14.36 12.07 -57.00
C LYS F 105 -15.52 13.00 -57.43
N THR F 106 -16.05 12.79 -58.64
CA THR F 106 -17.17 13.60 -59.12
C THR F 106 -18.39 13.19 -58.29
N ALA F 107 -18.74 11.91 -58.38
CA ALA F 107 -19.89 11.39 -57.67
C ALA F 107 -20.05 12.06 -56.30
N VAL F 108 -18.97 12.15 -55.53
CA VAL F 108 -19.07 12.77 -54.22
C VAL F 108 -19.24 14.30 -54.30
N ILE F 109 -18.37 15.02 -55.01
CA ILE F 109 -18.51 16.49 -55.10
C ILE F 109 -19.92 16.88 -55.53
N PHE F 110 -20.34 16.37 -56.69
CA PHE F 110 -21.67 16.67 -57.23
C PHE F 110 -22.70 16.27 -56.18
N SER F 111 -22.42 15.18 -55.50
CA SER F 111 -23.30 14.66 -54.47
C SER F 111 -23.54 15.75 -53.43
N GLY F 112 -22.45 16.21 -52.84
CA GLY F 112 -22.56 17.24 -51.84
C GLY F 112 -23.12 18.54 -52.38
N GLU F 113 -22.92 18.81 -53.66
CA GLU F 113 -23.45 20.04 -54.18
C GLU F 113 -24.96 20.04 -54.25
N LEU F 114 -25.54 18.88 -54.57
CA LEU F 114 -27.00 18.73 -54.62
C LEU F 114 -27.51 18.96 -53.21
N VAL F 115 -26.79 18.42 -52.24
CA VAL F 115 -27.15 18.56 -50.85
C VAL F 115 -27.15 20.03 -50.51
N LYS F 116 -26.09 20.74 -50.86
CA LYS F 116 -26.05 22.16 -50.57
C LYS F 116 -27.24 22.84 -51.18
N LYS F 117 -27.32 22.82 -52.51
CA LYS F 117 -28.40 23.49 -53.22
C LYS F 117 -29.78 23.01 -52.77
N ALA F 118 -29.86 21.79 -52.20
CA ALA F 118 -31.13 21.24 -51.70
C ALA F 118 -31.44 21.86 -50.36
N GLU F 119 -30.39 22.18 -49.63
CA GLU F 119 -30.55 22.78 -48.32
C GLU F 119 -31.31 24.07 -48.48
N ASP F 120 -31.00 24.83 -49.53
CA ASP F 120 -31.67 26.11 -49.77
C ASP F 120 -33.15 25.93 -49.99
N LEU F 121 -33.55 24.74 -50.43
CA LEU F 121 -34.96 24.45 -50.68
C LEU F 121 -35.68 24.23 -49.36
N LEU F 122 -35.02 23.52 -48.44
CA LEU F 122 -35.61 23.27 -47.14
C LEU F 122 -35.79 24.63 -46.44
N TYR F 123 -34.86 25.55 -46.68
CA TYR F 123 -34.95 26.85 -46.06
C TYR F 123 -36.26 27.48 -46.51
N LYS F 124 -36.60 27.27 -47.77
CA LYS F 124 -37.85 27.80 -48.33
C LYS F 124 -39.03 26.96 -47.88
N ASP F 125 -38.77 26.00 -47.02
CA ASP F 125 -39.83 25.16 -46.49
C ASP F 125 -40.55 24.27 -47.53
N VAL F 126 -39.81 23.43 -48.23
CA VAL F 126 -40.39 22.50 -49.21
C VAL F 126 -40.05 21.09 -48.70
N HIS F 127 -41.05 20.30 -48.32
CA HIS F 127 -40.80 18.95 -47.81
C HIS F 127 -39.72 18.23 -48.60
N PRO F 128 -38.77 17.60 -47.90
CA PRO F 128 -37.68 16.89 -48.58
C PRO F 128 -38.18 15.81 -49.53
N THR F 129 -39.38 15.27 -49.27
CA THR F 129 -39.92 14.23 -50.13
C THR F 129 -40.08 14.76 -51.53
N ILE F 130 -40.37 16.06 -51.62
CA ILE F 130 -40.56 16.72 -52.90
C ILE F 130 -39.20 16.94 -53.61
N ILE F 131 -38.22 17.46 -52.88
CA ILE F 131 -36.89 17.67 -53.44
C ILE F 131 -36.35 16.36 -54.02
N ILE F 132 -36.81 15.24 -53.45
CA ILE F 132 -36.37 13.91 -53.89
C ILE F 132 -36.92 13.61 -55.28
N SER F 133 -38.24 13.72 -55.41
CA SER F 133 -38.91 13.48 -56.67
C SER F 133 -38.35 14.44 -57.70
N GLY F 134 -38.15 15.68 -57.26
CA GLY F 134 -37.60 16.69 -58.14
C GLY F 134 -36.32 16.17 -58.74
N TYR F 135 -35.39 15.79 -57.86
CA TYR F 135 -34.10 15.27 -58.28
C TYR F 135 -34.20 14.01 -59.15
N LYS F 136 -35.08 13.09 -58.79
CA LYS F 136 -35.26 11.87 -59.57
C LYS F 136 -35.56 12.21 -61.01
N LYS F 137 -36.66 12.92 -61.23
CA LYS F 137 -37.08 13.32 -62.56
C LYS F 137 -35.97 14.06 -63.30
N ALA F 138 -35.20 14.87 -62.57
CA ALA F 138 -34.09 15.63 -63.17
C ALA F 138 -33.00 14.66 -63.55
N GLU F 139 -32.76 13.68 -62.70
CA GLU F 139 -31.76 12.67 -62.97
C GLU F 139 -32.11 11.96 -64.27
N GLU F 140 -33.36 11.51 -64.39
CA GLU F 140 -33.79 10.83 -65.60
C GLU F 140 -33.28 11.54 -66.82
N VAL F 141 -33.80 12.73 -67.01
CA VAL F 141 -33.43 13.59 -68.15
C VAL F 141 -31.94 13.82 -68.24
N ALA F 142 -31.36 14.25 -67.13
CA ALA F 142 -29.96 14.52 -67.10
C ALA F 142 -29.23 13.32 -67.69
N LEU F 143 -29.76 12.14 -67.38
CA LEU F 143 -29.15 10.90 -67.84
C LEU F 143 -29.31 10.65 -69.34
N GLN F 144 -30.54 10.48 -69.84
CA GLN F 144 -30.75 10.22 -71.26
C GLN F 144 -30.14 11.31 -72.13
N THR F 145 -29.96 12.50 -71.58
CA THR F 145 -29.37 13.61 -72.33
C THR F 145 -27.94 13.30 -72.70
N ILE F 146 -27.37 12.30 -72.04
CA ILE F 146 -25.99 11.89 -72.32
C ILE F 146 -26.09 10.79 -73.39
N GLN F 147 -27.09 9.92 -73.26
CA GLN F 147 -27.28 8.83 -74.22
C GLN F 147 -27.52 9.42 -75.60
N GLU F 148 -28.66 10.11 -75.74
CA GLU F 148 -29.02 10.73 -77.01
C GLU F 148 -28.11 11.92 -77.29
N LEU F 149 -26.82 11.73 -77.09
CA LEU F 149 -25.85 12.79 -77.31
C LEU F 149 -24.44 12.21 -77.38
N ALA F 150 -24.24 11.06 -76.74
CA ALA F 150 -22.95 10.38 -76.71
C ALA F 150 -22.58 9.94 -78.10
N GLN F 151 -21.28 9.81 -78.35
CA GLN F 151 -20.86 9.36 -79.66
C GLN F 151 -20.32 7.93 -79.62
N THR F 152 -20.64 7.17 -80.67
CA THR F 152 -20.25 5.76 -80.82
C THR F 152 -18.77 5.53 -81.05
N VAL F 153 -18.10 4.93 -80.08
CA VAL F 153 -16.68 4.64 -80.20
C VAL F 153 -16.45 3.14 -80.33
N SER F 154 -15.63 2.75 -81.30
CA SER F 154 -15.33 1.34 -81.53
C SER F 154 -13.84 1.05 -81.37
N ILE F 155 -13.53 -0.08 -80.72
CA ILE F 155 -12.15 -0.50 -80.44
C ILE F 155 -11.22 -0.55 -81.67
N ASN F 156 -11.82 -0.43 -82.85
CA ASN F 156 -11.04 -0.42 -84.09
C ASN F 156 -10.25 0.86 -84.09
N ASP F 157 -10.95 1.97 -83.83
CA ASP F 157 -10.30 3.27 -83.81
C ASP F 157 -9.31 3.35 -82.67
N THR F 158 -8.07 3.00 -82.98
CA THR F 158 -7.00 3.01 -82.00
C THR F 158 -6.44 4.41 -81.74
N ASP F 159 -6.62 5.31 -82.69
CA ASP F 159 -6.11 6.67 -82.55
C ASP F 159 -6.92 7.52 -81.56
N LEU F 160 -8.09 7.00 -81.17
CA LEU F 160 -8.99 7.68 -80.25
C LEU F 160 -8.67 7.37 -78.80
N LEU F 161 -8.54 6.08 -78.50
CA LEU F 161 -8.22 5.63 -77.15
C LEU F 161 -6.89 6.24 -76.72
N ARG F 162 -6.04 6.55 -77.70
CA ARG F 162 -4.74 7.15 -77.44
C ARG F 162 -5.01 8.44 -76.60
N LYS F 163 -6.15 9.07 -76.86
CA LYS F 163 -6.52 10.29 -76.15
C LYS F 163 -7.22 9.95 -74.85
N ILE F 164 -8.38 9.29 -74.94
CA ILE F 164 -9.15 8.89 -73.75
C ILE F 164 -8.25 8.42 -72.62
N ALA F 165 -7.12 7.83 -72.96
CA ALA F 165 -6.17 7.35 -71.95
C ALA F 165 -5.54 8.54 -71.24
N MET F 166 -5.04 9.48 -72.01
CA MET F 166 -4.42 10.66 -71.42
C MET F 166 -5.43 11.48 -70.62
N THR F 167 -6.65 11.60 -71.15
CA THR F 167 -7.72 12.34 -70.48
C THR F 167 -7.93 11.81 -69.06
N SER F 168 -7.34 10.65 -68.76
CA SER F 168 -7.48 10.04 -67.44
C SER F 168 -6.18 10.11 -66.60
N LEU F 169 -5.09 9.65 -67.19
CA LEU F 169 -3.83 9.67 -66.48
C LEU F 169 -3.17 11.05 -66.42
N SER F 170 -3.37 11.89 -67.44
CA SER F 170 -2.74 13.22 -67.41
C SER F 170 -3.17 13.99 -66.15
N SER F 171 -4.28 13.55 -65.56
CA SER F 171 -4.85 14.15 -64.34
C SER F 171 -3.97 13.99 -63.09
N LYS F 172 -3.24 12.88 -62.99
CA LYS F 172 -2.39 12.61 -61.81
C LYS F 172 -1.05 13.36 -61.80
N ALA F 173 -0.35 13.23 -60.68
CA ALA F 173 0.94 13.88 -60.49
C ALA F 173 1.84 13.68 -61.69
N VAL F 174 2.22 12.43 -61.99
CA VAL F 174 3.10 12.11 -63.13
C VAL F 174 2.60 12.49 -64.53
N ALA F 175 2.95 13.71 -64.96
CA ALA F 175 2.54 14.24 -66.26
C ALA F 175 3.71 14.39 -67.25
N GLY F 176 4.89 13.90 -66.88
CA GLY F 176 6.01 13.97 -67.79
C GLY F 176 5.73 12.91 -68.83
N ALA F 177 6.15 13.13 -70.09
CA ALA F 177 5.95 12.20 -71.19
C ALA F 177 4.89 11.09 -70.97
N ARG F 178 3.63 11.51 -70.84
CA ARG F 178 2.50 10.61 -70.62
C ARG F 178 2.10 9.84 -71.89
N GLU F 179 2.37 10.42 -73.04
CA GLU F 179 2.07 9.80 -74.33
C GLU F 179 2.65 8.38 -74.31
N TYR F 180 3.83 8.27 -73.72
CA TYR F 180 4.57 7.00 -73.59
C TYR F 180 3.68 5.99 -72.84
N ILE F 181 3.20 6.38 -71.65
CA ILE F 181 2.34 5.53 -70.82
C ILE F 181 0.97 5.34 -71.43
N ALA F 182 0.44 6.45 -71.95
CA ALA F 182 -0.87 6.49 -72.57
C ALA F 182 -0.93 5.44 -73.67
N ASP F 183 0.03 5.51 -74.58
CA ASP F 183 0.09 4.58 -75.69
C ASP F 183 0.07 3.13 -75.19
N ILE F 184 0.93 2.85 -74.21
CA ILE F 184 1.04 1.51 -73.62
C ILE F 184 -0.31 1.00 -73.19
N VAL F 185 -0.96 1.79 -72.33
CA VAL F 185 -2.28 1.47 -71.78
C VAL F 185 -3.27 0.99 -72.85
N VAL F 186 -3.26 1.63 -74.01
CA VAL F 186 -4.14 1.28 -75.12
C VAL F 186 -3.84 -0.13 -75.62
N LYS F 187 -2.59 -0.37 -75.98
CA LYS F 187 -2.18 -1.68 -76.47
C LYS F 187 -2.49 -2.76 -75.42
N ALA F 188 -2.19 -2.46 -74.16
CA ALA F 188 -2.40 -3.40 -73.05
C ALA F 188 -3.83 -3.94 -72.90
N VAL F 189 -4.81 -3.08 -73.14
CA VAL F 189 -6.20 -3.49 -73.03
C VAL F 189 -6.68 -4.21 -74.28
N THR F 190 -6.48 -3.57 -75.44
CA THR F 190 -6.90 -4.17 -76.71
C THR F 190 -6.33 -5.59 -76.77
N GLN F 191 -5.24 -5.82 -76.04
CA GLN F 191 -4.58 -7.12 -76.03
C GLN F 191 -5.41 -8.17 -75.29
N VAL F 192 -6.05 -7.78 -74.20
CA VAL F 192 -6.85 -8.71 -73.41
C VAL F 192 -8.32 -8.83 -73.82
N ALA F 193 -8.84 -7.78 -74.44
CA ALA F 193 -10.23 -7.75 -74.88
C ALA F 193 -10.65 -9.05 -75.58
N GLU F 194 -11.94 -9.34 -75.55
CA GLU F 194 -12.50 -10.53 -76.19
C GLU F 194 -13.93 -10.24 -76.67
N LEU F 195 -14.51 -11.16 -77.43
CA LEU F 195 -15.88 -10.99 -77.94
C LEU F 195 -16.75 -12.19 -77.64
N ARG F 196 -16.95 -12.49 -76.35
CA ARG F 196 -17.79 -13.63 -75.91
C ARG F 196 -19.26 -13.46 -76.30
N GLY F 197 -19.55 -13.74 -77.56
CA GLY F 197 -20.90 -13.61 -78.08
C GLY F 197 -21.24 -12.15 -78.36
N ASP F 198 -20.57 -11.56 -79.36
CA ASP F 198 -20.73 -10.15 -79.76
C ASP F 198 -20.88 -9.17 -78.58
N LYS F 199 -20.45 -9.61 -77.40
CA LYS F 199 -20.51 -8.83 -76.18
C LYS F 199 -19.14 -8.84 -75.49
N TRP F 200 -18.30 -7.84 -75.80
CA TRP F 200 -16.95 -7.75 -75.23
C TRP F 200 -16.86 -8.00 -73.73
N TYR F 201 -15.69 -8.48 -73.29
CA TYR F 201 -15.46 -8.72 -71.87
C TYR F 201 -13.95 -8.63 -71.58
N VAL F 202 -13.53 -7.48 -71.05
CA VAL F 202 -12.13 -7.25 -70.70
C VAL F 202 -11.92 -7.60 -69.24
N ASP F 203 -11.07 -8.58 -68.97
CA ASP F 203 -10.79 -8.99 -67.61
C ASP F 203 -9.42 -8.43 -67.24
N LEU F 204 -9.40 -7.39 -66.42
CA LEU F 204 -8.16 -6.75 -66.00
C LEU F 204 -7.13 -7.69 -65.38
N ASP F 205 -7.60 -8.73 -64.70
CA ASP F 205 -6.70 -9.69 -64.06
C ASP F 205 -5.67 -10.28 -65.02
N ASN F 206 -5.95 -10.22 -66.32
CA ASN F 206 -5.05 -10.75 -67.35
C ASN F 206 -3.87 -9.83 -67.58
N ILE F 207 -3.67 -8.88 -66.67
CA ILE F 207 -2.56 -7.94 -66.76
C ILE F 207 -1.88 -7.80 -65.40
N GLN F 208 -0.59 -8.06 -65.35
CA GLN F 208 0.14 -7.94 -64.09
C GLN F 208 0.90 -6.63 -64.10
N ILE F 209 1.07 -6.06 -62.90
CA ILE F 209 1.76 -4.79 -62.73
C ILE F 209 2.83 -4.91 -61.65
N VAL F 210 4.09 -4.87 -62.07
CA VAL F 210 5.22 -4.96 -61.16
C VAL F 210 6.05 -3.68 -61.21
N LYS F 211 6.56 -3.26 -60.05
CA LYS F 211 7.34 -2.03 -59.98
C LYS F 211 8.61 -2.06 -59.12
N LYS F 212 9.69 -1.48 -59.64
CA LYS F 212 10.98 -1.38 -58.93
C LYS F 212 11.70 -0.09 -59.33
N ALA F 213 12.12 0.67 -58.33
CA ALA F 213 12.83 1.95 -58.53
C ALA F 213 13.84 1.89 -59.68
N GLY F 214 14.44 3.04 -60.01
CA GLY F 214 15.42 3.04 -61.07
C GLY F 214 15.11 4.01 -62.20
N GLY F 215 16.12 4.80 -62.58
CA GLY F 215 15.96 5.76 -63.66
C GLY F 215 14.64 6.51 -63.63
N SER F 216 14.20 7.00 -64.78
CA SER F 216 12.94 7.73 -64.90
C SER F 216 11.79 6.81 -65.25
N ILE F 217 10.60 7.38 -65.46
CA ILE F 217 9.44 6.57 -65.81
C ILE F 217 9.49 6.10 -67.27
N ASN F 218 10.30 6.77 -68.08
CA ASN F 218 10.44 6.40 -69.49
C ASN F 218 11.12 5.06 -69.61
N ASP F 219 11.74 4.62 -68.50
CA ASP F 219 12.43 3.33 -68.44
C ASP F 219 11.48 2.18 -68.08
N THR F 220 10.19 2.43 -68.22
CA THR F 220 9.16 1.43 -67.92
C THR F 220 8.73 0.81 -69.24
N GLN F 221 8.35 -0.46 -69.22
CA GLN F 221 7.91 -1.10 -70.46
C GLN F 221 6.94 -2.23 -70.16
N LEU F 222 6.21 -2.67 -71.20
CA LEU F 222 5.24 -3.77 -71.08
C LEU F 222 5.82 -5.04 -71.68
N VAL F 223 5.65 -6.15 -70.96
CA VAL F 223 6.16 -7.44 -71.41
C VAL F 223 5.01 -8.34 -71.84
N TYR F 224 5.16 -9.00 -72.99
CA TYR F 224 4.11 -9.88 -73.48
C TYR F 224 4.03 -11.24 -72.81
N GLY F 225 3.98 -11.19 -71.48
CA GLY F 225 3.93 -12.40 -70.68
C GLY F 225 4.11 -11.97 -69.24
N ILE F 226 3.99 -12.91 -68.32
CA ILE F 226 4.15 -12.64 -66.89
C ILE F 226 5.60 -12.30 -66.51
N VAL F 227 5.78 -11.48 -65.48
CA VAL F 227 7.11 -11.08 -65.01
C VAL F 227 7.24 -11.24 -63.50
N VAL F 228 8.10 -12.15 -63.06
CA VAL F 228 8.30 -12.40 -61.63
C VAL F 228 9.44 -11.64 -60.96
N ASP F 229 9.10 -10.74 -60.03
CA ASP F 229 10.12 -9.97 -59.34
C ASP F 229 10.74 -10.75 -58.17
N LYS F 230 11.75 -11.56 -58.47
CA LYS F 230 12.50 -12.34 -57.47
C LYS F 230 13.65 -13.03 -58.20
N GLU F 231 14.87 -12.75 -57.76
CA GLU F 231 16.09 -13.32 -58.33
C GLU F 231 16.07 -14.86 -58.25
N VAL F 232 16.77 -15.56 -59.16
CA VAL F 232 16.81 -17.03 -59.13
C VAL F 232 17.38 -17.50 -57.81
N VAL F 233 17.17 -18.77 -57.49
CA VAL F 233 17.63 -19.30 -56.23
C VAL F 233 19.11 -19.65 -56.14
N HIS F 234 19.67 -20.23 -57.19
CA HIS F 234 21.08 -20.61 -57.17
C HIS F 234 21.78 -20.15 -58.46
N PRO F 235 23.05 -19.70 -58.35
CA PRO F 235 23.81 -19.23 -59.53
C PRO F 235 24.17 -20.36 -60.51
N GLY F 236 24.15 -21.59 -60.01
CA GLY F 236 24.48 -22.72 -60.85
C GLY F 236 23.29 -23.26 -61.62
N MET F 237 22.32 -22.40 -61.94
CA MET F 237 21.14 -22.85 -62.67
C MET F 237 21.00 -22.17 -64.02
N PRO F 238 20.30 -22.82 -64.95
CA PRO F 238 20.09 -22.26 -66.29
C PRO F 238 19.37 -20.91 -66.19
N LYS F 239 20.05 -19.86 -66.61
CA LYS F 239 19.48 -18.51 -66.58
C LYS F 239 18.77 -18.17 -67.91
N ARG F 240 18.42 -19.19 -68.70
CA ARG F 240 17.75 -18.98 -69.99
C ARG F 240 17.36 -20.32 -70.60
N LEU F 241 16.09 -20.69 -70.53
CA LEU F 241 15.65 -21.98 -71.11
C LEU F 241 14.79 -21.82 -72.37
N GLU F 242 15.05 -22.65 -73.38
CA GLU F 242 14.29 -22.59 -74.63
C GLU F 242 13.10 -23.50 -74.45
N ASN F 243 11.91 -23.04 -74.86
CA ASN F 243 10.73 -23.86 -74.72
C ASN F 243 10.65 -24.45 -73.31
N ALA F 244 10.20 -23.67 -72.34
CA ALA F 244 10.12 -24.13 -70.96
C ALA F 244 8.79 -24.79 -70.63
N LYS F 245 8.77 -25.56 -69.55
CA LYS F 245 7.58 -26.26 -69.09
C LYS F 245 7.43 -25.98 -67.59
N ILE F 246 6.93 -24.80 -67.27
CA ILE F 246 6.74 -24.34 -65.90
C ILE F 246 5.97 -25.28 -64.97
N ALA F 247 6.43 -25.36 -63.72
CA ALA F 247 5.79 -26.19 -62.71
C ALA F 247 5.46 -25.35 -61.46
N LEU F 248 4.21 -24.87 -61.38
CA LEU F 248 3.76 -24.05 -60.27
C LEU F 248 3.56 -24.90 -59.02
N ILE F 249 4.62 -25.06 -58.24
CA ILE F 249 4.53 -25.88 -57.05
C ILE F 249 4.33 -25.08 -55.77
N ASP F 250 3.10 -25.13 -55.24
CA ASP F 250 2.81 -24.41 -54.02
C ASP F 250 2.78 -25.33 -52.81
N ALA F 251 3.90 -25.37 -52.11
CA ALA F 251 4.04 -26.18 -50.90
C ALA F 251 5.48 -26.14 -50.39
N SER F 252 5.66 -26.66 -49.17
CA SER F 252 6.95 -26.72 -48.49
C SER F 252 8.00 -27.55 -49.24
N LEU F 253 9.15 -26.94 -49.50
CA LEU F 253 10.21 -27.62 -50.24
C LEU F 253 11.61 -27.46 -49.59
N GLU F 254 11.71 -27.85 -48.32
CA GLU F 254 12.95 -27.73 -47.57
C GLU F 254 13.14 -28.93 -46.65
N VAL F 255 14.37 -29.24 -46.27
CA VAL F 255 14.58 -30.38 -45.36
C VAL F 255 13.57 -30.32 -44.22
N GLU F 256 13.00 -31.47 -43.87
CA GLU F 256 12.01 -31.53 -42.78
C GLU F 256 12.73 -31.42 -41.41
N LYS F 257 12.36 -30.41 -40.63
CA LYS F 257 12.90 -30.32 -39.30
C LYS F 257 12.37 -31.63 -38.80
N PRO F 258 13.23 -32.41 -38.16
CA PRO F 258 12.85 -33.72 -37.63
C PRO F 258 12.72 -33.69 -36.11
N GLU F 259 13.00 -32.55 -35.50
CA GLU F 259 12.90 -32.45 -34.04
C GLU F 259 11.49 -32.65 -33.51
N LEU F 260 10.51 -32.05 -34.18
CA LEU F 260 9.13 -32.17 -33.74
C LEU F 260 8.69 -33.62 -33.84
N ASP F 261 9.06 -34.28 -34.93
CA ASP F 261 8.73 -35.67 -35.13
C ASP F 261 9.39 -36.55 -34.08
N ALA F 262 10.64 -36.24 -33.77
CA ALA F 262 11.39 -37.02 -32.79
C ALA F 262 12.41 -36.22 -31.97
N GLU F 263 12.76 -36.77 -30.82
CA GLU F 263 13.73 -36.21 -29.89
C GLU F 263 14.52 -37.49 -29.75
N ILE F 264 15.84 -37.46 -29.87
CA ILE F 264 16.55 -38.73 -29.77
C ILE F 264 17.98 -38.58 -29.34
N ARG F 265 18.61 -39.68 -28.95
CA ARG F 265 20.01 -39.49 -28.55
C ARG F 265 20.90 -39.96 -29.73
N ILE F 266 22.21 -40.05 -29.52
CA ILE F 266 23.16 -40.51 -30.55
C ILE F 266 24.47 -40.97 -29.89
N ASN F 267 25.10 -41.96 -30.50
CA ASN F 267 26.32 -42.55 -29.98
C ASN F 267 27.55 -42.33 -30.88
N ASP F 268 27.69 -43.22 -31.86
CA ASP F 268 28.77 -43.26 -32.86
C ASP F 268 28.40 -42.53 -34.17
N PRO F 269 29.41 -42.17 -35.00
CA PRO F 269 29.30 -41.47 -36.30
C PRO F 269 28.66 -42.29 -37.43
N THR F 270 28.62 -43.61 -37.21
CA THR F 270 28.03 -44.54 -38.15
C THR F 270 26.53 -44.20 -38.30
N GLN F 271 25.92 -43.82 -37.17
CA GLN F 271 24.51 -43.45 -37.05
C GLN F 271 24.22 -42.09 -37.72
N MET F 272 25.17 -41.18 -37.56
CA MET F 272 25.09 -39.82 -38.11
C MET F 272 24.83 -39.89 -39.62
N GLN F 273 25.81 -40.42 -40.35
CA GLN F 273 25.72 -40.54 -41.80
C GLN F 273 24.35 -40.99 -42.27
N LYS F 274 24.01 -42.25 -42.01
CA LYS F 274 22.73 -42.78 -42.46
C LYS F 274 21.55 -41.90 -42.01
N PHE F 275 21.79 -40.97 -41.09
CA PHE F 275 20.73 -40.09 -40.62
C PHE F 275 20.52 -38.90 -41.57
N LEU F 276 21.60 -38.14 -41.79
CA LEU F 276 21.57 -36.97 -42.66
C LEU F 276 21.52 -37.35 -44.13
N ASP F 277 21.92 -38.58 -44.43
CA ASP F 277 21.92 -39.05 -45.80
C ASP F 277 20.51 -39.32 -46.28
N GLU F 278 19.76 -40.15 -45.55
CA GLU F 278 18.40 -40.46 -45.95
C GLU F 278 17.50 -39.22 -45.80
N GLU F 279 17.81 -38.37 -44.81
CA GLU F 279 17.05 -37.16 -44.56
C GLU F 279 17.23 -36.16 -45.71
N GLU F 280 18.38 -36.24 -46.37
CA GLU F 280 18.71 -35.39 -47.52
C GLU F 280 18.03 -36.01 -48.73
N ASN F 281 17.94 -37.33 -48.73
CA ASN F 281 17.30 -38.07 -49.82
C ASN F 281 15.77 -37.93 -49.75
N LEU F 282 15.27 -37.46 -48.61
CA LEU F 282 13.84 -37.28 -48.42
C LEU F 282 13.31 -36.10 -49.26
N ILE F 283 14.10 -35.02 -49.32
CA ILE F 283 13.75 -33.82 -50.08
C ILE F 283 13.95 -34.05 -51.56
N LYS F 284 15.00 -34.81 -51.89
CA LYS F 284 15.32 -35.15 -53.28
C LYS F 284 14.13 -35.93 -53.84
N GLU F 285 13.39 -36.58 -52.94
CA GLU F 285 12.22 -37.35 -53.34
C GLU F 285 11.17 -36.42 -53.90
N LYS F 286 10.79 -35.42 -53.11
CA LYS F 286 9.80 -34.47 -53.56
C LYS F 286 10.27 -33.90 -54.90
N VAL F 287 11.56 -33.56 -54.99
CA VAL F 287 12.12 -33.00 -56.23
C VAL F 287 11.95 -33.92 -57.44
N ASP F 288 12.30 -35.20 -57.29
CA ASP F 288 12.18 -36.16 -58.39
C ASP F 288 10.72 -36.41 -58.72
N LYS F 289 9.87 -36.39 -57.70
CA LYS F 289 8.44 -36.64 -57.85
C LYS F 289 7.79 -35.53 -58.66
N ILE F 290 8.43 -34.36 -58.66
CA ILE F 290 7.98 -33.18 -59.39
C ILE F 290 8.57 -33.20 -60.79
N LEU F 291 9.86 -33.51 -60.87
CA LEU F 291 10.55 -33.62 -62.14
C LEU F 291 9.96 -34.81 -62.90
N ALA F 292 9.15 -35.60 -62.18
CA ALA F 292 8.48 -36.78 -62.73
C ALA F 292 7.59 -36.38 -63.91
N THR F 293 7.33 -35.09 -64.01
CA THR F 293 6.52 -34.55 -65.08
C THR F 293 7.48 -33.99 -66.12
N GLY F 294 8.72 -33.76 -65.68
CA GLY F 294 9.74 -33.24 -66.56
C GLY F 294 9.47 -31.79 -66.85
N ALA F 295 9.83 -30.93 -65.91
CA ALA F 295 9.63 -29.50 -66.07
C ALA F 295 10.98 -28.79 -66.18
N ASN F 296 11.07 -27.81 -67.06
CA ASN F 296 12.31 -27.07 -67.25
C ASN F 296 12.52 -26.10 -66.12
N VAL F 297 11.42 -25.58 -65.61
CA VAL F 297 11.45 -24.61 -64.54
C VAL F 297 10.40 -24.96 -63.50
N ILE F 298 10.69 -24.59 -62.25
CA ILE F 298 9.82 -24.85 -61.11
C ILE F 298 9.92 -23.69 -60.09
N ILE F 299 8.81 -23.01 -59.82
CA ILE F 299 8.78 -21.89 -58.86
C ILE F 299 7.71 -22.14 -57.79
N CYS F 300 7.97 -21.73 -56.56
CA CYS F 300 7.02 -21.93 -55.47
C CYS F 300 6.85 -20.69 -54.60
N GLN F 301 6.00 -20.77 -53.60
CA GLN F 301 5.79 -19.64 -52.71
C GLN F 301 6.18 -19.97 -51.27
N LYS F 302 7.33 -20.60 -51.10
CA LYS F 302 7.81 -20.94 -49.76
C LYS F 302 9.34 -20.98 -49.82
N GLY F 303 10.00 -21.15 -48.66
CA GLY F 303 11.46 -21.20 -48.64
C GLY F 303 12.03 -22.52 -49.15
N ILE F 304 12.90 -22.46 -50.15
CA ILE F 304 13.53 -23.67 -50.71
C ILE F 304 14.89 -23.96 -50.07
N ASP F 305 15.05 -25.20 -49.59
CA ASP F 305 16.28 -25.62 -48.95
C ASP F 305 17.51 -25.32 -49.81
N GLU F 306 18.62 -25.00 -49.15
CA GLU F 306 19.88 -24.69 -49.82
C GLU F 306 20.59 -25.93 -50.39
N VAL F 307 20.30 -27.08 -49.80
CA VAL F 307 20.85 -28.37 -50.22
C VAL F 307 20.06 -28.84 -51.45
N ALA F 308 18.76 -28.51 -51.44
CA ALA F 308 17.84 -28.87 -52.51
C ALA F 308 18.14 -28.03 -53.75
N GLN F 309 18.86 -26.94 -53.53
CA GLN F 309 19.24 -26.05 -54.60
C GLN F 309 20.39 -26.68 -55.38
N SER F 310 21.38 -27.19 -54.63
CA SER F 310 22.55 -27.84 -55.24
C SER F 310 22.09 -29.04 -56.05
N TYR F 311 20.96 -29.62 -55.66
CA TYR F 311 20.39 -30.77 -56.35
C TYR F 311 19.74 -30.34 -57.67
N LEU F 312 18.92 -29.29 -57.59
CA LEU F 312 18.23 -28.76 -58.76
C LEU F 312 19.25 -28.16 -59.68
N ALA F 313 20.32 -27.64 -59.09
CA ALA F 313 21.41 -27.03 -59.84
C ALA F 313 22.13 -28.09 -60.66
N LYS F 314 22.37 -29.25 -60.04
CA LYS F 314 23.07 -30.34 -60.72
C LYS F 314 22.14 -30.97 -61.77
N LYS F 315 20.83 -30.84 -61.57
CA LYS F 315 19.84 -31.38 -62.49
C LYS F 315 19.60 -30.48 -63.71
N GLY F 316 19.92 -29.20 -63.57
CA GLY F 316 19.74 -28.27 -64.67
C GLY F 316 18.35 -27.64 -64.70
N VAL F 317 17.78 -27.39 -63.53
CA VAL F 317 16.45 -26.78 -63.38
C VAL F 317 16.58 -25.31 -62.96
N LEU F 318 15.57 -24.51 -63.29
CA LEU F 318 15.56 -23.09 -62.91
C LEU F 318 14.45 -22.92 -61.86
N ALA F 319 14.85 -22.64 -60.63
CA ALA F 319 13.88 -22.48 -59.53
C ALA F 319 13.91 -21.12 -58.86
N VAL F 320 12.75 -20.69 -58.34
CA VAL F 320 12.62 -19.40 -57.65
C VAL F 320 12.07 -19.58 -56.24
N ARG F 321 12.65 -18.86 -55.26
CA ARG F 321 12.25 -18.93 -53.85
C ARG F 321 10.81 -18.49 -53.58
N ARG F 322 10.60 -17.86 -52.43
CA ARG F 322 9.27 -17.39 -52.06
C ARG F 322 8.83 -16.39 -53.15
N ALA F 323 7.55 -16.39 -53.47
CA ALA F 323 6.98 -15.49 -54.48
C ALA F 323 5.49 -15.30 -54.17
N LYS F 324 5.04 -14.06 -53.98
CA LYS F 324 3.62 -13.79 -53.65
C LYS F 324 2.64 -14.62 -54.50
N LYS F 325 1.77 -15.38 -53.82
CA LYS F 325 0.77 -16.23 -54.49
C LYS F 325 0.04 -15.36 -55.50
N SER F 326 -0.01 -14.06 -55.19
CA SER F 326 -0.66 -13.03 -56.00
C SER F 326 -0.26 -13.12 -57.50
N ASP F 327 0.96 -13.56 -57.76
CA ASP F 327 1.46 -13.67 -59.13
C ASP F 327 1.45 -15.10 -59.67
N LEU F 328 1.45 -16.08 -58.78
CA LEU F 328 1.40 -17.47 -59.21
C LEU F 328 0.13 -17.70 -60.01
N GLU F 329 -0.98 -17.17 -59.51
CA GLU F 329 -2.26 -17.31 -60.19
C GLU F 329 -2.19 -16.64 -61.57
N LYS F 330 -1.80 -15.35 -61.60
CA LYS F 330 -1.70 -14.59 -62.86
C LYS F 330 -0.78 -15.32 -63.86
N LEU F 331 0.14 -16.11 -63.31
CA LEU F 331 1.09 -16.88 -64.11
C LEU F 331 0.49 -18.26 -64.42
N ALA F 332 -0.46 -18.68 -63.59
CA ALA F 332 -1.12 -19.97 -63.74
C ALA F 332 -1.88 -20.03 -65.07
N ARG F 333 -2.99 -19.30 -65.14
CA ARG F 333 -3.81 -19.28 -66.35
C ARG F 333 -3.19 -18.47 -67.48
N ALA F 334 -1.98 -17.99 -67.27
CA ALA F 334 -1.29 -17.22 -68.31
C ALA F 334 -0.39 -18.17 -69.13
N THR F 335 0.02 -19.28 -68.51
CA THR F 335 0.85 -20.28 -69.18
C THR F 335 0.14 -21.62 -69.27
N GLY F 336 -1.16 -21.62 -69.00
CA GLY F 336 -1.94 -22.85 -69.07
C GLY F 336 -1.40 -23.95 -68.18
N GLY F 337 -1.34 -23.69 -66.89
CA GLY F 337 -0.87 -24.69 -65.95
C GLY F 337 -1.70 -24.65 -64.69
N ARG F 338 -1.43 -25.57 -63.76
CA ARG F 338 -2.17 -25.60 -62.50
C ARG F 338 -1.20 -25.29 -61.37
N VAL F 339 -1.72 -24.78 -60.26
CA VAL F 339 -0.90 -24.46 -59.10
C VAL F 339 -0.90 -25.68 -58.18
N VAL F 340 0.08 -26.56 -58.37
CA VAL F 340 0.20 -27.80 -57.60
C VAL F 340 0.01 -27.66 -56.09
N SER F 341 -1.10 -28.22 -55.62
CA SER F 341 -1.50 -28.23 -54.22
C SER F 341 -0.63 -29.22 -53.45
N ASN F 342 -0.75 -30.49 -53.84
CA ASN F 342 -0.05 -31.62 -53.22
C ASN F 342 0.91 -32.26 -54.25
N ILE F 343 2.22 -32.20 -53.97
CA ILE F 343 3.25 -32.75 -54.88
C ILE F 343 3.03 -34.21 -55.33
N ASP F 344 2.38 -35.00 -54.47
CA ASP F 344 2.10 -36.40 -54.77
C ASP F 344 0.93 -36.55 -55.73
N GLU F 345 0.50 -35.45 -56.34
CA GLU F 345 -0.64 -35.45 -57.26
C GLU F 345 -0.34 -34.82 -58.61
N ILE F 346 0.87 -34.31 -58.77
CA ILE F 346 1.25 -33.66 -60.01
C ILE F 346 0.96 -34.53 -61.23
N SER F 347 0.49 -33.89 -62.30
CA SER F 347 0.15 -34.59 -63.54
C SER F 347 0.97 -34.10 -64.72
N GLU F 348 0.95 -34.89 -65.78
CA GLU F 348 1.67 -34.57 -67.01
C GLU F 348 1.02 -33.35 -67.67
N GLN F 349 0.20 -32.63 -66.91
CA GLN F 349 -0.49 -31.46 -67.45
C GLN F 349 -0.51 -30.26 -66.51
N ASP F 350 -0.47 -30.50 -65.20
CA ASP F 350 -0.49 -29.41 -64.22
C ASP F 350 0.60 -28.36 -64.45
N LEU F 351 1.53 -28.65 -65.35
CA LEU F 351 2.63 -27.74 -65.66
C LEU F 351 2.34 -26.91 -66.90
N GLY F 352 2.54 -25.60 -66.78
CA GLY F 352 2.29 -24.71 -67.90
C GLY F 352 3.47 -24.64 -68.86
N TYR F 353 3.19 -24.29 -70.11
CA TYR F 353 4.23 -24.18 -71.13
C TYR F 353 4.58 -22.73 -71.42
N ALA F 354 5.76 -22.53 -71.97
CA ALA F 354 6.23 -21.20 -72.31
C ALA F 354 7.09 -21.28 -73.56
N SER F 355 7.79 -20.18 -73.86
CA SER F 355 8.64 -20.13 -75.04
C SER F 355 10.07 -19.74 -74.70
N LEU F 356 10.24 -18.80 -73.79
CA LEU F 356 11.58 -18.38 -73.41
C LEU F 356 11.51 -17.74 -72.03
N ILE F 357 12.37 -18.19 -71.13
CA ILE F 357 12.44 -17.62 -69.79
C ILE F 357 13.78 -16.89 -69.74
N GLU F 358 13.84 -15.79 -69.00
CA GLU F 358 15.06 -14.99 -68.89
C GLU F 358 15.17 -14.37 -67.52
N GLU F 359 16.31 -13.73 -67.27
CA GLU F 359 16.55 -13.08 -65.99
C GLU F 359 17.41 -11.84 -66.17
N ARG F 360 16.95 -10.86 -66.95
CA ARG F 360 17.76 -9.65 -67.15
C ARG F 360 17.82 -8.82 -65.87
N LYS F 361 19.01 -8.29 -65.56
CA LYS F 361 19.21 -7.48 -64.36
C LYS F 361 18.74 -6.05 -64.60
N VAL F 362 17.53 -5.91 -65.15
CA VAL F 362 16.98 -4.58 -65.45
C VAL F 362 16.89 -3.70 -64.20
N GLY F 363 17.42 -2.49 -64.33
CA GLY F 363 17.44 -1.52 -63.26
C GLY F 363 18.62 -1.72 -62.33
N GLU F 364 18.39 -2.47 -61.25
CA GLU F 364 19.42 -2.78 -60.27
C GLU F 364 19.38 -4.27 -59.95
N ASP F 365 18.23 -4.73 -59.45
CA ASP F 365 18.08 -6.14 -59.10
C ASP F 365 17.80 -6.97 -60.36
N LYS F 366 17.71 -8.28 -60.18
CA LYS F 366 17.44 -9.17 -61.31
C LYS F 366 16.06 -9.78 -61.15
N MET F 367 15.31 -9.80 -62.25
CA MET F 367 13.96 -10.33 -62.29
C MET F 367 13.83 -11.41 -63.36
N VAL F 368 12.88 -12.31 -63.14
CA VAL F 368 12.60 -13.41 -64.07
C VAL F 368 11.50 -13.04 -65.06
N PHE F 369 11.68 -13.37 -66.33
CA PHE F 369 10.67 -13.08 -67.35
C PHE F 369 10.17 -14.38 -67.93
N VAL F 370 8.93 -14.38 -68.38
CA VAL F 370 8.33 -15.58 -68.96
C VAL F 370 7.63 -15.12 -70.22
N GLU F 371 8.41 -14.60 -71.16
CA GLU F 371 7.85 -14.11 -72.41
C GLU F 371 7.35 -15.20 -73.36
N GLY F 372 6.40 -14.83 -74.22
CA GLY F 372 5.83 -15.76 -75.18
C GLY F 372 5.14 -16.97 -74.57
N ALA F 373 4.33 -16.78 -73.53
CA ALA F 373 3.63 -17.89 -72.87
C ALA F 373 2.73 -18.69 -73.80
N LYS F 374 2.07 -19.70 -73.24
CA LYS F 374 1.18 -20.52 -74.05
C LYS F 374 -0.10 -19.76 -74.35
N ASN F 375 -0.53 -18.96 -73.38
CA ASN F 375 -1.73 -18.16 -73.54
C ASN F 375 -1.34 -16.76 -74.03
N PRO F 376 -1.81 -16.37 -75.23
CA PRO F 376 -1.51 -15.05 -75.82
C PRO F 376 -1.96 -13.84 -75.01
N LYS F 377 -3.28 -13.63 -74.96
CA LYS F 377 -3.89 -12.52 -74.23
C LYS F 377 -3.58 -12.59 -72.76
N SER F 378 -2.38 -12.15 -72.41
CA SER F 378 -1.92 -12.18 -71.02
C SER F 378 -0.58 -11.44 -70.97
N ILE F 379 -0.60 -10.17 -70.60
CA ILE F 379 0.64 -9.38 -70.51
C ILE F 379 0.75 -8.66 -69.19
N SER F 380 1.92 -8.10 -68.93
CA SER F 380 2.17 -7.36 -67.70
C SER F 380 2.87 -6.04 -67.99
N ILE F 381 2.81 -5.10 -67.03
CA ILE F 381 3.45 -3.80 -67.18
C ILE F 381 4.50 -3.61 -66.08
N LEU F 382 5.61 -2.98 -66.44
CA LEU F 382 6.67 -2.74 -65.46
C LEU F 382 6.88 -1.25 -65.23
N ILE F 383 6.55 -0.79 -64.03
CA ILE F 383 6.69 0.61 -63.65
C ILE F 383 8.06 0.86 -62.99
N ARG F 384 8.67 2.00 -63.30
CA ARG F 384 9.96 2.37 -62.74
C ARG F 384 10.06 3.88 -62.61
N GLY F 385 9.25 4.45 -61.73
CA GLY F 385 9.24 5.88 -61.53
C GLY F 385 10.59 6.48 -61.11
N GLY F 386 11.40 5.69 -60.42
CA GLY F 386 12.69 6.18 -59.96
C GLY F 386 12.73 6.24 -58.45
N LEU F 387 12.01 7.19 -57.86
CA LEU F 387 11.96 7.34 -56.40
C LEU F 387 10.99 6.34 -55.76
N GLU F 388 11.26 5.95 -54.52
CA GLU F 388 10.43 4.98 -53.80
C GLU F 388 8.93 5.31 -53.71
N ARG F 389 8.59 6.59 -53.86
CA ARG F 389 7.20 7.04 -53.76
C ARG F 389 6.61 7.46 -55.12
N LEU F 390 7.44 8.06 -55.97
CA LEU F 390 7.02 8.50 -57.29
C LEU F 390 6.49 7.28 -58.07
N VAL F 391 7.16 6.15 -57.88
CA VAL F 391 6.79 4.91 -58.54
C VAL F 391 5.41 4.46 -58.09
N ASP F 392 5.16 4.59 -56.78
CA ASP F 392 3.89 4.17 -56.18
C ASP F 392 2.66 4.84 -56.82
N GLU F 393 2.68 6.16 -56.95
CA GLU F 393 1.54 6.86 -57.54
C GLU F 393 1.43 6.68 -59.05
N THR F 394 2.48 6.21 -59.69
CA THR F 394 2.44 5.97 -61.14
C THR F 394 1.56 4.73 -61.34
N GLU F 395 1.60 3.85 -60.34
CA GLU F 395 0.83 2.62 -60.34
C GLU F 395 -0.63 2.97 -60.14
N ARG F 396 -0.92 4.00 -59.34
CA ARG F 396 -2.32 4.37 -59.13
C ARG F 396 -2.86 4.86 -60.44
N ALA F 397 -2.22 5.89 -60.98
CA ALA F 397 -2.63 6.49 -62.25
C ALA F 397 -2.82 5.44 -63.34
N LEU F 398 -1.88 4.50 -63.40
CA LEU F 398 -1.90 3.45 -64.41
C LEU F 398 -3.07 2.49 -64.23
N ARG F 399 -3.38 2.17 -62.97
CA ARG F 399 -4.49 1.27 -62.64
C ARG F 399 -5.78 1.85 -63.15
N ASP F 400 -6.02 3.09 -62.76
CA ASP F 400 -7.21 3.81 -63.15
C ASP F 400 -7.25 4.00 -64.65
N ALA F 401 -6.12 4.37 -65.22
CA ALA F 401 -6.00 4.59 -66.66
C ALA F 401 -6.42 3.36 -67.46
N LEU F 402 -5.97 2.19 -67.01
CA LEU F 402 -6.30 0.93 -67.67
C LEU F 402 -7.79 0.69 -67.49
N GLY F 403 -8.23 0.66 -66.22
CA GLY F 403 -9.63 0.44 -65.94
C GLY F 403 -10.54 1.25 -66.84
N THR F 404 -10.40 2.57 -66.82
CA THR F 404 -11.24 3.43 -67.63
C THR F 404 -11.28 3.08 -69.12
N VAL F 405 -10.11 2.87 -69.72
CA VAL F 405 -10.03 2.52 -71.13
C VAL F 405 -10.82 1.25 -71.44
N ALA F 406 -10.74 0.28 -70.53
CA ALA F 406 -11.44 -0.97 -70.68
C ALA F 406 -12.95 -0.73 -70.63
N ASP F 407 -13.35 0.25 -69.83
CA ASP F 407 -14.76 0.55 -69.71
C ASP F 407 -15.31 1.14 -71.00
N VAL F 408 -14.50 1.91 -71.72
CA VAL F 408 -14.97 2.50 -72.99
C VAL F 408 -15.37 1.39 -73.94
N ILE F 409 -14.55 0.33 -73.96
CA ILE F 409 -14.78 -0.82 -74.84
C ILE F 409 -15.95 -1.68 -74.43
N LYS F 410 -16.04 -1.97 -73.13
CA LYS F 410 -17.13 -2.78 -72.60
C LYS F 410 -18.49 -2.14 -72.92
N ASP F 411 -18.51 -0.81 -73.03
CA ASP F 411 -19.77 -0.10 -73.34
C ASP F 411 -19.85 0.27 -74.82
N GLY F 412 -19.09 1.29 -75.23
CA GLY F 412 -19.10 1.70 -76.63
C GLY F 412 -19.57 3.12 -76.88
N ARG F 413 -19.82 3.87 -75.81
CA ARG F 413 -20.26 5.26 -75.90
C ARG F 413 -19.25 6.16 -75.20
N ALA F 414 -18.94 7.32 -75.79
CA ALA F 414 -17.97 8.25 -75.20
C ALA F 414 -18.26 9.70 -75.58
N ILE F 415 -18.24 10.59 -74.58
CA ILE F 415 -18.50 12.02 -74.77
C ILE F 415 -17.28 12.90 -74.46
N ALA F 416 -17.36 14.16 -74.89
CA ALA F 416 -16.28 15.10 -74.65
C ALA F 416 -16.37 15.61 -73.22
N GLY F 417 -15.27 15.51 -72.50
CA GLY F 417 -15.27 15.99 -71.14
C GLY F 417 -14.75 17.40 -71.18
N GLY F 418 -15.00 18.15 -70.13
CA GLY F 418 -14.53 19.52 -70.08
C GLY F 418 -15.60 20.43 -69.56
N GLY F 419 -16.67 19.80 -69.06
CA GLY F 419 -17.80 20.56 -68.53
C GLY F 419 -18.84 20.69 -69.62
N ALA F 420 -18.45 20.21 -70.79
CA ALA F 420 -19.30 20.25 -71.96
C ALA F 420 -20.63 19.62 -71.61
N VAL F 421 -20.60 18.37 -71.18
CA VAL F 421 -21.85 17.68 -70.86
C VAL F 421 -22.60 18.28 -69.67
N GLU F 422 -21.88 18.95 -68.77
CA GLU F 422 -22.54 19.53 -67.63
C GLU F 422 -23.47 20.56 -68.15
N ILE F 423 -22.92 21.65 -68.69
CA ILE F 423 -23.75 22.74 -69.19
C ILE F 423 -24.92 22.29 -70.08
N GLU F 424 -24.73 21.24 -70.86
CA GLU F 424 -25.78 20.75 -71.74
C GLU F 424 -26.88 20.17 -70.87
N ILE F 425 -26.50 19.24 -70.01
CA ILE F 425 -27.44 18.61 -69.09
C ILE F 425 -28.18 19.70 -68.31
N ALA F 426 -27.54 20.85 -68.20
CA ALA F 426 -28.13 21.96 -67.48
C ALA F 426 -29.18 22.53 -68.39
N LYS F 427 -28.74 23.29 -69.37
CA LYS F 427 -29.63 23.93 -70.33
C LYS F 427 -30.84 23.06 -70.68
N LYS F 428 -30.56 21.85 -71.16
CA LYS F 428 -31.62 20.92 -71.55
C LYS F 428 -32.57 20.71 -70.38
N LEU F 429 -32.02 20.75 -69.18
CA LEU F 429 -32.79 20.55 -67.95
C LEU F 429 -33.68 21.78 -67.64
N ARG F 430 -33.13 22.99 -67.85
CA ARG F 430 -33.87 24.22 -67.57
C ARG F 430 -35.12 24.31 -68.40
N LYS F 431 -35.01 23.98 -69.69
CA LYS F 431 -36.16 24.02 -70.58
C LYS F 431 -37.17 22.97 -70.11
N TYR F 432 -36.70 21.92 -69.44
CA TYR F 432 -37.57 20.86 -68.93
C TYR F 432 -38.37 21.32 -67.70
N ALA F 433 -37.66 21.79 -66.67
CA ALA F 433 -38.30 22.25 -65.44
C ALA F 433 -39.71 22.85 -65.60
N PRO F 434 -39.82 23.96 -66.34
CA PRO F 434 -41.12 24.61 -66.52
C PRO F 434 -42.31 23.67 -66.55
N GLN F 435 -42.20 22.57 -67.25
CA GLN F 435 -43.33 21.66 -67.35
C GLN F 435 -43.43 20.64 -66.25
N VAL F 436 -42.32 20.36 -65.58
CA VAL F 436 -42.33 19.35 -64.53
C VAL F 436 -43.43 19.53 -63.49
N GLY F 437 -43.62 20.76 -63.00
CA GLY F 437 -44.63 20.97 -61.98
C GLY F 437 -44.40 22.18 -61.09
N GLY F 438 -45.24 22.28 -60.07
CA GLY F 438 -45.18 23.41 -59.15
C GLY F 438 -43.87 23.50 -58.41
N LYS F 439 -43.81 22.88 -57.24
CA LYS F 439 -42.61 22.93 -56.43
C LYS F 439 -41.44 22.13 -57.02
N GLU F 440 -41.71 20.91 -57.45
CA GLU F 440 -40.68 20.07 -58.04
C GLU F 440 -39.83 20.82 -59.05
N GLN F 441 -40.43 21.82 -59.69
CA GLN F 441 -39.71 22.59 -60.68
C GLN F 441 -38.46 23.15 -60.04
N LEU F 442 -38.65 23.83 -58.92
CA LEU F 442 -37.56 24.43 -58.20
C LEU F 442 -36.50 23.38 -57.90
N ALA F 443 -36.93 22.17 -57.59
CA ALA F 443 -35.99 21.09 -57.31
C ALA F 443 -35.12 20.88 -58.55
N VAL F 444 -35.78 20.74 -59.69
CA VAL F 444 -35.09 20.53 -60.96
C VAL F 444 -34.20 21.72 -61.33
N GLU F 445 -34.74 22.94 -61.29
CA GLU F 445 -33.91 24.09 -61.64
C GLU F 445 -32.66 24.04 -60.80
N ALA F 446 -32.85 23.61 -59.56
CA ALA F 446 -31.77 23.47 -58.59
C ALA F 446 -30.80 22.41 -59.05
N TYR F 447 -31.30 21.21 -59.27
CA TYR F 447 -30.49 20.09 -59.73
C TYR F 447 -29.55 20.60 -60.84
N ALA F 448 -30.06 21.48 -61.69
CA ALA F 448 -29.26 22.04 -62.78
C ALA F 448 -28.18 22.99 -62.27
N ASN F 449 -28.56 23.96 -61.44
CA ASN F 449 -27.58 24.91 -60.90
C ASN F 449 -26.44 24.23 -60.18
N ALA F 450 -26.79 23.26 -59.34
CA ALA F 450 -25.83 22.49 -58.57
C ALA F 450 -24.82 21.86 -59.51
N LEU F 451 -25.32 21.42 -60.65
CA LEU F 451 -24.53 20.76 -61.67
C LEU F 451 -23.51 21.69 -62.35
N GLU F 452 -23.89 22.94 -62.55
CA GLU F 452 -22.98 23.90 -63.16
C GLU F 452 -21.92 24.21 -62.14
N SER F 453 -22.31 24.22 -60.86
CA SER F 453 -21.37 24.47 -59.76
C SER F 453 -20.19 23.56 -59.98
N LEU F 454 -20.48 22.36 -60.48
CA LEU F 454 -19.48 21.35 -60.76
C LEU F 454 -18.38 21.93 -61.64
N VAL F 455 -18.76 22.56 -62.75
CA VAL F 455 -17.80 23.14 -63.70
C VAL F 455 -17.11 24.38 -63.14
N SER F 456 -17.78 25.08 -62.22
CA SER F 456 -17.18 26.27 -61.63
C SER F 456 -16.01 25.79 -60.80
N ILE F 457 -16.26 24.77 -59.98
CA ILE F 457 -15.20 24.23 -59.13
C ILE F 457 -14.00 23.91 -59.99
N LEU F 458 -14.29 23.33 -61.15
CA LEU F 458 -13.26 22.97 -62.09
C LEU F 458 -12.50 24.22 -62.53
N ILE F 459 -13.23 25.27 -62.86
CA ILE F 459 -12.61 26.51 -63.27
C ILE F 459 -11.77 27.03 -62.10
N GLU F 460 -12.39 27.17 -60.92
CA GLU F 460 -11.70 27.68 -59.74
C GLU F 460 -10.29 27.14 -59.65
N ASN F 461 -10.18 25.82 -59.56
CA ASN F 461 -8.87 25.17 -59.44
C ASN F 461 -7.93 25.49 -60.58
N ALA F 462 -8.47 26.03 -61.67
CA ALA F 462 -7.67 26.38 -62.82
C ALA F 462 -7.02 27.74 -62.58
N GLY F 463 -7.65 28.53 -61.71
CA GLY F 463 -7.13 29.85 -61.40
C GLY F 463 -7.83 30.97 -62.13
N PHE F 464 -9.05 30.71 -62.60
CA PHE F 464 -9.83 31.70 -63.33
C PHE F 464 -11.13 32.00 -62.62
N ASP F 465 -11.74 33.14 -62.92
CA ASP F 465 -12.99 33.47 -62.26
C ASP F 465 -14.07 32.46 -62.66
N PRO F 466 -14.53 31.64 -61.70
CA PRO F 466 -15.56 30.64 -61.99
C PRO F 466 -16.80 31.21 -62.66
N ILE F 467 -17.35 32.30 -62.14
CA ILE F 467 -18.54 32.89 -62.72
C ILE F 467 -18.30 33.42 -64.15
N ASP F 468 -17.22 34.19 -64.32
CA ASP F 468 -16.89 34.77 -65.60
C ASP F 468 -16.94 33.79 -66.74
N LEU F 469 -16.08 32.78 -66.64
CA LEU F 469 -16.01 31.77 -67.68
C LEU F 469 -17.28 30.94 -67.80
N LEU F 470 -17.89 30.59 -66.69
CA LEU F 470 -19.11 29.78 -66.74
C LEU F 470 -20.14 30.51 -67.56
N MET F 471 -20.34 31.79 -67.29
CA MET F 471 -21.33 32.50 -68.07
C MET F 471 -20.83 32.60 -69.51
N LYS F 472 -19.57 32.99 -69.69
CA LYS F 472 -18.99 33.10 -71.02
C LYS F 472 -19.08 31.79 -71.81
N LEU F 473 -19.11 30.66 -71.10
CA LEU F 473 -19.19 29.34 -71.72
C LEU F 473 -20.64 28.94 -71.98
N ARG F 474 -21.49 28.97 -70.96
CA ARG F 474 -22.89 28.58 -71.16
C ARG F 474 -23.53 29.51 -72.19
N SER F 475 -22.79 30.55 -72.56
CA SER F 475 -23.24 31.52 -73.56
C SER F 475 -22.80 31.01 -74.92
N THR F 476 -21.56 30.53 -74.96
CA THR F 476 -21.00 30.00 -76.19
C THR F 476 -21.66 28.66 -76.54
N HIS F 477 -22.72 28.30 -75.83
CA HIS F 477 -23.40 27.05 -76.13
C HIS F 477 -24.72 27.31 -76.79
N GLU F 478 -24.88 28.50 -77.36
CA GLU F 478 -26.10 28.81 -78.05
C GLU F 478 -26.01 28.07 -79.39
N ASN F 479 -24.82 28.19 -80.02
CA ASN F 479 -24.52 27.57 -81.30
C ASN F 479 -24.69 26.04 -81.23
N GLU F 480 -25.80 25.55 -81.76
CA GLU F 480 -26.07 24.11 -81.74
C GLU F 480 -24.87 23.24 -82.13
N ASN F 481 -23.90 23.83 -82.82
CA ASN F 481 -22.72 23.11 -83.28
C ASN F 481 -21.53 23.19 -82.32
N ASN F 482 -21.80 23.41 -81.04
CA ASN F 482 -20.72 23.51 -80.08
C ASN F 482 -20.89 22.53 -78.92
N LYS F 483 -21.92 21.70 -78.97
CA LYS F 483 -22.15 20.75 -77.88
C LYS F 483 -20.86 20.35 -77.16
N TRP F 484 -19.84 19.92 -77.91
CA TRP F 484 -18.56 19.50 -77.32
C TRP F 484 -17.66 20.62 -76.80
N TYR F 485 -18.17 21.85 -76.73
CA TYR F 485 -17.36 22.96 -76.25
C TYR F 485 -17.25 22.99 -74.73
N GLY F 486 -16.05 23.24 -74.25
CA GLY F 486 -15.81 23.31 -72.81
C GLY F 486 -14.80 24.40 -72.52
N ILE F 487 -14.15 24.38 -71.36
CA ILE F 487 -13.16 25.43 -71.08
C ILE F 487 -11.75 24.97 -70.88
N ASP F 488 -10.90 25.28 -71.87
CA ASP F 488 -9.51 24.90 -71.83
C ASP F 488 -8.88 25.49 -70.60
N LEU F 489 -8.52 24.63 -69.65
CA LEU F 489 -7.92 25.07 -68.40
C LEU F 489 -6.47 25.53 -68.48
N TYR F 490 -6.05 26.08 -69.61
CA TYR F 490 -4.68 26.57 -69.72
C TYR F 490 -4.66 27.90 -70.42
N ALA F 491 -5.66 28.15 -71.24
CA ALA F 491 -5.75 29.40 -71.98
C ALA F 491 -6.88 30.28 -71.47
N GLY F 492 -7.80 29.67 -70.73
CA GLY F 492 -8.93 30.42 -70.21
C GLY F 492 -9.85 30.92 -71.30
N GLN F 493 -10.56 30.01 -71.94
CA GLN F 493 -11.46 30.39 -73.00
C GLN F 493 -12.15 29.16 -73.54
N PRO F 494 -13.43 29.30 -73.89
CA PRO F 494 -14.21 28.19 -74.43
C PRO F 494 -13.63 27.68 -75.74
N VAL F 495 -13.42 26.38 -75.84
CA VAL F 495 -12.90 25.78 -77.08
C VAL F 495 -13.55 24.42 -77.26
N ASP F 496 -13.37 23.80 -78.42
CA ASP F 496 -13.97 22.50 -78.62
C ASP F 496 -13.11 21.46 -77.93
N MET F 497 -13.60 20.89 -76.84
CA MET F 497 -12.86 19.88 -76.10
C MET F 497 -12.55 18.67 -76.95
N TRP F 498 -13.57 18.11 -77.59
CA TRP F 498 -13.37 16.94 -78.44
C TRP F 498 -12.18 17.09 -79.40
N GLN F 499 -12.20 18.15 -80.20
CA GLN F 499 -11.13 18.41 -81.14
C GLN F 499 -9.86 18.88 -80.49
N LYS F 500 -9.60 18.36 -79.29
CA LYS F 500 -8.40 18.72 -78.57
C LYS F 500 -7.96 17.54 -77.74
N GLY F 501 -8.53 16.38 -78.03
CA GLY F 501 -8.18 15.15 -77.32
C GLY F 501 -8.53 15.11 -75.84
N VAL F 502 -9.83 15.22 -75.57
CA VAL F 502 -10.33 15.19 -74.21
C VAL F 502 -11.65 14.45 -74.15
N ILE F 503 -11.60 13.12 -74.13
CA ILE F 503 -12.83 12.36 -74.09
C ILE F 503 -12.87 11.44 -72.88
N GLU F 504 -14.08 11.05 -72.52
CA GLU F 504 -14.26 10.18 -71.39
C GLU F 504 -15.40 9.23 -71.65
N PRO F 505 -15.35 8.08 -71.00
CA PRO F 505 -16.33 7.00 -71.08
C PRO F 505 -17.68 7.60 -70.75
N ALA F 506 -18.54 7.75 -71.75
CA ALA F 506 -19.84 8.34 -71.48
C ALA F 506 -20.53 7.58 -70.34
N LEU F 507 -19.96 6.46 -69.90
CA LEU F 507 -20.58 5.72 -68.81
C LEU F 507 -20.01 6.10 -67.45
N VAL F 508 -18.72 6.39 -67.37
CA VAL F 508 -18.13 6.76 -66.08
C VAL F 508 -18.80 8.01 -65.48
N LYS F 509 -18.90 9.07 -66.28
CA LYS F 509 -19.50 10.34 -65.88
C LYS F 509 -21.02 10.29 -65.91
N MET F 510 -21.53 9.09 -66.07
CA MET F 510 -22.95 8.86 -66.15
C MET F 510 -23.37 8.15 -64.88
N ASN F 511 -22.57 7.16 -64.49
CA ASN F 511 -22.84 6.42 -63.28
C ASN F 511 -22.56 7.34 -62.12
N ALA F 512 -21.67 8.31 -62.36
CA ALA F 512 -21.33 9.28 -61.33
C ALA F 512 -22.63 9.97 -60.95
N ILE F 513 -23.34 10.51 -61.95
CA ILE F 513 -24.62 11.18 -61.72
C ILE F 513 -25.64 10.31 -60.97
N LYS F 514 -25.77 9.05 -61.37
CA LYS F 514 -26.71 8.13 -60.72
C LYS F 514 -26.27 8.00 -59.28
N ALA F 515 -24.96 7.85 -59.10
CA ALA F 515 -24.34 7.71 -57.79
C ALA F 515 -24.62 8.92 -56.92
N ALA F 516 -24.10 10.07 -57.33
CA ALA F 516 -24.32 11.30 -56.57
C ALA F 516 -25.79 11.50 -56.17
N THR F 517 -26.70 11.38 -57.13
CA THR F 517 -28.12 11.55 -56.83
C THR F 517 -28.64 10.49 -55.87
N GLU F 518 -28.10 9.29 -55.97
CA GLU F 518 -28.50 8.22 -55.08
C GLU F 518 -28.25 8.68 -53.66
N ALA F 519 -26.98 8.98 -53.40
CA ALA F 519 -26.51 9.45 -52.11
C ALA F 519 -27.26 10.69 -51.68
N ALA F 520 -27.23 11.69 -52.55
CA ALA F 520 -27.89 12.95 -52.27
C ALA F 520 -29.32 12.78 -51.75
N THR F 521 -30.18 12.07 -52.49
CA THR F 521 -31.58 11.84 -52.08
C THR F 521 -31.69 10.93 -50.87
N LEU F 522 -30.68 10.09 -50.67
CA LEU F 522 -30.67 9.19 -49.55
C LEU F 522 -30.48 9.96 -48.24
N VAL F 523 -29.62 10.97 -48.24
CA VAL F 523 -29.41 11.76 -47.05
C VAL F 523 -30.70 12.46 -46.68
N LEU F 524 -31.42 12.96 -47.69
CA LEU F 524 -32.70 13.66 -47.48
C LEU F 524 -33.83 12.73 -47.02
N ARG F 525 -33.75 11.47 -47.42
CA ARG F 525 -34.76 10.48 -47.06
C ARG F 525 -34.72 10.22 -45.56
N ILE F 526 -33.53 10.38 -44.98
CA ILE F 526 -33.26 10.17 -43.55
C ILE F 526 -33.89 11.26 -42.69
N ASP F 527 -34.65 10.83 -41.68
CA ASP F 527 -35.27 11.79 -40.79
C ASP F 527 -34.55 11.89 -39.47
N ASP F 528 -33.93 10.78 -39.07
CA ASP F 528 -33.19 10.74 -37.82
C ASP F 528 -32.32 9.48 -37.72
N VAL F 529 -31.25 9.57 -36.94
CA VAL F 529 -30.31 8.46 -36.73
C VAL F 529 -30.32 8.05 -35.24
N VAL F 530 -30.48 6.75 -34.97
CA VAL F 530 -30.46 6.19 -33.62
C VAL F 530 -29.57 4.94 -33.73
N SER F 531 -28.44 4.96 -33.02
CA SER F 531 -27.46 3.86 -33.04
C SER F 531 -27.40 3.09 -31.72
N ALA F 532 -26.72 1.94 -31.72
CA ALA F 532 -26.58 1.09 -30.53
C ALA F 532 -25.17 1.16 -29.91
N GLY G 28 -53.56 9.44 -9.44
CA GLY G 28 -53.98 10.72 -9.99
C GLY G 28 -53.00 11.25 -11.02
N LYS G 29 -53.16 12.52 -11.37
CA LYS G 29 -52.29 13.16 -12.38
C LYS G 29 -50.78 12.83 -12.21
N GLU G 30 -50.35 12.65 -10.96
CA GLU G 30 -48.96 12.35 -10.62
C GLU G 30 -48.18 11.57 -11.69
N ALA G 31 -48.38 10.26 -11.73
CA ALA G 31 -47.69 9.39 -12.68
C ALA G 31 -48.40 9.29 -14.02
N VAL G 32 -49.72 9.24 -14.02
CA VAL G 32 -50.45 9.14 -15.27
C VAL G 32 -49.89 10.08 -16.33
N ARG G 33 -49.35 11.22 -15.92
CA ARG G 33 -48.80 12.12 -16.91
C ARG G 33 -47.60 11.43 -17.55
N ALA G 34 -46.74 10.85 -16.72
CA ALA G 34 -45.54 10.17 -17.19
C ALA G 34 -45.80 9.13 -18.27
N ASN G 35 -46.65 8.15 -17.98
CA ASN G 35 -46.97 7.11 -18.94
C ASN G 35 -47.37 7.73 -20.26
N ILE G 36 -48.35 8.62 -20.20
CA ILE G 36 -48.80 9.33 -21.40
C ILE G 36 -47.57 9.89 -22.09
N ALA G 37 -46.82 10.70 -21.35
CA ALA G 37 -45.60 11.30 -21.87
C ALA G 37 -44.82 10.26 -22.67
N ALA G 38 -44.44 9.17 -22.02
CA ALA G 38 -43.71 8.09 -22.68
C ALA G 38 -44.36 7.64 -23.98
N VAL G 39 -45.67 7.38 -23.93
CA VAL G 39 -46.39 6.94 -25.12
C VAL G 39 -46.23 7.99 -26.24
N LYS G 40 -46.64 9.23 -25.95
CA LYS G 40 -46.51 10.30 -26.95
C LYS G 40 -45.10 10.23 -27.52
N ALA G 41 -44.14 9.97 -26.63
CA ALA G 41 -42.73 9.86 -27.01
C ALA G 41 -42.52 8.84 -28.12
N VAL G 42 -43.03 7.63 -27.93
CA VAL G 42 -42.90 6.57 -28.92
C VAL G 42 -43.50 7.03 -30.25
N GLU G 43 -44.63 7.72 -30.20
CA GLU G 43 -45.26 8.22 -31.41
C GLU G 43 -44.25 9.12 -32.14
N GLU G 44 -43.67 10.07 -31.40
CA GLU G 44 -42.69 10.99 -31.97
C GLU G 44 -41.51 10.31 -32.61
N ALA G 45 -41.43 9.00 -32.48
CA ALA G 45 -40.32 8.26 -33.06
C ALA G 45 -40.64 7.69 -34.43
N LEU G 46 -41.92 7.47 -34.72
CA LEU G 46 -42.29 6.93 -36.02
C LEU G 46 -43.09 7.92 -36.85
N LYS G 47 -43.84 8.81 -36.21
CA LYS G 47 -44.68 9.77 -36.91
C LYS G 47 -44.16 10.14 -38.30
N SER G 48 -42.91 10.56 -38.38
CA SER G 48 -42.32 10.97 -39.66
C SER G 48 -42.03 9.85 -40.64
N THR G 49 -42.46 8.63 -40.34
CA THR G 49 -42.19 7.50 -41.22
C THR G 49 -43.48 6.82 -41.63
N TYR G 50 -44.60 7.33 -41.13
CA TYR G 50 -45.90 6.77 -41.45
C TYR G 50 -46.13 7.02 -42.92
N GLY G 51 -47.24 6.54 -43.45
CA GLY G 51 -47.50 6.77 -44.85
C GLY G 51 -46.57 6.03 -45.79
N PRO G 52 -46.93 5.96 -47.08
CA PRO G 52 -46.10 5.28 -48.07
C PRO G 52 -44.96 6.14 -48.57
N ARG G 53 -44.99 7.44 -48.27
CA ARG G 53 -43.88 8.28 -48.72
C ARG G 53 -43.28 8.98 -47.51
N GLY G 54 -43.19 8.23 -46.42
CA GLY G 54 -42.63 8.72 -45.18
C GLY G 54 -41.13 8.88 -45.16
N MET G 55 -40.59 9.23 -44.00
CA MET G 55 -39.15 9.42 -43.86
C MET G 55 -38.48 8.13 -43.42
N ASP G 56 -37.16 8.20 -43.33
CA ASP G 56 -36.34 7.08 -42.91
C ASP G 56 -35.48 7.47 -41.73
N LYS G 57 -35.31 6.51 -40.84
CA LYS G 57 -34.50 6.62 -39.62
C LYS G 57 -33.20 5.82 -39.83
N MET G 58 -32.09 6.31 -39.29
CA MET G 58 -30.83 5.63 -39.46
C MET G 58 -30.36 4.93 -38.19
N LEU G 59 -29.79 3.73 -38.35
CA LEU G 59 -29.33 2.96 -37.20
C LEU G 59 -27.90 2.43 -37.34
N VAL G 60 -27.01 2.90 -36.46
CA VAL G 60 -25.64 2.47 -36.50
C VAL G 60 -25.30 1.54 -35.34
N ASP G 61 -25.08 0.28 -35.69
CA ASP G 61 -24.73 -0.75 -34.72
C ASP G 61 -23.46 -0.28 -34.01
N SER G 62 -23.27 -0.77 -32.79
CA SER G 62 -22.10 -0.43 -32.01
C SER G 62 -20.85 -0.98 -32.73
N LEU G 63 -21.04 -2.04 -33.51
CA LEU G 63 -19.97 -2.68 -34.26
C LEU G 63 -19.41 -1.70 -35.31
N GLY G 64 -20.25 -0.77 -35.74
CA GLY G 64 -19.84 0.22 -36.72
C GLY G 64 -20.72 0.24 -37.96
N ASP G 65 -21.38 -0.88 -38.22
CA ASP G 65 -22.28 -1.05 -39.37
C ASP G 65 -23.59 -0.23 -39.25
N ILE G 66 -23.97 0.43 -40.34
CA ILE G 66 -25.17 1.26 -40.38
C ILE G 66 -26.30 0.66 -41.22
N THR G 67 -27.54 0.81 -40.72
CA THR G 67 -28.75 0.31 -41.38
C THR G 67 -29.83 1.38 -41.24
N ILE G 68 -30.28 1.93 -42.35
CA ILE G 68 -31.32 2.97 -42.37
C ILE G 68 -32.63 2.37 -42.83
N THR G 69 -33.70 2.60 -42.07
CA THR G 69 -34.98 2.02 -42.45
C THR G 69 -36.20 2.78 -41.93
N ASN G 70 -37.38 2.27 -42.28
CA ASN G 70 -38.64 2.84 -41.84
C ASN G 70 -39.57 1.68 -41.52
N ASP G 71 -38.99 0.55 -41.13
CA ASP G 71 -39.81 -0.59 -40.77
C ASP G 71 -40.00 -0.46 -39.27
N GLY G 72 -41.26 -0.37 -38.86
CA GLY G 72 -41.57 -0.22 -37.45
C GLY G 72 -40.90 -1.20 -36.51
N ALA G 73 -41.11 -2.50 -36.74
CA ALA G 73 -40.51 -3.50 -35.88
C ALA G 73 -39.06 -3.09 -35.61
N THR G 74 -38.26 -3.01 -36.67
CA THR G 74 -36.86 -2.62 -36.57
C THR G 74 -36.57 -1.32 -35.82
N ILE G 75 -37.40 -0.30 -36.04
CA ILE G 75 -37.24 1.00 -35.38
C ILE G 75 -37.48 0.87 -33.88
N LEU G 76 -38.17 -0.19 -33.47
CA LEU G 76 -38.41 -0.39 -32.06
C LEU G 76 -37.49 -1.49 -31.50
N ASP G 77 -37.18 -2.50 -32.30
CA ASP G 77 -36.29 -3.53 -31.79
C ASP G 77 -34.91 -2.94 -31.59
N LYS G 78 -34.42 -2.26 -32.61
CA LYS G 78 -33.09 -1.67 -32.55
C LYS G 78 -33.05 -0.41 -31.69
N MET G 79 -34.21 0.05 -31.24
CA MET G 79 -34.24 1.25 -30.40
C MET G 79 -34.69 0.90 -29.01
N ASP G 80 -33.77 0.81 -28.07
CA ASP G 80 -34.16 0.44 -26.72
C ASP G 80 -34.85 1.54 -25.97
N LEU G 81 -36.04 1.22 -25.48
CA LEU G 81 -36.83 2.14 -24.69
C LEU G 81 -36.80 1.54 -23.32
N GLN G 82 -36.90 2.40 -22.32
CA GLN G 82 -36.87 1.90 -20.98
C GLN G 82 -38.20 2.08 -20.25
N HIS G 83 -38.76 3.29 -20.22
CA HIS G 83 -40.01 3.49 -19.50
C HIS G 83 -40.98 2.33 -19.71
N PRO G 84 -41.56 1.80 -18.62
CA PRO G 84 -42.49 0.66 -18.65
C PRO G 84 -43.66 0.84 -19.60
N ALA G 85 -44.32 1.99 -19.52
CA ALA G 85 -45.46 2.26 -20.38
C ALA G 85 -45.07 1.90 -21.81
N ALA G 86 -43.96 2.47 -22.28
CA ALA G 86 -43.47 2.23 -23.63
C ALA G 86 -43.30 0.75 -23.97
N LYS G 87 -42.58 -0.01 -23.14
CA LYS G 87 -42.39 -1.43 -23.41
C LYS G 87 -43.76 -2.09 -23.50
N LEU G 88 -44.69 -1.54 -22.73
CA LEU G 88 -46.07 -2.03 -22.66
C LEU G 88 -46.83 -1.74 -23.95
N LEU G 89 -46.62 -0.54 -24.50
CA LEU G 89 -47.25 -0.16 -25.75
C LEU G 89 -46.73 -1.07 -26.87
N VAL G 90 -45.41 -1.08 -27.08
CA VAL G 90 -44.79 -1.90 -28.11
C VAL G 90 -45.10 -3.38 -27.97
N GLN G 91 -45.27 -3.85 -26.74
CA GLN G 91 -45.58 -5.27 -26.51
C GLN G 91 -46.91 -5.58 -27.17
N ILE G 92 -47.83 -4.64 -27.05
CA ILE G 92 -49.15 -4.80 -27.64
C ILE G 92 -49.06 -4.58 -29.14
N ALA G 93 -48.27 -3.60 -29.54
CA ALA G 93 -48.12 -3.29 -30.95
C ALA G 93 -47.43 -4.40 -31.77
N LYS G 94 -46.17 -4.71 -31.45
CA LYS G 94 -45.45 -5.76 -32.19
C LYS G 94 -46.21 -7.07 -32.09
N GLY G 95 -46.33 -7.58 -30.87
CA GLY G 95 -47.06 -8.82 -30.68
C GLY G 95 -48.53 -8.51 -30.87
N GLN G 96 -48.85 -7.95 -32.03
CA GLN G 96 -50.23 -7.60 -32.34
C GLN G 96 -51.07 -8.86 -32.39
N ASP G 97 -52.07 -8.84 -33.25
CA ASP G 97 -53.00 -9.95 -33.40
C ASP G 97 -52.76 -10.89 -34.60
N GLU G 98 -51.74 -10.63 -35.43
CA GLU G 98 -51.52 -11.53 -36.58
C GLU G 98 -50.12 -11.64 -37.21
N GLU G 99 -50.09 -12.16 -38.44
CA GLU G 99 -48.87 -12.38 -39.21
C GLU G 99 -48.07 -11.10 -39.46
N THR G 100 -48.24 -10.55 -40.64
CA THR G 100 -47.58 -9.33 -41.09
C THR G 100 -47.25 -8.30 -39.98
N ALA G 101 -46.13 -7.61 -40.15
CA ALA G 101 -45.69 -6.61 -39.21
C ALA G 101 -46.41 -5.30 -39.48
N ASP G 102 -47.13 -5.22 -40.60
CA ASP G 102 -47.84 -4.01 -40.97
C ASP G 102 -48.90 -3.58 -39.97
N GLY G 103 -49.13 -2.27 -39.93
CA GLY G 103 -50.15 -1.76 -39.05
C GLY G 103 -49.67 -1.64 -37.63
N THR G 104 -48.54 -2.26 -37.29
CA THR G 104 -48.03 -2.14 -35.92
C THR G 104 -47.63 -0.68 -35.83
N LYS G 105 -47.13 -0.16 -36.95
CA LYS G 105 -46.74 1.23 -36.96
C LYS G 105 -48.00 2.09 -36.75
N THR G 106 -49.13 1.66 -37.30
CA THR G 106 -50.39 2.39 -37.12
C THR G 106 -50.80 2.21 -35.67
N ALA G 107 -51.00 0.95 -35.27
CA ALA G 107 -51.41 0.62 -33.92
C ALA G 107 -50.77 1.56 -32.90
N VAL G 108 -49.45 1.77 -33.01
CA VAL G 108 -48.79 2.65 -32.05
C VAL G 108 -49.13 4.14 -32.29
N ILE G 109 -48.96 4.67 -33.50
CA ILE G 109 -49.28 6.09 -33.75
C ILE G 109 -50.68 6.44 -33.28
N PHE G 110 -51.67 5.72 -33.81
CA PHE G 110 -53.06 5.94 -33.45
C PHE G 110 -53.19 5.80 -31.94
N SER G 111 -52.45 4.86 -31.39
CA SER G 111 -52.45 4.61 -29.96
C SER G 111 -52.11 5.88 -29.22
N GLY G 112 -50.95 6.43 -29.53
CA GLY G 112 -50.52 7.63 -28.89
C GLY G 112 -51.41 8.81 -29.20
N GLU G 113 -52.07 8.81 -30.33
CA GLU G 113 -52.93 9.93 -30.64
C GLU G 113 -54.15 9.98 -29.74
N LEU G 114 -54.69 8.79 -29.42
CA LEU G 114 -55.85 8.68 -28.52
C LEU G 114 -55.41 9.21 -27.18
N VAL G 115 -54.19 8.85 -26.79
CA VAL G 115 -53.64 9.30 -25.53
C VAL G 115 -53.58 10.82 -25.54
N LYS G 116 -53.03 11.39 -26.60
CA LYS G 116 -52.96 12.83 -26.66
C LYS G 116 -54.34 13.42 -26.50
N LYS G 117 -55.21 13.13 -27.47
CA LYS G 117 -56.57 13.66 -27.46
C LYS G 117 -57.32 13.34 -26.17
N ALA G 118 -56.91 12.27 -25.47
CA ALA G 118 -57.55 11.89 -24.20
C ALA G 118 -57.02 12.77 -23.10
N GLU G 119 -55.78 13.20 -23.25
CA GLU G 119 -55.18 14.06 -22.27
C GLU G 119 -56.00 15.33 -22.15
N ASP G 120 -56.47 15.83 -23.28
CA ASP G 120 -57.27 17.06 -23.28
C ASP G 120 -58.55 16.90 -22.49
N LEU G 121 -59.01 15.65 -22.36
CA LEU G 121 -60.25 15.37 -21.63
C LEU G 121 -59.98 15.44 -20.14
N LEU G 122 -58.83 14.92 -19.72
CA LEU G 122 -58.45 14.97 -18.30
C LEU G 122 -58.31 16.44 -17.91
N TYR G 123 -57.83 17.26 -18.84
CA TYR G 123 -57.64 18.67 -18.55
C TYR G 123 -59.00 19.24 -18.19
N LYS G 124 -60.02 18.78 -18.90
CA LYS G 124 -61.40 19.23 -18.65
C LYS G 124 -61.96 18.54 -17.42
N ASP G 125 -61.13 17.76 -16.75
CA ASP G 125 -61.56 17.09 -15.54
C ASP G 125 -62.68 16.04 -15.72
N VAL G 126 -62.44 15.04 -16.57
CA VAL G 126 -63.40 13.95 -16.78
C VAL G 126 -62.68 12.67 -16.35
N HIS G 127 -63.16 12.01 -15.29
CA HIS G 127 -62.50 10.78 -14.81
C HIS G 127 -62.06 9.88 -15.95
N PRO G 128 -60.83 9.38 -15.89
CA PRO G 128 -60.33 8.50 -16.96
C PRO G 128 -61.19 7.26 -17.17
N THR G 129 -61.91 6.83 -16.14
CA THR G 129 -62.76 5.66 -16.26
C THR G 129 -63.80 5.90 -17.32
N ILE G 130 -64.21 7.16 -17.46
CA ILE G 130 -65.21 7.54 -18.44
C ILE G 130 -64.61 7.57 -19.85
N ILE G 131 -63.44 8.18 -20.00
CA ILE G 131 -62.77 8.24 -21.29
C ILE G 131 -62.57 6.83 -21.83
N ILE G 132 -62.46 5.86 -20.92
CA ILE G 132 -62.27 4.46 -21.27
C ILE G 132 -63.51 3.89 -21.94
N SER G 133 -64.64 4.02 -21.24
CA SER G 133 -65.92 3.55 -21.75
C SER G 133 -66.20 4.26 -23.05
N GLY G 134 -65.89 5.55 -23.07
CA GLY G 134 -66.12 6.34 -24.26
C GLY G 134 -65.41 5.66 -25.42
N TYR G 135 -64.12 5.44 -25.25
CA TYR G 135 -63.31 4.80 -26.29
C TYR G 135 -63.80 3.39 -26.66
N LYS G 136 -64.17 2.60 -25.66
CA LYS G 136 -64.66 1.25 -25.93
C LYS G 136 -65.82 1.30 -26.90
N LYS G 137 -66.88 1.99 -26.50
CA LYS G 137 -68.07 2.11 -27.33
C LYS G 137 -67.72 2.65 -28.73
N ALA G 138 -66.76 3.57 -28.80
CA ALA G 138 -66.34 4.15 -30.08
C ALA G 138 -65.62 3.08 -30.87
N GLU G 139 -64.82 2.28 -30.18
CA GLU G 139 -64.08 1.21 -30.84
C GLU G 139 -65.09 0.26 -31.48
N GLU G 140 -66.09 -0.17 -30.71
CA GLU G 140 -67.11 -1.06 -31.24
C GLU G 140 -67.53 -0.64 -32.62
N VAL G 141 -68.17 0.51 -32.67
CA VAL G 141 -68.66 1.10 -33.91
C VAL G 141 -67.58 1.25 -34.96
N ALA G 142 -66.50 1.89 -34.54
CA ALA G 142 -65.39 2.11 -35.45
C ALA G 142 -65.06 0.79 -36.12
N LEU G 143 -65.17 -0.29 -35.35
CA LEU G 143 -64.85 -1.61 -35.84
C LEU G 143 -65.88 -2.17 -36.85
N GLN G 144 -67.12 -2.38 -36.42
CA GLN G 144 -68.15 -2.92 -37.33
C GLN G 144 -68.30 -2.07 -38.58
N THR G 145 -67.94 -0.79 -38.48
CA THR G 145 -68.06 0.12 -39.62
C THR G 145 -67.13 -0.31 -40.74
N ILE G 146 -66.18 -1.18 -40.41
CA ILE G 146 -65.24 -1.68 -41.40
C ILE G 146 -65.85 -2.97 -41.95
N GLN G 147 -66.46 -3.77 -41.07
CA GLN G 147 -67.09 -5.01 -41.50
C GLN G 147 -68.19 -4.72 -42.50
N GLU G 148 -69.23 -4.03 -42.03
CA GLU G 148 -70.35 -3.67 -42.88
C GLU G 148 -69.94 -2.60 -43.88
N LEU G 149 -68.78 -2.80 -44.50
CA LEU G 149 -68.27 -1.83 -45.46
C LEU G 149 -67.15 -2.46 -46.29
N ALA G 150 -66.48 -3.46 -45.70
CA ALA G 150 -65.38 -4.16 -46.36
C ALA G 150 -65.90 -4.89 -47.58
N GLN G 151 -65.03 -5.12 -48.54
CA GLN G 151 -65.46 -5.85 -49.72
C GLN G 151 -64.86 -7.26 -49.76
N THR G 152 -65.68 -8.20 -50.23
CA THR G 152 -65.32 -9.62 -50.32
C THR G 152 -64.28 -9.95 -51.39
N VAL G 153 -63.10 -10.36 -50.94
CA VAL G 153 -62.03 -10.72 -51.85
C VAL G 153 -61.77 -12.23 -51.83
N SER G 154 -61.69 -12.84 -53.01
CA SER G 154 -61.46 -14.28 -53.11
C SER G 154 -60.16 -14.57 -53.86
N ILE G 155 -59.41 -15.55 -53.35
CA ILE G 155 -58.12 -15.96 -53.92
C ILE G 155 -58.13 -16.29 -55.42
N ASN G 156 -59.34 -16.38 -55.98
CA ASN G 156 -59.50 -16.67 -57.40
C ASN G 156 -59.01 -15.43 -58.13
N ASP G 157 -59.50 -14.27 -57.70
CA ASP G 157 -59.12 -13.03 -58.32
C ASP G 157 -57.65 -12.74 -58.08
N THR G 158 -56.83 -13.20 -59.03
CA THR G 158 -55.39 -13.02 -58.95
C THR G 158 -54.94 -11.63 -59.34
N ASP G 159 -55.76 -10.93 -60.13
CA ASP G 159 -55.39 -9.60 -60.59
C ASP G 159 -55.52 -8.53 -59.48
N LEU G 160 -56.13 -8.92 -58.36
CA LEU G 160 -56.34 -8.02 -57.23
C LEU G 160 -55.18 -8.05 -56.26
N LEU G 161 -54.76 -9.25 -55.88
CA LEU G 161 -53.64 -9.42 -54.97
C LEU G 161 -52.39 -8.79 -55.58
N ARG G 162 -52.36 -8.72 -56.91
CA ARG G 162 -51.24 -8.12 -57.62
C ARG G 162 -51.07 -6.68 -57.06
N LYS G 163 -52.18 -6.07 -56.66
CA LYS G 163 -52.16 -4.72 -56.11
C LYS G 163 -51.88 -4.77 -54.62
N ILE G 164 -52.77 -5.39 -53.85
CA ILE G 164 -52.61 -5.51 -52.40
C ILE G 164 -51.16 -5.75 -52.00
N ALA G 165 -50.41 -6.45 -52.85
CA ALA G 165 -49.02 -6.74 -52.58
C ALA G 165 -48.20 -5.46 -52.66
N MET G 166 -48.38 -4.70 -53.73
CA MET G 166 -47.65 -3.47 -53.88
C MET G 166 -48.04 -2.46 -52.79
N THR G 167 -49.33 -2.41 -52.46
CA THR G 167 -49.83 -1.51 -51.42
C THR G 167 -49.07 -1.72 -50.11
N SER G 168 -48.31 -2.82 -50.03
CA SER G 168 -47.53 -3.14 -48.83
C SER G 168 -46.03 -2.94 -49.01
N LEU G 169 -45.48 -3.56 -50.05
CA LEU G 169 -44.06 -3.44 -50.29
C LEU G 169 -43.64 -2.10 -50.91
N SER G 170 -44.50 -1.47 -51.72
CA SER G 170 -44.13 -0.19 -52.33
C SER G 170 -43.77 0.84 -51.24
N SER G 171 -44.23 0.57 -50.01
CA SER G 171 -44.00 1.42 -48.85
C SER G 171 -42.53 1.49 -48.41
N LYS G 172 -41.77 0.40 -48.58
CA LYS G 172 -40.37 0.35 -48.16
C LYS G 172 -39.38 1.03 -49.13
N ALA G 173 -38.13 1.11 -48.68
CA ALA G 173 -37.07 1.74 -49.45
C ALA G 173 -37.09 1.28 -50.90
N VAL G 174 -36.85 -0.02 -51.12
CA VAL G 174 -36.82 -0.60 -52.48
C VAL G 174 -38.11 -0.51 -53.31
N ALA G 175 -38.22 0.59 -54.07
CA ALA G 175 -39.40 0.85 -54.91
C ALA G 175 -39.10 0.75 -56.42
N GLY G 176 -37.90 0.31 -56.78
CA GLY G 176 -37.59 0.15 -58.18
C GLY G 176 -38.34 -1.10 -58.61
N ALA G 177 -38.80 -1.14 -59.86
CA ALA G 177 -39.55 -2.28 -60.42
C ALA G 177 -40.12 -3.28 -59.39
N ARG G 178 -41.08 -2.80 -58.58
CA ARG G 178 -41.73 -3.59 -57.54
C ARG G 178 -42.74 -4.59 -58.12
N GLU G 179 -43.30 -4.26 -59.28
CA GLU G 179 -44.26 -5.12 -59.96
C GLU G 179 -43.66 -6.53 -60.05
N TYR G 180 -42.35 -6.57 -60.31
CA TYR G 180 -41.57 -7.80 -60.44
C TYR G 180 -41.71 -8.61 -59.13
N ILE G 181 -41.39 -7.96 -58.00
CA ILE G 181 -41.47 -8.59 -56.67
C ILE G 181 -42.90 -8.85 -56.26
N ALA G 182 -43.74 -7.86 -56.53
CA ALA G 182 -45.16 -7.91 -56.20
C ALA G 182 -45.77 -9.15 -56.81
N ASP G 183 -45.58 -9.30 -58.11
CA ASP G 183 -46.13 -10.44 -58.81
C ASP G 183 -45.69 -11.75 -58.16
N ILE G 184 -44.39 -11.87 -57.89
CA ILE G 184 -43.80 -13.05 -57.28
C ILE G 184 -44.56 -13.42 -56.00
N VAL G 185 -44.61 -12.45 -55.10
CA VAL G 185 -45.27 -12.59 -53.80
C VAL G 185 -46.65 -13.26 -53.90
N VAL G 186 -47.42 -12.87 -54.92
CA VAL G 186 -48.76 -13.41 -55.15
C VAL G 186 -48.69 -14.90 -55.46
N LYS G 187 -47.89 -15.25 -56.47
CA LYS G 187 -47.76 -16.64 -56.86
C LYS G 187 -47.24 -17.48 -55.68
N ALA G 188 -46.27 -16.94 -54.95
CA ALA G 188 -45.66 -17.62 -53.80
C ALA G 188 -46.63 -18.06 -52.71
N VAL G 189 -47.63 -17.24 -52.44
CA VAL G 189 -48.61 -17.56 -51.41
C VAL G 189 -49.68 -18.51 -51.94
N THR G 190 -50.31 -18.13 -53.05
CA THR G 190 -51.35 -18.97 -53.66
C THR G 190 -50.79 -20.38 -53.81
N GLN G 191 -49.47 -20.49 -53.89
CA GLN G 191 -48.81 -21.79 -54.04
C GLN G 191 -48.91 -22.64 -52.77
N VAL G 192 -48.78 -22.00 -51.61
CA VAL G 192 -48.83 -22.73 -50.34
C VAL G 192 -50.22 -22.88 -49.72
N ALA G 193 -51.11 -21.95 -50.07
CA ALA G 193 -52.47 -21.97 -49.55
C ALA G 193 -53.10 -23.36 -49.58
N GLU G 194 -54.07 -23.60 -48.70
CA GLU G 194 -54.79 -24.89 -48.63
C GLU G 194 -56.22 -24.65 -48.17
N LEU G 195 -57.06 -25.68 -48.21
CA LEU G 195 -58.45 -25.56 -47.79
C LEU G 195 -58.83 -26.65 -46.79
N ARG G 196 -58.16 -26.68 -45.63
CA ARG G 196 -58.42 -27.66 -44.58
C ARG G 196 -59.84 -27.53 -43.98
N GLY G 197 -60.82 -28.06 -44.71
CA GLY G 197 -62.21 -27.99 -44.29
C GLY G 197 -62.80 -26.60 -44.57
N ASP G 198 -62.93 -26.25 -45.85
CA ASP G 198 -63.46 -24.95 -46.31
C ASP G 198 -62.95 -23.75 -45.51
N LYS G 199 -61.84 -23.95 -44.79
CA LYS G 199 -61.22 -22.92 -43.95
C LYS G 199 -59.71 -22.86 -44.28
N TRP G 200 -59.35 -21.96 -45.23
CA TRP G 200 -57.95 -21.80 -45.64
C TRP G 200 -56.94 -21.75 -44.52
N TYR G 201 -55.71 -22.16 -44.81
CA TYR G 201 -54.63 -22.13 -43.83
C TYR G 201 -53.28 -22.01 -44.56
N VAL G 202 -52.74 -20.81 -44.62
CA VAL G 202 -51.45 -20.56 -45.27
C VAL G 202 -50.35 -20.60 -44.22
N ASP G 203 -49.42 -21.55 -44.37
CA ASP G 203 -48.33 -21.67 -43.42
C ASP G 203 -47.09 -21.10 -44.09
N LEU G 204 -46.67 -19.91 -43.67
CA LEU G 204 -45.51 -19.24 -44.25
C LEU G 204 -44.22 -20.07 -44.24
N ASP G 205 -44.07 -20.93 -43.24
CA ASP G 205 -42.88 -21.76 -43.13
C ASP G 205 -42.60 -22.59 -44.40
N ASN G 206 -43.63 -22.78 -45.21
CA ASN G 206 -43.51 -23.54 -46.46
C ASN G 206 -42.81 -22.73 -47.55
N ILE G 207 -42.18 -21.62 -47.15
CA ILE G 207 -41.47 -20.76 -48.08
C ILE G 207 -40.12 -20.36 -47.49
N GLN G 208 -39.04 -20.65 -48.21
CA GLN G 208 -37.72 -20.31 -47.72
C GLN G 208 -37.25 -19.05 -48.43
N ILE G 209 -36.45 -18.25 -47.73
CA ILE G 209 -35.93 -17.01 -48.26
C ILE G 209 -34.41 -16.94 -48.08
N VAL G 210 -33.69 -17.02 -49.19
CA VAL G 210 -32.23 -16.97 -49.19
C VAL G 210 -31.74 -15.76 -49.95
N LYS G 211 -30.67 -15.13 -49.48
CA LYS G 211 -30.15 -13.93 -50.13
C LYS G 211 -28.62 -13.83 -50.25
N LYS G 212 -28.15 -13.41 -51.43
CA LYS G 212 -26.72 -13.21 -51.70
C LYS G 212 -26.54 -12.06 -52.70
N ALA G 213 -25.66 -11.12 -52.33
CA ALA G 213 -25.35 -9.94 -53.15
C ALA G 213 -25.26 -10.27 -54.65
N GLY G 214 -25.11 -9.24 -55.48
CA GLY G 214 -25.00 -9.49 -56.91
C GLY G 214 -26.03 -8.76 -57.75
N GLY G 215 -25.56 -8.10 -58.81
CA GLY G 215 -26.43 -7.37 -59.71
C GLY G 215 -27.52 -6.59 -58.99
N SER G 216 -28.62 -6.34 -59.70
CA SER G 216 -29.75 -5.60 -59.13
C SER G 216 -30.79 -6.54 -58.52
N ILE G 217 -31.90 -5.97 -58.05
CA ILE G 217 -32.94 -6.79 -57.44
C ILE G 217 -33.74 -7.56 -58.51
N ASN G 218 -33.69 -7.09 -59.75
CA ASN G 218 -34.39 -7.76 -60.85
C ASN G 218 -33.79 -9.11 -61.11
N ASP G 219 -32.60 -9.34 -60.57
CA ASP G 219 -31.88 -10.61 -60.72
C ASP G 219 -32.29 -11.63 -59.65
N THR G 220 -33.41 -11.36 -58.99
CA THR G 220 -33.93 -12.25 -57.95
C THR G 220 -35.02 -13.12 -58.57
N GLN G 221 -35.19 -14.34 -58.10
CA GLN G 221 -36.22 -15.20 -58.65
C GLN G 221 -36.69 -16.21 -57.61
N LEU G 222 -37.84 -16.83 -57.87
CA LEU G 222 -38.42 -17.84 -56.98
C LEU G 222 -38.20 -19.23 -57.56
N VAL G 223 -37.79 -20.16 -56.71
CA VAL G 223 -37.53 -21.54 -57.12
C VAL G 223 -38.61 -22.46 -56.57
N TYR G 224 -39.13 -23.35 -57.42
CA TYR G 224 -40.18 -24.27 -56.98
C TYR G 224 -39.68 -25.46 -56.18
N GLY G 225 -38.90 -25.15 -55.15
CA GLY G 225 -38.34 -26.15 -54.28
C GLY G 225 -37.35 -25.44 -53.38
N ILE G 226 -36.78 -26.17 -52.42
CA ILE G 226 -35.82 -25.62 -51.47
C ILE G 226 -34.47 -25.26 -52.15
N VAL G 227 -33.79 -24.24 -51.62
CA VAL G 227 -32.50 -23.82 -52.17
C VAL G 227 -31.46 -23.67 -51.07
N VAL G 228 -30.42 -24.49 -51.10
CA VAL G 228 -29.37 -24.45 -50.08
C VAL G 228 -28.14 -23.60 -50.43
N ASP G 229 -27.92 -22.53 -49.67
CA ASP G 229 -26.77 -21.67 -49.91
C ASP G 229 -25.49 -22.22 -49.26
N LYS G 230 -24.80 -23.10 -49.97
CA LYS G 230 -23.53 -23.67 -49.53
C LYS G 230 -23.01 -24.55 -50.68
N GLU G 231 -21.81 -24.23 -51.15
CA GLU G 231 -21.15 -24.95 -52.24
C GLU G 231 -20.96 -26.44 -51.88
N VAL G 232 -20.90 -27.33 -52.88
CA VAL G 232 -20.70 -28.77 -52.62
C VAL G 232 -19.39 -28.97 -51.87
N VAL G 233 -19.23 -30.14 -51.27
CA VAL G 233 -18.04 -30.42 -50.49
C VAL G 233 -16.80 -30.79 -51.29
N HIS G 234 -16.95 -31.60 -52.33
CA HIS G 234 -15.79 -32.01 -53.12
C HIS G 234 -16.07 -31.86 -54.62
N PRO G 235 -15.06 -31.43 -55.41
CA PRO G 235 -15.24 -31.25 -56.86
C PRO G 235 -15.44 -32.56 -57.62
N GLY G 236 -15.02 -33.67 -57.01
CA GLY G 236 -15.18 -34.96 -57.65
C GLY G 236 -16.53 -35.59 -57.40
N MET G 237 -17.57 -34.79 -57.20
CA MET G 237 -18.90 -35.33 -56.94
C MET G 237 -19.90 -34.93 -58.01
N PRO G 238 -20.95 -35.74 -58.16
CA PRO G 238 -21.99 -35.47 -59.15
C PRO G 238 -22.63 -34.10 -58.88
N LYS G 239 -22.46 -33.18 -59.81
CA LYS G 239 -23.03 -31.84 -59.68
C LYS G 239 -24.43 -31.76 -60.32
N ARG G 240 -25.09 -32.90 -60.51
CA ARG G 240 -26.42 -32.93 -61.13
C ARG G 240 -26.96 -34.36 -61.10
N LEU G 241 -27.89 -34.67 -60.19
CA LEU G 241 -28.46 -36.03 -60.13
C LEU G 241 -29.92 -36.10 -60.59
N GLU G 242 -30.25 -37.12 -61.38
CA GLU G 242 -31.62 -37.29 -61.86
C GLU G 242 -32.36 -38.11 -60.82
N ASN G 243 -33.57 -37.70 -60.48
CA ASN G 243 -34.34 -38.43 -59.49
C ASN G 243 -33.47 -38.72 -58.25
N ALA G 244 -33.32 -37.74 -57.38
CA ALA G 244 -32.49 -37.91 -56.19
C ALA G 244 -33.26 -38.44 -54.99
N LYS G 245 -32.52 -38.96 -54.01
CA LYS G 245 -33.11 -39.51 -52.80
C LYS G 245 -32.33 -38.93 -51.61
N ILE G 246 -32.65 -37.69 -51.27
CA ILE G 246 -32.00 -36.96 -50.19
C ILE G 246 -31.95 -37.65 -48.84
N ALA G 247 -30.82 -37.49 -48.16
CA ALA G 247 -30.61 -38.08 -46.83
C ALA G 247 -30.18 -36.99 -45.83
N LEU G 248 -31.16 -36.46 -45.09
CA LEU G 248 -30.92 -35.41 -44.10
C LEU G 248 -30.23 -35.97 -42.87
N ILE G 249 -28.91 -36.01 -42.91
CA ILE G 249 -28.16 -36.55 -41.79
C ILE G 249 -27.62 -35.51 -40.84
N ASP G 250 -28.24 -35.40 -39.67
CA ASP G 250 -27.80 -34.44 -38.69
C ASP G 250 -26.98 -35.09 -37.58
N ALA G 251 -25.66 -35.02 -37.73
CA ALA G 251 -24.74 -35.57 -36.75
C ALA G 251 -23.29 -35.48 -37.25
N SER G 252 -22.36 -35.75 -36.34
CA SER G 252 -20.93 -35.71 -36.61
C SER G 252 -20.49 -36.71 -37.69
N LEU G 253 -19.80 -36.21 -38.71
CA LEU G 253 -19.34 -37.06 -39.81
C LEU G 253 -17.88 -36.81 -40.20
N GLU G 254 -16.98 -36.95 -39.24
CA GLU G 254 -15.56 -36.71 -39.45
C GLU G 254 -14.73 -37.71 -38.64
N VAL G 255 -13.50 -37.98 -39.06
CA VAL G 255 -12.67 -38.91 -38.29
C VAL G 255 -12.76 -38.59 -36.82
N GLU G 256 -12.88 -39.62 -35.98
CA GLU G 256 -12.98 -39.42 -34.53
C GLU G 256 -11.58 -39.05 -33.94
N LYS G 257 -11.50 -37.89 -33.30
CA LYS G 257 -10.27 -37.55 -32.64
C LYS G 257 -10.25 -38.72 -31.69
N PRO G 258 -9.09 -39.37 -31.60
CA PRO G 258 -8.94 -40.52 -30.72
C PRO G 258 -8.11 -40.20 -29.48
N GLU G 259 -7.64 -38.96 -29.39
CA GLU G 259 -6.83 -38.56 -28.24
C GLU G 259 -7.58 -38.59 -26.93
N LEU G 260 -8.82 -38.10 -26.94
CA LEU G 260 -9.62 -38.08 -25.72
C LEU G 260 -9.89 -39.51 -25.26
N ASP G 261 -10.18 -40.39 -26.20
CA ASP G 261 -10.44 -41.78 -25.89
C ASP G 261 -9.19 -42.45 -25.34
N ALA G 262 -8.04 -42.12 -25.94
CA ALA G 262 -6.78 -42.71 -25.51
C ALA G 262 -5.56 -41.80 -25.68
N GLU G 263 -4.52 -42.11 -24.91
CA GLU G 263 -3.26 -41.40 -24.91
C GLU G 263 -2.42 -42.66 -25.06
N ILE G 264 -1.46 -42.70 -25.97
CA ILE G 264 -0.72 -43.94 -26.10
C ILE G 264 0.65 -43.76 -26.69
N ARG G 265 1.50 -44.78 -26.58
CA ARG G 265 2.83 -44.56 -27.18
C ARG G 265 2.83 -45.30 -28.54
N ILE G 266 4.00 -45.38 -29.18
CA ILE G 266 4.16 -46.08 -30.47
C ILE G 266 5.64 -46.43 -30.69
N ASN G 267 5.86 -47.57 -31.37
CA ASN G 267 7.19 -48.07 -31.63
C ASN G 267 7.59 -48.08 -33.12
N ASP G 268 7.18 -49.16 -33.79
CA ASP G 268 7.42 -49.45 -35.21
C ASP G 268 6.24 -49.00 -36.12
N PRO G 269 6.50 -48.84 -37.44
CA PRO G 269 5.54 -48.42 -38.49
C PRO G 269 4.44 -49.44 -38.80
N THR G 270 4.66 -50.67 -38.36
CA THR G 270 3.72 -51.75 -38.55
C THR G 270 2.42 -51.40 -37.80
N GLN G 271 2.60 -50.77 -36.63
CA GLN G 271 1.52 -50.33 -35.73
C GLN G 271 0.76 -49.15 -36.31
N MET G 272 1.51 -48.25 -36.95
CA MET G 272 0.97 -47.04 -37.57
C MET G 272 -0.16 -47.39 -38.54
N GLN G 273 0.21 -48.10 -39.60
CA GLN G 273 -0.73 -48.51 -40.63
C GLN G 273 -2.04 -49.00 -40.07
N LYS G 274 -2.02 -50.17 -39.42
CA LYS G 274 -3.25 -50.72 -38.87
C LYS G 274 -3.98 -49.74 -37.95
N PHE G 275 -3.33 -48.66 -37.57
CA PHE G 275 -3.97 -47.65 -36.72
C PHE G 275 -4.82 -46.68 -37.54
N LEU G 276 -4.19 -46.01 -38.50
CA LEU G 276 -4.87 -45.05 -39.37
C LEU G 276 -5.77 -45.73 -40.38
N ASP G 277 -5.52 -47.00 -40.64
CA ASP G 277 -6.31 -47.75 -41.60
C ASP G 277 -7.69 -48.05 -41.04
N GLU G 278 -7.73 -48.69 -39.88
CA GLU G 278 -9.02 -49.03 -39.28
C GLU G 278 -9.75 -47.75 -38.82
N GLU G 279 -8.99 -46.74 -38.43
CA GLU G 279 -9.55 -45.46 -37.98
C GLU G 279 -10.22 -44.73 -39.15
N GLU G 280 -9.71 -44.99 -40.34
CA GLU G 280 -10.24 -44.41 -41.59
C GLU G 280 -11.46 -45.24 -41.98
N ASN G 281 -11.39 -46.52 -41.68
CA ASN G 281 -12.49 -47.44 -41.98
C ASN G 281 -13.67 -47.24 -41.00
N LEU G 282 -13.40 -46.53 -39.91
CA LEU G 282 -14.42 -46.27 -38.90
C LEU G 282 -15.47 -45.27 -39.43
N ILE G 283 -15.00 -44.26 -40.17
CA ILE G 283 -15.85 -43.22 -40.74
C ILE G 283 -16.59 -43.76 -41.96
N LYS G 284 -15.89 -44.59 -42.72
CA LYS G 284 -16.46 -45.22 -43.92
C LYS G 284 -17.65 -46.07 -43.47
N GLU G 285 -17.61 -46.49 -42.20
CA GLU G 285 -18.70 -47.29 -41.64
C GLU G 285 -19.96 -46.45 -41.59
N LYS G 286 -19.87 -45.30 -40.93
CA LYS G 286 -21.01 -44.43 -40.84
C LYS G 286 -21.53 -44.16 -42.25
N VAL G 287 -20.61 -43.88 -43.18
CA VAL G 287 -20.99 -43.62 -44.57
C VAL G 287 -21.78 -44.77 -45.23
N ASP G 288 -21.28 -46.00 -45.10
CA ASP G 288 -21.95 -47.16 -45.69
C ASP G 288 -23.28 -47.42 -44.98
N LYS G 289 -23.31 -47.16 -43.68
CA LYS G 289 -24.50 -47.38 -42.86
C LYS G 289 -25.62 -46.44 -43.28
N ILE G 290 -25.23 -45.32 -43.88
CA ILE G 290 -26.15 -44.30 -44.38
C ILE G 290 -26.55 -44.63 -45.82
N LEU G 291 -25.55 -45.00 -46.62
CA LEU G 291 -25.78 -45.38 -48.01
C LEU G 291 -26.58 -46.69 -47.99
N ALA G 292 -26.71 -47.28 -46.80
CA ALA G 292 -27.46 -48.53 -46.59
C ALA G 292 -28.91 -48.36 -47.00
N THR G 293 -29.30 -47.10 -47.16
CA THR G 293 -30.65 -46.75 -47.57
C THR G 293 -30.59 -46.47 -49.07
N GLY G 294 -29.38 -46.20 -49.53
CA GLY G 294 -29.17 -45.90 -50.93
C GLY G 294 -29.70 -44.52 -51.27
N ALA G 295 -28.92 -43.50 -50.91
CA ALA G 295 -29.33 -42.13 -51.17
C ALA G 295 -28.41 -41.51 -52.23
N ASN G 296 -28.98 -40.73 -53.13
CA ASN G 296 -28.20 -40.10 -54.19
C ASN G 296 -27.43 -38.92 -53.63
N VAL G 297 -28.03 -38.27 -52.65
CA VAL G 297 -27.44 -37.11 -52.04
C VAL G 297 -27.60 -37.19 -50.52
N ILE G 298 -26.65 -36.59 -49.82
CA ILE G 298 -26.61 -36.58 -48.36
C ILE G 298 -26.02 -35.23 -47.86
N ILE G 299 -26.79 -34.48 -47.08
CA ILE G 299 -26.34 -33.18 -46.54
C ILE G 299 -26.49 -33.17 -45.02
N CYS G 300 -25.56 -32.52 -44.31
CA CYS G 300 -25.64 -32.46 -42.86
C CYS G 300 -25.36 -31.06 -42.32
N GLN G 301 -25.40 -30.90 -41.00
CA GLN G 301 -25.13 -29.61 -40.40
C GLN G 301 -23.91 -29.65 -39.49
N LYS G 302 -22.84 -30.27 -39.95
CA LYS G 302 -21.61 -30.36 -39.17
C LYS G 302 -20.43 -30.46 -40.16
N GLY G 303 -19.21 -30.40 -39.66
CA GLY G 303 -18.04 -30.50 -40.53
C GLY G 303 -17.77 -31.91 -41.03
N ILE G 304 -17.71 -32.09 -42.35
CA ILE G 304 -17.44 -33.41 -42.95
C ILE G 304 -15.95 -33.61 -43.25
N ASP G 305 -15.41 -34.72 -42.76
CA ASP G 305 -14.00 -35.05 -42.95
C ASP G 305 -13.60 -34.99 -44.43
N GLU G 306 -12.36 -34.58 -44.67
CA GLU G 306 -11.82 -34.46 -46.03
C GLU G 306 -11.49 -35.81 -46.66
N VAL G 307 -11.24 -36.80 -45.82
CA VAL G 307 -10.93 -38.17 -46.26
C VAL G 307 -12.25 -38.86 -46.62
N ALA G 308 -13.29 -38.49 -45.87
CA ALA G 308 -14.64 -39.03 -46.05
C ALA G 308 -15.25 -38.46 -47.32
N GLN G 309 -14.66 -37.38 -47.80
CA GLN G 309 -15.12 -36.74 -49.02
C GLN G 309 -14.62 -37.56 -50.20
N SER G 310 -13.34 -37.94 -50.17
CA SER G 310 -12.73 -38.73 -51.23
C SER G 310 -13.46 -40.06 -51.36
N TYR G 311 -14.06 -40.51 -50.25
CA TYR G 311 -14.81 -41.76 -50.21
C TYR G 311 -16.16 -41.58 -50.89
N LEU G 312 -16.86 -40.52 -50.51
CA LEU G 312 -18.18 -40.21 -51.06
C LEU G 312 -18.01 -39.85 -52.53
N ALA G 313 -16.86 -39.26 -52.83
CA ALA G 313 -16.52 -38.86 -54.18
C ALA G 313 -16.35 -40.08 -55.07
N LYS G 314 -15.67 -41.10 -54.53
CA LYS G 314 -15.43 -42.34 -55.28
C LYS G 314 -16.74 -43.14 -55.39
N LYS G 315 -17.66 -42.92 -54.45
CA LYS G 315 -18.95 -43.59 -54.43
C LYS G 315 -19.97 -42.97 -55.39
N GLY G 316 -19.76 -41.69 -55.71
CA GLY G 316 -20.68 -41.00 -56.61
C GLY G 316 -21.85 -40.34 -55.88
N VAL G 317 -21.59 -39.83 -54.67
CA VAL G 317 -22.61 -39.17 -53.86
C VAL G 317 -22.39 -37.65 -53.88
N LEU G 318 -23.48 -36.89 -53.66
CA LEU G 318 -23.39 -35.42 -53.62
C LEU G 318 -23.62 -35.00 -52.17
N ALA G 319 -22.59 -34.49 -51.51
CA ALA G 319 -22.70 -34.08 -50.11
C ALA G 319 -22.39 -32.61 -49.86
N VAL G 320 -23.03 -32.04 -48.83
CA VAL G 320 -22.83 -30.63 -48.46
C VAL G 320 -22.38 -30.50 -46.99
N ARG G 321 -21.41 -29.62 -46.76
CA ARG G 321 -20.85 -29.37 -45.42
C ARG G 321 -21.84 -28.85 -44.40
N ARG G 322 -21.37 -27.98 -43.51
CA ARG G 322 -22.23 -27.40 -42.48
C ARG G 322 -23.34 -26.63 -43.22
N ALA G 323 -24.55 -26.66 -42.67
CA ALA G 323 -25.70 -25.95 -43.26
C ALA G 323 -26.69 -25.66 -42.13
N LYS G 324 -27.07 -24.39 -41.93
CA LYS G 324 -28.00 -24.00 -40.85
C LYS G 324 -29.20 -24.97 -40.73
N LYS G 325 -29.39 -25.53 -39.54
CA LYS G 325 -30.50 -26.46 -39.26
C LYS G 325 -31.78 -25.79 -39.75
N SER G 326 -31.76 -24.46 -39.72
CA SER G 326 -32.86 -23.58 -40.13
C SER G 326 -33.47 -24.00 -41.49
N ASP G 327 -32.63 -24.53 -42.38
CA ASP G 327 -33.06 -24.95 -43.71
C ASP G 327 -33.26 -26.45 -43.85
N LEU G 328 -32.62 -27.23 -42.98
CA LEU G 328 -32.77 -28.68 -43.04
C LEU G 328 -34.24 -29.01 -42.82
N GLU G 329 -34.85 -28.36 -41.84
CA GLU G 329 -36.26 -28.58 -41.55
C GLU G 329 -37.12 -28.21 -42.76
N LYS G 330 -36.96 -26.97 -43.26
CA LYS G 330 -37.73 -26.49 -44.42
C LYS G 330 -37.56 -27.44 -45.61
N LEU G 331 -36.42 -28.13 -45.63
CA LEU G 331 -36.09 -29.08 -46.69
C LEU G 331 -36.60 -30.48 -46.30
N ALA G 332 -36.79 -30.69 -45.00
CA ALA G 332 -37.28 -31.96 -44.47
C ALA G 332 -38.68 -32.26 -45.00
N ARG G 333 -39.67 -31.52 -44.51
CA ARG G 333 -41.05 -31.72 -44.93
C ARG G 333 -41.34 -31.18 -46.31
N ALA G 334 -40.31 -30.71 -46.99
CA ALA G 334 -40.49 -30.20 -48.35
C ALA G 334 -40.19 -31.33 -49.36
N THR G 335 -39.38 -32.29 -48.94
CA THR G 335 -39.04 -33.44 -49.79
C THR G 335 -39.52 -34.76 -49.17
N GLY G 336 -40.37 -34.65 -48.15
CA GLY G 336 -40.90 -35.84 -47.50
C GLY G 336 -39.82 -36.76 -46.96
N GLY G 337 -39.01 -36.24 -46.05
CA GLY G 337 -37.96 -37.03 -45.45
C GLY G 337 -37.85 -36.71 -43.97
N ARG G 338 -36.97 -37.42 -43.27
CA ARG G 338 -36.78 -37.16 -41.85
C ARG G 338 -35.36 -36.66 -41.65
N VAL G 339 -35.14 -35.93 -40.56
CA VAL G 339 -33.81 -35.40 -40.25
C VAL G 339 -33.12 -36.40 -39.32
N VAL G 340 -32.39 -37.34 -39.91
CA VAL G 340 -31.69 -38.39 -39.17
C VAL G 340 -30.93 -37.94 -37.94
N SER G 341 -31.46 -38.35 -36.78
CA SER G 341 -30.91 -38.06 -35.47
C SER G 341 -29.65 -38.91 -35.23
N ASN G 342 -29.86 -40.22 -35.22
CA ASN G 342 -28.82 -41.22 -34.99
C ASN G 342 -28.64 -42.09 -36.25
N ILE G 343 -27.45 -42.02 -36.86
CA ILE G 343 -27.15 -42.79 -38.09
C ILE G 343 -27.43 -44.30 -38.03
N ASP G 344 -27.35 -44.88 -36.84
CA ASP G 344 -27.59 -46.30 -36.63
C ASP G 344 -29.10 -46.60 -36.61
N GLU G 345 -29.91 -45.63 -37.01
CA GLU G 345 -31.37 -45.78 -37.00
C GLU G 345 -32.03 -45.46 -38.32
N ILE G 346 -31.23 -45.03 -39.30
CA ILE G 346 -31.75 -44.66 -40.60
C ILE G 346 -32.65 -45.75 -41.19
N SER G 347 -33.74 -45.33 -41.82
CA SER G 347 -34.69 -46.26 -42.42
C SER G 347 -34.82 -46.05 -43.93
N GLU G 348 -35.41 -47.04 -44.59
CA GLU G 348 -35.63 -46.99 -46.03
C GLU G 348 -36.66 -45.92 -46.34
N GLN G 349 -36.92 -45.03 -45.39
CA GLN G 349 -37.90 -43.98 -45.60
C GLN G 349 -37.47 -42.61 -45.08
N ASP G 350 -36.60 -42.58 -44.06
CA ASP G 350 -36.13 -41.31 -43.51
C ASP G 350 -35.52 -40.36 -44.55
N LEU G 351 -35.33 -40.87 -45.76
CA LEU G 351 -34.74 -40.09 -46.85
C LEU G 351 -35.81 -39.52 -47.76
N GLY G 352 -35.71 -38.22 -48.03
CA GLY G 352 -36.68 -37.57 -48.89
C GLY G 352 -36.35 -37.73 -50.37
N TYR G 353 -37.38 -37.64 -51.22
CA TYR G 353 -37.20 -37.78 -52.66
C TYR G 353 -37.24 -36.44 -53.35
N ALA G 354 -36.68 -36.39 -54.56
CA ALA G 354 -36.65 -35.18 -55.35
C ALA G 354 -36.73 -35.55 -56.82
N SER G 355 -36.49 -34.56 -57.67
CA SER G 355 -36.54 -34.77 -59.11
C SER G 355 -35.26 -34.37 -59.81
N LEU G 356 -34.66 -33.27 -59.39
CA LEU G 356 -33.42 -32.83 -60.01
C LEU G 356 -32.69 -31.92 -59.04
N ILE G 357 -31.42 -32.21 -58.81
CA ILE G 357 -30.60 -31.39 -57.93
C ILE G 357 -29.59 -30.70 -58.85
N GLU G 358 -29.20 -29.47 -58.53
CA GLU G 358 -28.26 -28.71 -59.35
C GLU G 358 -27.39 -27.82 -58.49
N GLU G 359 -26.42 -27.19 -59.11
CA GLU G 359 -25.52 -26.31 -58.41
C GLU G 359 -25.07 -25.15 -59.30
N ARG G 360 -26.00 -24.34 -59.80
CA ARG G 360 -25.62 -23.22 -60.66
C ARG G 360 -24.86 -22.15 -59.88
N LYS G 361 -23.79 -21.62 -60.49
CA LYS G 361 -22.99 -20.58 -59.84
C LYS G 361 -23.65 -19.22 -59.99
N VAL G 362 -24.94 -19.15 -59.68
CA VAL G 362 -25.69 -17.91 -59.81
C VAL G 362 -25.08 -16.77 -58.96
N GLY G 363 -24.87 -15.63 -59.63
CA GLY G 363 -24.29 -14.46 -58.98
C GLY G 363 -22.78 -14.52 -58.97
N GLU G 364 -22.23 -15.01 -57.87
CA GLU G 364 -20.78 -15.16 -57.71
C GLU G 364 -20.47 -16.54 -57.17
N ASP G 365 -21.00 -16.86 -55.99
CA ASP G 365 -20.78 -18.16 -55.37
C ASP G 365 -21.69 -19.22 -56.01
N LYS G 366 -21.52 -20.46 -55.58
CA LYS G 366 -22.32 -21.54 -56.10
C LYS G 366 -23.26 -22.06 -55.01
N MET G 367 -24.52 -22.28 -55.39
CA MET G 367 -25.55 -22.76 -54.47
C MET G 367 -26.19 -24.04 -55.02
N VAL G 368 -26.72 -24.84 -54.11
CA VAL G 368 -27.39 -26.09 -54.43
C VAL G 368 -28.90 -25.88 -54.58
N PHE G 369 -29.51 -26.49 -55.59
CA PHE G 369 -30.95 -26.37 -55.79
C PHE G 369 -31.56 -27.74 -55.68
N VAL G 370 -32.81 -27.80 -55.26
CA VAL G 370 -33.51 -29.07 -55.12
C VAL G 370 -34.88 -28.86 -55.73
N GLU G 371 -34.90 -28.56 -57.02
CA GLU G 371 -36.15 -28.31 -57.72
C GLU G 371 -37.01 -29.57 -57.94
N GLY G 372 -38.33 -29.34 -58.06
CA GLY G 372 -39.27 -30.44 -58.27
C GLY G 372 -39.31 -31.48 -57.17
N ALA G 373 -39.32 -31.04 -55.90
CA ALA G 373 -39.35 -31.96 -54.77
C ALA G 373 -40.55 -32.90 -54.76
N LYS G 374 -40.64 -33.75 -53.74
CA LYS G 374 -41.75 -34.70 -53.65
C LYS G 374 -43.00 -33.96 -53.23
N ASN G 375 -42.82 -32.97 -52.37
CA ASN G 375 -43.95 -32.17 -51.89
C ASN G 375 -44.08 -30.92 -52.77
N PRO G 376 -45.23 -30.77 -53.46
CA PRO G 376 -45.49 -29.61 -54.35
C PRO G 376 -45.48 -28.24 -53.67
N LYS G 377 -46.49 -27.99 -52.84
CA LYS G 377 -46.63 -26.72 -52.11
C LYS G 377 -45.47 -26.50 -51.17
N SER G 378 -44.36 -26.04 -51.73
CA SER G 378 -43.15 -25.81 -50.95
C SER G 378 -42.14 -25.13 -51.88
N ILE G 379 -42.06 -23.80 -51.82
CA ILE G 379 -41.12 -23.05 -52.66
C ILE G 379 -40.30 -22.08 -51.84
N SER G 380 -39.26 -21.51 -52.48
CA SER G 380 -38.39 -20.54 -51.83
C SER G 380 -38.16 -19.34 -52.74
N ILE G 381 -37.71 -18.24 -52.13
CA ILE G 381 -37.43 -17.01 -52.88
C ILE G 381 -35.96 -16.63 -52.73
N LEU G 382 -35.36 -16.13 -53.81
CA LEU G 382 -33.96 -15.73 -53.77
C LEU G 382 -33.80 -14.24 -54.00
N ILE G 383 -33.37 -13.53 -52.95
CA ILE G 383 -33.16 -12.08 -53.01
C ILE G 383 -31.72 -11.75 -53.40
N ARG G 384 -31.55 -10.72 -54.22
CA ARG G 384 -30.23 -10.30 -54.66
C ARG G 384 -30.22 -8.79 -54.90
N GLY G 385 -30.38 -8.03 -53.83
CA GLY G 385 -30.40 -6.58 -53.94
C GLY G 385 -29.16 -5.96 -54.56
N GLY G 386 -28.01 -6.61 -54.39
CA GLY G 386 -26.77 -6.08 -54.94
C GLY G 386 -25.81 -5.72 -53.82
N LEU G 387 -26.12 -4.65 -53.09
CA LEU G 387 -25.27 -4.21 -51.98
C LEU G 387 -25.54 -5.02 -50.71
N GLU G 388 -24.53 -5.14 -49.86
CA GLU G 388 -24.64 -5.91 -48.61
C GLU G 388 -25.79 -5.52 -47.68
N ARG G 389 -26.28 -4.29 -47.81
CA ARG G 389 -27.35 -3.78 -46.96
C ARG G 389 -28.69 -3.62 -47.70
N LEU G 390 -28.62 -3.25 -48.98
CA LEU G 390 -29.81 -3.07 -49.80
C LEU G 390 -30.57 -4.41 -49.84
N VAL G 391 -29.82 -5.49 -49.91
CA VAL G 391 -30.39 -6.83 -49.96
C VAL G 391 -31.15 -7.13 -48.67
N ASP G 392 -30.56 -6.73 -47.55
CA ASP G 392 -31.14 -6.97 -46.23
C ASP G 392 -32.56 -6.41 -46.07
N GLU G 393 -32.77 -5.14 -46.42
CA GLU G 393 -34.08 -4.54 -46.29
C GLU G 393 -35.09 -5.02 -47.34
N THR G 394 -34.60 -5.65 -48.40
CA THR G 394 -35.50 -6.18 -49.43
C THR G 394 -36.18 -7.40 -48.81
N GLU G 395 -35.45 -8.06 -47.92
CA GLU G 395 -35.93 -9.23 -47.21
C GLU G 395 -36.99 -8.79 -46.22
N ARG G 396 -36.83 -7.62 -45.62
CA ARG G 396 -37.83 -7.16 -44.66
C ARG G 396 -39.11 -6.92 -45.41
N ALA G 397 -39.04 -6.05 -46.40
CA ALA G 397 -40.21 -5.72 -47.23
C ALA G 397 -40.91 -6.96 -47.76
N LEU G 398 -40.12 -7.93 -48.21
CA LEU G 398 -40.65 -9.16 -48.77
C LEU G 398 -41.37 -10.02 -47.74
N ARG G 399 -40.81 -10.06 -46.52
CA ARG G 399 -41.38 -10.84 -45.41
C ARG G 399 -42.76 -10.34 -45.11
N ASP G 400 -42.83 -9.02 -44.90
CA ASP G 400 -44.07 -8.36 -44.58
C ASP G 400 -45.05 -8.48 -45.75
N ALA G 401 -44.55 -8.27 -46.95
CA ALA G 401 -45.35 -8.36 -48.15
C ALA G 401 -46.06 -9.71 -48.27
N LEU G 402 -45.32 -10.78 -48.01
CA LEU G 402 -45.84 -12.13 -48.07
C LEU G 402 -46.87 -12.28 -46.96
N GLY G 403 -46.44 -12.04 -45.73
CA GLY G 403 -47.34 -12.14 -44.60
C GLY G 403 -48.70 -11.51 -44.86
N THR G 404 -48.69 -10.22 -45.17
CA THR G 404 -49.95 -9.52 -45.43
C THR G 404 -50.85 -10.16 -46.48
N VAL G 405 -50.28 -10.52 -47.63
CA VAL G 405 -51.05 -11.16 -48.69
C VAL G 405 -51.74 -12.44 -48.20
N ALA G 406 -51.01 -13.20 -47.38
CA ALA G 406 -51.53 -14.44 -46.83
C ALA G 406 -52.71 -14.13 -45.90
N ASP G 407 -52.63 -13.00 -45.22
CA ASP G 407 -53.69 -12.63 -44.31
C ASP G 407 -54.96 -12.30 -45.06
N VAL G 408 -54.85 -11.72 -46.26
CA VAL G 408 -56.05 -11.38 -47.03
C VAL G 408 -56.85 -12.66 -47.31
N ILE G 409 -56.11 -13.72 -47.64
CA ILE G 409 -56.71 -15.02 -47.96
C ILE G 409 -57.29 -15.73 -46.75
N LYS G 410 -56.53 -15.75 -45.66
CA LYS G 410 -56.98 -16.40 -44.43
C LYS G 410 -58.30 -15.80 -43.96
N ASP G 411 -58.53 -14.51 -44.26
CA ASP G 411 -59.77 -13.84 -43.85
C ASP G 411 -60.78 -13.78 -44.99
N GLY G 412 -60.54 -12.90 -45.96
CA GLY G 412 -61.44 -12.78 -47.10
C GLY G 412 -62.11 -11.42 -47.27
N ARG G 413 -61.73 -10.46 -46.43
CA ARG G 413 -62.27 -9.11 -46.48
C ARG G 413 -61.12 -8.11 -46.73
N ALA G 414 -61.37 -7.12 -47.59
CA ALA G 414 -60.36 -6.12 -47.91
C ALA G 414 -60.95 -4.76 -48.28
N ILE G 415 -60.41 -3.69 -47.69
CA ILE G 415 -60.87 -2.33 -47.95
C ILE G 415 -59.82 -1.44 -48.62
N ALA G 416 -60.26 -0.30 -49.13
CA ALA G 416 -59.37 0.64 -49.79
C ALA G 416 -58.62 1.43 -48.74
N GLY G 417 -57.31 1.44 -48.85
CA GLY G 417 -56.51 2.19 -47.90
C GLY G 417 -56.27 3.55 -48.51
N GLY G 418 -55.90 4.51 -47.69
CA GLY G 418 -55.63 5.84 -48.21
C GLY G 418 -56.25 6.88 -47.30
N GLY G 419 -56.72 6.41 -46.14
CA GLY G 419 -57.36 7.29 -45.18
C GLY G 419 -58.85 7.23 -45.39
N ALA G 420 -59.21 6.50 -46.44
CA ALA G 420 -60.61 6.34 -46.80
C ALA G 420 -61.37 5.84 -45.60
N VAL G 421 -60.96 4.70 -45.06
CA VAL G 421 -61.66 4.14 -43.92
C VAL G 421 -61.58 5.00 -42.66
N GLU G 422 -60.54 5.81 -42.53
CA GLU G 422 -60.41 6.63 -41.36
C GLU G 422 -61.58 7.57 -41.37
N ILE G 423 -61.57 8.50 -42.32
CA ILE G 423 -62.64 9.50 -42.38
C ILE G 423 -64.06 8.92 -42.25
N GLU G 424 -64.28 7.72 -42.79
CA GLU G 424 -65.60 7.10 -42.70
C GLU G 424 -65.86 6.75 -41.25
N ILE G 425 -64.95 5.99 -40.67
CA ILE G 425 -65.06 5.61 -39.27
C ILE G 425 -65.27 6.86 -38.42
N ALA G 426 -64.81 7.99 -38.94
CA ALA G 426 -64.95 9.24 -38.22
C ALA G 426 -66.38 9.65 -38.36
N LYS G 427 -66.72 10.18 -39.54
CA LYS G 427 -68.07 10.63 -39.82
C LYS G 427 -69.13 9.75 -39.17
N LYS G 428 -69.10 8.46 -39.51
CA LYS G 428 -70.07 7.51 -38.98
C LYS G 428 -70.08 7.57 -37.45
N LEU G 429 -68.91 7.85 -36.88
CA LEU G 429 -68.75 7.94 -35.44
C LEU G 429 -69.37 9.24 -34.87
N ARG G 430 -69.19 10.34 -35.59
CA ARG G 430 -69.73 11.64 -35.15
C ARG G 430 -71.23 11.60 -35.01
N LYS G 431 -71.90 11.00 -36.01
CA LYS G 431 -73.34 10.91 -35.98
C LYS G 431 -73.75 10.01 -34.81
N TYR G 432 -72.85 9.10 -34.39
CA TYR G 432 -73.12 8.20 -33.27
C TYR G 432 -73.04 8.93 -31.93
N ALA G 433 -71.90 9.58 -31.66
CA ALA G 433 -71.69 10.30 -30.41
C ALA G 433 -72.95 10.90 -29.77
N PRO G 434 -73.60 11.84 -30.47
CA PRO G 434 -74.80 12.48 -29.92
C PRO G 434 -75.66 11.60 -29.03
N GLN G 435 -75.89 10.37 -29.43
CA GLN G 435 -76.75 9.51 -28.64
C GLN G 435 -76.05 8.73 -27.55
N VAL G 436 -74.74 8.57 -27.67
CA VAL G 436 -74.00 7.80 -26.69
C VAL G 436 -74.23 8.23 -25.24
N GLY G 437 -74.21 9.54 -24.98
CA GLY G 437 -74.40 9.98 -23.61
C GLY G 437 -73.80 11.35 -23.29
N GLY G 438 -73.85 11.69 -22.00
CA GLY G 438 -73.34 12.97 -21.56
C GLY G 438 -71.86 13.17 -21.83
N LYS G 439 -71.05 12.80 -20.85
CA LYS G 439 -69.61 12.96 -20.99
C LYS G 439 -68.98 12.02 -22.01
N GLU G 440 -69.34 10.76 -21.96
CA GLU G 440 -68.79 9.78 -22.89
C GLU G 440 -68.83 10.27 -24.32
N GLN G 441 -69.79 11.13 -24.62
CA GLN G 441 -69.91 11.67 -25.97
C GLN G 441 -68.59 12.29 -26.35
N LEU G 442 -68.13 13.20 -25.51
CA LEU G 442 -66.88 13.89 -25.74
C LEU G 442 -65.76 12.90 -25.99
N ALA G 443 -65.80 11.78 -25.26
CA ALA G 443 -64.78 10.75 -25.43
C ALA G 443 -64.83 10.26 -26.88
N VAL G 444 -66.04 9.92 -27.32
CA VAL G 444 -66.26 9.43 -28.67
C VAL G 444 -65.92 10.47 -29.72
N GLU G 445 -66.42 11.71 -29.58
CA GLU G 445 -66.12 12.72 -30.57
C GLU G 445 -64.61 12.81 -30.69
N ALA G 446 -63.95 12.65 -29.55
CA ALA G 446 -62.50 12.68 -29.46
C ALA G 446 -61.91 11.51 -30.22
N TYR G 447 -62.31 10.30 -29.85
CA TYR G 447 -61.85 9.09 -30.52
C TYR G 447 -61.84 9.33 -32.03
N ALA G 448 -62.86 10.03 -32.53
CA ALA G 448 -62.96 10.32 -33.95
C ALA G 448 -61.90 11.31 -34.40
N ASN G 449 -61.78 12.45 -33.71
CA ASN G 449 -60.78 13.46 -34.08
C ASN G 449 -59.38 12.91 -34.11
N ALA G 450 -59.04 12.14 -33.08
CA ALA G 450 -57.73 11.51 -32.96
C ALA G 450 -57.46 10.67 -34.18
N LEU G 451 -58.50 10.01 -34.65
CA LEU G 451 -58.44 9.13 -35.82
C LEU G 451 -58.16 9.87 -37.13
N GLU G 452 -58.70 11.06 -37.27
CA GLU G 452 -58.47 11.84 -38.47
C GLU G 452 -57.03 12.32 -38.42
N SER G 453 -56.55 12.60 -37.20
CA SER G 453 -55.17 13.04 -36.99
C SER G 453 -54.28 12.06 -37.72
N LEU G 454 -54.71 10.80 -37.70
CA LEU G 454 -53.99 9.72 -38.35
C LEU G 454 -53.72 10.05 -39.82
N VAL G 455 -54.77 10.46 -40.54
CA VAL G 455 -54.65 10.80 -41.96
C VAL G 455 -53.90 12.11 -42.18
N SER G 456 -53.93 13.01 -41.20
CA SER G 456 -53.20 14.27 -41.35
C SER G 456 -51.74 13.92 -41.34
N ILE G 457 -51.33 13.11 -40.38
CA ILE G 457 -49.93 12.71 -40.28
C ILE G 457 -49.48 12.19 -41.64
N LEU G 458 -50.36 11.39 -42.23
CA LEU G 458 -50.09 10.81 -43.51
C LEU G 458 -49.89 11.91 -44.56
N ILE G 459 -50.78 12.90 -44.54
CA ILE G 459 -50.66 14.01 -45.47
C ILE G 459 -49.34 14.73 -45.20
N GLU G 460 -49.12 15.12 -43.95
CA GLU G 460 -47.91 15.84 -43.56
C GLU G 460 -46.69 15.28 -44.26
N ASN G 461 -46.41 14.01 -44.03
CA ASN G 461 -45.25 13.35 -44.63
C ASN G 461 -45.25 13.40 -46.15
N ALA G 462 -46.39 13.72 -46.73
CA ALA G 462 -46.50 13.80 -48.18
C ALA G 462 -45.99 15.15 -48.63
N GLY G 463 -46.02 16.12 -47.74
CA GLY G 463 -45.56 17.46 -48.06
C GLY G 463 -46.67 18.44 -48.39
N PHE G 464 -47.89 18.12 -47.95
CA PHE G 464 -49.04 18.98 -48.19
C PHE G 464 -49.66 19.46 -46.89
N ASP G 465 -50.43 20.53 -46.95
CA ASP G 465 -51.04 21.03 -45.73
C ASP G 465 -52.04 20.01 -45.19
N PRO G 466 -51.72 19.41 -44.02
CA PRO G 466 -52.60 18.41 -43.42
C PRO G 466 -54.04 18.87 -43.27
N ILE G 467 -54.26 20.07 -42.73
CA ILE G 467 -55.62 20.57 -42.54
C ILE G 467 -56.34 20.79 -43.88
N ASP G 468 -55.68 21.47 -44.81
CA ASP G 468 -56.27 21.76 -46.10
C ASP G 468 -56.90 20.56 -46.76
N LEU G 469 -56.09 19.57 -47.04
CA LEU G 469 -56.56 18.36 -47.69
C LEU G 469 -57.54 17.57 -46.85
N LEU G 470 -57.30 17.48 -45.54
CA LEU G 470 -58.20 16.73 -44.68
C LEU G 470 -59.59 17.31 -44.80
N MET G 471 -59.71 18.62 -44.71
CA MET G 471 -61.04 19.19 -44.82
C MET G 471 -61.55 18.96 -46.24
N LYS G 472 -60.70 19.27 -47.23
CA LYS G 472 -61.07 19.09 -48.62
C LYS G 472 -61.50 17.64 -48.94
N LEU G 473 -60.97 16.68 -48.18
CA LEU G 473 -61.29 15.27 -48.35
C LEU G 473 -62.54 14.87 -47.57
N ARG G 474 -62.58 15.14 -46.27
CA ARG G 474 -63.76 14.78 -45.49
C ARG G 474 -64.99 15.49 -46.05
N SER G 475 -64.74 16.41 -46.98
CA SER G 475 -65.80 17.17 -47.63
C SER G 475 -66.24 16.38 -48.86
N THR G 476 -65.25 15.85 -49.57
CA THR G 476 -65.50 15.07 -50.76
C THR G 476 -66.11 13.71 -50.37
N HIS G 477 -66.47 13.54 -49.11
CA HIS G 477 -67.06 12.27 -48.68
C HIS G 477 -68.53 12.44 -48.41
N GLU G 478 -69.11 13.48 -48.97
CA GLU G 478 -70.53 13.69 -48.79
C GLU G 478 -71.20 12.70 -49.75
N ASN G 479 -70.67 12.65 -50.97
CA ASN G 479 -71.15 11.76 -52.04
C ASN G 479 -71.09 10.30 -51.59
N GLU G 480 -72.23 9.72 -51.22
CA GLU G 480 -72.29 8.34 -50.77
C GLU G 480 -71.50 7.36 -51.65
N ASN G 481 -71.23 7.75 -52.88
CA ASN G 481 -70.51 6.92 -53.85
C ASN G 481 -69.00 7.15 -53.86
N ASN G 482 -68.45 7.65 -52.76
CA ASN G 482 -67.02 7.90 -52.71
C ASN G 482 -66.35 7.19 -51.55
N LYS G 483 -67.10 6.40 -50.78
CA LYS G 483 -66.53 5.71 -49.65
C LYS G 483 -65.03 5.41 -49.83
N TRP G 484 -64.65 4.80 -50.95
CA TRP G 484 -63.24 4.48 -51.22
C TRP G 484 -62.32 5.64 -51.58
N TYR G 485 -62.80 6.87 -51.43
CA TYR G 485 -61.98 8.04 -51.77
C TYR G 485 -60.98 8.37 -50.70
N GLY G 486 -59.75 8.67 -51.11
CA GLY G 486 -58.69 9.03 -50.18
C GLY G 486 -57.84 10.12 -50.78
N ILE G 487 -56.61 10.31 -50.30
CA ILE G 487 -55.78 11.36 -50.89
C ILE G 487 -54.50 10.91 -51.54
N ASP G 488 -54.48 10.98 -52.86
CA ASP G 488 -53.32 10.55 -53.62
C ASP G 488 -52.13 11.37 -53.19
N LEU G 489 -51.18 10.71 -52.53
CA LEU G 489 -49.99 11.39 -52.03
C LEU G 489 -48.95 11.77 -53.08
N TYR G 490 -49.36 12.05 -54.30
CA TYR G 490 -48.41 12.45 -55.32
C TYR G 490 -48.95 13.62 -56.11
N ALA G 491 -50.27 13.72 -56.16
CA ALA G 491 -50.92 14.80 -56.91
C ALA G 491 -51.59 15.80 -55.97
N GLY G 492 -51.79 15.40 -54.72
CA GLY G 492 -52.42 16.28 -53.76
C GLY G 492 -53.87 16.57 -54.12
N GLN G 493 -54.73 15.57 -53.99
CA GLN G 493 -56.12 15.76 -54.31
C GLN G 493 -56.87 14.47 -54.07
N PRO G 494 -58.10 14.58 -53.58
CA PRO G 494 -58.93 13.41 -53.29
C PRO G 494 -59.23 12.63 -54.56
N VAL G 495 -59.00 11.32 -54.54
CA VAL G 495 -59.29 10.46 -55.69
C VAL G 495 -59.77 9.12 -55.17
N ASP G 496 -60.27 8.28 -56.05
CA ASP G 496 -60.73 6.98 -55.60
C ASP G 496 -59.53 6.07 -55.43
N MET G 497 -59.20 5.76 -54.17
CA MET G 497 -58.05 4.89 -53.89
C MET G 497 -58.21 3.52 -54.51
N TRP G 498 -59.35 2.88 -54.28
CA TRP G 498 -59.60 1.55 -54.82
C TRP G 498 -59.27 1.47 -56.32
N GLN G 499 -59.88 2.35 -57.10
CA GLN G 499 -59.65 2.35 -58.54
C GLN G 499 -58.30 2.90 -58.92
N LYS G 500 -57.31 2.65 -58.07
CA LYS G 500 -55.96 3.09 -58.34
C LYS G 500 -54.99 2.10 -57.75
N GLY G 501 -55.49 0.91 -57.40
CA GLY G 501 -54.66 -0.14 -56.86
C GLY G 501 -54.03 0.13 -55.50
N VAL G 502 -54.89 0.33 -54.52
CA VAL G 502 -54.45 0.61 -53.17
C VAL G 502 -55.38 -0.07 -52.16
N ILE G 503 -55.19 -1.36 -51.94
CA ILE G 503 -56.05 -2.05 -51.00
C ILE G 503 -55.25 -2.69 -49.88
N GLU G 504 -55.93 -2.97 -48.79
CA GLU G 504 -55.30 -3.58 -47.65
C GLU G 504 -56.25 -4.51 -46.98
N PRO G 505 -55.69 -5.51 -46.30
CA PRO G 505 -56.41 -6.55 -45.55
C PRO G 505 -57.33 -5.84 -44.58
N ALA G 506 -58.62 -5.87 -44.83
CA ALA G 506 -59.53 -5.20 -43.93
C ALA G 506 -59.30 -5.68 -42.49
N LEU G 507 -58.47 -6.70 -42.31
CA LEU G 507 -58.21 -7.19 -40.96
C LEU G 507 -56.97 -6.56 -40.35
N VAL G 508 -55.93 -6.30 -41.14
CA VAL G 508 -54.73 -5.69 -40.59
C VAL G 508 -55.01 -4.32 -39.94
N LYS G 509 -55.68 -3.45 -40.68
CA LYS G 509 -56.03 -2.10 -40.23
C LYS G 509 -57.24 -2.10 -39.30
N MET G 510 -57.61 -3.29 -38.89
CA MET G 510 -58.76 -3.49 -38.02
C MET G 510 -58.23 -3.90 -36.67
N ASN G 511 -57.27 -4.83 -36.69
CA ASN G 511 -56.67 -5.29 -35.46
C ASN G 511 -55.83 -4.15 -34.92
N ALA G 512 -55.37 -3.29 -35.83
CA ALA G 512 -54.58 -2.14 -35.44
C ALA G 512 -55.43 -1.34 -34.46
N ILE G 513 -56.65 -1.00 -34.88
CA ILE G 513 -57.58 -0.24 -34.04
C ILE G 513 -57.83 -0.90 -32.67
N LYS G 514 -58.05 -2.21 -32.67
CA LYS G 514 -58.30 -2.95 -31.43
C LYS G 514 -57.05 -2.80 -30.57
N ALA G 515 -55.91 -2.95 -31.22
CA ALA G 515 -54.60 -2.84 -30.58
C ALA G 515 -54.41 -1.46 -29.97
N ALA G 516 -54.37 -0.45 -30.80
CA ALA G 516 -54.21 0.92 -30.32
C ALA G 516 -55.13 1.25 -29.15
N THR G 517 -56.41 0.96 -29.28
CA THR G 517 -57.36 1.25 -28.20
C THR G 517 -57.07 0.43 -26.95
N GLU G 518 -56.58 -0.78 -27.15
CA GLU G 518 -56.25 -1.64 -26.02
C GLU G 518 -55.23 -0.91 -25.19
N ALA G 519 -54.11 -0.61 -25.83
CA ALA G 519 -53.00 0.10 -25.22
C ALA G 519 -53.44 1.43 -24.66
N ALA G 520 -54.04 2.24 -25.52
CA ALA G 520 -54.53 3.55 -25.13
C ALA G 520 -55.31 3.53 -23.81
N THR G 521 -56.36 2.71 -23.72
CA THR G 521 -57.19 2.62 -22.49
C THR G 521 -56.44 1.99 -21.33
N LEU G 522 -55.44 1.18 -21.66
CA LEU G 522 -54.65 0.52 -20.64
C LEU G 522 -53.78 1.53 -19.89
N VAL G 523 -53.21 2.50 -20.62
CA VAL G 523 -52.39 3.51 -19.98
C VAL G 523 -53.26 4.32 -19.03
N LEU G 524 -54.48 4.62 -19.45
CA LEU G 524 -55.42 5.38 -18.62
C LEU G 524 -55.94 4.62 -17.40
N ARG G 525 -55.99 3.30 -17.52
CA ARG G 525 -56.46 2.44 -16.45
C ARG G 525 -55.48 2.48 -15.27
N ILE G 526 -54.22 2.74 -15.60
CA ILE G 526 -53.11 2.80 -14.64
C ILE G 526 -53.18 4.06 -13.78
N ASP G 527 -53.11 3.89 -12.47
CA ASP G 527 -53.16 5.02 -11.58
C ASP G 527 -51.80 5.37 -11.04
N ASP G 528 -50.94 4.35 -10.92
CA ASP G 528 -49.59 4.55 -10.41
C ASP G 528 -48.73 3.31 -10.65
N VAL G 529 -47.41 3.51 -10.73
CA VAL G 529 -46.44 2.43 -10.95
C VAL G 529 -45.49 2.33 -9.74
N VAL G 530 -45.33 1.13 -9.20
CA VAL G 530 -44.42 0.86 -8.07
C VAL G 530 -43.67 -0.41 -8.48
N SER G 531 -42.35 -0.29 -8.65
CA SER G 531 -41.49 -1.41 -9.07
C SER G 531 -40.55 -1.90 -7.95
N ALA G 532 -39.90 -3.04 -8.17
CA ALA G 532 -38.98 -3.63 -7.19
C ALA G 532 -37.50 -3.50 -7.61
N GLY H 28 -48.21 9.10 24.51
CA GLY H 28 -49.00 10.25 24.11
C GLY H 28 -48.90 10.52 22.62
N LYS H 29 -49.36 11.70 22.22
CA LYS H 29 -49.33 12.10 20.79
C LYS H 29 -48.01 11.75 20.06
N GLU H 30 -46.90 11.79 20.79
CA GLU H 30 -45.57 11.51 20.25
C GLU H 30 -45.54 10.52 19.08
N ALA H 31 -45.59 9.23 19.41
CA ALA H 31 -45.55 8.16 18.43
C ALA H 31 -46.91 7.83 17.84
N VAL H 32 -47.95 7.83 18.68
CA VAL H 32 -49.28 7.51 18.18
C VAL H 32 -49.58 8.20 16.85
N ARG H 33 -49.00 9.37 16.63
CA ARG H 33 -49.26 10.04 15.37
C ARG H 33 -48.63 9.19 14.27
N ALA H 34 -47.40 8.75 14.48
CA ALA H 34 -46.67 7.93 13.50
C ALA H 34 -47.43 6.72 13.01
N ASN H 35 -47.85 5.85 13.95
CA ASN H 35 -48.58 4.64 13.59
C ASN H 35 -49.75 5.01 12.71
N ILE H 36 -50.59 5.93 13.20
CA ILE H 36 -51.73 6.41 12.43
C ILE H 36 -51.22 6.77 11.04
N ALA H 37 -50.27 7.69 10.99
CA ALA H 37 -49.66 8.11 9.74
C ALA H 37 -49.46 6.90 8.83
N ALA H 38 -48.66 5.95 9.30
CA ALA H 38 -48.38 4.73 8.54
C ALA H 38 -49.65 4.06 8.02
N VAL H 39 -50.62 3.87 8.91
CA VAL H 39 -51.88 3.22 8.52
C VAL H 39 -52.53 4.02 7.38
N LYS H 40 -52.79 5.31 7.62
CA LYS H 40 -53.39 6.16 6.58
C LYS H 40 -52.63 5.92 5.29
N ALA H 41 -51.30 5.80 5.42
CA ALA H 41 -50.41 5.56 4.29
C ALA H 41 -50.83 4.33 3.49
N VAL H 42 -51.00 3.21 4.18
CA VAL H 42 -51.41 1.97 3.52
C VAL H 42 -52.72 2.18 2.78
N GLU H 43 -53.65 2.90 3.40
CA GLU H 43 -54.93 3.18 2.76
C GLU H 43 -54.66 3.87 1.42
N GLU H 44 -53.85 4.93 1.46
CA GLU H 44 -53.51 5.67 0.25
C GLU H 44 -52.91 4.83 -0.85
N ALA H 45 -52.63 3.57 -0.56
CA ALA H 45 -52.05 2.70 -1.55
C ALA H 45 -53.08 1.87 -2.30
N LEU H 46 -54.24 1.65 -1.69
CA LEU H 46 -55.29 0.87 -2.36
C LEU H 46 -56.51 1.71 -2.70
N LYS H 47 -56.79 2.74 -1.90
CA LYS H 47 -57.97 3.58 -2.10
C LYS H 47 -58.44 3.64 -3.55
N SER H 48 -57.54 3.99 -4.46
CA SER H 48 -57.89 4.10 -5.87
C SER H 48 -58.16 2.79 -6.61
N THR H 49 -58.20 1.69 -5.89
CA THR H 49 -58.42 0.39 -6.53
C THR H 49 -59.62 -0.30 -5.92
N TYR H 50 -60.26 0.35 -4.94
CA TYR H 50 -61.41 -0.22 -4.29
C TYR H 50 -62.51 -0.26 -5.32
N GLY H 51 -63.66 -0.79 -4.96
CA GLY H 51 -64.75 -0.85 -5.91
C GLY H 51 -64.52 -1.78 -7.08
N PRO H 52 -65.58 -2.10 -7.83
CA PRO H 52 -65.46 -3.00 -8.97
C PRO H 52 -64.96 -2.30 -10.22
N ARG H 53 -64.90 -0.97 -10.20
CA ARG H 53 -64.39 -0.27 -11.38
C ARG H 53 -63.24 0.63 -10.96
N GLY H 54 -62.44 0.10 -10.04
CA GLY H 54 -61.29 0.82 -9.51
C GLY H 54 -60.11 0.91 -10.45
N MET H 55 -59.01 1.46 -9.96
CA MET H 55 -57.80 1.62 -10.77
C MET H 55 -56.89 0.43 -10.61
N ASP H 56 -55.81 0.46 -11.37
CA ASP H 56 -54.80 -0.58 -11.33
C ASP H 56 -53.45 -0.01 -11.04
N LYS H 57 -52.67 -0.78 -10.28
CA LYS H 57 -51.30 -0.46 -9.86
C LYS H 57 -50.34 -1.34 -10.68
N MET H 58 -49.18 -0.79 -11.04
CA MET H 58 -48.22 -1.54 -11.82
C MET H 58 -47.02 -1.99 -11.00
N LEU H 59 -46.56 -3.21 -11.25
CA LEU H 59 -45.42 -3.76 -10.51
C LEU H 59 -44.33 -4.36 -11.41
N VAL H 60 -43.14 -3.77 -11.35
CA VAL H 60 -42.03 -4.25 -12.15
C VAL H 60 -40.99 -4.93 -11.31
N ASP H 61 -40.91 -6.25 -11.48
CA ASP H 61 -39.95 -7.07 -10.76
C ASP H 61 -38.56 -6.54 -11.09
N SER H 62 -37.62 -6.78 -10.17
CA SER H 62 -36.24 -6.33 -10.36
C SER H 62 -35.64 -7.06 -11.58
N LEU H 63 -36.18 -8.25 -11.87
CA LEU H 63 -35.73 -9.07 -13.00
C LEU H 63 -36.02 -8.33 -14.31
N GLY H 64 -37.04 -7.48 -14.30
CA GLY H 64 -37.39 -6.72 -15.48
C GLY H 64 -38.85 -6.91 -15.90
N ASP H 65 -39.43 -8.03 -15.48
CA ASP H 65 -40.82 -8.39 -15.79
C ASP H 65 -41.86 -7.53 -15.04
N ILE H 66 -42.87 -7.07 -15.76
CA ILE H 66 -43.92 -6.22 -15.20
C ILE H 66 -45.28 -6.93 -15.04
N THR H 67 -45.95 -6.64 -13.93
CA THR H 67 -47.27 -7.21 -13.60
C THR H 67 -48.12 -6.09 -13.01
N ILE H 68 -49.21 -5.75 -13.70
CA ILE H 68 -50.13 -4.70 -13.26
C ILE H 68 -51.40 -5.33 -12.69
N THR H 69 -51.81 -4.91 -11.50
CA THR H 69 -52.99 -5.50 -10.90
C THR H 69 -53.69 -4.61 -9.90
N ASN H 70 -54.79 -5.13 -9.34
CA ASN H 70 -55.57 -4.43 -8.34
C ASN H 70 -56.00 -5.47 -7.30
N ASP H 71 -55.20 -6.52 -7.17
CA ASP H 71 -55.52 -7.53 -6.17
C ASP H 71 -54.78 -7.10 -4.93
N GLY H 72 -55.53 -6.88 -3.86
CA GLY H 72 -54.92 -6.44 -2.62
C GLY H 72 -53.74 -7.24 -2.12
N ALA H 73 -53.92 -8.54 -1.94
CA ALA H 73 -52.82 -9.38 -1.46
C ALA H 73 -51.56 -8.98 -2.21
N THR H 74 -51.58 -9.14 -3.54
CA THR H 74 -50.45 -8.80 -4.40
C THR H 74 -49.89 -7.39 -4.23
N ILE H 75 -50.77 -6.40 -4.08
CA ILE H 75 -50.36 -5.01 -3.90
C ILE H 75 -49.63 -4.82 -2.58
N LEU H 76 -49.83 -5.75 -1.66
CA LEU H 76 -49.14 -5.65 -0.37
C LEU H 76 -47.97 -6.65 -0.32
N ASP H 77 -48.11 -7.82 -0.94
CA ASP H 77 -47.01 -8.76 -0.90
C ASP H 77 -45.84 -8.20 -1.71
N LYS H 78 -46.15 -7.75 -2.92
CA LYS H 78 -45.14 -7.21 -3.80
C LYS H 78 -44.68 -5.82 -3.39
N MET H 79 -45.36 -5.22 -2.42
CA MET H 79 -44.99 -3.88 -1.97
C MET H 79 -44.48 -3.93 -0.56
N ASP H 80 -43.16 -3.86 -0.40
CA ASP H 80 -42.61 -3.94 0.95
C ASP H 80 -42.81 -2.68 1.76
N LEU H 81 -43.41 -2.86 2.92
CA LEU H 81 -43.63 -1.76 3.84
C LEU H 81 -42.72 -2.07 4.99
N GLN H 82 -42.28 -1.04 5.67
CA GLN H 82 -41.38 -1.26 6.77
C GLN H 82 -42.01 -0.89 8.11
N HIS H 83 -42.54 0.32 8.25
CA HIS H 83 -43.11 0.72 9.54
C HIS H 83 -43.89 -0.42 10.18
N PRO H 84 -43.63 -0.70 11.48
CA PRO H 84 -44.28 -1.78 12.23
C PRO H 84 -45.80 -1.76 12.19
N ALA H 85 -46.38 -0.58 12.45
CA ALA H 85 -47.83 -0.45 12.43
C ALA H 85 -48.36 -1.11 11.16
N ALA H 86 -47.83 -0.67 10.03
CA ALA H 86 -48.23 -1.20 8.73
C ALA H 86 -48.17 -2.73 8.63
N LYS H 87 -47.03 -3.33 8.96
CA LYS H 87 -46.92 -4.78 8.90
C LYS H 87 -47.98 -5.40 9.79
N LEU H 88 -48.29 -4.66 10.86
CA LEU H 88 -49.29 -5.08 11.84
C LEU H 88 -50.71 -5.02 11.27
N LEU H 89 -50.99 -3.97 10.49
CA LEU H 89 -52.29 -3.82 9.85
C LEU H 89 -52.47 -4.96 8.83
N VAL H 90 -51.56 -5.06 7.86
CA VAL H 90 -51.61 -6.09 6.84
C VAL H 90 -51.65 -7.50 7.41
N GLN H 91 -50.98 -7.71 8.55
CA GLN H 91 -50.95 -9.03 9.17
C GLN H 91 -52.38 -9.42 9.53
N ILE H 92 -53.12 -8.45 10.02
CA ILE H 92 -54.51 -8.67 10.40
C ILE H 92 -55.37 -8.75 9.17
N ALA H 93 -55.08 -7.91 8.19
CA ALA H 93 -55.85 -7.89 6.96
C ALA H 93 -55.69 -9.16 6.12
N LYS H 94 -54.48 -9.45 5.64
CA LYS H 94 -54.26 -10.66 4.82
C LYS H 94 -54.68 -11.89 5.59
N GLY H 95 -53.99 -12.14 6.70
CA GLY H 95 -54.32 -13.28 7.52
C GLY H 95 -55.63 -12.97 8.22
N GLN H 96 -56.65 -12.64 7.43
CA GLN H 96 -57.95 -12.30 7.97
C GLN H 96 -58.53 -13.51 8.68
N ASP H 97 -59.85 -13.62 8.63
CA ASP H 97 -60.56 -14.70 9.29
C ASP H 97 -61.02 -15.87 8.39
N GLU H 98 -60.74 -15.83 7.08
CA GLU H 98 -61.19 -16.93 6.23
C GLU H 98 -60.46 -17.23 4.90
N GLU H 99 -61.14 -17.99 4.03
CA GLU H 99 -60.63 -18.41 2.72
C GLU H 99 -60.26 -17.24 1.81
N THR H 100 -61.17 -16.92 0.91
CA THR H 100 -61.03 -15.84 -0.06
C THR H 100 -60.21 -14.63 0.40
N ALA H 101 -59.48 -14.04 -0.54
CA ALA H 101 -58.66 -12.88 -0.27
C ALA H 101 -59.50 -11.62 -0.28
N ASP H 102 -60.75 -11.74 -0.71
CA ASP H 102 -61.66 -10.59 -0.77
C ASP H 102 -61.92 -9.94 0.56
N GLY H 103 -62.21 -8.65 0.50
CA GLY H 103 -62.51 -7.92 1.71
C GLY H 103 -61.28 -7.55 2.49
N THR H 104 -60.13 -8.13 2.16
CA THR H 104 -58.91 -7.74 2.88
C THR H 104 -58.67 -6.32 2.44
N LYS H 105 -59.00 -6.05 1.18
CA LYS H 105 -58.84 -4.72 0.67
C LYS H 105 -59.78 -3.78 1.46
N THR H 106 -60.97 -4.27 1.82
CA THR H 106 -61.91 -3.46 2.59
C THR H 106 -61.33 -3.34 3.99
N ALA H 107 -61.13 -4.49 4.64
CA ALA H 107 -60.60 -4.52 6.00
C ALA H 107 -59.57 -3.42 6.20
N VAL H 108 -58.62 -3.28 5.29
CA VAL H 108 -57.60 -2.26 5.45
C VAL H 108 -58.14 -0.84 5.21
N ILE H 109 -58.79 -0.57 4.07
CA ILE H 109 -59.32 0.78 3.82
C ILE H 109 -60.16 1.27 4.99
N PHE H 110 -61.22 0.51 5.32
CA PHE H 110 -62.12 0.85 6.41
C PHE H 110 -61.29 1.02 7.66
N SER H 111 -60.27 0.18 7.80
CA SER H 111 -59.38 0.22 8.95
C SER H 111 -58.78 1.60 9.07
N GLY H 112 -58.11 2.02 8.03
CA GLY H 112 -57.48 3.32 8.03
C GLY H 112 -58.49 4.45 8.14
N GLU H 113 -59.71 4.24 7.67
CA GLU H 113 -60.67 5.32 7.76
C GLU H 113 -61.09 5.58 9.19
N LEU H 114 -61.20 4.51 9.98
CA LEU H 114 -61.56 4.63 11.40
C LEU H 114 -60.45 5.40 12.07
N VAL H 115 -59.22 5.07 11.69
CA VAL H 115 -58.05 5.73 12.23
C VAL H 115 -58.14 7.22 11.91
N LYS H 116 -58.41 7.55 10.66
CA LYS H 116 -58.54 8.95 10.31
C LYS H 116 -59.58 9.61 11.16
N LYS H 117 -60.83 9.16 11.02
CA LYS H 117 -61.93 9.75 11.75
C LYS H 117 -61.72 9.72 13.27
N ALA H 118 -60.87 8.80 13.75
CA ALA H 118 -60.56 8.70 15.19
C ALA H 118 -59.55 9.76 15.55
N GLU H 119 -58.72 10.10 14.60
CA GLU H 119 -57.72 11.12 14.82
C GLU H 119 -58.41 12.41 15.19
N ASP H 120 -59.51 12.70 14.52
CA ASP H 120 -60.25 13.93 14.79
C ASP H 120 -60.77 13.98 16.21
N LEU H 121 -60.95 12.82 16.81
CA LEU H 121 -61.44 12.71 18.18
C LEU H 121 -60.34 13.09 19.15
N LEU H 122 -59.12 12.62 18.86
CA LEU H 122 -57.98 12.92 19.71
C LEU H 122 -57.76 14.43 19.66
N TYR H 123 -58.02 15.03 18.50
CA TYR H 123 -57.83 16.47 18.36
C TYR H 123 -58.73 17.16 19.35
N LYS H 124 -59.92 16.61 19.53
CA LYS H 124 -60.90 17.15 20.48
C LYS H 124 -60.53 16.74 21.89
N ASP H 125 -59.39 16.07 22.04
CA ASP H 125 -58.93 15.68 23.36
C ASP H 125 -59.82 14.66 24.10
N VAL H 126 -60.06 13.50 23.48
CA VAL H 126 -60.84 12.43 24.11
C VAL H 126 -59.90 11.23 24.22
N HIS H 127 -59.57 10.82 25.45
CA HIS H 127 -58.65 9.69 25.64
C HIS H 127 -58.92 8.56 24.66
N PRO H 128 -57.86 8.03 24.03
CA PRO H 128 -58.03 6.94 23.07
C PRO H 128 -58.73 5.72 23.66
N THR H 129 -58.63 5.53 24.98
CA THR H 129 -59.26 4.38 25.61
C THR H 129 -60.75 4.46 25.39
N ILE H 130 -61.28 5.68 25.31
CA ILE H 130 -62.70 5.90 25.11
C ILE H 130 -63.08 5.62 23.64
N ILE H 131 -62.31 6.14 22.70
CA ILE H 131 -62.58 5.92 21.28
C ILE H 131 -62.61 4.41 21.00
N ILE H 132 -61.88 3.64 21.81
CA ILE H 132 -61.81 2.19 21.68
C ILE H 132 -63.15 1.56 22.04
N SER H 133 -63.63 1.87 23.24
CA SER H 133 -64.89 1.35 23.72
C SER H 133 -65.98 1.80 22.77
N GLY H 134 -65.86 3.05 22.33
CA GLY H 134 -66.84 3.58 21.41
C GLY H 134 -66.93 2.66 20.22
N TYR H 135 -65.79 2.43 19.58
CA TYR H 135 -65.72 1.57 18.41
C TYR H 135 -66.20 0.13 18.68
N LYS H 136 -65.82 -0.43 19.82
CA LYS H 136 -66.23 -1.78 20.16
C LYS H 136 -67.74 -1.89 20.12
N LYS H 137 -68.41 -1.09 20.95
CA LYS H 137 -69.86 -1.08 21.01
C LYS H 137 -70.48 -0.85 19.64
N ALA H 138 -69.86 0.00 18.83
CA ALA H 138 -70.35 0.29 17.48
C ALA H 138 -70.18 -0.94 16.62
N GLU H 139 -69.05 -1.61 16.79
CA GLU H 139 -68.77 -2.82 16.04
C GLU H 139 -69.87 -3.84 16.34
N GLU H 140 -70.15 -4.07 17.62
CA GLU H 140 -71.19 -5.01 18.00
C GLU H 140 -72.40 -4.86 17.13
N VAL H 141 -73.04 -3.71 17.27
CA VAL H 141 -74.23 -3.36 16.52
C VAL H 141 -74.04 -3.47 15.03
N ALA H 142 -72.98 -2.81 14.56
CA ALA H 142 -72.68 -2.81 13.15
C ALA H 142 -72.71 -4.25 12.66
N LEU H 143 -72.24 -5.15 13.52
CA LEU H 143 -72.16 -6.56 13.18
C LEU H 143 -73.53 -7.25 13.14
N GLN H 144 -74.24 -7.34 14.27
CA GLN H 144 -75.54 -8.01 14.30
C GLN H 144 -76.51 -7.42 13.29
N THR H 145 -76.28 -6.16 12.90
CA THR H 145 -77.14 -5.49 11.93
C THR H 145 -77.06 -6.17 10.58
N ILE H 146 -76.03 -6.99 10.42
CA ILE H 146 -75.84 -7.72 9.17
C ILE H 146 -76.54 -9.07 9.35
N GLN H 147 -76.42 -9.65 10.55
CA GLN H 147 -77.05 -10.93 10.84
C GLN H 147 -78.56 -10.79 10.69
N GLU H 148 -79.15 -9.99 11.56
CA GLU H 148 -80.60 -9.76 11.53
C GLU H 148 -80.97 -8.93 10.32
N LEU H 149 -80.41 -9.29 9.17
CA LEU H 149 -80.69 -8.55 7.94
C LEU H 149 -80.25 -9.38 6.73
N ALA H 150 -79.28 -10.27 6.95
CA ALA H 150 -78.75 -11.13 5.90
C ALA H 150 -79.83 -12.07 5.42
N GLN H 151 -79.71 -12.52 4.18
CA GLN H 151 -80.69 -13.45 3.67
C GLN H 151 -80.13 -14.86 3.53
N THR H 152 -80.96 -15.85 3.84
CA THR H 152 -80.61 -17.27 3.81
C THR H 152 -80.40 -17.85 2.42
N VAL H 153 -79.17 -18.20 2.10
CA VAL H 153 -78.85 -18.78 0.80
C VAL H 153 -78.49 -20.26 0.94
N SER H 154 -79.09 -21.10 0.09
CA SER H 154 -78.84 -22.54 0.14
C SER H 154 -78.24 -23.03 -1.18
N ILE H 155 -77.25 -23.92 -1.08
CA ILE H 155 -76.53 -24.48 -2.23
C ILE H 155 -77.43 -25.10 -3.32
N ASN H 156 -78.71 -25.27 -2.99
CA ASN H 156 -79.68 -25.82 -3.93
C ASN H 156 -79.84 -24.78 -5.01
N ASP H 157 -80.08 -23.53 -4.58
CA ASP H 157 -80.28 -22.45 -5.53
C ASP H 157 -79.00 -22.19 -6.30
N THR H 158 -78.89 -22.84 -7.45
CA THR H 158 -77.72 -22.73 -8.30
C THR H 158 -77.73 -21.45 -9.14
N ASP H 159 -78.92 -20.90 -9.37
CA ASP H 159 -79.04 -19.68 -10.18
C ASP H 159 -78.56 -18.43 -9.44
N LEU H 160 -78.33 -18.56 -8.14
CA LEU H 160 -77.88 -17.43 -7.31
C LEU H 160 -76.37 -17.32 -7.27
N LEU H 161 -75.71 -18.44 -7.02
CA LEU H 161 -74.24 -18.47 -6.97
C LEU H 161 -73.69 -18.02 -8.32
N ARG H 162 -74.49 -18.22 -9.38
CA ARG H 162 -74.10 -17.81 -10.73
C ARG H 162 -73.75 -16.31 -10.66
N LYS H 163 -74.44 -15.57 -9.78
CA LYS H 163 -74.22 -14.16 -9.61
C LYS H 163 -73.08 -13.91 -8.63
N ILE H 164 -73.26 -14.33 -7.38
CA ILE H 164 -72.24 -14.16 -6.34
C ILE H 164 -70.83 -14.38 -6.88
N ALA H 165 -70.70 -15.27 -7.88
CA ALA H 165 -69.40 -15.55 -8.47
C ALA H 165 -68.92 -14.35 -9.26
N MET H 166 -69.79 -13.81 -10.11
CA MET H 166 -69.42 -12.65 -10.89
C MET H 166 -69.15 -11.44 -10.00
N THR H 167 -69.97 -11.27 -8.96
CA THR H 167 -69.82 -10.16 -8.03
C THR H 167 -68.40 -10.14 -7.45
N SER H 168 -67.65 -11.22 -7.65
CA SER H 168 -66.28 -11.34 -7.14
C SER H 168 -65.21 -11.24 -8.24
N LEU H 169 -65.36 -12.07 -9.27
CA LEU H 169 -64.40 -12.06 -10.36
C LEU H 169 -64.58 -10.88 -11.33
N SER H 170 -65.80 -10.40 -11.54
CA SER H 170 -66.01 -9.27 -12.46
C SER H 170 -65.15 -8.07 -12.03
N SER H 171 -64.74 -8.07 -10.76
CA SER H 171 -63.93 -7.01 -10.16
C SER H 171 -62.51 -6.91 -10.75
N LYS H 172 -61.92 -8.06 -11.14
CA LYS H 172 -60.56 -8.07 -11.68
C LYS H 172 -60.43 -7.63 -13.14
N ALA H 173 -59.18 -7.51 -13.59
CA ALA H 173 -58.86 -7.10 -14.95
C ALA H 173 -59.72 -7.84 -15.96
N VAL H 174 -59.55 -9.16 -16.05
CA VAL H 174 -60.29 -10.01 -17.00
C VAL H 174 -61.83 -10.02 -16.86
N ALA H 175 -62.49 -9.10 -17.58
CA ALA H 175 -63.95 -8.96 -17.55
C ALA H 175 -64.62 -9.37 -18.87
N GLY H 176 -63.85 -9.92 -19.80
CA GLY H 176 -64.44 -10.37 -21.04
C GLY H 176 -65.18 -11.65 -20.68
N ALA H 177 -66.30 -11.92 -21.36
CA ALA H 177 -67.12 -13.12 -21.12
C ALA H 177 -66.85 -13.87 -19.78
N ARG H 178 -67.16 -13.20 -18.67
CA ARG H 178 -66.97 -13.75 -17.33
C ARG H 178 -68.04 -14.80 -16.97
N GLU H 179 -69.21 -14.68 -17.58
CA GLU H 179 -70.30 -15.63 -17.35
C GLU H 179 -69.74 -17.05 -17.53
N TYR H 180 -68.87 -17.19 -18.53
CA TYR H 180 -68.22 -18.46 -18.87
C TYR H 180 -67.45 -18.97 -17.65
N ILE H 181 -66.59 -18.13 -17.09
CA ILE H 181 -65.77 -18.49 -15.91
C ILE H 181 -66.63 -18.60 -14.66
N ALA H 182 -67.54 -17.64 -14.53
CA ALA H 182 -68.45 -17.56 -13.40
C ALA H 182 -69.19 -18.89 -13.26
N ASP H 183 -69.82 -19.30 -14.36
CA ASP H 183 -70.57 -20.53 -14.35
C ASP H 183 -69.71 -21.71 -13.89
N ILE H 184 -68.51 -21.82 -14.46
CA ILE H 184 -67.57 -22.87 -14.14
C ILE H 184 -67.35 -22.95 -12.63
N VAL H 185 -66.93 -21.82 -12.07
CA VAL H 185 -66.65 -21.67 -10.64
C VAL H 185 -67.74 -22.29 -9.75
N VAL H 186 -69.01 -22.07 -10.14
CA VAL H 186 -70.14 -22.60 -9.40
C VAL H 186 -70.14 -24.12 -9.41
N LYS H 187 -70.11 -24.70 -10.60
CA LYS H 187 -70.09 -26.14 -10.74
C LYS H 187 -68.90 -26.75 -9.99
N ALA H 188 -67.73 -26.12 -10.12
CA ALA H 188 -66.49 -26.57 -9.50
C ALA H 188 -66.55 -26.76 -7.98
N VAL H 189 -67.26 -25.86 -7.30
CA VAL H 189 -67.37 -25.93 -5.85
C VAL H 189 -68.45 -26.91 -5.43
N THR H 190 -69.65 -26.74 -5.98
CA THR H 190 -70.76 -27.64 -5.65
C THR H 190 -70.29 -29.08 -5.84
N GLN H 191 -69.28 -29.25 -6.70
CA GLN H 191 -68.73 -30.58 -6.99
C GLN H 191 -67.98 -31.16 -5.79
N VAL H 192 -67.22 -30.31 -5.10
CA VAL H 192 -66.42 -30.77 -3.96
C VAL H 192 -67.12 -30.72 -2.61
N ALA H 193 -68.12 -29.86 -2.49
CA ALA H 193 -68.87 -29.72 -1.26
C ALA H 193 -69.26 -31.07 -0.64
N GLU H 194 -69.46 -31.09 0.67
CA GLU H 194 -69.86 -32.29 1.40
C GLU H 194 -70.73 -31.91 2.59
N LEU H 195 -71.33 -32.90 3.26
CA LEU H 195 -72.17 -32.65 4.43
C LEU H 195 -71.77 -33.50 5.61
N ARG H 196 -70.53 -33.32 6.11
CA ARG H 196 -70.01 -34.06 7.26
C ARG H 196 -70.78 -33.75 8.55
N GLY H 197 -71.95 -34.38 8.69
CA GLY H 197 -72.80 -34.17 9.85
C GLY H 197 -73.55 -32.85 9.76
N ASP H 198 -74.47 -32.75 8.79
CA ASP H 198 -75.29 -31.56 8.52
C ASP H 198 -74.50 -30.24 8.60
N LYS H 199 -73.17 -30.33 8.51
CA LYS H 199 -72.27 -29.19 8.58
C LYS H 199 -71.29 -29.24 7.39
N TRP H 200 -71.66 -28.58 6.30
CA TRP H 200 -70.83 -28.56 5.08
C TRP H 200 -69.35 -28.32 5.32
N TYR H 201 -68.52 -28.83 4.41
CA TYR H 201 -67.07 -28.64 4.49
C TYR H 201 -66.46 -28.73 3.08
N VAL H 202 -66.19 -27.58 2.47
CA VAL H 202 -65.60 -27.52 1.14
C VAL H 202 -64.08 -27.40 1.28
N ASP H 203 -63.36 -28.38 0.77
CA ASP H 203 -61.90 -28.36 0.85
C ASP H 203 -61.39 -27.99 -0.53
N LEU H 204 -60.91 -26.76 -0.67
CA LEU H 204 -60.41 -26.26 -1.95
C LEU H 204 -59.31 -27.13 -2.59
N ASP H 205 -58.50 -27.77 -1.76
CA ASP H 205 -57.42 -28.61 -2.26
C ASP H 205 -57.89 -29.68 -3.26
N ASN H 206 -59.20 -29.99 -3.22
CA ASN H 206 -59.77 -31.00 -4.11
C ASN H 206 -59.96 -30.44 -5.52
N ILE H 207 -59.34 -29.30 -5.80
CA ILE H 207 -59.42 -28.68 -7.11
C ILE H 207 -58.03 -28.22 -7.55
N GLN H 208 -57.59 -28.69 -8.71
CA GLN H 208 -56.28 -28.31 -9.22
C GLN H 208 -56.47 -27.24 -10.28
N ILE H 209 -55.48 -26.35 -10.38
CA ILE H 209 -55.51 -25.25 -11.33
C ILE H 209 -54.22 -25.21 -12.13
N VAL H 210 -54.31 -25.54 -13.42
CA VAL H 210 -53.16 -25.56 -14.32
C VAL H 210 -53.36 -24.53 -15.43
N LYS H 211 -52.29 -23.87 -15.83
CA LYS H 211 -52.38 -22.85 -16.88
C LYS H 211 -51.26 -22.83 -17.92
N LYS H 212 -51.64 -22.68 -19.19
CA LYS H 212 -50.70 -22.59 -20.33
C LYS H 212 -51.26 -21.67 -21.41
N ALA H 213 -50.44 -20.72 -21.84
CA ALA H 213 -50.81 -19.73 -22.86
C ALA H 213 -51.62 -20.35 -24.01
N GLY H 214 -52.10 -19.53 -24.93
CA GLY H 214 -52.85 -20.05 -26.05
C GLY H 214 -54.24 -19.46 -26.20
N GLY H 215 -54.58 -19.06 -27.43
CA GLY H 215 -55.89 -18.48 -27.71
C GLY H 215 -56.38 -17.54 -26.63
N SER H 216 -57.71 -17.38 -26.54
CA SER H 216 -58.31 -16.50 -25.54
C SER H 216 -58.67 -17.26 -24.26
N ILE H 217 -59.31 -16.57 -23.32
CA ILE H 217 -59.69 -17.21 -22.06
C ILE H 217 -60.89 -18.14 -22.25
N ASN H 218 -61.65 -17.93 -23.33
CA ASN H 218 -62.82 -18.77 -23.62
C ASN H 218 -62.38 -20.18 -23.94
N ASP H 219 -61.09 -20.34 -24.22
CA ASP H 219 -60.50 -21.64 -24.55
C ASP H 219 -60.08 -22.41 -23.29
N THR H 220 -60.58 -21.98 -22.13
CA THR H 220 -60.27 -22.61 -20.85
C THR H 220 -61.43 -23.54 -20.51
N GLN H 221 -61.16 -24.63 -19.82
CA GLN H 221 -62.23 -25.55 -19.44
C GLN H 221 -61.87 -26.31 -18.18
N LEU H 222 -62.88 -26.93 -17.56
CA LEU H 222 -62.71 -27.71 -16.34
C LEU H 222 -62.76 -29.20 -16.67
N VAL H 223 -61.83 -29.97 -16.10
CA VAL H 223 -61.74 -31.40 -16.33
C VAL H 223 -62.19 -32.16 -15.08
N TYR H 224 -63.02 -33.18 -15.24
CA TYR H 224 -63.50 -33.95 -14.11
C TYR H 224 -62.50 -34.97 -13.57
N GLY H 225 -61.30 -34.48 -13.31
CA GLY H 225 -60.23 -35.31 -12.81
C GLY H 225 -58.96 -34.48 -12.85
N ILE H 226 -57.87 -35.03 -12.33
CA ILE H 226 -56.59 -34.34 -12.30
C ILE H 226 -55.97 -34.18 -13.71
N VAL H 227 -55.20 -33.10 -13.91
CA VAL H 227 -54.57 -32.84 -15.20
C VAL H 227 -53.09 -32.51 -15.03
N VAL H 228 -52.21 -33.37 -15.54
CA VAL H 228 -50.76 -33.17 -15.42
C VAL H 228 -50.08 -32.46 -16.59
N ASP H 229 -49.55 -31.27 -16.33
CA ASP H 229 -48.88 -30.51 -17.38
C ASP H 229 -47.42 -30.96 -17.56
N LYS H 230 -47.23 -32.01 -18.37
CA LYS H 230 -45.89 -32.53 -18.72
C LYS H 230 -46.11 -33.63 -19.75
N GLU H 231 -45.47 -33.47 -20.92
CA GLU H 231 -45.55 -34.42 -22.03
C GLU H 231 -45.05 -35.81 -21.59
N VAL H 232 -45.52 -36.88 -22.24
CA VAL H 232 -45.08 -38.24 -21.90
C VAL H 232 -43.58 -38.35 -22.10
N VAL H 233 -42.98 -39.38 -21.51
CA VAL H 233 -41.54 -39.54 -21.60
C VAL H 233 -41.00 -40.11 -22.92
N HIS H 234 -41.68 -41.11 -23.47
CA HIS H 234 -41.22 -41.72 -24.72
C HIS H 234 -42.37 -41.85 -25.72
N PRO H 235 -42.09 -41.64 -27.03
CA PRO H 235 -43.13 -41.75 -28.07
C PRO H 235 -43.63 -43.17 -28.29
N GLY H 236 -42.83 -44.15 -27.87
CA GLY H 236 -43.22 -45.53 -28.04
C GLY H 236 -44.07 -46.05 -26.90
N MET H 237 -44.84 -45.18 -26.25
CA MET H 237 -45.68 -45.61 -25.14
C MET H 237 -47.15 -45.39 -25.41
N PRO H 238 -48.02 -46.17 -24.73
CA PRO H 238 -49.46 -46.06 -24.91
C PRO H 238 -49.92 -44.64 -24.55
N LYS H 239 -50.44 -43.93 -25.55
CA LYS H 239 -50.93 -42.58 -25.34
C LYS H 239 -52.43 -42.56 -24.98
N ARG H 240 -52.97 -43.69 -24.51
CA ARG H 240 -54.38 -43.79 -24.16
C ARG H 240 -54.66 -45.16 -23.55
N LEU H 241 -54.80 -45.25 -22.22
CA LEU H 241 -55.09 -46.55 -21.58
C LEU H 241 -56.52 -46.65 -21.02
N GLU H 242 -57.17 -47.79 -21.23
CA GLU H 242 -58.53 -48.00 -20.74
C GLU H 242 -58.40 -48.57 -19.34
N ASN H 243 -59.18 -48.05 -18.40
CA ASN H 243 -59.11 -48.54 -17.03
C ASN H 243 -57.65 -48.62 -16.57
N ALA H 244 -57.08 -47.47 -16.18
CA ALA H 244 -55.69 -47.44 -15.75
C ALA H 244 -55.53 -47.69 -14.25
N LYS H 245 -54.31 -48.04 -13.86
CA LYS H 245 -53.98 -48.30 -12.47
C LYS H 245 -52.70 -47.53 -12.14
N ILE H 246 -52.86 -46.24 -11.91
CA ILE H 246 -51.75 -45.33 -11.61
C ILE H 246 -50.81 -45.74 -10.47
N ALA H 247 -49.53 -45.50 -10.68
CA ALA H 247 -48.50 -45.81 -9.69
C ALA H 247 -47.67 -44.56 -9.37
N LEU H 248 -48.03 -43.85 -8.30
CA LEU H 248 -47.34 -42.64 -7.88
C LEU H 248 -45.99 -42.97 -7.26
N ILE H 249 -44.96 -43.07 -8.09
CA ILE H 249 -43.64 -43.41 -7.59
C ILE H 249 -42.73 -42.23 -7.39
N ASP H 250 -42.53 -41.86 -6.12
CA ASP H 250 -41.66 -40.73 -5.81
C ASP H 250 -40.29 -41.18 -5.35
N ALA H 251 -39.35 -41.20 -6.29
CA ALA H 251 -37.98 -41.58 -6.01
C ALA H 251 -37.15 -41.64 -7.30
N SER H 252 -35.84 -41.76 -7.12
CA SER H 252 -34.86 -41.84 -8.22
C SER H 252 -35.09 -43.05 -9.13
N LEU H 253 -35.22 -42.79 -10.43
CA LEU H 253 -35.45 -43.86 -11.39
C LEU H 253 -34.56 -43.75 -12.64
N GLU H 254 -33.25 -43.73 -12.43
CA GLU H 254 -32.28 -43.60 -13.51
C GLU H 254 -31.04 -44.44 -13.22
N VAL H 255 -30.30 -44.84 -14.25
CA VAL H 255 -29.09 -45.64 -14.00
C VAL H 255 -28.29 -45.01 -12.86
N GLU H 256 -27.78 -45.86 -11.97
CA GLU H 256 -27.00 -45.36 -10.83
C GLU H 256 -25.57 -44.94 -11.30
N LYS H 257 -25.23 -43.68 -11.07
CA LYS H 257 -23.89 -43.26 -11.39
C LYS H 257 -23.18 -44.22 -10.45
N PRO H 258 -22.16 -44.89 -10.97
CA PRO H 258 -21.40 -45.85 -10.18
C PRO H 258 -20.02 -45.30 -9.80
N GLU H 259 -19.71 -44.10 -10.24
CA GLU H 259 -18.40 -43.51 -9.94
C GLU H 259 -18.20 -43.26 -8.45
N LEU H 260 -19.22 -42.72 -7.79
CA LEU H 260 -19.12 -42.43 -6.36
C LEU H 260 -18.91 -43.72 -5.59
N ASP H 261 -19.65 -44.76 -5.97
CA ASP H 261 -19.53 -46.05 -5.33
C ASP H 261 -18.14 -46.65 -5.56
N ALA H 262 -17.63 -46.49 -6.77
CA ALA H 262 -16.32 -47.04 -7.12
C ALA H 262 -15.55 -46.22 -8.16
N GLU H 263 -14.23 -46.42 -8.16
CA GLU H 263 -13.30 -45.78 -9.05
C GLU H 263 -12.61 -47.05 -9.45
N ILE H 264 -12.41 -47.32 -10.74
CA ILE H 264 -11.79 -48.60 -11.07
C ILE H 264 -11.09 -48.60 -12.40
N ARG H 265 -10.25 -49.61 -12.65
CA ARG H 265 -9.60 -49.56 -13.97
C ARG H 265 -10.36 -50.55 -14.88
N ILE H 266 -9.81 -50.82 -16.07
CA ILE H 266 -10.41 -51.76 -17.03
C ILE H 266 -9.34 -52.21 -18.05
N ASN H 267 -9.48 -53.46 -18.50
CA ASN H 267 -8.54 -54.06 -19.42
C ASN H 267 -9.14 -54.38 -20.81
N ASP H 268 -9.76 -55.56 -20.88
CA ASP H 268 -10.42 -56.12 -22.06
C ASP H 268 -11.94 -55.82 -22.12
N PRO H 269 -12.55 -55.94 -23.33
CA PRO H 269 -13.99 -55.70 -23.62
C PRO H 269 -14.96 -56.72 -22.99
N THR H 270 -14.39 -57.85 -22.58
CA THR H 270 -15.15 -58.90 -21.93
C THR H 270 -15.74 -58.35 -20.62
N GLN H 271 -14.95 -57.53 -19.96
CA GLN H 271 -15.29 -56.86 -18.68
C GLN H 271 -16.36 -55.79 -18.88
N MET H 272 -16.24 -55.07 -19.99
CA MET H 272 -17.16 -53.99 -20.35
C MET H 272 -18.60 -54.48 -20.34
N GLN H 273 -18.89 -55.40 -21.25
CA GLN H 273 -20.22 -55.97 -21.39
C GLN H 273 -20.86 -56.29 -20.06
N LYS H 274 -20.35 -57.31 -19.37
CA LYS H 274 -20.93 -57.69 -18.09
C LYS H 274 -21.05 -56.51 -17.11
N PHE H 275 -20.40 -55.39 -17.42
CA PHE H 275 -20.47 -54.22 -16.55
C PHE H 275 -21.73 -53.39 -16.83
N LEU H 276 -21.89 -52.97 -18.08
CA LEU H 276 -23.03 -52.17 -18.51
C LEU H 276 -24.30 -53.00 -18.61
N ASP H 277 -24.13 -54.31 -18.72
CA ASP H 277 -25.28 -55.19 -18.84
C ASP H 277 -25.99 -55.33 -17.51
N GLU H 278 -25.27 -55.72 -16.47
CA GLU H 278 -25.88 -55.87 -15.16
C GLU H 278 -26.30 -54.51 -14.60
N GLU H 279 -25.55 -53.46 -14.94
CA GLU H 279 -25.84 -52.10 -14.49
C GLU H 279 -27.14 -51.60 -15.10
N GLU H 280 -27.46 -52.11 -16.29
CA GLU H 280 -28.68 -51.77 -17.02
C GLU H 280 -29.80 -52.61 -16.43
N ASN H 281 -29.44 -53.82 -15.99
CA ASN H 281 -30.40 -54.73 -15.39
C ASN H 281 -30.75 -54.29 -13.96
N LEU H 282 -29.94 -53.39 -13.41
CA LEU H 282 -30.16 -52.88 -12.05
C LEU H 282 -31.41 -51.97 -11.99
N ILE H 283 -31.57 -51.14 -13.04
CA ILE H 283 -32.70 -50.21 -13.14
C ILE H 283 -33.96 -50.96 -13.53
N LYS H 284 -33.80 -51.96 -14.39
CA LYS H 284 -34.92 -52.79 -14.84
C LYS H 284 -35.51 -53.47 -13.62
N GLU H 285 -34.68 -53.64 -12.59
CA GLU H 285 -35.11 -54.27 -11.34
C GLU H 285 -36.14 -53.39 -10.68
N LYS H 286 -35.78 -52.14 -10.44
CA LYS H 286 -36.71 -51.21 -9.82
C LYS H 286 -38.00 -51.22 -10.64
N VAL H 287 -37.87 -51.16 -11.97
CA VAL H 287 -39.03 -51.16 -12.85
C VAL H 287 -39.95 -52.38 -12.67
N ASP H 288 -39.36 -53.59 -12.64
CA ASP H 288 -40.15 -54.82 -12.47
C ASP H 288 -40.75 -54.89 -11.08
N LYS H 289 -40.00 -54.37 -10.10
CA LYS H 289 -40.42 -54.37 -8.70
C LYS H 289 -41.64 -53.49 -8.51
N ILE H 290 -41.80 -52.53 -9.41
CA ILE H 290 -42.93 -51.59 -9.41
C ILE H 290 -44.08 -52.18 -10.21
N LEU H 291 -43.75 -52.74 -11.37
CA LEU H 291 -44.74 -53.39 -12.22
C LEU H 291 -45.24 -54.63 -11.48
N ALA H 292 -44.57 -54.97 -10.38
CA ALA H 292 -44.90 -56.11 -9.54
C ALA H 292 -46.32 -55.98 -9.00
N THR H 293 -46.84 -54.76 -9.10
CA THR H 293 -48.19 -54.46 -8.65
C THR H 293 -49.07 -54.47 -9.89
N GLY H 294 -48.43 -54.35 -11.04
CA GLY H 294 -49.14 -54.34 -12.30
C GLY H 294 -49.88 -53.05 -12.47
N ALA H 295 -49.17 -52.01 -12.87
CA ALA H 295 -49.76 -50.70 -13.07
C ALA H 295 -49.74 -50.34 -14.56
N ASN H 296 -50.81 -49.73 -15.04
CA ASN H 296 -50.90 -49.35 -16.45
C ASN H 296 -50.06 -48.12 -16.70
N VAL H 297 -50.00 -47.27 -15.69
CA VAL H 297 -49.27 -46.02 -15.80
C VAL H 297 -48.46 -45.80 -14.52
N ILE H 298 -47.34 -45.11 -14.68
CA ILE H 298 -46.42 -44.80 -13.59
C ILE H 298 -45.77 -43.41 -13.81
N ILE H 299 -45.97 -42.48 -12.87
CA ILE H 299 -45.41 -41.13 -12.97
C ILE H 299 -44.60 -40.81 -11.71
N CYS H 300 -43.52 -40.07 -11.85
CA CYS H 300 -42.68 -39.72 -10.70
C CYS H 300 -42.27 -38.25 -10.72
N GLN H 301 -41.51 -37.83 -9.71
CA GLN H 301 -41.05 -36.46 -9.64
C GLN H 301 -39.53 -36.35 -9.69
N LYS H 302 -38.91 -37.11 -10.59
CA LYS H 302 -37.46 -37.07 -10.73
C LYS H 302 -37.13 -37.42 -12.19
N GLY H 303 -35.86 -37.32 -12.58
CA GLY H 303 -35.46 -37.63 -13.94
C GLY H 303 -35.43 -39.13 -14.23
N ILE H 304 -36.17 -39.56 -15.26
CA ILE H 304 -36.19 -40.98 -15.64
C ILE H 304 -35.18 -41.31 -16.75
N ASP H 305 -34.35 -42.31 -16.50
CA ASP H 305 -33.34 -42.73 -17.46
C ASP H 305 -33.92 -42.98 -18.85
N GLU H 306 -33.13 -42.67 -19.88
CA GLU H 306 -33.54 -42.84 -21.27
C GLU H 306 -33.54 -44.31 -21.72
N VAL H 307 -32.74 -45.13 -21.04
CA VAL H 307 -32.64 -46.57 -21.32
C VAL H 307 -33.85 -47.26 -20.65
N ALA H 308 -34.24 -46.71 -19.50
CA ALA H 308 -35.37 -47.22 -18.72
C ALA H 308 -36.67 -46.89 -19.42
N GLN H 309 -36.59 -45.96 -20.36
CA GLN H 309 -37.75 -45.56 -21.13
C GLN H 309 -38.00 -46.62 -22.19
N SER H 310 -36.93 -47.03 -22.88
CA SER H 310 -37.03 -48.04 -23.93
C SER H 310 -37.57 -49.34 -23.32
N TYR H 311 -37.31 -49.53 -22.03
CA TYR H 311 -37.77 -50.71 -21.32
C TYR H 311 -39.27 -50.64 -21.04
N LEU H 312 -39.69 -49.48 -20.51
CA LEU H 312 -41.09 -49.25 -20.18
C LEU H 312 -41.87 -49.19 -21.48
N ALA H 313 -41.21 -48.70 -22.52
CA ALA H 313 -41.81 -48.60 -23.84
C ALA H 313 -42.09 -49.98 -24.41
N LYS H 314 -41.15 -50.90 -24.22
CA LYS H 314 -41.30 -52.27 -24.72
C LYS H 314 -42.33 -53.02 -23.86
N LYS H 315 -42.49 -52.58 -22.61
CA LYS H 315 -43.44 -53.19 -21.68
C LYS H 315 -44.88 -52.72 -21.90
N GLY H 316 -45.03 -51.56 -22.50
CA GLY H 316 -46.36 -51.01 -22.76
C GLY H 316 -46.90 -50.19 -21.60
N VAL H 317 -46.01 -49.45 -20.93
CA VAL H 317 -46.38 -48.60 -19.80
C VAL H 317 -46.37 -47.12 -20.22
N LEU H 318 -47.14 -46.30 -19.52
CA LEU H 318 -47.19 -44.86 -19.81
C LEU H 318 -46.54 -44.14 -18.63
N ALA H 319 -45.36 -43.55 -18.85
CA ALA H 319 -44.63 -42.87 -17.78
C ALA H 319 -44.38 -41.38 -18.04
N VAL H 320 -44.31 -40.60 -16.97
CA VAL H 320 -44.06 -39.16 -17.06
C VAL H 320 -42.82 -38.76 -16.24
N ARG H 321 -41.98 -37.87 -16.81
CA ARG H 321 -40.75 -37.40 -16.17
C ARG H 321 -40.96 -36.64 -14.86
N ARG H 322 -40.13 -35.63 -14.63
CA ARG H 322 -40.25 -34.81 -13.43
C ARG H 322 -41.64 -34.17 -13.45
N ALA H 323 -42.25 -34.03 -12.28
CA ALA H 323 -43.58 -33.42 -12.15
C ALA H 323 -43.71 -32.87 -10.73
N LYS H 324 -43.99 -31.57 -10.58
CA LYS H 324 -44.11 -30.94 -9.25
C LYS H 324 -44.89 -31.81 -8.24
N LYS H 325 -44.27 -32.12 -7.10
CA LYS H 325 -44.88 -32.92 -6.04
C LYS H 325 -46.26 -32.32 -5.75
N SER H 326 -46.34 -31.01 -5.98
CA SER H 326 -47.54 -30.19 -5.78
C SER H 326 -48.81 -30.85 -6.38
N ASP H 327 -48.63 -31.58 -7.48
CA ASP H 327 -49.74 -32.23 -8.16
C ASP H 327 -49.85 -33.73 -7.87
N LEU H 328 -48.74 -34.34 -7.46
CA LEU H 328 -48.77 -35.76 -7.14
C LEU H 328 -49.76 -35.98 -6.01
N GLU H 329 -49.71 -35.12 -5.01
CA GLU H 329 -50.61 -35.23 -3.88
C GLU H 329 -52.06 -35.08 -4.34
N LYS H 330 -52.36 -33.97 -5.05
CA LYS H 330 -53.72 -33.71 -5.56
C LYS H 330 -54.22 -34.88 -6.41
N LEU H 331 -53.26 -35.61 -7.00
CA LEU H 331 -53.57 -36.76 -7.83
C LEU H 331 -53.60 -38.03 -6.97
N ALA H 332 -52.94 -37.97 -5.81
CA ALA H 332 -52.89 -39.09 -4.88
C ALA H 332 -54.29 -39.43 -4.37
N ARG H 333 -54.83 -38.57 -3.52
CA ARG H 333 -56.15 -38.80 -2.95
C ARG H 333 -57.28 -38.53 -3.94
N ALA H 334 -56.93 -38.24 -5.19
CA ALA H 334 -57.94 -38.01 -6.21
C ALA H 334 -58.22 -39.33 -6.95
N THR H 335 -57.24 -40.23 -6.96
CA THR H 335 -57.38 -41.53 -7.61
C THR H 335 -57.25 -42.67 -6.61
N GLY H 336 -57.31 -42.33 -5.33
CA GLY H 336 -57.22 -43.35 -4.28
C GLY H 336 -55.97 -44.18 -4.36
N GLY H 337 -54.82 -43.52 -4.25
CA GLY H 337 -53.56 -44.22 -4.29
C GLY H 337 -52.59 -43.62 -3.30
N ARG H 338 -51.41 -44.20 -3.16
CA ARG H 338 -50.41 -43.68 -2.23
C ARG H 338 -49.21 -43.20 -3.04
N VAL H 339 -48.45 -42.27 -2.48
CA VAL H 339 -47.26 -41.74 -3.15
C VAL H 339 -46.07 -42.57 -2.68
N VAL H 340 -45.76 -43.65 -3.42
CA VAL H 340 -44.67 -44.55 -3.08
C VAL H 340 -43.35 -43.89 -2.68
N SER H 341 -43.03 -44.05 -1.40
CA SER H 341 -41.82 -43.51 -0.78
C SER H 341 -40.61 -44.35 -1.22
N ASN H 342 -40.64 -45.62 -0.84
CA ASN H 342 -39.60 -46.59 -1.11
C ASN H 342 -40.13 -47.70 -2.04
N ILE H 343 -39.58 -47.81 -3.25
CA ILE H 343 -40.01 -48.81 -4.25
C ILE H 343 -40.07 -50.27 -3.75
N ASP H 344 -39.22 -50.59 -2.77
CA ASP H 344 -39.16 -51.95 -2.21
C ASP H 344 -40.30 -52.18 -1.21
N GLU H 345 -41.28 -51.27 -1.19
CA GLU H 345 -42.40 -51.36 -0.26
C GLU H 345 -43.76 -51.28 -0.94
N ILE H 346 -43.76 -51.08 -2.26
CA ILE H 346 -45.01 -50.97 -3.01
C ILE H 346 -45.97 -52.12 -2.70
N SER H 347 -47.25 -51.79 -2.60
CA SER H 347 -48.28 -52.78 -2.31
C SER H 347 -49.32 -52.87 -3.42
N GLU H 348 -50.09 -53.95 -3.38
CA GLU H 348 -51.14 -54.19 -4.36
C GLU H 348 -52.25 -53.15 -4.17
N GLN H 349 -51.96 -52.08 -3.44
CA GLN H 349 -52.95 -51.05 -3.18
C GLN H 349 -52.43 -49.63 -3.30
N ASP H 350 -51.13 -49.43 -3.06
CA ASP H 350 -50.53 -48.10 -3.15
C ASP H 350 -50.77 -47.40 -4.49
N LEU H 351 -51.31 -48.15 -5.46
CA LEU H 351 -51.58 -47.62 -6.79
C LEU H 351 -53.03 -47.19 -6.94
N GLY H 352 -53.24 -45.98 -7.45
CA GLY H 352 -54.59 -45.48 -7.63
C GLY H 352 -55.22 -45.95 -8.93
N TYR H 353 -56.54 -46.00 -8.97
CA TYR H 353 -57.26 -46.43 -10.16
C TYR H 353 -57.85 -45.25 -10.92
N ALA H 354 -58.14 -45.47 -12.19
CA ALA H 354 -58.72 -44.44 -13.03
C ALA H 354 -59.64 -45.08 -14.05
N SER H 355 -60.07 -44.30 -15.04
CA SER H 355 -60.96 -44.79 -16.07
C SER H 355 -60.41 -44.60 -17.46
N LEU H 356 -59.78 -43.46 -17.70
CA LEU H 356 -59.23 -43.20 -19.02
C LEU H 356 -58.14 -42.14 -18.89
N ILE H 357 -56.97 -42.42 -19.44
CA ILE H 357 -55.86 -41.48 -19.42
C ILE H 357 -55.71 -41.03 -20.88
N GLU H 358 -55.31 -39.77 -21.08
CA GLU H 358 -55.13 -39.24 -22.43
C GLU H 358 -54.01 -38.23 -22.47
N GLU H 359 -53.69 -37.77 -23.67
CA GLU H 359 -52.62 -36.80 -23.84
C GLU H 359 -52.92 -35.86 -25.00
N ARG H 360 -54.03 -35.13 -24.97
CA ARG H 360 -54.36 -34.23 -26.07
C ARG H 360 -53.39 -33.06 -26.12
N LYS H 361 -52.96 -32.69 -27.34
CA LYS H 361 -52.03 -31.58 -27.53
C LYS H 361 -52.76 -30.25 -27.48
N VAL H 362 -53.61 -30.07 -26.46
CA VAL H 362 -54.39 -28.85 -26.33
C VAL H 362 -53.50 -27.59 -26.25
N GLY H 363 -53.84 -26.62 -27.10
CA GLY H 363 -53.11 -25.36 -27.17
C GLY H 363 -51.91 -25.48 -28.09
N GLU H 364 -50.75 -25.77 -27.49
CA GLU H 364 -49.50 -25.93 -28.23
C GLU H 364 -48.80 -27.20 -27.75
N ASP H 365 -48.47 -27.25 -26.46
CA ASP H 365 -47.80 -28.41 -25.89
C ASP H 365 -48.80 -29.53 -25.63
N LYS H 366 -48.29 -30.66 -25.18
CA LYS H 366 -49.15 -31.81 -24.89
C LYS H 366 -49.16 -32.06 -23.39
N MET H 367 -50.37 -32.30 -22.87
CA MET H 367 -50.58 -32.54 -21.44
C MET H 367 -51.31 -33.87 -21.22
N VAL H 368 -51.09 -34.46 -20.05
CA VAL H 368 -51.69 -35.73 -19.67
C VAL H 368 -53.00 -35.49 -18.88
N PHE H 369 -54.03 -36.26 -19.19
CA PHE H 369 -55.31 -36.13 -18.48
C PHE H 369 -55.60 -37.43 -17.77
N VAL H 370 -56.33 -37.34 -16.66
CA VAL H 370 -56.67 -38.52 -15.89
C VAL H 370 -58.14 -38.39 -15.56
N GLU H 371 -58.97 -38.36 -16.59
CA GLU H 371 -60.41 -38.21 -16.40
C GLU H 371 -61.10 -39.45 -15.81
N GLY H 372 -62.23 -39.20 -15.15
CA GLY H 372 -63.00 -40.28 -14.53
C GLY H 372 -62.27 -41.07 -13.46
N ALA H 373 -61.54 -40.39 -12.56
CA ALA H 373 -60.79 -41.05 -11.51
C ALA H 373 -61.65 -41.93 -10.60
N LYS H 374 -61.02 -42.56 -9.62
CA LYS H 374 -61.74 -43.42 -8.69
C LYS H 374 -62.54 -42.57 -7.73
N ASN H 375 -61.97 -41.43 -7.36
CA ASN H 375 -62.63 -40.51 -6.44
C ASN H 375 -63.40 -39.46 -7.26
N PRO H 376 -64.73 -39.40 -7.12
CA PRO H 376 -65.58 -38.44 -7.84
C PRO H 376 -65.28 -36.95 -7.58
N LYS H 377 -65.61 -36.50 -6.37
CA LYS H 377 -65.39 -35.11 -5.95
C LYS H 377 -63.92 -34.76 -5.97
N SER H 378 -63.43 -34.46 -7.17
CA SER H 378 -62.03 -34.12 -7.36
C SER H 378 -61.86 -33.68 -8.81
N ILE H 379 -61.87 -32.37 -9.06
CA ILE H 379 -61.71 -31.85 -10.42
C ILE H 379 -60.67 -30.76 -10.48
N SER H 380 -60.30 -30.39 -11.70
CA SER H 380 -59.30 -29.33 -11.91
C SER H 380 -59.77 -28.34 -12.98
N ILE H 381 -59.15 -27.16 -12.99
CA ILE H 381 -59.50 -26.12 -13.96
C ILE H 381 -58.29 -25.78 -14.82
N LEU H 382 -58.52 -25.53 -16.09
CA LEU H 382 -57.43 -25.19 -17.00
C LEU H 382 -57.58 -23.78 -17.54
N ILE H 383 -56.67 -22.89 -17.14
CA ILE H 383 -56.67 -21.49 -17.56
C ILE H 383 -55.81 -21.30 -18.81
N ARG H 384 -56.28 -20.47 -19.73
CA ARG H 384 -55.54 -20.19 -20.96
C ARG H 384 -55.81 -18.77 -21.42
N GLY H 385 -55.36 -17.80 -20.64
CA GLY H 385 -55.58 -16.40 -20.98
C GLY H 385 -55.02 -15.96 -22.34
N GLY H 386 -53.97 -16.62 -22.79
CA GLY H 386 -53.37 -16.25 -24.06
C GLY H 386 -51.97 -15.71 -23.86
N LEU H 387 -51.86 -14.51 -23.30
CA LEU H 387 -50.56 -13.89 -23.06
C LEU H 387 -49.93 -14.42 -21.77
N GLU H 388 -48.59 -14.41 -21.71
CA GLU H 388 -47.85 -14.92 -20.55
C GLU H 388 -48.23 -14.30 -19.20
N ARG H 389 -48.80 -13.10 -19.22
CA ARG H 389 -49.19 -12.39 -18.00
C ARG H 389 -50.70 -12.34 -17.78
N LEU H 390 -51.46 -12.22 -18.87
CA LEU H 390 -52.92 -12.16 -18.80
C LEU H 390 -53.42 -13.45 -18.12
N VAL H 391 -52.76 -14.56 -18.44
CA VAL H 391 -53.12 -15.85 -17.89
C VAL H 391 -52.90 -15.86 -16.38
N ASP H 392 -51.80 -15.27 -15.94
CA ASP H 392 -51.43 -15.21 -14.53
C ASP H 392 -52.50 -14.57 -13.63
N GLU H 393 -53.00 -13.40 -14.02
CA GLU H 393 -54.01 -12.73 -13.21
C GLU H 393 -55.39 -13.37 -13.32
N THR H 394 -55.60 -14.22 -14.32
CA THR H 394 -56.88 -14.90 -14.46
C THR H 394 -56.94 -15.94 -13.34
N GLU H 395 -55.75 -16.45 -12.99
CA GLU H 395 -55.59 -17.44 -11.93
C GLU H 395 -55.87 -16.77 -10.60
N ARG H 396 -55.49 -15.50 -10.46
CA ARG H 396 -55.72 -14.82 -9.19
C ARG H 396 -57.21 -14.69 -9.01
N ALA H 397 -57.84 -14.04 -9.97
CA ALA H 397 -59.28 -13.83 -9.96
C ALA H 397 -60.07 -15.12 -9.70
N LEU H 398 -59.62 -16.19 -10.36
CA LEU H 398 -60.27 -17.49 -10.24
C LEU H 398 -60.11 -18.09 -8.86
N ARG H 399 -58.93 -17.91 -8.26
CA ARG H 399 -58.64 -18.44 -6.92
C ARG H 399 -59.59 -17.82 -5.93
N ASP H 400 -59.64 -16.50 -5.95
CA ASP H 400 -60.48 -15.73 -5.07
C ASP H 400 -61.94 -16.05 -5.34
N ALA H 401 -62.31 -16.10 -6.61
CA ALA H 401 -63.67 -16.40 -7.03
C ALA H 401 -64.17 -17.72 -6.44
N LEU H 402 -63.32 -18.74 -6.50
CA LEU H 402 -63.66 -20.06 -5.97
C LEU H 402 -63.78 -19.94 -4.46
N GLY H 403 -62.71 -19.47 -3.83
CA GLY H 403 -62.72 -19.30 -2.39
C GLY H 403 -64.00 -18.69 -1.87
N THR H 404 -64.32 -17.49 -2.34
CA THR H 404 -65.53 -16.80 -1.91
C THR H 404 -66.82 -17.61 -2.04
N VAL H 405 -67.03 -18.22 -3.20
CA VAL H 405 -68.23 -19.03 -3.43
C VAL H 405 -68.35 -20.15 -2.40
N ALA H 406 -67.21 -20.75 -2.08
CA ALA H 406 -67.17 -21.84 -1.11
C ALA H 406 -67.55 -21.31 0.26
N ASP H 407 -67.19 -20.07 0.54
CA ASP H 407 -67.50 -19.48 1.82
C ASP H 407 -68.99 -19.25 1.98
N VAL H 408 -69.68 -18.94 0.88
CA VAL H 408 -71.14 -18.70 0.96
C VAL H 408 -71.81 -19.98 1.46
N ILE H 409 -71.33 -21.12 0.95
CA ILE H 409 -71.88 -22.43 1.30
C ILE H 409 -71.54 -22.86 2.72
N LYS H 410 -70.28 -22.69 3.10
CA LYS H 410 -69.83 -23.07 4.44
C LYS H 410 -70.63 -22.33 5.50
N ASP H 411 -71.11 -21.12 5.17
CA ASP H 411 -71.89 -20.33 6.12
C ASP H 411 -73.40 -20.46 5.86
N GLY H 412 -73.88 -19.80 4.81
CA GLY H 412 -75.30 -19.88 4.47
C GLY H 412 -76.05 -18.55 4.51
N ARG H 413 -75.32 -17.47 4.74
CA ARG H 413 -75.91 -16.11 4.79
C ARG H 413 -75.26 -15.25 3.72
N ALA H 414 -76.06 -14.44 3.03
CA ALA H 414 -75.55 -13.56 1.97
C ALA H 414 -76.37 -12.28 1.80
N ILE H 415 -75.68 -11.14 1.73
CA ILE H 415 -76.33 -9.83 1.57
C ILE H 415 -75.99 -9.14 0.25
N ALA H 416 -76.76 -8.11 -0.08
CA ALA H 416 -76.54 -7.36 -1.30
C ALA H 416 -75.38 -6.40 -1.09
N GLY H 417 -74.41 -6.48 -1.99
CA GLY H 417 -73.29 -5.58 -1.88
C GLY H 417 -73.59 -4.37 -2.75
N GLY H 418 -72.88 -3.29 -2.52
CA GLY H 418 -73.12 -2.09 -3.32
C GLY H 418 -73.14 -0.88 -2.43
N GLY H 419 -72.77 -1.09 -1.18
CA GLY H 419 -72.75 0.00 -0.20
C GLY H 419 -74.06 -0.05 0.56
N ALA H 420 -74.92 -0.95 0.11
CA ALA H 420 -76.22 -1.13 0.72
C ALA H 420 -76.04 -1.35 2.20
N VAL H 421 -75.29 -2.38 2.57
CA VAL H 421 -75.10 -2.67 3.98
C VAL H 421 -74.34 -1.58 4.75
N GLU H 422 -73.52 -0.80 4.05
CA GLU H 422 -72.78 0.24 4.72
C GLU H 422 -73.79 1.20 5.25
N ILE H 423 -74.46 1.92 4.36
CA ILE H 423 -75.42 2.93 4.79
C ILE H 423 -76.41 2.44 5.86
N GLU H 424 -76.79 1.17 5.82
CA GLU H 424 -77.73 0.63 6.80
C GLU H 424 -77.03 0.59 8.13
N ILE H 425 -75.88 -0.07 8.16
CA ILE H 425 -75.07 -0.17 9.37
C ILE H 425 -74.84 1.24 9.93
N ALA H 426 -74.90 2.22 9.04
CA ALA H 426 -74.69 3.60 9.46
C ALA H 426 -75.93 4.02 10.14
N LYS H 427 -76.97 4.32 9.36
CA LYS H 427 -78.25 4.76 9.89
C LYS H 427 -78.62 4.07 11.20
N LYS H 428 -78.67 2.73 11.15
CA LYS H 428 -79.03 1.96 12.34
C LYS H 428 -78.11 2.33 13.50
N LEU H 429 -76.87 2.65 13.17
CA LEU H 429 -75.86 3.02 14.16
C LEU H 429 -76.14 4.43 14.74
N ARG H 430 -76.53 5.37 13.88
CA ARG H 430 -76.80 6.74 14.32
C ARG H 430 -77.90 6.79 15.34
N LYS H 431 -78.98 6.04 15.10
CA LYS H 431 -80.09 6.00 16.03
C LYS H 431 -79.60 5.38 17.34
N TYR H 432 -78.57 4.54 17.27
CA TYR H 432 -78.02 3.89 18.46
C TYR H 432 -77.19 4.87 19.31
N ALA H 433 -76.21 5.52 18.69
CA ALA H 433 -75.34 6.47 19.39
C ALA H 433 -76.00 7.23 20.54
N PRO H 434 -77.02 8.04 20.25
CA PRO H 434 -77.69 8.82 21.29
C PRO H 434 -77.75 8.17 22.66
N GLN H 435 -78.07 6.90 22.71
CA GLN H 435 -78.18 6.24 24.00
C GLN H 435 -76.89 5.67 24.55
N VAL H 436 -75.92 5.44 23.68
CA VAL H 436 -74.67 4.84 24.13
C VAL H 436 -74.01 5.57 25.30
N GLY H 437 -73.95 6.90 25.25
CA GLY H 437 -73.31 7.62 26.34
C GLY H 437 -72.76 8.98 25.97
N GLY H 438 -72.05 9.58 26.91
CA GLY H 438 -71.50 10.91 26.71
C GLY H 438 -70.52 10.99 25.57
N LYS H 439 -69.25 10.79 25.89
CA LYS H 439 -68.22 10.87 24.87
C LYS H 439 -68.26 9.72 23.86
N GLU H 440 -68.38 8.49 24.35
CA GLU H 440 -68.43 7.34 23.49
C GLU H 440 -69.38 7.54 22.31
N GLN H 441 -70.40 8.35 22.52
CA GLN H 441 -71.36 8.61 21.47
C GLN H 441 -70.61 9.09 20.25
N LEU H 442 -69.82 10.13 20.44
CA LEU H 442 -69.05 10.72 19.38
C LEU H 442 -68.22 9.65 18.68
N ALA H 443 -67.70 8.71 19.46
CA ALA H 443 -66.91 7.62 18.89
C ALA H 443 -67.78 6.86 17.90
N VAL H 444 -68.97 6.48 18.37
CA VAL H 444 -69.92 5.74 17.55
C VAL H 444 -70.38 6.54 16.34
N GLU H 445 -70.81 7.79 16.54
CA GLU H 445 -71.27 8.58 15.40
C GLU H 445 -70.16 8.58 14.37
N ALA H 446 -68.93 8.62 14.87
CA ALA H 446 -67.74 8.62 14.05
C ALA H 446 -67.63 7.29 13.30
N TYR H 447 -67.62 6.20 14.06
CA TYR H 447 -67.54 4.86 13.49
C TYR H 447 -68.48 4.81 12.28
N ALA H 448 -69.65 5.42 12.39
CA ALA H 448 -70.62 5.43 11.31
C ALA H 448 -70.15 6.27 10.13
N ASN H 449 -69.75 7.51 10.38
CA ASN H 449 -69.27 8.39 9.31
C ASN H 449 -68.13 7.78 8.51
N ALA H 450 -67.18 7.22 9.24
CA ALA H 450 -66.00 6.58 8.65
C ALA H 450 -66.45 5.50 7.69
N LEU H 451 -67.51 4.81 8.08
CA LEU H 451 -68.09 3.71 7.32
C LEU H 451 -68.73 4.15 6.00
N GLU H 452 -69.36 5.32 6.01
CA GLU H 452 -69.97 5.83 4.79
C GLU H 452 -68.85 6.26 3.88
N SER H 453 -67.76 6.76 4.46
CA SER H 453 -66.58 7.18 3.70
C SER H 453 -66.23 6.03 2.76
N LEU H 454 -66.44 4.83 3.27
CA LEU H 454 -66.17 3.61 2.52
C LEU H 454 -66.88 3.63 1.17
N VAL H 455 -68.20 3.92 1.19
CA VAL H 455 -68.99 3.98 -0.03
C VAL H 455 -68.66 5.18 -0.91
N SER H 456 -68.16 6.26 -0.30
CA SER H 456 -67.80 7.44 -1.08
C SER H 456 -66.62 7.04 -1.91
N ILE H 457 -65.62 6.42 -1.28
CA ILE H 457 -64.42 6.00 -2.00
C ILE H 457 -64.85 5.19 -3.22
N LEU H 458 -65.83 4.32 -2.98
CA LEU H 458 -66.35 3.48 -4.03
C LEU H 458 -66.92 4.35 -5.15
N ILE H 459 -67.70 5.35 -4.78
CA ILE H 459 -68.28 6.25 -5.77
C ILE H 459 -67.14 6.96 -6.50
N GLU H 460 -66.24 7.59 -5.74
CA GLU H 460 -65.12 8.32 -6.32
C GLU H 460 -64.54 7.58 -7.51
N ASN H 461 -64.06 6.38 -7.27
CA ASN H 461 -63.45 5.56 -8.32
C ASN H 461 -64.37 5.30 -9.49
N ALA H 462 -65.65 5.54 -9.30
CA ALA H 462 -66.63 5.33 -10.35
C ALA H 462 -66.64 6.55 -11.27
N GLY H 463 -66.20 7.69 -10.73
CA GLY H 463 -66.16 8.91 -11.51
C GLY H 463 -67.32 9.84 -11.25
N PHE H 464 -67.98 9.68 -10.11
CA PHE H 464 -69.12 10.50 -9.75
C PHE H 464 -68.87 11.26 -8.46
N ASP H 465 -69.62 12.33 -8.23
CA ASP H 465 -69.39 13.08 -7.01
C ASP H 465 -69.74 12.23 -5.80
N PRO H 466 -68.74 11.87 -4.98
CA PRO H 466 -68.97 11.04 -3.79
C PRO H 466 -70.05 11.59 -2.87
N ILE H 467 -70.01 12.87 -2.55
CA ILE H 467 -71.01 13.46 -1.66
C ILE H 467 -72.41 13.43 -2.28
N ASP H 468 -72.53 13.88 -3.53
CA ASP H 468 -73.81 13.94 -4.21
C ASP H 468 -74.60 12.66 -4.10
N LEU H 469 -74.02 11.60 -4.64
CA LEU H 469 -74.68 10.30 -4.62
C LEU H 469 -74.87 9.73 -3.24
N LEU H 470 -73.88 9.90 -2.36
CA LEU H 470 -73.99 9.37 -1.02
C LEU H 470 -75.22 9.96 -0.35
N MET H 471 -75.37 11.28 -0.45
CA MET H 471 -76.54 11.87 0.17
C MET H 471 -77.78 11.38 -0.57
N LYS H 472 -77.75 11.45 -1.89
CA LYS H 472 -78.88 11.01 -2.70
C LYS H 472 -79.27 9.54 -2.42
N LEU H 473 -78.29 8.74 -1.99
CA LEU H 473 -78.53 7.33 -1.67
C LEU H 473 -79.00 7.15 -0.24
N ARG H 474 -78.27 7.67 0.74
CA ARG H 474 -78.69 7.52 2.13
C ARG H 474 -80.06 8.15 2.33
N SER H 475 -80.52 8.86 1.30
CA SER H 475 -81.82 9.52 1.31
C SER H 475 -82.84 8.51 0.78
N THR H 476 -82.44 7.82 -0.27
CA THR H 476 -83.29 6.81 -0.90
C THR H 476 -83.41 5.59 0.02
N HIS H 477 -82.91 5.68 1.24
CA HIS H 477 -82.99 4.56 2.17
C HIS H 477 -84.01 4.83 3.25
N GLU H 478 -84.90 5.77 2.99
CA GLU H 478 -85.94 6.06 3.96
C GLU H 478 -86.95 4.93 3.82
N ASN H 479 -87.28 4.60 2.56
CA ASN H 479 -88.22 3.55 2.20
C ASN H 479 -87.77 2.20 2.77
N GLU H 480 -88.39 1.77 3.86
CA GLU H 480 -88.03 0.50 4.49
C GLU H 480 -87.86 -0.66 3.51
N ASN H 481 -88.42 -0.53 2.31
CA ASN H 481 -88.37 -1.58 1.29
C ASN H 481 -87.21 -1.40 0.31
N ASN H 482 -86.15 -0.72 0.73
CA ASN H 482 -85.01 -0.52 -0.15
C ASN H 482 -83.71 -1.02 0.44
N LYS H 483 -83.77 -1.60 1.63
CA LYS H 483 -82.56 -2.08 2.29
C LYS H 483 -81.46 -2.46 1.28
N TRP H 484 -81.78 -3.30 0.29
CA TRP H 484 -80.81 -3.73 -0.71
C TRP H 484 -80.42 -2.70 -1.78
N TYR H 485 -80.81 -1.44 -1.60
CA TYR H 485 -80.49 -0.41 -2.56
C TYR H 485 -79.07 0.10 -2.41
N GLY H 486 -78.39 0.26 -3.54
CA GLY H 486 -77.02 0.75 -3.53
C GLY H 486 -76.81 1.67 -4.72
N ILE H 487 -75.57 1.90 -5.15
CA ILE H 487 -75.37 2.78 -6.30
C ILE H 487 -74.71 2.15 -7.50
N ASP H 488 -75.50 1.95 -8.54
CA ASP H 488 -75.02 1.35 -9.77
C ASP H 488 -73.90 2.18 -10.32
N LEU H 489 -72.70 1.63 -10.27
CA LEU H 489 -71.51 2.34 -10.73
C LEU H 489 -71.36 2.47 -12.25
N TYR H 490 -72.46 2.51 -12.98
CA TYR H 490 -72.36 2.67 -14.42
C TYR H 490 -73.38 3.67 -14.91
N ALA H 491 -74.46 3.82 -14.16
CA ALA H 491 -75.52 4.75 -14.52
C ALA H 491 -75.57 5.95 -13.58
N GLY H 492 -74.93 5.81 -12.42
CA GLY H 492 -74.92 6.89 -11.45
C GLY H 492 -76.31 7.15 -10.89
N GLN H 493 -76.81 6.24 -10.08
CA GLN H 493 -78.13 6.42 -9.51
C GLN H 493 -78.46 5.23 -8.63
N PRO H 494 -79.13 5.48 -7.52
CA PRO H 494 -79.51 4.43 -6.58
C PRO H 494 -80.44 3.42 -7.23
N VAL H 495 -80.12 2.14 -7.12
CA VAL H 495 -80.98 1.08 -7.66
C VAL H 495 -80.91 -0.11 -6.73
N ASP H 496 -81.77 -1.09 -6.94
CA ASP H 496 -81.74 -2.25 -6.08
C ASP H 496 -80.60 -3.15 -6.51
N MET H 497 -79.55 -3.22 -5.71
CA MET H 497 -78.39 -4.06 -6.02
C MET H 497 -78.77 -5.53 -6.16
N TRP H 498 -79.46 -6.06 -5.16
CA TRP H 498 -79.87 -7.46 -5.19
C TRP H 498 -80.51 -7.85 -6.52
N GLN H 499 -81.56 -7.13 -6.91
CA GLN H 499 -82.25 -7.41 -8.16
C GLN H 499 -81.46 -7.01 -9.38
N LYS H 500 -80.14 -7.13 -9.30
CA LYS H 500 -79.28 -6.80 -10.40
C LYS H 500 -78.07 -7.69 -10.36
N GLY H 501 -78.15 -8.76 -9.58
CA GLY H 501 -77.05 -9.72 -9.48
C GLY H 501 -75.77 -9.21 -8.87
N VAL H 502 -75.86 -8.77 -7.63
CA VAL H 502 -74.71 -8.26 -6.91
C VAL H 502 -74.78 -8.67 -5.45
N ILE H 503 -74.37 -9.91 -5.16
CA ILE H 503 -74.41 -10.37 -3.79
C ILE H 503 -73.04 -10.81 -3.30
N GLU H 504 -72.89 -10.82 -1.99
CA GLU H 504 -71.64 -11.22 -1.40
C GLU H 504 -71.89 -11.96 -0.13
N PRO H 505 -70.95 -12.83 0.24
CA PRO H 505 -70.96 -13.67 1.43
C PRO H 505 -71.16 -12.75 2.61
N ALA H 506 -72.33 -12.78 3.23
CA ALA H 506 -72.56 -11.90 4.35
C ALA H 506 -71.45 -12.09 5.40
N LEU H 507 -70.60 -13.09 5.23
CA LEU H 507 -69.53 -13.30 6.18
C LEU H 507 -68.23 -12.60 5.78
N VAL H 508 -67.93 -12.55 4.49
CA VAL H 508 -66.69 -11.89 4.06
C VAL H 508 -66.64 -10.42 4.49
N LYS H 509 -67.71 -9.69 4.17
CA LYS H 509 -67.83 -8.26 4.48
C LYS H 509 -68.22 -8.03 5.94
N MET H 510 -68.16 -9.10 6.71
CA MET H 510 -68.51 -9.07 8.10
C MET H 510 -67.24 -9.23 8.89
N ASN H 511 -66.41 -10.17 8.46
CA ASN H 511 -65.14 -10.41 9.10
C ASN H 511 -64.26 -9.22 8.81
N ALA H 512 -64.53 -8.58 7.68
CA ALA H 512 -63.78 -7.40 7.28
C ALA H 512 -63.92 -6.39 8.41
N ILE H 513 -65.16 -6.09 8.77
CA ILE H 513 -65.46 -5.15 9.84
C ILE H 513 -64.76 -5.50 11.18
N LYS H 514 -64.81 -6.78 11.56
CA LYS H 514 -64.18 -7.26 12.79
C LYS H 514 -62.70 -6.98 12.66
N ALA H 515 -62.17 -7.30 11.48
CA ALA H 515 -60.77 -7.11 11.14
C ALA H 515 -60.37 -5.65 11.25
N ALA H 516 -60.94 -4.82 10.40
CA ALA H 516 -60.64 -3.40 10.43
C ALA H 516 -60.69 -2.80 11.84
N THR H 517 -61.76 -3.06 12.58
CA THR H 517 -61.87 -2.52 13.93
C THR H 517 -60.81 -3.09 14.86
N GLU H 518 -60.43 -4.33 14.62
CA GLU H 518 -59.40 -4.96 15.44
C GLU H 518 -58.16 -4.11 15.33
N ALA H 519 -57.70 -4.00 14.09
CA ALA H 519 -56.51 -3.23 13.74
C ALA H 519 -56.65 -1.80 14.21
N ALA H 520 -57.71 -1.16 13.77
CA ALA H 520 -57.98 0.22 14.14
C ALA H 520 -57.79 0.51 15.63
N THR H 521 -58.49 -0.24 16.49
CA THR H 521 -58.39 -0.05 17.96
C THR H 521 -57.03 -0.46 18.51
N LEU H 522 -56.38 -1.36 17.79
CA LEU H 522 -55.07 -1.84 18.20
C LEU H 522 -54.01 -0.73 18.06
N VAL H 523 -54.10 0.05 16.98
CA VAL H 523 -53.16 1.13 16.77
C VAL H 523 -53.34 2.14 17.89
N LEU H 524 -54.58 2.40 18.27
CA LEU H 524 -54.89 3.36 19.35
C LEU H 524 -54.48 2.87 20.73
N ARG H 525 -54.48 1.57 20.91
CA ARG H 525 -54.12 0.95 22.18
C ARG H 525 -52.63 1.19 22.48
N ILE H 526 -51.86 1.32 21.40
CA ILE H 526 -50.41 1.54 21.45
C ILE H 526 -50.06 2.95 21.92
N ASP H 527 -49.19 3.03 22.91
CA ASP H 527 -48.78 4.33 23.42
C ASP H 527 -47.41 4.71 22.93
N ASP H 528 -46.58 3.71 22.69
CA ASP H 528 -45.23 3.94 22.21
C ASP H 528 -44.57 2.64 21.73
N VAL H 529 -43.61 2.78 20.81
CA VAL H 529 -42.87 1.64 20.25
C VAL H 529 -41.38 1.76 20.61
N VAL H 530 -40.81 0.67 21.15
CA VAL H 530 -39.39 0.60 21.50
C VAL H 530 -38.92 -0.75 20.95
N SER H 531 -37.99 -0.72 19.99
CA SER H 531 -37.47 -1.93 19.34
C SER H 531 -36.01 -2.23 19.71
N ALA H 532 -35.52 -3.43 19.35
CA ALA H 532 -34.14 -3.83 19.64
C ALA H 532 -33.25 -3.85 18.39
N GLY I 28 -24.14 15.66 47.62
CA GLY I 28 -25.11 16.73 47.58
C GLY I 28 -25.98 16.69 46.34
N LYS I 29 -26.69 17.78 46.09
CA LYS I 29 -27.58 17.88 44.91
C LYS I 29 -26.95 17.34 43.60
N GLU I 30 -25.64 17.50 43.48
CA GLU I 30 -24.88 17.07 42.29
C GLU I 30 -25.47 15.85 41.55
N ALA I 31 -25.19 14.66 42.07
CA ALA I 31 -25.65 13.41 41.48
C ALA I 31 -27.05 13.02 41.93
N VAL I 32 -27.37 13.22 43.20
CA VAL I 32 -28.68 12.86 43.70
C VAL I 32 -29.79 13.27 42.74
N ARG I 33 -29.59 14.35 42.00
CA ARG I 33 -30.61 14.76 41.07
C ARG I 33 -30.71 13.68 39.99
N ALA I 34 -29.56 13.26 39.48
CA ALA I 34 -29.50 12.24 38.43
C ALA I 34 -30.29 10.97 38.75
N ASN I 35 -29.96 10.33 39.87
CA ASN I 35 -30.64 9.10 40.27
C ASN I 35 -32.13 9.32 40.24
N ILE I 36 -32.58 10.35 40.96
CA ILE I 36 -33.99 10.70 40.99
C ILE I 36 -34.47 10.75 39.55
N ALA I 37 -33.83 11.60 38.75
CA ALA I 37 -34.17 11.75 37.35
C ALA I 37 -34.43 10.37 36.73
N ALA I 38 -33.43 9.51 36.78
CA ALA I 38 -33.56 8.16 36.25
C ALA I 38 -34.80 7.43 36.75
N VAL I 39 -35.02 7.46 38.07
CA VAL I 39 -36.18 6.80 38.66
C VAL I 39 -37.46 7.37 38.04
N LYS I 40 -37.66 8.69 38.14
CA LYS I 40 -38.83 9.33 37.57
C LYS I 40 -38.99 8.80 36.14
N ALA I 41 -37.85 8.67 35.45
CA ALA I 41 -37.82 8.17 34.08
C ALA I 41 -38.51 6.83 33.94
N VAL I 42 -38.13 5.87 34.78
CA VAL I 42 -38.72 4.54 34.75
C VAL I 42 -40.23 4.64 34.96
N GLU I 43 -40.66 5.52 35.87
CA GLU I 43 -42.09 5.70 36.11
C GLU I 43 -42.75 6.09 34.79
N GLU I 44 -42.19 7.10 34.13
CA GLU I 44 -42.72 7.57 32.86
C GLU I 44 -42.84 6.51 31.79
N ALA I 45 -42.32 5.32 32.09
CA ALA I 45 -42.38 4.25 31.12
C ALA I 45 -43.57 3.32 31.33
N LEU I 46 -44.10 3.27 32.55
CA LEU I 46 -45.24 2.41 32.81
C LEU I 46 -46.50 3.21 33.16
N LYS I 47 -46.33 4.39 33.76
CA LYS I 47 -47.47 5.21 34.18
C LYS I 47 -48.72 4.99 33.34
N SER I 48 -48.60 5.12 32.03
CA SER I 48 -49.75 4.96 31.12
C SER I 48 -50.28 3.54 30.97
N THR I 49 -49.76 2.60 31.74
CA THR I 49 -50.20 1.21 31.63
C THR I 49 -50.72 0.69 32.96
N TYR I 50 -50.67 1.56 33.98
CA TYR I 50 -51.14 1.18 35.30
C TYR I 50 -52.64 0.97 35.19
N GLY I 51 -53.26 0.54 36.27
CA GLY I 51 -54.70 0.35 36.21
C GLY I 51 -55.13 -0.81 35.34
N PRO I 52 -56.39 -1.23 35.48
CA PRO I 52 -56.91 -2.35 34.68
C PRO I 52 -57.33 -1.94 33.29
N ARG I 53 -57.42 -0.64 33.03
CA ARG I 53 -57.79 -0.21 31.69
C ARG I 53 -56.71 0.72 31.14
N GLY I 54 -55.47 0.36 31.45
CA GLY I 54 -54.32 1.13 31.02
C GLY I 54 -53.97 0.99 29.55
N MET I 55 -52.86 1.59 29.16
CA MET I 55 -52.40 1.54 27.77
C MET I 55 -51.48 0.37 27.55
N ASP I 56 -51.09 0.20 26.29
CA ASP I 56 -50.18 -0.85 25.89
C ASP I 56 -48.98 -0.27 25.18
N LYS I 57 -47.83 -0.90 25.42
CA LYS I 57 -46.54 -0.55 24.85
C LYS I 57 -46.18 -1.60 23.79
N MET I 58 -45.54 -1.18 22.71
CA MET I 58 -45.18 -2.12 21.65
C MET I 58 -43.70 -2.44 21.62
N LEU I 59 -43.37 -3.70 21.37
CA LEU I 59 -41.97 -4.12 21.33
C LEU I 59 -41.58 -4.93 20.09
N VAL I 60 -40.69 -4.38 19.29
CA VAL I 60 -40.24 -5.05 18.08
C VAL I 60 -38.84 -5.59 18.21
N ASP I 61 -38.76 -6.92 18.27
CA ASP I 61 -37.49 -7.61 18.38
C ASP I 61 -36.64 -7.20 17.19
N SER I 62 -35.32 -7.28 17.36
CA SER I 62 -34.39 -6.94 16.28
C SER I 62 -34.59 -7.91 15.11
N LEU I 63 -35.07 -9.12 15.44
CA LEU I 63 -35.32 -10.16 14.44
C LEU I 63 -36.42 -9.71 13.47
N GLY I 64 -37.30 -8.82 13.95
CA GLY I 64 -38.37 -8.31 13.12
C GLY I 64 -39.74 -8.53 13.73
N ASP I 65 -39.85 -9.53 14.62
CA ASP I 65 -41.10 -9.89 15.30
C ASP I 65 -41.53 -8.85 16.35
N ILE I 66 -42.83 -8.52 16.34
CA ILE I 66 -43.40 -7.53 17.26
C ILE I 66 -44.29 -8.16 18.35
N THR I 67 -44.18 -7.61 19.56
CA THR I 67 -44.96 -8.06 20.72
C THR I 67 -45.40 -6.82 21.50
N ILE I 68 -46.70 -6.59 21.58
CA ILE I 68 -47.26 -5.43 22.28
C ILE I 68 -47.86 -5.89 23.62
N THR I 69 -47.49 -5.23 24.71
CA THR I 69 -48.00 -5.64 26.00
C THR I 69 -48.03 -4.54 27.04
N ASN I 70 -48.51 -4.90 28.23
CA ASN I 70 -48.58 -3.98 29.35
C ASN I 70 -48.20 -4.77 30.61
N ASP I 71 -47.38 -5.80 30.42
CA ASP I 71 -46.93 -6.57 31.56
C ASP I 71 -45.64 -5.92 31.97
N GLY I 72 -45.59 -5.47 33.22
CA GLY I 72 -44.41 -4.81 33.73
C GLY I 72 -43.09 -5.54 33.51
N ALA I 73 -43.00 -6.77 34.01
CA ALA I 73 -41.77 -7.53 33.85
C ALA I 73 -41.27 -7.33 32.43
N THR I 74 -42.07 -7.76 31.46
CA THR I 74 -41.73 -7.64 30.04
C THR I 74 -41.33 -6.24 29.57
N ILE I 75 -42.02 -5.21 30.05
CA ILE I 75 -41.73 -3.83 29.67
C ILE I 75 -40.36 -3.41 30.21
N LEU I 76 -39.87 -4.11 31.21
CA LEU I 76 -38.56 -3.80 31.75
C LEU I 76 -37.51 -4.80 31.26
N ASP I 77 -37.88 -6.05 31.08
CA ASP I 77 -36.89 -7.01 30.60
C ASP I 77 -36.52 -6.67 29.16
N LYS I 78 -37.55 -6.45 28.34
CA LYS I 78 -37.33 -6.15 26.94
C LYS I 78 -36.86 -4.72 26.72
N MET I 79 -36.86 -3.91 27.78
CA MET I 79 -36.43 -2.52 27.66
C MET I 79 -35.16 -2.31 28.42
N ASP I 80 -34.03 -2.25 27.74
CA ASP I 80 -32.78 -2.07 28.45
C ASP I 80 -32.56 -0.68 28.96
N LEU I 81 -32.31 -0.59 30.26
CA LEU I 81 -32.04 0.67 30.90
C LEU I 81 -30.59 0.58 31.28
N GLN I 82 -29.93 1.71 31.34
CA GLN I 82 -28.54 1.68 31.68
C GLN I 82 -28.24 2.34 33.02
N HIS I 83 -28.70 3.57 33.24
CA HIS I 83 -28.41 4.24 34.51
C HIS I 83 -28.52 3.29 35.68
N PRO I 84 -27.50 3.26 36.57
CA PRO I 84 -27.45 2.38 37.75
C PRO I 84 -28.67 2.46 38.65
N ALA I 85 -29.09 3.67 38.99
CA ALA I 85 -30.25 3.85 39.84
C ALA I 85 -31.38 2.98 39.31
N ALA I 86 -31.69 3.15 38.02
CA ALA I 86 -32.75 2.38 37.38
C ALA I 86 -32.61 0.86 37.54
N LYS I 87 -31.45 0.30 37.20
CA LYS I 87 -31.26 -1.14 37.35
C LYS I 87 -31.50 -1.52 38.80
N LEU I 88 -31.17 -0.58 39.68
CA LEU I 88 -31.32 -0.74 41.12
C LEU I 88 -32.79 -0.75 41.54
N LEU I 89 -33.58 0.13 40.92
CA LEU I 89 -35.02 0.19 41.20
C LEU I 89 -35.66 -1.12 40.74
N VAL I 90 -35.52 -1.45 39.46
CA VAL I 90 -36.08 -2.68 38.89
C VAL I 90 -35.62 -3.92 39.60
N GLN I 91 -34.39 -3.93 40.11
CA GLN I 91 -33.87 -5.09 40.81
C GLN I 91 -34.73 -5.36 42.03
N ILE I 92 -35.11 -4.27 42.70
CA ILE I 92 -35.95 -4.36 43.87
C ILE I 92 -37.38 -4.66 43.47
N ALA I 93 -37.82 -4.05 42.39
CA ALA I 93 -39.18 -4.25 41.90
C ALA I 93 -39.45 -5.67 41.40
N LYS I 94 -38.76 -6.10 40.33
CA LYS I 94 -38.96 -7.46 39.80
C LYS I 94 -38.71 -8.48 40.87
N GLY I 95 -37.46 -8.53 41.34
CA GLY I 95 -37.12 -9.47 42.39
C GLY I 95 -37.75 -8.97 43.67
N GLN I 96 -39.07 -8.77 43.62
CA GLN I 96 -39.80 -8.28 44.78
C GLN I 96 -39.70 -9.30 45.89
N ASP I 97 -40.77 -9.38 46.69
CA ASP I 97 -40.82 -10.28 47.83
C ASP I 97 -41.62 -11.59 47.63
N GLU I 98 -42.20 -11.82 46.45
CA GLU I 98 -42.96 -13.07 46.26
C GLU I 98 -43.16 -13.65 44.85
N GLU I 99 -44.15 -14.54 44.75
CA GLU I 99 -44.50 -15.23 43.49
C GLU I 99 -44.87 -14.28 42.36
N THR I 100 -46.18 -14.13 42.17
CA THR I 100 -46.76 -13.27 41.14
C THR I 100 -45.94 -12.02 40.77
N ALA I 101 -46.01 -11.65 39.49
CA ALA I 101 -45.30 -10.50 38.98
C ALA I 101 -46.09 -9.24 39.28
N ASP I 102 -47.34 -9.40 39.74
CA ASP I 102 -48.18 -8.25 40.02
C ASP I 102 -47.66 -7.33 41.11
N GLY I 103 -48.04 -6.07 40.99
CA GLY I 103 -47.62 -5.11 41.98
C GLY I 103 -46.21 -4.63 41.75
N THR I 104 -45.44 -5.31 40.89
CA THR I 104 -44.09 -4.83 40.63
C THR I 104 -44.31 -3.53 39.89
N LYS I 105 -45.36 -3.52 39.08
CA LYS I 105 -45.66 -2.31 38.34
C LYS I 105 -46.01 -1.21 39.35
N THR I 106 -46.69 -1.57 40.44
CA THR I 106 -47.04 -0.59 41.47
C THR I 106 -45.74 -0.21 42.17
N ALA I 107 -45.08 -1.20 42.75
CA ALA I 107 -43.84 -0.98 43.47
C ALA I 107 -43.00 0.11 42.81
N VAL I 108 -42.83 0.02 41.49
CA VAL I 108 -42.02 1.01 40.80
C VAL I 108 -42.73 2.37 40.69
N ILE I 109 -43.95 2.43 40.17
CA ILE I 109 -44.67 3.72 40.06
C ILE I 109 -44.67 4.47 41.39
N PHE I 110 -45.22 3.82 42.42
CA PHE I 110 -45.30 4.41 43.75
C PHE I 110 -43.90 4.80 44.17
N SER I 111 -42.94 3.97 43.80
CA SER I 111 -41.54 4.21 44.13
C SER I 111 -41.13 5.57 43.61
N GLY I 112 -41.27 5.73 42.31
CA GLY I 112 -40.91 7.00 41.71
C GLY I 112 -41.74 8.15 42.20
N GLU I 113 -42.97 7.90 42.61
CA GLU I 113 -43.77 9.00 43.09
C GLU I 113 -43.26 9.57 44.39
N LEU I 114 -42.77 8.68 45.27
CA LEU I 114 -42.20 9.11 46.55
C LEU I 114 -40.99 9.95 46.25
N VAL I 115 -40.22 9.51 45.26
CA VAL I 115 -39.03 10.24 44.85
C VAL I 115 -39.45 11.62 44.38
N LYS I 116 -40.46 11.70 43.53
CA LYS I 116 -40.89 13.00 43.07
C LYS I 116 -41.26 13.85 44.26
N LYS I 117 -42.30 13.43 44.98
CA LYS I 117 -42.78 14.20 46.13
C LYS I 117 -41.69 14.46 47.17
N ALA I 118 -40.64 13.63 47.19
CA ALA I 118 -39.50 13.81 48.12
C ALA I 118 -38.60 14.89 47.59
N GLU I 119 -38.55 15.01 46.27
CA GLU I 119 -37.72 16.01 45.65
C GLU I 119 -38.17 17.38 46.12
N ASP I 120 -39.48 17.57 46.24
CA ASP I 120 -40.02 18.84 46.67
C ASP I 120 -39.57 19.20 48.07
N LEU I 121 -39.23 18.18 48.86
CA LEU I 121 -38.77 18.38 50.24
C LEU I 121 -37.34 18.91 50.22
N LEU I 122 -36.52 18.34 49.34
CA LEU I 122 -35.12 18.78 49.24
C LEU I 122 -35.14 20.24 48.78
N TYR I 123 -36.11 20.59 47.95
CA TYR I 123 -36.18 21.96 47.46
C TYR I 123 -36.35 22.87 48.66
N LYS I 124 -37.14 22.41 49.63
CA LYS I 124 -37.38 23.16 50.85
C LYS I 124 -36.19 23.04 51.79
N ASP I 125 -35.14 22.39 51.33
CA ASP I 125 -33.94 22.24 52.13
C ASP I 125 -34.10 21.43 53.42
N VAL I 126 -34.54 20.18 53.30
CA VAL I 126 -34.67 19.29 54.46
C VAL I 126 -33.74 18.11 54.18
N HIS I 127 -32.70 17.93 55.00
CA HIS I 127 -31.75 16.83 54.80
C HIS I 127 -32.45 15.54 54.41
N PRO I 128 -31.94 14.85 53.38
CA PRO I 128 -32.55 13.60 52.94
C PRO I 128 -32.63 12.55 54.05
N THR I 129 -31.73 12.63 55.02
CA THR I 129 -31.73 11.66 56.11
C THR I 129 -33.05 11.74 56.84
N ILE I 130 -33.62 12.94 56.88
CA ILE I 130 -34.90 13.17 57.55
C ILE I 130 -36.06 12.60 56.72
N ILE I 131 -36.07 12.91 55.42
CA ILE I 131 -37.13 12.40 54.54
C ILE I 131 -37.17 10.88 54.62
N ILE I 132 -36.03 10.26 54.94
CA ILE I 132 -35.92 8.81 55.05
C ILE I 132 -36.69 8.30 56.26
N SER I 133 -36.37 8.87 57.42
CA SER I 133 -37.03 8.51 58.66
C SER I 133 -38.51 8.79 58.51
N GLY I 134 -38.80 9.93 57.89
CA GLY I 134 -40.18 10.29 57.68
C GLY I 134 -40.89 9.16 56.99
N TYR I 135 -40.35 8.76 55.84
CA TYR I 135 -40.93 7.67 55.06
C TYR I 135 -41.00 6.34 55.82
N LYS I 136 -39.95 6.01 56.56
CA LYS I 136 -39.95 4.77 57.32
C LYS I 136 -41.15 4.72 58.23
N LYS I 137 -41.25 5.69 59.14
CA LYS I 137 -42.35 5.76 60.07
C LYS I 137 -43.70 5.73 59.36
N ALA I 138 -43.78 6.37 58.19
CA ALA I 138 -45.02 6.40 57.42
C ALA I 138 -45.28 5.02 56.86
N GLU I 139 -44.22 4.35 56.44
CA GLU I 139 -44.34 3.01 55.90
C GLU I 139 -44.93 2.11 57.00
N GLU I 140 -44.36 2.16 58.19
CA GLU I 140 -44.84 1.34 59.29
C GLU I 140 -46.34 1.36 59.33
N VAL I 141 -46.87 2.54 59.63
CA VAL I 141 -48.31 2.77 59.72
C VAL I 141 -49.05 2.36 58.47
N ALA I 142 -48.57 2.87 57.35
CA ALA I 142 -49.19 2.57 56.09
C ALA I 142 -49.36 1.06 56.00
N LEU I 143 -48.38 0.35 56.52
CA LEU I 143 -48.39 -1.11 56.47
C LEU I 143 -49.43 -1.75 57.40
N GLN I 144 -49.29 -1.58 58.71
CA GLN I 144 -50.24 -2.18 59.66
C GLN I 144 -51.67 -1.77 59.37
N THR I 145 -51.85 -0.63 58.71
CA THR I 145 -53.19 -0.13 58.37
C THR I 145 -53.87 -1.07 57.40
N ILE I 146 -53.08 -1.95 56.79
CA ILE I 146 -53.62 -2.93 55.85
C ILE I 146 -53.93 -4.18 56.67
N GLN I 147 -53.05 -4.50 57.61
CA GLN I 147 -53.25 -5.68 58.46
C GLN I 147 -54.54 -5.52 59.24
N GLU I 148 -54.56 -4.54 60.14
CA GLU I 148 -55.73 -4.27 60.96
C GLU I 148 -56.84 -3.69 60.10
N LEU I 149 -57.08 -4.29 58.94
CA LEU I 149 -58.10 -3.82 58.04
C LEU I 149 -58.41 -4.89 56.99
N ALA I 150 -57.42 -5.74 56.72
CA ALA I 150 -57.56 -6.82 55.74
C ALA I 150 -58.62 -7.81 56.21
N GLN I 151 -59.23 -8.50 55.27
CA GLN I 151 -60.23 -9.48 55.65
C GLN I 151 -59.73 -10.90 55.45
N THR I 152 -60.10 -11.78 56.38
CA THR I 152 -59.70 -13.19 56.39
C THR I 152 -60.34 -14.04 55.30
N VAL I 153 -59.52 -14.50 54.38
CA VAL I 153 -59.99 -15.33 53.28
C VAL I 153 -59.49 -16.77 53.43
N SER I 154 -60.39 -17.74 53.31
CA SER I 154 -60.02 -19.15 53.44
C SER I 154 -60.31 -19.91 52.15
N ILE I 155 -59.38 -20.81 51.79
CA ILE I 155 -59.46 -21.62 50.56
C ILE I 155 -60.76 -22.41 50.40
N ASN I 156 -61.56 -22.46 51.46
CA ASN I 156 -62.84 -23.14 51.43
C ASN I 156 -63.74 -22.35 50.51
N ASP I 157 -63.78 -21.04 50.77
CA ASP I 157 -64.61 -20.17 49.96
C ASP I 157 -64.10 -20.11 48.53
N THR I 158 -64.64 -21.00 47.71
CA THR I 158 -64.25 -21.09 46.31
C THR I 158 -64.90 -20.00 45.44
N ASP I 159 -66.03 -19.46 45.89
CA ASP I 159 -66.73 -18.45 45.12
C ASP I 159 -66.02 -17.08 45.17
N LEU I 160 -65.04 -16.95 46.05
CA LEU I 160 -64.29 -15.70 46.21
C LEU I 160 -63.09 -15.63 45.29
N LEU I 161 -62.30 -16.70 45.28
CA LEU I 161 -61.12 -16.77 44.42
C LEU I 161 -61.55 -16.63 42.96
N ARG I 162 -62.80 -17.00 42.68
CA ARG I 162 -63.34 -16.90 41.33
C ARG I 162 -63.18 -15.42 40.90
N LYS I 163 -63.26 -14.51 41.87
CA LYS I 163 -63.12 -13.08 41.60
C LYS I 163 -61.65 -12.68 41.60
N ILE I 164 -60.99 -12.84 42.75
CA ILE I 164 -59.57 -12.49 42.89
C ILE I 164 -58.77 -12.87 41.65
N ALA I 165 -59.18 -13.94 40.97
CA ALA I 165 -58.49 -14.39 39.77
C ALA I 165 -58.72 -13.39 38.65
N MET I 166 -59.96 -13.01 38.43
CA MET I 166 -60.26 -12.05 37.39
C MET I 166 -59.63 -10.69 37.69
N THR I 167 -59.66 -10.28 38.96
CA THR I 167 -59.08 -9.01 39.39
C THR I 167 -57.61 -8.92 38.95
N SER I 168 -57.04 -10.05 38.54
CA SER I 168 -55.63 -10.11 38.11
C SER I 168 -55.47 -10.27 36.59
N LEU I 169 -56.14 -11.29 36.04
CA LEU I 169 -56.04 -11.53 34.62
C LEU I 169 -56.88 -10.57 33.77
N SER I 170 -58.02 -10.10 34.27
CA SER I 170 -58.84 -9.18 33.48
C SER I 170 -58.03 -7.94 33.07
N SER I 171 -56.93 -7.70 33.79
CA SER I 171 -56.04 -6.57 33.56
C SER I 171 -55.28 -6.65 32.22
N LYS I 172 -54.94 -7.86 31.76
CA LYS I 172 -54.19 -8.04 30.51
C LYS I 172 -55.02 -7.90 29.23
N ALA I 173 -54.32 -7.93 28.10
CA ALA I 173 -54.93 -7.81 26.79
C ALA I 173 -56.15 -8.70 26.67
N VAL I 174 -55.94 -10.03 26.73
CA VAL I 174 -57.04 -11.02 26.62
C VAL I 174 -58.15 -10.95 27.67
N ALA I 175 -59.19 -10.17 27.35
CA ALA I 175 -60.35 -9.98 28.24
C ALA I 175 -61.64 -10.62 27.73
N GLY I 176 -61.54 -11.38 26.63
CA GLY I 176 -62.72 -12.05 26.13
C GLY I 176 -62.96 -13.20 27.09
N ALA I 177 -64.22 -13.57 27.31
CA ALA I 177 -64.61 -14.66 28.21
C ALA I 177 -63.52 -15.13 29.21
N ARG I 178 -63.15 -14.25 30.13
CA ARG I 178 -62.13 -14.51 31.14
C ARG I 178 -62.65 -15.42 32.26
N GLU I 179 -63.95 -15.40 32.50
CA GLU I 179 -64.58 -16.23 33.52
C GLU I 179 -64.12 -17.69 33.29
N TYR I 180 -64.02 -18.05 32.02
CA TYR I 180 -63.60 -19.38 31.57
C TYR I 180 -62.21 -19.67 32.14
N ILE I 181 -61.25 -18.77 31.88
CA ILE I 181 -59.87 -18.90 32.36
C ILE I 181 -59.76 -18.72 33.86
N ALA I 182 -60.51 -17.74 34.35
CA ALA I 182 -60.55 -17.39 35.77
C ALA I 182 -60.91 -18.63 36.56
N ASP I 183 -62.04 -19.24 36.19
CA ASP I 183 -62.51 -20.42 36.87
C ASP I 183 -61.43 -21.51 36.92
N ILE I 184 -60.83 -21.77 35.76
CA ILE I 184 -59.78 -22.77 35.62
C ILE I 184 -58.68 -22.55 36.66
N VAL I 185 -58.12 -21.34 36.63
CA VAL I 185 -57.05 -20.93 37.53
C VAL I 185 -57.32 -21.30 38.98
N VAL I 186 -58.56 -21.13 39.42
CA VAL I 186 -58.95 -21.45 40.79
C VAL I 186 -58.82 -22.94 41.06
N LYS I 187 -59.45 -23.76 40.23
CA LYS I 187 -59.38 -25.20 40.38
C LYS I 187 -57.92 -25.67 40.33
N ALA I 188 -57.16 -25.13 39.39
CA ALA I 188 -55.75 -25.49 39.20
C ALA I 188 -54.85 -25.36 40.43
N VAL I 189 -55.09 -24.32 41.21
CA VAL I 189 -54.29 -24.09 42.41
C VAL I 189 -54.79 -24.93 43.58
N THR I 190 -56.09 -24.83 43.87
CA THR I 190 -56.67 -25.60 44.96
C THR I 190 -56.28 -27.07 44.78
N GLN I 191 -55.99 -27.45 43.54
CA GLN I 191 -55.61 -28.82 43.22
C GLN I 191 -54.23 -29.17 43.77
N VAL I 192 -53.29 -28.23 43.69
CA VAL I 192 -51.92 -28.48 44.15
C VAL I 192 -51.66 -28.14 45.62
N ALA I 193 -52.47 -27.23 46.17
CA ALA I 193 -52.32 -26.81 47.56
C ALA I 193 -52.13 -28.00 48.51
N GLU I 194 -51.48 -27.74 49.64
CA GLU I 194 -51.24 -28.77 50.68
C GLU I 194 -51.24 -28.11 52.06
N LEU I 195 -51.21 -28.93 53.11
CA LEU I 195 -51.20 -28.41 54.48
C LEU I 195 -50.06 -29.01 55.30
N ARG I 196 -48.82 -28.79 54.89
CA ARG I 196 -47.62 -29.30 55.59
C ARG I 196 -47.47 -28.70 57.00
N GLY I 197 -48.25 -29.25 57.93
CA GLY I 197 -48.23 -28.77 59.31
C GLY I 197 -49.01 -27.48 59.45
N ASP I 198 -50.34 -27.55 59.26
CA ASP I 198 -51.25 -26.40 59.34
C ASP I 198 -50.72 -25.12 58.68
N LYS I 199 -49.72 -25.29 57.82
CA LYS I 199 -49.07 -24.18 57.11
C LYS I 199 -49.03 -24.51 55.60
N TRP I 200 -50.04 -24.07 54.86
CA TRP I 200 -50.13 -24.32 53.41
C TRP I 200 -48.83 -24.09 52.64
N TYR I 201 -48.69 -24.80 51.53
CA TYR I 201 -47.52 -24.66 50.67
C TYR I 201 -47.88 -25.05 49.23
N VAL I 202 -48.15 -24.06 48.39
CA VAL I 202 -48.50 -24.29 46.99
C VAL I 202 -47.22 -24.20 46.15
N ASP I 203 -46.87 -25.30 45.48
CA ASP I 203 -45.68 -25.31 44.65
C ASP I 203 -46.15 -25.24 43.20
N LEU I 204 -45.98 -24.08 42.57
CA LEU I 204 -46.41 -23.87 41.19
C LEU I 204 -45.85 -24.88 40.18
N ASP I 205 -44.64 -25.38 40.44
CA ASP I 205 -44.01 -26.35 39.55
C ASP I 205 -44.88 -27.57 39.27
N ASN I 206 -45.85 -27.82 40.15
CA ASN I 206 -46.77 -28.96 40.00
C ASN I 206 -47.81 -28.70 38.95
N ILE I 207 -47.60 -27.67 38.15
CA ILE I 207 -48.52 -27.32 37.07
C ILE I 207 -47.74 -27.01 35.79
N GLN I 208 -48.05 -27.73 34.71
CA GLN I 208 -47.36 -27.49 33.46
C GLN I 208 -48.26 -26.66 32.56
N ILE I 209 -47.63 -25.84 31.72
CA ILE I 209 -48.34 -24.96 30.80
C ILE I 209 -47.80 -25.13 29.38
N VAL I 210 -48.63 -25.71 28.51
CA VAL I 210 -48.27 -25.94 27.12
C VAL I 210 -49.20 -25.17 26.20
N LYS I 211 -48.66 -24.63 25.11
CA LYS I 211 -49.47 -23.84 24.18
C LYS I 211 -49.22 -24.08 22.69
N LYS I 212 -50.31 -24.17 21.92
CA LYS I 212 -50.26 -24.35 20.46
C LYS I 212 -51.46 -23.64 19.80
N ALA I 213 -51.16 -22.82 18.79
CA ALA I 213 -52.17 -22.06 18.05
C ALA I 213 -53.45 -22.88 17.78
N GLY I 214 -54.46 -22.22 17.22
CA GLY I 214 -55.69 -22.95 16.92
C GLY I 214 -56.93 -22.35 17.56
N GLY I 215 -57.98 -22.19 16.74
CA GLY I 215 -59.24 -21.64 17.23
C GLY I 215 -59.06 -20.48 18.18
N SER I 216 -60.07 -20.26 19.04
CA SER I 216 -60.03 -19.17 20.02
C SER I 216 -59.46 -19.64 21.36
N ILE I 217 -59.45 -18.76 22.35
CA ILE I 217 -58.94 -19.12 23.66
C ILE I 217 -59.90 -20.02 24.43
N ASN I 218 -61.18 -20.01 24.03
CA ASN I 218 -62.19 -20.85 24.68
C ASN I 218 -61.91 -22.32 24.42
N ASP I 219 -61.04 -22.57 23.43
CA ASP I 219 -60.65 -23.93 23.05
C ASP I 219 -59.47 -24.44 23.91
N THR I 220 -59.21 -23.76 25.02
CA THR I 220 -58.13 -24.14 25.93
C THR I 220 -58.75 -24.93 27.07
N GLN I 221 -58.01 -25.88 27.64
CA GLN I 221 -58.54 -26.66 28.75
C GLN I 221 -57.41 -27.16 29.64
N LEU I 222 -57.78 -27.60 30.85
CA LEU I 222 -56.81 -28.12 31.82
C LEU I 222 -56.91 -29.65 31.87
N VAL I 223 -55.75 -30.31 31.87
CA VAL I 223 -55.69 -31.77 31.90
C VAL I 223 -55.21 -32.24 33.27
N TYR I 224 -55.86 -33.24 33.85
CA TYR I 224 -55.48 -33.74 35.15
C TYR I 224 -54.26 -34.67 35.13
N GLY I 225 -53.21 -34.19 34.50
CA GLY I 225 -51.98 -34.94 34.39
C GLY I 225 -51.08 -34.17 33.43
N ILE I 226 -49.86 -34.64 33.25
CA ILE I 226 -48.89 -34.01 32.37
C ILE I 226 -49.28 -34.16 30.87
N VAL I 227 -48.91 -33.17 30.06
CA VAL I 227 -49.20 -33.20 28.62
C VAL I 227 -47.95 -32.90 27.79
N VAL I 228 -47.50 -33.88 27.01
CA VAL I 228 -46.30 -33.70 26.18
C VAL I 228 -46.55 -33.27 24.73
N ASP I 229 -46.09 -32.08 24.39
CA ASP I 229 -46.26 -31.57 23.03
C ASP I 229 -45.19 -32.11 22.08
N LYS I 230 -45.42 -33.30 21.52
CA LYS I 230 -44.53 -33.93 20.54
C LYS I 230 -45.22 -35.21 20.07
N GLU I 231 -45.45 -35.30 18.77
CA GLU I 231 -46.10 -36.45 18.13
C GLU I 231 -45.29 -37.74 18.41
N VAL I 232 -45.96 -38.91 18.40
CA VAL I 232 -45.26 -40.19 18.64
C VAL I 232 -44.20 -40.39 17.58
N VAL I 233 -43.27 -41.30 17.84
CA VAL I 233 -42.17 -41.52 16.93
C VAL I 233 -42.49 -42.36 15.69
N HIS I 234 -43.26 -43.43 15.86
CA HIS I 234 -43.60 -44.30 14.73
C HIS I 234 -45.10 -44.59 14.69
N PRO I 235 -45.70 -44.66 13.47
CA PRO I 235 -47.14 -44.94 13.34
C PRO I 235 -47.53 -46.36 13.73
N GLY I 236 -46.55 -47.25 13.73
CA GLY I 236 -46.83 -48.63 14.10
C GLY I 236 -46.76 -48.88 15.59
N MET I 237 -47.05 -47.86 16.40
CA MET I 237 -47.00 -48.03 17.85
C MET I 237 -48.34 -47.82 18.51
N PRO I 238 -48.53 -48.41 19.70
CA PRO I 238 -49.79 -48.29 20.43
C PRO I 238 -50.08 -46.82 20.73
N LYS I 239 -51.16 -46.30 20.16
CA LYS I 239 -51.55 -44.92 20.37
C LYS I 239 -52.52 -44.78 21.57
N ARG I 240 -52.55 -45.77 22.45
CA ARG I 240 -53.44 -45.74 23.62
C ARG I 240 -53.16 -46.95 24.50
N LEU I 241 -52.46 -46.76 25.63
CA LEU I 241 -52.16 -47.90 26.53
C LEU I 241 -52.94 -47.83 27.85
N GLU I 242 -53.47 -48.96 28.30
CA GLU I 242 -54.22 -49.03 29.55
C GLU I 242 -53.21 -49.30 30.65
N ASN I 243 -53.31 -48.57 31.75
CA ASN I 243 -52.38 -48.78 32.86
C ASN I 243 -50.94 -48.80 32.32
N ALA I 244 -50.37 -47.63 32.07
CA ALA I 244 -49.00 -47.56 31.55
C ALA I 244 -47.95 -47.51 32.64
N LYS I 245 -46.71 -47.82 32.26
CA LYS I 245 -45.58 -47.80 33.17
C LYS I 245 -44.45 -47.02 32.50
N ILE I 246 -44.56 -45.70 32.53
CA ILE I 246 -43.58 -44.79 31.93
C ILE I 246 -42.12 -45.01 32.29
N ALA I 247 -41.26 -44.85 31.30
CA ALA I 247 -39.82 -45.00 31.49
C ALA I 247 -39.09 -43.73 30.99
N LEU I 248 -38.80 -42.82 31.91
CA LEU I 248 -38.11 -41.57 31.58
C LEU I 248 -36.64 -41.81 31.30
N ILE I 249 -36.32 -42.11 30.05
CA ILE I 249 -34.94 -42.39 29.68
C ILE I 249 -34.22 -41.22 29.06
N ASP I 250 -33.33 -40.62 29.83
CA ASP I 250 -32.56 -39.49 29.34
C ASP I 250 -31.16 -39.88 28.94
N ALA I 251 -30.98 -40.12 27.65
CA ALA I 251 -29.69 -40.49 27.08
C ALA I 251 -29.82 -40.84 25.59
N SER I 252 -28.66 -40.97 24.95
CA SER I 252 -28.56 -41.30 23.52
C SER I 252 -29.17 -42.66 23.18
N LEU I 253 -30.08 -42.66 22.22
CA LEU I 253 -30.75 -43.90 21.81
C LEU I 253 -30.81 -44.08 20.28
N GLU I 254 -29.65 -44.06 19.64
CA GLU I 254 -29.56 -44.18 18.19
C GLU I 254 -28.32 -44.99 17.80
N VAL I 255 -28.32 -45.62 16.63
CA VAL I 255 -27.14 -46.39 16.23
C VAL I 255 -25.89 -45.59 16.49
N GLU I 256 -24.86 -46.24 17.03
CA GLU I 256 -23.60 -45.55 17.33
C GLU I 256 -22.80 -45.29 16.01
N LYS I 257 -22.51 -44.02 15.74
CA LYS I 257 -21.69 -43.72 14.61
C LYS I 257 -20.47 -44.50 15.07
N PRO I 258 -19.92 -45.29 14.16
CA PRO I 258 -18.74 -46.10 14.47
C PRO I 258 -17.48 -45.54 13.83
N GLU I 259 -17.61 -44.46 13.07
CA GLU I 259 -16.46 -43.86 12.40
C GLU I 259 -15.42 -43.32 13.37
N LEU I 260 -15.87 -42.63 14.41
CA LEU I 260 -14.96 -42.06 15.39
C LEU I 260 -14.20 -43.18 16.08
N ASP I 261 -14.91 -44.24 16.43
CA ASP I 261 -14.30 -45.38 17.09
C ASP I 261 -13.28 -46.06 16.17
N ALA I 262 -13.64 -46.18 14.90
CA ALA I 262 -12.77 -46.82 13.92
C ALA I 262 -12.86 -46.26 12.50
N GLU I 263 -11.80 -46.50 11.73
CA GLU I 263 -11.68 -46.09 10.36
C GLU I 263 -11.25 -47.45 9.85
N ILE I 264 -11.85 -47.97 8.80
CA ILE I 264 -11.43 -49.31 8.39
C ILE I 264 -11.69 -49.60 6.94
N ARG I 265 -11.09 -50.68 6.42
CA ARG I 265 -11.37 -50.92 5.00
C ARG I 265 -12.44 -52.04 4.94
N ILE I 266 -12.71 -52.56 3.73
CA ILE I 266 -13.67 -53.66 3.53
C ILE I 266 -13.40 -54.35 2.18
N ASN I 267 -13.66 -55.65 2.15
CA ASN I 267 -13.42 -56.47 0.97
C ASN I 267 -14.70 -57.04 0.33
N ASP I 268 -15.12 -58.18 0.88
CA ASP I 268 -16.30 -58.96 0.46
C ASP I 268 -17.56 -58.61 1.30
N PRO I 269 -18.77 -58.96 0.78
CA PRO I 269 -20.10 -58.72 1.39
C PRO I 269 -20.38 -59.56 2.65
N THR I 270 -19.58 -60.60 2.83
CA THR I 270 -19.69 -61.48 3.97
C THR I 270 -19.41 -60.65 5.24
N GLN I 271 -18.46 -59.73 5.12
CA GLN I 271 -18.02 -58.82 6.19
C GLN I 271 -19.08 -57.76 6.51
N MET I 272 -19.74 -57.29 5.44
CA MET I 272 -20.78 -56.27 5.54
C MET I 272 -21.86 -56.71 6.52
N GLN I 273 -22.57 -57.78 6.16
CA GLN I 273 -23.64 -58.33 6.97
C GLN I 273 -23.31 -58.33 8.45
N LYS I 274 -22.38 -59.21 8.85
CA LYS I 274 -22.03 -59.31 10.26
C LYS I 274 -21.64 -57.96 10.88
N PHE I 275 -21.42 -56.94 10.03
CA PHE I 275 -21.07 -55.62 10.52
C PHE I 275 -22.31 -54.82 10.94
N LEU I 276 -23.24 -54.65 10.00
CA LEU I 276 -24.48 -53.91 10.23
C LEU I 276 -25.45 -54.70 11.08
N ASP I 277 -25.27 -56.01 11.13
CA ASP I 277 -26.16 -56.86 11.90
C ASP I 277 -25.90 -56.70 13.39
N GLU I 278 -24.66 -56.90 13.80
CA GLU I 278 -24.32 -56.76 15.22
C GLU I 278 -24.45 -55.29 15.66
N GLU I 279 -24.17 -54.37 14.75
CA GLU I 279 -24.25 -52.94 15.03
C GLU I 279 -25.70 -52.52 15.27
N GLU I 280 -26.62 -53.25 14.63
CA GLU I 280 -28.06 -53.03 14.76
C GLU I 280 -28.50 -53.68 16.06
N ASN I 281 -27.85 -54.78 16.39
CA ASN I 281 -28.14 -55.52 17.62
C ASN I 281 -27.60 -54.79 18.85
N LEU I 282 -26.71 -53.82 18.61
CA LEU I 282 -26.11 -53.05 19.70
C LEU I 282 -27.14 -52.10 20.34
N ILE I 283 -27.99 -51.49 19.50
CA ILE I 283 -29.03 -50.56 19.94
C ILE I 283 -30.19 -51.33 20.55
N LYS I 284 -30.49 -52.49 19.97
CA LYS I 284 -31.56 -53.36 20.46
C LYS I 284 -31.21 -53.76 21.89
N GLU I 285 -29.92 -53.73 22.20
CA GLU I 285 -29.44 -54.08 23.53
C GLU I 285 -29.95 -53.05 24.52
N LYS I 286 -29.63 -51.79 24.25
CA LYS I 286 -30.08 -50.73 25.12
C LYS I 286 -31.59 -50.85 25.29
N VAL I 287 -32.30 -51.08 24.18
CA VAL I 287 -33.75 -51.21 24.21
C VAL I 287 -34.24 -52.34 25.13
N ASP I 288 -33.65 -53.54 25.01
CA ASP I 288 -34.04 -54.67 25.85
C ASP I 288 -33.65 -54.43 27.30
N LYS I 289 -32.53 -53.75 27.50
CA LYS I 289 -32.02 -53.46 28.83
C LYS I 289 -32.94 -52.51 29.58
N ILE I 290 -33.71 -51.75 28.80
CA ILE I 290 -34.69 -50.79 29.32
C ILE I 290 -36.03 -51.50 29.53
N LEU I 291 -36.42 -52.29 28.54
CA LEU I 291 -37.66 -53.06 28.61
C LEU I 291 -37.48 -54.10 29.71
N ALA I 292 -36.25 -54.24 30.20
CA ALA I 292 -35.89 -55.18 31.26
C ALA I 292 -36.69 -54.88 32.52
N THR I 293 -37.29 -53.70 32.54
CA THR I 293 -38.10 -53.25 33.67
C THR I 293 -39.55 -53.49 33.26
N GLY I 294 -39.76 -53.62 31.96
CA GLY I 294 -41.08 -53.85 31.43
C GLY I 294 -41.90 -52.60 31.51
N ALA I 295 -41.66 -51.68 30.57
CA ALA I 295 -42.40 -50.42 30.55
C ALA I 295 -43.31 -50.37 29.33
N ASN I 296 -44.52 -49.83 29.51
CA ASN I 296 -45.47 -49.75 28.41
C ASN I 296 -45.08 -48.62 27.48
N VAL I 297 -44.51 -47.58 28.07
CA VAL I 297 -44.12 -46.41 27.31
C VAL I 297 -42.72 -45.96 27.74
N ILE I 298 -42.00 -45.36 26.81
CA ILE I 298 -40.64 -44.88 27.03
C ILE I 298 -40.40 -43.58 26.21
N ILE I 299 -40.09 -42.47 26.88
CA ILE I 299 -39.83 -41.19 26.21
C ILE I 299 -38.46 -40.65 26.64
N CYS I 300 -37.75 -39.99 25.72
CA CYS I 300 -36.43 -39.45 26.03
C CYS I 300 -36.26 -38.03 25.50
N GLN I 301 -35.09 -37.44 25.74
CA GLN I 301 -34.82 -36.10 25.26
C GLN I 301 -33.66 -36.07 24.27
N LYS I 302 -33.65 -37.00 23.33
CA LYS I 302 -32.60 -37.06 22.32
C LYS I 302 -33.18 -37.70 21.06
N GLY I 303 -32.42 -37.72 19.97
CA GLY I 303 -32.92 -38.32 18.73
C GLY I 303 -32.92 -39.84 18.76
N ILE I 304 -34.07 -40.45 18.50
CA ILE I 304 -34.19 -41.92 18.49
C ILE I 304 -34.04 -42.49 17.08
N ASP I 305 -33.14 -43.46 16.94
CA ASP I 305 -32.88 -44.10 15.65
C ASP I 305 -34.16 -44.61 14.99
N GLU I 306 -34.19 -44.54 13.66
CA GLU I 306 -35.35 -44.98 12.87
C GLU I 306 -35.48 -46.50 12.79
N VAL I 307 -34.34 -47.19 12.97
CA VAL I 307 -34.30 -48.66 12.95
C VAL I 307 -34.78 -49.16 14.32
N ALA I 308 -34.45 -48.37 15.36
CA ALA I 308 -34.81 -48.67 16.74
C ALA I 308 -36.29 -48.45 16.94
N GLN I 309 -36.89 -47.73 16.01
CA GLN I 309 -38.32 -47.45 16.05
C GLN I 309 -39.06 -48.69 15.59
N SER I 310 -38.58 -49.27 14.47
CA SER I 310 -39.20 -50.47 13.92
C SER I 310 -39.13 -51.60 14.94
N TYR I 311 -38.13 -51.53 15.81
CA TYR I 311 -37.94 -52.53 16.85
C TYR I 311 -38.96 -52.34 17.98
N LEU I 312 -39.09 -51.10 18.44
CA LEU I 312 -40.01 -50.75 19.51
C LEU I 312 -41.42 -50.93 18.98
N ALA I 313 -41.58 -50.69 17.68
CA ALA I 313 -42.87 -50.82 17.01
C ALA I 313 -43.30 -52.30 17.01
N LYS I 314 -42.35 -53.18 16.73
CA LYS I 314 -42.64 -54.62 16.69
C LYS I 314 -42.85 -55.15 18.11
N LYS I 315 -42.27 -54.46 19.10
CA LYS I 315 -42.40 -54.83 20.51
C LYS I 315 -43.71 -54.37 21.14
N GLY I 316 -44.31 -53.33 20.56
CA GLY I 316 -45.56 -52.82 21.08
C GLY I 316 -45.37 -51.75 22.15
N VAL I 317 -44.33 -50.93 21.98
CA VAL I 317 -44.01 -49.85 22.92
C VAL I 317 -44.40 -48.48 22.33
N LEU I 318 -44.67 -47.51 23.19
CA LEU I 318 -45.02 -46.15 22.74
C LEU I 318 -43.85 -45.24 23.12
N ALA I 319 -43.13 -44.75 22.12
CA ALA I 319 -41.97 -43.90 22.36
C ALA I 319 -42.08 -42.50 21.74
N VAL I 320 -41.44 -41.52 22.38
CA VAL I 320 -41.44 -40.14 21.90
C VAL I 320 -40.00 -39.62 21.69
N ARG I 321 -39.78 -38.90 20.58
CA ARG I 321 -38.46 -38.35 20.22
C ARG I 321 -37.91 -37.33 21.22
N ARG I 322 -37.21 -36.33 20.70
CA ARG I 322 -36.65 -35.29 21.55
C ARG I 322 -37.82 -34.61 22.27
N ALA I 323 -37.61 -34.21 23.53
CA ALA I 323 -38.63 -33.55 24.33
C ALA I 323 -37.93 -32.71 25.40
N LYS I 324 -38.19 -31.41 25.46
CA LYS I 324 -37.53 -30.51 26.43
C LYS I 324 -37.44 -31.13 27.84
N LYS I 325 -36.23 -31.23 28.39
CA LYS I 325 -36.00 -31.79 29.73
C LYS I 325 -36.96 -31.08 30.69
N SER I 326 -37.30 -29.84 30.32
CA SER I 326 -38.20 -28.96 31.07
C SER I 326 -39.49 -29.67 31.51
N ASP I 327 -39.96 -30.62 30.69
CA ASP I 327 -41.19 -31.35 30.97
C ASP I 327 -40.95 -32.76 31.52
N LEU I 328 -39.77 -33.31 31.27
CA LEU I 328 -39.46 -34.63 31.79
C LEU I 328 -39.53 -34.59 33.30
N GLU I 329 -38.96 -33.55 33.89
CA GLU I 329 -38.98 -33.40 35.33
C GLU I 329 -40.42 -33.28 35.84
N LYS I 330 -41.19 -32.34 35.28
CA LYS I 330 -42.60 -32.13 35.66
C LYS I 330 -43.39 -33.43 35.53
N LEU I 331 -42.93 -34.29 34.63
CA LEU I 331 -43.56 -35.58 34.38
C LEU I 331 -42.94 -36.65 35.30
N ALA I 332 -41.73 -36.38 35.77
CA ALA I 332 -41.02 -37.28 36.65
C ALA I 332 -41.77 -37.47 37.97
N ARG I 333 -41.76 -36.43 38.80
CA ARG I 333 -42.44 -36.49 40.09
C ARG I 333 -43.95 -36.39 39.98
N ALA I 334 -44.47 -36.38 38.75
CA ALA I 334 -45.90 -36.32 38.54
C ALA I 334 -46.45 -37.75 38.38
N THR I 335 -45.59 -38.67 37.93
CA THR I 335 -45.97 -40.07 37.76
C THR I 335 -45.16 -40.99 38.66
N GLY I 336 -44.44 -40.40 39.62
CA GLY I 336 -43.66 -41.18 40.55
C GLY I 336 -42.62 -42.05 39.87
N GLY I 337 -41.72 -41.43 39.14
CA GLY I 337 -40.68 -42.17 38.44
C GLY I 337 -39.37 -41.40 38.52
N ARG I 338 -38.30 -41.99 38.00
CA ARG I 338 -37.00 -41.33 38.01
C ARG I 338 -36.59 -41.07 36.57
N VAL I 339 -35.74 -40.07 36.36
CA VAL I 339 -35.27 -39.74 35.02
C VAL I 339 -33.95 -40.50 34.79
N VAL I 340 -34.06 -41.70 34.23
CA VAL I 340 -32.90 -42.55 33.99
C VAL I 340 -31.68 -41.87 33.36
N SER I 341 -30.64 -41.78 34.17
CA SER I 341 -29.36 -41.18 33.82
C SER I 341 -28.59 -42.13 32.89
N ASN I 342 -28.27 -43.30 33.43
CA ASN I 342 -27.51 -44.35 32.75
C ASN I 342 -28.39 -45.59 32.57
N ILE I 343 -28.67 -45.97 31.31
CA ILE I 343 -29.53 -47.14 31.00
C ILE I 343 -29.12 -48.45 31.69
N ASP I 344 -27.83 -48.61 31.97
CA ASP I 344 -27.31 -49.82 32.61
C ASP I 344 -27.59 -49.80 34.12
N GLU I 345 -28.44 -48.88 34.57
CA GLU I 345 -28.75 -48.74 35.99
C GLU I 345 -30.23 -48.74 36.29
N ILE I 346 -31.06 -48.82 35.25
CA ILE I 346 -32.50 -48.81 35.41
C ILE I 346 -32.96 -49.84 36.44
N SER I 347 -33.95 -49.45 37.25
CA SER I 347 -34.49 -50.34 38.29
C SER I 347 -35.97 -50.60 38.09
N GLU I 348 -36.45 -51.62 38.78
CA GLU I 348 -37.85 -52.02 38.72
C GLU I 348 -38.71 -50.93 39.37
N GLN I 349 -38.14 -49.74 39.55
CA GLN I 349 -38.87 -48.65 40.17
C GLN I 349 -38.66 -47.30 39.50
N ASP I 350 -37.52 -47.10 38.86
CA ASP I 350 -37.22 -45.83 38.18
C ASP I 350 -38.30 -45.41 37.16
N LEU I 351 -39.23 -46.31 36.89
CA LEU I 351 -40.30 -46.07 35.93
C LEU I 351 -41.59 -45.63 36.63
N GLY I 352 -42.17 -44.54 36.15
CA GLY I 352 -43.40 -44.04 36.75
C GLY I 352 -44.63 -44.74 36.22
N TYR I 353 -45.70 -44.74 37.01
CA TYR I 353 -46.95 -45.38 36.62
C TYR I 353 -47.99 -44.36 36.18
N ALA I 354 -48.97 -44.82 35.42
CA ALA I 354 -50.03 -43.96 34.94
C ALA I 354 -51.31 -44.77 34.85
N SER I 355 -52.32 -44.18 34.21
CA SER I 355 -53.61 -44.84 34.05
C SER I 355 -54.05 -44.96 32.61
N LEU I 356 -53.82 -43.92 31.83
CA LEU I 356 -54.19 -43.95 30.43
C LEU I 356 -53.36 -42.92 29.68
N ILE I 357 -52.75 -43.36 28.58
CA ILE I 357 -51.96 -42.47 27.75
C ILE I 357 -52.76 -42.33 26.45
N GLU I 358 -52.70 -41.16 25.82
CA GLU I 358 -53.43 -40.91 24.58
C GLU I 358 -52.66 -39.96 23.68
N GLU I 359 -53.18 -39.78 22.48
CA GLU I 359 -52.53 -38.90 21.51
C GLU I 359 -53.57 -38.21 20.63
N ARG I 360 -54.49 -37.44 21.22
CA ARG I 360 -55.51 -36.78 20.40
C ARG I 360 -54.89 -35.67 19.55
N LYS I 361 -55.32 -35.58 18.30
CA LYS I 361 -54.81 -34.56 17.37
C LYS I 361 -55.50 -33.23 17.62
N VAL I 362 -55.57 -32.81 18.89
CA VAL I 362 -56.22 -31.56 19.25
C VAL I 362 -55.59 -30.35 18.52
N GLY I 363 -56.47 -29.55 17.92
CA GLY I 363 -56.05 -28.37 17.18
C GLY I 363 -55.64 -28.71 15.75
N GLU I 364 -54.35 -28.91 15.55
CA GLU I 364 -53.79 -29.26 14.25
C GLU I 364 -52.83 -30.43 14.41
N ASP I 365 -51.78 -30.22 15.22
CA ASP I 365 -50.80 -31.28 15.46
C ASP I 365 -51.32 -32.28 16.47
N LYS I 366 -50.53 -33.33 16.71
CA LYS I 366 -50.92 -34.34 17.67
C LYS I 366 -50.00 -34.29 18.87
N MET I 367 -50.60 -34.37 20.07
CA MET I 367 -49.88 -34.32 21.34
C MET I 367 -50.19 -35.55 22.18
N VAL I 368 -49.25 -35.89 23.05
CA VAL I 368 -49.38 -37.03 23.96
C VAL I 368 -49.95 -36.61 25.31
N PHE I 369 -50.89 -37.38 25.85
CA PHE I 369 -51.46 -37.06 27.16
C PHE I 369 -51.13 -38.17 28.12
N VAL I 370 -51.04 -37.85 29.39
CA VAL I 370 -50.74 -38.83 30.42
C VAL I 370 -51.70 -38.58 31.56
N GLU I 371 -52.99 -38.74 31.26
CA GLU I 371 -54.02 -38.50 32.26
C GLU I 371 -54.08 -39.56 33.36
N GLY I 372 -54.60 -39.15 34.52
CA GLY I 372 -54.73 -40.04 35.66
C GLY I 372 -53.42 -40.63 36.18
N ALA I 373 -52.38 -39.81 36.31
CA ALA I 373 -51.07 -40.28 36.78
C ALA I 373 -51.12 -40.92 38.16
N LYS I 374 -49.95 -41.35 38.64
CA LYS I 374 -49.89 -41.98 39.96
C LYS I 374 -50.01 -40.92 41.03
N ASN I 375 -49.45 -39.75 40.76
CA ASN I 375 -49.51 -38.65 41.70
C ASN I 375 -50.70 -37.76 41.35
N PRO I 376 -51.67 -37.62 42.27
CA PRO I 376 -52.87 -36.80 42.06
C PRO I 376 -52.63 -35.30 41.80
N LYS I 377 -52.19 -34.60 42.86
CA LYS I 377 -51.91 -33.17 42.79
C LYS I 377 -50.79 -32.87 41.80
N SER I 378 -51.17 -32.84 40.53
CA SER I 378 -50.21 -32.61 39.47
C SER I 378 -51.00 -32.47 38.16
N ILE I 379 -51.29 -31.24 37.74
CA ILE I 379 -52.04 -31.01 36.51
C ILE I 379 -51.35 -30.00 35.61
N SER I 380 -51.84 -29.89 34.39
CA SER I 380 -51.28 -28.94 33.42
C SER I 380 -52.39 -28.17 32.72
N ILE I 381 -52.03 -27.03 32.11
CA ILE I 381 -53.00 -26.20 31.39
C ILE I 381 -52.59 -26.09 29.93
N LEU I 382 -53.58 -26.09 29.04
CA LEU I 382 -53.30 -25.98 27.61
C LEU I 382 -53.89 -24.70 27.03
N ILE I 383 -53.01 -23.78 26.62
CA ILE I 383 -53.41 -22.50 26.04
C ILE I 383 -53.50 -22.61 24.52
N ARG I 384 -54.50 -21.96 23.95
CA ARG I 384 -54.70 -21.96 22.50
C ARG I 384 -55.33 -20.65 22.06
N GLY I 385 -54.59 -19.56 22.20
CA GLY I 385 -55.11 -18.25 21.82
C GLY I 385 -55.54 -18.11 20.37
N GLY I 386 -54.91 -18.89 19.48
CA GLY I 386 -55.25 -18.81 18.07
C GLY I 386 -54.07 -18.30 17.26
N LEU I 387 -53.77 -17.01 17.41
CA LEU I 387 -52.65 -16.39 16.70
C LEU I 387 -51.31 -16.68 17.40
N GLU I 388 -50.24 -16.70 16.62
CA GLU I 388 -48.90 -16.99 17.14
C GLU I 388 -48.43 -16.10 18.30
N ARG I 389 -49.02 -14.91 18.42
CA ARG I 389 -48.65 -13.95 19.46
C ARG I 389 -49.71 -13.79 20.55
N LEU I 390 -50.98 -13.87 20.15
CA LEU I 390 -52.10 -13.76 21.09
C LEU I 390 -51.95 -14.86 22.16
N VAL I 391 -51.53 -16.03 21.71
CA VAL I 391 -51.35 -17.17 22.60
C VAL I 391 -50.26 -16.88 23.62
N ASP I 392 -49.18 -16.26 23.16
CA ASP I 392 -48.03 -15.93 24.01
C ASP I 392 -48.39 -15.09 25.25
N GLU I 393 -49.14 -13.99 25.04
CA GLU I 393 -49.51 -13.14 26.16
C GLU I 393 -50.60 -13.74 27.04
N THR I 394 -51.29 -14.76 26.56
CA THR I 394 -52.33 -15.42 27.37
C THR I 394 -51.59 -16.21 28.44
N GLU I 395 -50.39 -16.67 28.07
CA GLU I 395 -49.53 -17.43 28.97
C GLU I 395 -48.99 -16.50 30.04
N ARG I 396 -48.73 -15.24 29.69
CA ARG I 396 -48.21 -14.30 30.69
C ARG I 396 -49.29 -14.10 31.72
N ALA I 397 -50.44 -13.63 31.24
CA ALA I 397 -51.60 -13.37 32.10
C ALA I 397 -51.92 -14.55 33.01
N LEU I 398 -51.87 -15.75 32.43
CA LEU I 398 -52.18 -16.97 33.14
C LEU I 398 -51.16 -17.28 34.23
N ARG I 399 -49.88 -17.04 33.93
CA ARG I 399 -48.79 -17.28 34.88
C ARG I 399 -48.98 -16.45 36.11
N ASP I 400 -49.18 -15.16 35.88
CA ASP I 400 -49.38 -14.20 36.94
C ASP I 400 -50.67 -14.51 37.69
N ALA I 401 -51.72 -14.80 36.94
CA ALA I 401 -53.02 -15.13 37.51
C ALA I 401 -52.93 -16.28 38.51
N LEU I 402 -52.19 -17.33 38.12
CA LEU I 402 -52.01 -18.50 38.98
C LEU I 402 -51.20 -18.06 40.20
N GLY I 403 -50.01 -17.53 39.94
CA GLY I 403 -49.16 -17.07 41.03
C GLY I 403 -49.93 -16.32 42.09
N THR I 404 -50.58 -15.23 41.70
CA THR I 404 -51.32 -14.42 42.66
C THR I 404 -52.35 -15.19 43.50
N VAL I 405 -53.16 -16.02 42.84
CA VAL I 405 -54.17 -16.81 43.55
C VAL I 405 -53.53 -17.70 44.62
N ALA I 406 -52.38 -18.27 44.28
CA ALA I 406 -51.66 -19.13 45.19
C ALA I 406 -51.17 -18.32 46.39
N ASP I 407 -50.84 -17.07 46.15
CA ASP I 407 -50.36 -16.22 47.22
C ASP I 407 -51.47 -15.91 48.22
N VAL I 408 -52.72 -15.79 47.74
CA VAL I 408 -53.83 -15.51 48.65
C VAL I 408 -53.93 -16.62 49.68
N ILE I 409 -53.75 -17.86 49.21
CA ILE I 409 -53.85 -19.05 50.04
C ILE I 409 -52.67 -19.21 51.01
N LYS I 410 -51.47 -19.00 50.50
CA LYS I 410 -50.26 -19.11 51.31
C LYS I 410 -50.32 -18.14 52.48
N ASP I 411 -51.01 -17.01 52.31
CA ASP I 411 -51.13 -16.03 53.39
C ASP I 411 -52.47 -16.15 54.12
N GLY I 412 -53.55 -15.70 53.48
CA GLY I 412 -54.86 -15.79 54.12
C GLY I 412 -55.56 -14.46 54.36
N ARG I 413 -54.96 -13.37 53.90
CA ARG I 413 -55.51 -12.03 54.05
C ARG I 413 -55.75 -11.41 52.66
N ALA I 414 -56.88 -10.74 52.49
CA ALA I 414 -57.19 -10.10 51.20
C ALA I 414 -58.07 -8.86 51.34
N ILE I 415 -57.68 -7.78 50.66
CA ILE I 415 -58.41 -6.51 50.70
C ILE I 415 -59.01 -6.11 49.35
N ALA I 416 -59.91 -5.14 49.38
CA ALA I 416 -60.56 -4.67 48.18
C ALA I 416 -59.62 -3.74 47.45
N GLY I 417 -59.40 -4.01 46.17
CA GLY I 417 -58.53 -3.15 45.41
C GLY I 417 -59.40 -2.15 44.71
N GLY I 418 -58.82 -1.06 44.25
CA GLY I 418 -59.60 -0.05 43.56
C GLY I 418 -59.20 1.33 44.04
N GLY I 419 -58.11 1.36 44.82
CA GLY I 419 -57.63 2.62 45.35
C GLY I 419 -58.18 2.77 46.75
N ALA I 420 -59.04 1.83 47.10
CA ALA I 420 -59.68 1.82 48.40
C ALA I 420 -58.63 1.90 49.47
N VAL I 421 -57.71 0.95 49.47
CA VAL I 421 -56.67 0.94 50.49
C VAL I 421 -55.72 2.15 50.42
N GLU I 422 -55.57 2.72 49.23
CA GLU I 422 -54.68 3.85 49.11
C GLU I 422 -55.24 4.93 49.97
N ILE I 423 -56.38 5.49 49.56
CA ILE I 423 -56.99 6.59 50.30
C ILE I 423 -57.06 6.37 51.82
N GLU I 424 -57.28 5.12 52.25
CA GLU I 424 -57.36 4.83 53.68
C GLU I 424 -55.99 5.04 54.28
N ILE I 425 -55.00 4.35 53.71
CA ILE I 425 -53.62 4.48 54.16
C ILE I 425 -53.23 5.96 54.19
N ALA I 426 -53.91 6.75 53.37
CA ALA I 426 -53.63 8.17 53.31
C ALA I 426 -54.24 8.77 54.53
N LYS I 427 -55.56 8.93 54.50
CA LYS I 427 -56.29 9.53 55.61
C LYS I 427 -55.72 9.12 56.97
N LYS I 428 -55.66 7.81 57.21
CA LYS I 428 -55.15 7.30 58.49
C LYS I 428 -53.75 7.86 58.75
N LEU I 429 -53.01 8.08 57.67
CA LEU I 429 -51.65 8.61 57.75
C LEU I 429 -51.65 10.10 58.10
N ARG I 430 -52.57 10.87 57.52
CA ARG I 430 -52.65 12.31 57.77
C ARG I 430 -52.90 12.59 59.23
N LYS I 431 -53.83 11.85 59.84
CA LYS I 431 -54.14 12.04 61.24
C LYS I 431 -52.89 11.69 62.06
N TYR I 432 -52.04 10.81 61.52
CA TYR I 432 -50.81 10.40 62.22
C TYR I 432 -49.75 11.50 62.18
N ALA I 433 -49.40 11.97 60.99
CA ALA I 433 -48.39 13.01 60.83
C ALA I 433 -48.28 14.02 61.98
N PRO I 434 -49.35 14.79 62.23
CA PRO I 434 -49.33 15.78 63.29
C PRO I 434 -48.47 15.43 64.51
N GLN I 435 -48.57 14.21 64.97
CA GLN I 435 -47.80 13.83 66.15
C GLN I 435 -46.40 13.34 65.88
N VAL I 436 -46.14 12.89 64.67
CA VAL I 436 -44.83 12.37 64.35
C VAL I 436 -43.67 13.28 64.71
N GLY I 437 -43.78 14.57 64.39
CA GLY I 437 -42.68 15.47 64.70
C GLY I 437 -42.60 16.72 63.84
N GLY I 438 -41.52 17.47 64.02
CA GLY I 438 -41.34 18.71 63.29
C GLY I 438 -41.27 18.52 61.80
N LYS I 439 -40.06 18.34 61.29
CA LYS I 439 -39.88 18.18 59.86
C LYS I 439 -40.40 16.86 59.32
N GLU I 440 -40.09 15.76 60.00
CA GLU I 440 -40.54 14.45 59.57
C GLU I 440 -42.02 14.43 59.21
N GLN I 441 -42.77 15.31 59.85
CA GLN I 441 -44.20 15.39 59.59
C GLN I 441 -44.40 15.59 58.10
N LEU I 442 -43.75 16.61 57.58
CA LEU I 442 -43.85 16.94 56.18
C LEU I 442 -43.51 15.73 55.33
N ALA I 443 -42.54 14.95 55.78
CA ALA I 443 -42.16 13.74 55.05
C ALA I 443 -43.37 12.83 54.97
N VAL I 444 -43.99 12.60 56.12
CA VAL I 444 -45.16 11.74 56.22
C VAL I 444 -46.35 12.29 55.43
N GLU I 445 -46.68 13.56 55.62
CA GLU I 445 -47.81 14.13 54.88
C GLU I 445 -47.57 13.88 53.41
N ALA I 446 -46.30 13.98 53.03
CA ALA I 446 -45.85 13.75 51.66
C ALA I 446 -46.09 12.31 51.26
N TYR I 447 -45.51 11.40 52.04
CA TYR I 447 -45.67 9.97 51.79
C TYR I 447 -47.14 9.70 51.45
N ALA I 448 -48.05 10.37 52.14
CA ALA I 448 -49.47 10.19 51.90
C ALA I 448 -49.90 10.76 50.56
N ASN I 449 -49.55 12.01 50.27
CA ASN I 449 -49.92 12.64 49.00
C ASN I 449 -49.44 11.84 47.80
N ALA I 450 -48.19 11.40 47.88
CA ALA I 450 -47.56 10.62 46.82
C ALA I 450 -48.40 9.38 46.55
N LEU I 451 -48.93 8.82 47.63
CA LEU I 451 -49.74 7.61 47.60
C LEU I 451 -51.09 7.80 46.90
N GLU I 452 -51.69 8.97 47.08
CA GLU I 452 -52.96 9.24 46.43
C GLU I 452 -52.67 9.44 44.95
N SER I 453 -51.51 10.01 44.64
CA SER I 453 -51.08 10.22 43.26
C SER I 453 -51.27 8.89 42.54
N LEU I 454 -51.01 7.81 43.28
CA LEU I 454 -51.13 6.47 42.75
C LEU I 454 -52.51 6.24 42.16
N VAL I 455 -53.56 6.58 42.92
CA VAL I 455 -54.95 6.41 42.46
C VAL I 455 -55.32 7.40 41.36
N SER I 456 -54.67 8.56 41.32
CA SER I 456 -54.97 9.54 40.29
C SER I 456 -54.50 8.94 39.00
N ILE I 457 -53.28 8.43 38.99
CA ILE I 457 -52.73 7.82 37.78
C ILE I 457 -53.73 6.81 37.24
N LEU I 458 -54.27 6.04 38.18
CA LEU I 458 -55.24 5.02 37.85
C LEU I 458 -56.46 5.66 37.18
N ILE I 459 -56.95 6.75 37.78
CA ILE I 459 -58.09 7.45 37.20
C ILE I 459 -57.69 7.96 35.81
N GLU I 460 -56.59 8.69 35.72
CA GLU I 460 -56.12 9.25 34.47
C GLU I 460 -56.32 8.27 33.32
N ASN I 461 -55.68 7.11 33.43
CA ASN I 461 -55.76 6.09 32.39
C ASN I 461 -57.17 5.63 32.11
N ALA I 462 -58.09 5.95 33.01
CA ALA I 462 -59.48 5.56 32.83
C ALA I 462 -60.16 6.57 31.91
N GLY I 463 -59.60 7.78 31.85
CA GLY I 463 -60.15 8.81 31.00
C GLY I 463 -61.00 9.82 31.74
N PHE I 464 -60.81 9.91 33.06
CA PHE I 464 -61.58 10.83 33.88
C PHE I 464 -60.67 11.83 34.58
N ASP I 465 -61.21 12.95 35.02
CA ASP I 465 -60.37 13.92 35.69
C ASP I 465 -59.83 13.36 37.00
N PRO I 466 -58.51 13.13 37.06
CA PRO I 466 -57.89 12.57 38.26
C PRO I 466 -58.24 13.32 39.54
N ILE I 467 -58.13 14.65 39.53
CA ILE I 467 -58.44 15.43 40.72
C ILE I 467 -59.92 15.33 41.13
N ASP I 468 -60.81 15.53 40.15
CA ASP I 468 -62.24 15.48 40.40
C ASP I 468 -62.67 14.28 41.19
N LEU I 469 -62.44 13.11 40.62
CA LEU I 469 -62.83 11.88 41.27
C LEU I 469 -62.08 11.61 42.56
N LEU I 470 -60.79 11.90 42.59
CA LEU I 470 -60.00 11.67 43.80
C LEU I 470 -60.63 12.43 44.94
N MET I 471 -60.93 13.69 44.73
CA MET I 471 -61.54 14.44 45.82
C MET I 471 -62.91 13.86 46.10
N LYS I 472 -63.70 13.66 45.05
CA LYS I 472 -65.04 13.10 45.20
C LYS I 472 -65.03 11.74 45.93
N LEU I 473 -63.92 11.01 45.81
CA LEU I 473 -63.78 9.70 46.44
C LEU I 473 -63.27 9.83 47.87
N ARG I 474 -62.14 10.52 48.08
CA ARG I 474 -61.62 10.66 49.43
C ARG I 474 -62.64 11.38 50.30
N SER I 475 -63.69 11.87 49.67
CA SER I 475 -64.78 12.55 50.36
C SER I 475 -65.80 11.51 50.76
N THR I 476 -66.07 10.60 49.83
CA THR I 476 -67.01 9.53 50.07
C THR I 476 -66.44 8.51 51.06
N HIS I 477 -65.30 8.84 51.68
CA HIS I 477 -64.71 7.93 52.64
C HIS I 477 -64.87 8.46 54.04
N GLU I 478 -65.83 9.34 54.22
CA GLU I 478 -66.08 9.86 55.54
C GLU I 478 -66.86 8.76 56.27
N ASN I 479 -67.84 8.21 55.55
CA ASN I 479 -68.71 7.13 56.06
C ASN I 479 -67.87 5.91 56.46
N GLU I 480 -67.65 5.73 57.75
CA GLU I 480 -66.87 4.62 58.25
C GLU I 480 -67.21 3.25 57.60
N ASN I 481 -68.40 3.17 57.01
CA ASN I 481 -68.87 1.94 56.37
C ASN I 481 -68.57 1.87 54.89
N ASN I 482 -67.56 2.58 54.44
CA ASN I 482 -67.21 2.56 53.01
C ASN I 482 -65.77 2.14 52.77
N LYS I 483 -65.04 1.82 53.83
CA LYS I 483 -63.64 1.44 53.66
C LYS I 483 -63.35 0.82 52.29
N TRP I 484 -64.12 -0.19 51.89
CA TRP I 484 -63.92 -0.85 50.58
C TRP I 484 -64.36 -0.07 49.34
N TYR I 485 -64.69 1.21 49.50
CA TYR I 485 -65.12 2.02 48.37
C TYR I 485 -63.96 2.49 47.52
N GLY I 486 -64.12 2.40 46.20
CA GLY I 486 -63.09 2.83 45.28
C GLY I 486 -63.73 3.49 44.07
N ILE I 487 -63.03 3.58 42.94
CA ILE I 487 -63.66 4.20 41.78
C ILE I 487 -63.81 3.31 40.57
N ASP I 488 -65.05 2.95 40.29
CA ASP I 488 -65.36 2.08 39.16
C ASP I 488 -64.88 2.75 37.89
N LEU I 489 -63.84 2.18 37.29
CA LEU I 489 -63.26 2.74 36.08
C LEU I 489 -64.08 2.54 34.80
N TYR I 490 -65.39 2.49 34.91
CA TYR I 490 -66.21 2.33 33.71
C TYR I 490 -67.41 3.26 33.77
N ALA I 491 -67.81 3.59 34.99
CA ALA I 491 -68.96 4.47 35.19
C ALA I 491 -68.54 5.83 35.73
N GLY I 492 -67.32 5.90 36.25
CA GLY I 492 -66.83 7.16 36.80
C GLY I 492 -67.62 7.59 38.02
N GLN I 493 -67.44 6.87 39.13
CA GLN I 493 -68.13 7.20 40.34
C GLN I 493 -67.74 6.24 41.42
N PRO I 494 -67.62 6.73 42.66
CA PRO I 494 -67.25 5.90 43.80
C PRO I 494 -68.28 4.82 44.06
N VAL I 495 -67.84 3.57 44.18
CA VAL I 495 -68.75 2.46 44.48
C VAL I 495 -68.01 1.47 45.38
N ASP I 496 -68.72 0.50 45.91
CA ASP I 496 -68.05 -0.45 46.77
C ASP I 496 -67.34 -1.47 45.90
N MET I 497 -66.01 -1.41 45.88
CA MET I 497 -65.21 -2.33 45.08
C MET I 497 -65.45 -3.78 45.48
N TRP I 498 -65.34 -4.07 46.76
CA TRP I 498 -65.54 -5.44 47.25
C TRP I 498 -66.82 -6.07 46.70
N GLN I 499 -67.95 -5.40 46.90
CA GLN I 499 -69.23 -5.91 46.42
C GLN I 499 -69.38 -5.78 44.92
N LYS I 500 -68.28 -5.93 44.21
CA LYS I 500 -68.31 -5.86 42.76
C LYS I 500 -67.24 -6.77 42.21
N GLY I 501 -66.72 -7.66 43.06
CA GLY I 501 -65.72 -8.62 42.63
C GLY I 501 -64.38 -8.04 42.22
N VAL I 502 -63.73 -7.36 43.16
CA VAL I 502 -62.44 -6.75 42.90
C VAL I 502 -61.56 -6.86 44.14
N ILE I 503 -60.95 -8.02 44.34
CA ILE I 503 -60.11 -8.18 45.51
C ILE I 503 -58.68 -8.58 45.11
N GLU I 504 -57.77 -8.32 46.03
CA GLU I 504 -56.39 -8.64 45.79
C GLU I 504 -55.73 -9.10 47.06
N PRO I 505 -54.70 -9.90 46.91
CA PRO I 505 -53.89 -10.48 47.99
C PRO I 505 -53.41 -9.34 48.86
N ALA I 506 -53.98 -9.20 50.05
CA ALA I 506 -53.54 -8.11 50.90
C ALA I 506 -52.02 -8.12 51.06
N LEU I 507 -51.36 -9.16 50.58
CA LEU I 507 -49.91 -9.22 50.70
C LEU I 507 -49.20 -8.66 49.47
N VAL I 508 -49.74 -8.88 48.27
CA VAL I 508 -49.10 -8.37 47.06
C VAL I 508 -48.95 -6.85 47.09
N LYS I 509 -50.05 -6.15 47.38
CA LYS I 509 -50.10 -4.69 47.44
C LYS I 509 -49.55 -4.15 48.74
N MET I 510 -48.93 -5.05 49.49
CA MET I 510 -48.35 -4.73 50.78
C MET I 510 -46.86 -4.77 50.62
N ASN I 511 -46.38 -5.81 49.96
CA ASN I 511 -44.95 -5.95 49.72
C ASN I 511 -44.56 -4.88 48.74
N ALA I 512 -45.53 -4.47 47.92
CA ALA I 512 -45.28 -3.43 46.93
C ALA I 512 -44.81 -2.21 47.70
N ILE I 513 -45.60 -1.79 48.70
CA ILE I 513 -45.27 -0.64 49.53
C ILE I 513 -43.89 -0.75 50.19
N LYS I 514 -43.57 -1.92 50.74
CA LYS I 514 -42.28 -2.15 51.39
C LYS I 514 -41.21 -1.96 50.32
N ALA I 515 -41.47 -2.54 49.15
CA ALA I 515 -40.59 -2.47 48.00
C ALA I 515 -40.36 -1.03 47.58
N ALA I 516 -41.41 -0.36 47.12
CA ALA I 516 -41.30 1.01 46.70
C ALA I 516 -40.52 1.88 47.69
N THR I 517 -40.89 1.82 48.97
CA THR I 517 -40.22 2.63 49.99
C THR I 517 -38.76 2.22 50.16
N GLU I 518 -38.48 0.94 49.97
CA GLU I 518 -37.12 0.46 50.08
C GLU I 518 -36.29 1.22 49.07
N ALA I 519 -36.69 1.07 47.81
CA ALA I 519 -36.04 1.70 46.69
C ALA I 519 -36.00 3.21 46.87
N ALA I 520 -37.17 3.79 47.07
CA ALA I 520 -37.29 5.22 47.26
C ALA I 520 -36.26 5.79 48.24
N THR I 521 -36.21 5.27 49.47
CA THR I 521 -35.26 5.74 50.49
C THR I 521 -33.83 5.39 50.15
N LEU I 522 -33.65 4.35 49.36
CA LEU I 522 -32.33 3.92 48.97
C LEU I 522 -31.69 4.94 48.01
N VAL I 523 -32.48 5.49 47.09
CA VAL I 523 -31.97 6.47 46.16
C VAL I 523 -31.53 7.70 46.94
N LEU I 524 -32.31 8.07 47.96
CA LEU I 524 -31.99 9.23 48.79
C LEU I 524 -30.78 9.03 49.70
N ARG I 525 -30.54 7.77 50.07
CA ARG I 525 -29.42 7.43 50.94
C ARG I 525 -28.10 7.67 50.21
N ILE I 526 -28.15 7.54 48.89
CA ILE I 526 -27.00 7.72 47.99
C ILE I 526 -26.58 9.17 47.88
N ASP I 527 -25.29 9.43 48.09
CA ASP I 527 -24.80 10.78 48.00
C ASP I 527 -24.04 11.01 46.72
N ASP I 528 -23.45 9.95 46.20
CA ASP I 528 -22.69 10.04 44.96
C ASP I 528 -22.34 8.65 44.42
N VAL I 529 -22.15 8.56 43.10
CA VAL I 529 -21.80 7.31 42.42
C VAL I 529 -20.41 7.44 41.76
N VAL I 530 -19.53 6.46 42.02
CA VAL I 530 -18.19 6.41 41.43
C VAL I 530 -18.02 4.95 40.97
N SER I 531 -17.88 4.76 39.66
CA SER I 531 -17.74 3.43 39.06
C SER I 531 -16.33 3.16 38.49
N ALA I 532 -16.07 1.91 38.15
CA ALA I 532 -14.76 1.51 37.59
C ALA I 532 -14.81 1.21 36.08
PB ADP J . -15.39 5.63 61.75
O1B ADP J . -15.52 4.89 63.06
O2B ADP J . -14.95 7.07 61.88
O3B ADP J . -14.66 4.86 60.68
PA ADP J . -18.14 6.22 62.09
O1A ADP J . -19.05 5.03 62.32
O2A ADP J . -18.71 7.49 61.51
O3A ADP J . -16.89 5.73 61.19
O5' ADP J . -17.51 6.62 63.52
C5' ADP J . -17.03 7.95 63.71
C4' ADP J . -17.62 8.56 64.99
O4' ADP J . -19.01 8.32 65.13
C3' ADP J . -16.99 8.03 66.25
O3' ADP J . -16.29 9.23 66.64
C2' ADP J . -18.18 7.93 67.17
O2' ADP J . -18.19 8.08 68.60
C1' ADP J . -19.34 8.49 66.51
N9 ADP J . -20.46 7.60 66.93
C8 ADP J . -20.54 6.28 66.71
N7 ADP J . -21.69 5.77 67.21
C5 ADP J . -22.37 6.79 67.78
C6 ADP J . -23.66 6.95 68.49
N6 ADP J . -24.48 5.89 68.71
N1 ADP J . -23.99 8.19 68.91
C2 ADP J . -23.19 9.24 68.70
N3 ADP J . -22.01 9.17 68.06
C4 ADP J . -21.55 7.99 67.59
PB ADP K . 24.39 18.01 55.41
O1B ADP K . 25.14 17.55 56.64
O2B ADP K . 24.69 19.42 54.99
O3B ADP K . 24.39 17.01 54.28
PA ADP K . 22.37 18.74 57.26
O1A ADP K . 21.90 17.66 58.20
O2A ADP K . 21.44 19.89 56.92
O3A ADP K . 22.86 18.03 55.90
O5' ADP K . 23.69 19.40 57.90
C5' ADP K . 24.06 20.72 57.52
C4' ADP K . 24.30 21.59 58.74
O4' ADP K . 23.31 21.43 59.76
C3' ADP K . 25.63 21.31 59.44
O3' ADP K . 26.30 22.54 59.09
C2' ADP K . 25.25 21.43 60.89
O2' ADP K . 26.09 21.87 61.96
C1' ADP K . 23.88 21.89 60.99
N9 ADP K . 23.33 21.15 62.15
C8 ADP K . 23.26 19.80 62.28
N7 ADP K . 22.71 19.45 63.46
C5 ADP K . 22.41 20.57 64.13
C6 ADP K . 21.81 20.92 65.44
N6 ADP K . 21.40 19.97 66.30
N1 ADP K . 21.69 22.24 65.74
C2 ADP K . 22.09 23.20 64.90
N3 ADP K . 22.64 22.95 63.70
C4 ADP K . 22.83 21.69 63.26
PB ADP L . 51.38 28.03 24.04
O1B ADP L . 52.77 27.83 24.59
O2B ADP L . 51.19 29.31 23.26
O3B ADP L . 50.81 26.81 23.36
PA ADP L . 50.83 29.21 26.56
O1A ADP L . 51.16 28.38 27.77
O2A ADP L . 49.76 30.27 26.65
O3A ADP L . 50.46 28.20 25.35
O5' ADP L . 52.17 29.96 26.11
C5' ADP L . 52.09 31.15 25.33
C4' ADP L . 52.92 32.26 25.95
O4' ADP L . 52.78 32.36 27.37
C3' ADP L . 54.42 32.10 25.72
O3' ADP L . 54.58 33.20 24.81
C2' ADP L . 54.99 32.55 27.04
O2' ADP L . 56.24 33.19 27.25
C1' ADP L . 53.92 33.06 27.88
N9 ADP L . 54.28 32.61 29.23
C8 ADP L . 54.45 31.33 29.63
N7 ADP L . 54.77 31.25 30.95
C5 ADP L . 54.82 32.51 31.42
C6 ADP L . 55.10 33.16 32.73
N6 ADP L . 55.41 32.43 33.83
N1 ADP L . 55.04 34.51 32.78
C2 ADP L . 54.73 35.24 31.71
N3 ADP L . 54.47 34.74 30.50
C4 ADP L . 54.49 33.40 30.29
PB ADP M . 52.20 30.20 -18.57
O1B ADP M . 53.65 30.06 -18.97
O2B ADP M . 51.46 31.30 -19.30
O3B ADP M . 51.44 28.90 -18.50
PA ADP M . 53.19 31.91 -16.54
O1A ADP M . 54.26 31.32 -15.65
O2A ADP M . 52.32 33.01 -16.01
O3A ADP M . 52.26 30.69 -17.04
O5' ADP M . 53.92 32.47 -17.84
C5' ADP M . 53.27 33.48 -18.61
C4' ADP M . 54.21 34.65 -18.86
O4' ADP M . 54.95 35.06 -17.71
C3' ADP M . 55.25 34.38 -19.92
O3' ADP M . 54.74 35.26 -20.94
C2' ADP M . 56.47 35.06 -19.34
O2' ADP M . 57.54 35.68 -20.08
C1' ADP M . 56.09 35.78 -18.15
N9 ADP M . 57.25 35.59 -17.24
C8 ADP M . 57.74 34.42 -16.80
N7 ADP M . 58.81 34.61 -15.98
C5 ADP M . 59.02 35.92 -15.88
C6 ADP M . 59.97 36.81 -15.17
N6 ADP M . 60.96 36.30 -14.39
N1 ADP M . 59.84 38.15 -15.35
C2 ADP M . 58.87 38.67 -16.12
N3 ADP M . 57.98 37.93 -16.79
C4 ADP M . 57.99 36.58 -16.72
PB ADP N . 26.76 23.81 -51.88
O1B ADP N . 27.69 23.52 -53.03
O2B ADP N . 25.65 24.77 -52.20
O3B ADP N . 26.32 22.58 -51.12
PA ADP N . 28.63 25.84 -51.23
O1A ADP N . 30.07 25.40 -51.09
O2A ADP N . 28.16 27.07 -50.51
O3A ADP N . 27.69 24.59 -50.82
O5' ADP N . 28.36 26.10 -52.80
C5' ADP N . 27.31 26.96 -53.18
C4' ADP N . 27.79 28.00 -54.18
O4' ADP N . 29.04 28.60 -53.80
C3' ADP N . 28.00 27.47 -55.57
O3' ADP N . 26.91 28.15 -56.21
C2' ADP N . 29.26 28.19 -56.00
O2' ADP N . 29.60 28.59 -57.33
C1' ADP N . 29.62 29.16 -54.99
N9 ADP N . 31.10 29.11 -54.95
C8 ADP N . 31.86 28.03 -54.68
N7 ADP N . 33.17 28.32 -54.74
C5 ADP N . 33.29 29.63 -55.04
C6 ADP N . 34.40 30.59 -55.25
N6 ADP N . 35.70 30.21 -55.14
N1 ADP N . 34.08 31.86 -55.56
C2 ADP N . 32.79 32.26 -55.67
N3 ADP N . 31.74 31.45 -55.49
C4 ADP N . 31.92 30.14 -55.19
PB ADP O . -12.73 12.41 -61.41
O1B ADP O . -12.68 11.88 -62.81
O2B ADP O . -13.89 13.33 -61.13
O3B ADP O . -12.50 11.37 -60.35
PA ADP O . -11.06 14.46 -62.42
O1A ADP O . -9.79 14.02 -63.12
O2A ADP O . -11.10 15.83 -61.78
O3A ADP O . -11.43 13.35 -61.31
O5' ADP O . -12.25 14.43 -63.50
C5' ADP O . -13.40 15.23 -63.28
C4' ADP O . -13.71 16.06 -64.52
O4' ADP O . -12.57 16.66 -65.11
C3' ADP O . -14.36 15.25 -65.63
O3' ADP O . -15.67 15.83 -65.57
C2' ADP O . -13.70 15.84 -66.86
O2' ADP O . -14.27 15.97 -68.17
C1' ADP O . -12.88 16.97 -66.47
N9 ADP O . -11.70 16.88 -67.35
C8 ADP O . -10.84 15.84 -67.43
N7 ADP O . -9.86 16.09 -68.33
C5 ADP O . -10.08 17.31 -68.86
C6 ADP O . -9.42 18.18 -69.87
N6 ADP O . -8.30 17.77 -70.51
N1 ADP O . -9.98 19.38 -70.12
C2 ADP O . -11.10 19.78 -69.49
N3 ADP O . -11.74 19.05 -68.56
C4 ADP O . -11.29 17.83 -68.21
PB ADP P . -48.20 0.61 -41.40
O1B ADP P . -48.97 -0.21 -42.41
O2B ADP P . -49.02 1.60 -40.64
O3B ADP P . -47.27 -0.21 -40.54
PA ADP P . -47.71 2.35 -43.58
O1A ADP P . -47.11 1.72 -44.82
O2A ADP P . -47.49 3.81 -43.32
O3A ADP P . -47.21 1.50 -42.30
O5' ADP P . -49.29 2.13 -43.67
C5' ADP P . -50.15 3.00 -42.93
C4' ADP P . -51.24 3.56 -43.83
O4' ADP P . -50.76 4.00 -45.11
C3' ADP P . -52.35 2.57 -44.13
O3' ADP P . -53.39 3.20 -43.38
C2' ADP P . -52.64 2.87 -45.59
O2' ADP P . -53.91 2.75 -46.25
C1' ADP P . -51.89 4.03 -46.00
N9 ADP P . -51.48 3.72 -47.40
C8 ADP P . -50.76 2.66 -47.79
N7 ADP P . -50.56 2.67 -49.14
C5 ADP P . -51.18 3.77 -49.63
C6 ADP P . -51.38 4.39 -50.96
N6 ADP P . -50.85 3.82 -52.08
N1 ADP P . -52.08 5.53 -51.02
C2 ADP P . -52.62 6.10 -49.92
N3 ADP P . -52.48 5.59 -48.68
C4 ADP P . -51.78 4.45 -48.47
PB ADP Q . -62.63 -6.16 -1.72
O1B ADP Q . -63.78 -7.13 -1.87
O2B ADP Q . -62.91 -5.00 -0.80
O3B ADP Q . -61.29 -6.81 -1.50
PA ADP Q . -63.73 -4.90 -4.02
O1A ADP Q . -63.95 -5.79 -5.22
O2A ADP Q . -63.54 -3.43 -4.22
O3A ADP Q . -62.49 -5.50 -3.18
O5' ADP Q . -65.01 -5.08 -3.06
C5' ADP Q . -65.32 -4.03 -2.13
C4' ADP Q . -66.79 -3.62 -2.25
O4' ADP Q . -67.22 -3.47 -3.60
C3' ADP Q . -67.74 -4.61 -1.62
O3' ADP Q . -68.16 -3.81 -0.51
C2' ADP Q . -68.89 -4.60 -2.61
O2' ADP Q . -70.29 -4.80 -2.32
C1' ADP Q . -68.65 -3.57 -3.61
N9 ADP Q . -69.15 -4.17 -4.87
C8 ADP Q . -68.73 -5.32 -5.43
N7 ADP Q . -69.39 -5.58 -6.58
C5 ADP Q . -70.27 -4.59 -6.78
C6 ADP Q . -71.29 -4.24 -7.79
N6 ADP Q . -71.52 -5.04 -8.86
N1 ADP Q . -72.01 -3.10 -7.61
C2 ADP Q . -71.80 -2.31 -6.54
N3 ADP Q . -70.89 -2.55 -5.59
C4 ADP Q . -70.11 -3.66 -5.64
PB ADP R . -49.96 -4.08 39.09
O1B ADP R . -50.87 -5.01 39.85
O2B ADP R . -49.74 -2.74 39.76
O3B ADP R . -48.71 -4.72 38.56
PA ADP R . -52.36 -3.28 37.77
O1A ADP R . -53.16 -4.38 37.16
O2A ADP R . -52.46 -1.88 37.24
O3A ADP R . -50.81 -3.73 37.76
O5' ADP R . -52.76 -3.19 39.33
C5' ADP R . -52.54 -1.98 40.05
C4' ADP R . -53.82 -1.55 40.78
O4' ADP R . -54.99 -1.67 39.97
C3' ADP R . -54.09 -2.36 42.03
O3' ADP R . -53.82 -1.33 42.99
C2' ADP R . -55.60 -2.50 41.97
O2' ADP R . -56.50 -2.60 43.08
C1' ADP R . -56.10 -1.71 40.87
N9 ADP R . -57.21 -2.54 40.31
C8 ADP R . -57.10 -3.79 39.83
N7 ADP R . -58.31 -4.25 39.41
C5 ADP R . -59.21 -3.29 39.62
C6 ADP R . -60.67 -3.12 39.40
N6 ADP R . -61.43 -4.11 38.85
N1 ADP R . -61.23 -1.94 39.77
C2 ADP R . -60.50 -0.95 40.31
N3 ADP R . -59.18 -1.04 40.54
C4 ADP R . -58.49 -2.16 40.22
#